data_9Q3K
#
_entry.id   9Q3K
#
_cell.length_a   1.00
_cell.length_b   1.00
_cell.length_c   1.00
_cell.angle_alpha   90.00
_cell.angle_beta   90.00
_cell.angle_gamma   90.00
#
_symmetry.space_group_name_H-M   'P 1'
#
loop_
_entity.id
_entity.type
_entity.pdbx_description
1 polymer 'LarA-like nickel-pincer nucleotide cofactor-utilizing enzyme'
2 non-polymer 'NICKEL (II) ION'
3 non-polymer 3-methanethioyl-1-(5-O-phosphono-beta-D-ribofuranosyl)-5-(sulfanylcarbonyl)pyridin-1-ium
#
_entity_poly.entity_id   1
_entity_poly.type   'polypeptide(L)'
_entity_poly.pdbx_seq_one_letter_code
;MKIDFEYGHGTMTADLPDTTDIFIPGETVADPECLPEDQIEAATLDSIRNPLGMPPLTELAKPGSKVTIVFPDRVKGGEQ
ATAHRKVSIKLILQELYSVGVKKEDILLICSNGLHRKNTEKEILGVLGPDLYHQFAPTGQIINHDSEDYEHLVDLGKTKQ
GDPVIMNKYVYESDVAILIGHTQGNPYGGYSGGYKHCSTGITHWKSIASHHVPKVMHRKDFVPVNNNSLMRHKFDEIGMH
MEEKMGKKFFCCDAVLDTKSRQIEINSGAADEVQKKAWKLGNARTYVPFAEKKYDIIVFGMPQFFHYGDGMGTNPIMLMQ
ALSAQVIRHKRIMSDNCVFICASTCNGYFNESLWPYLPELYDLFQKEGNTLVDLNQYGEYFATNEEYIRKYRYAHAFHPF
HGFSMISCAHLAEKHTAAIYLVGAEKPGYARGMGLKTRATFEEALEDAKKKFVGQEPNILALPKAFKTAAVHLMMKNDLP
PMTPRYEENHWSHPQFEK
;
_entity_poly.pdbx_strand_id   B,D,A,H,E,F,C,G
#
loop_
_chem_comp.id
_chem_comp.type
_chem_comp.name
_chem_comp.formula
4EY non-polymer 3-methanethioyl-1-(5-O-phosphono-beta-D-ribofuranosyl)-5-(sulfanylcarbonyl)pyridin-1-ium 'C12 H15 N O8 P S2 1'
NI non-polymer 'NICKEL (II) ION' 'Ni 2'
#
# COMPACT_ATOMS: atom_id res chain seq x y z
N LYS A 2 43.47 14.85 -17.15
CA LYS A 2 42.19 14.27 -17.57
C LYS A 2 42.32 12.76 -17.70
N ILE A 3 41.84 12.04 -16.69
CA ILE A 3 41.95 10.59 -16.61
C ILE A 3 40.54 10.01 -16.55
N ASP A 4 40.28 8.99 -17.36
CA ASP A 4 38.99 8.33 -17.36
C ASP A 4 38.94 7.25 -16.29
N PHE A 5 37.91 7.28 -15.47
CA PHE A 5 37.69 6.29 -14.42
C PHE A 5 36.36 5.60 -14.65
N GLU A 6 36.24 4.38 -14.14
CA GLU A 6 35.03 3.60 -14.37
C GLU A 6 33.82 4.28 -13.73
N TYR A 7 32.69 4.23 -14.44
CA TYR A 7 31.48 4.92 -14.01
C TYR A 7 30.30 4.20 -14.67
N GLY A 8 29.62 3.37 -13.89
CA GLY A 8 28.51 2.61 -14.43
C GLY A 8 28.98 1.68 -15.52
N HIS A 9 28.45 1.88 -16.73
CA HIS A 9 28.83 1.07 -17.88
C HIS A 9 29.97 1.68 -18.68
N GLY A 10 30.49 2.83 -18.26
CA GLY A 10 31.55 3.48 -19.01
C GLY A 10 32.57 4.22 -18.18
N THR A 11 32.87 5.46 -18.56
CA THR A 11 33.91 6.25 -17.92
C THR A 11 33.41 7.66 -17.62
N MET A 12 33.97 8.23 -16.56
CA MET A 12 33.85 9.65 -16.23
C MET A 12 35.25 10.23 -16.19
N THR A 13 35.43 11.42 -16.75
CA THR A 13 36.74 12.03 -16.82
C THR A 13 36.98 12.95 -15.63
N ALA A 14 38.16 12.81 -15.02
CA ALA A 14 38.58 13.67 -13.92
C ALA A 14 39.72 14.56 -14.39
N ASP A 15 39.56 15.87 -14.18
CA ASP A 15 40.61 16.83 -14.53
C ASP A 15 41.61 16.91 -13.39
N LEU A 16 42.29 15.79 -13.15
CA LEU A 16 43.25 15.70 -12.08
C LEU A 16 44.51 16.50 -12.41
N PRO A 17 45.27 16.92 -11.40
CA PRO A 17 46.51 17.65 -11.67
C PRO A 17 47.50 16.79 -12.42
N ASP A 18 48.38 17.46 -13.17
CA ASP A 18 49.40 16.75 -13.94
C ASP A 18 50.35 15.96 -13.06
N THR A 19 50.45 16.30 -11.77
CA THR A 19 51.30 15.57 -10.85
C THR A 19 50.68 14.28 -10.37
N THR A 20 49.42 14.00 -10.73
CA THR A 20 48.76 12.77 -10.30
C THR A 20 49.45 11.56 -10.90
N ASP A 21 49.75 10.58 -10.05
CA ASP A 21 50.35 9.33 -10.49
C ASP A 21 49.26 8.34 -10.87
N ILE A 22 49.39 7.75 -12.05
CA ILE A 22 48.41 6.81 -12.58
C ILE A 22 48.99 5.41 -12.51
N PHE A 23 48.29 4.52 -11.82
CA PHE A 23 48.66 3.11 -11.74
C PHE A 23 47.57 2.27 -12.36
N ILE A 24 47.93 1.48 -13.37
CA ILE A 24 47.05 0.48 -13.97
C ILE A 24 47.64 -0.89 -13.66
N PRO A 25 46.92 -1.77 -12.97
CA PRO A 25 47.49 -3.07 -12.62
C PRO A 25 47.90 -3.86 -13.86
N GLY A 26 49.14 -4.33 -13.87
CA GLY A 26 49.67 -5.08 -14.99
C GLY A 26 50.24 -4.25 -16.11
N GLU A 27 50.10 -2.92 -16.07
CA GLU A 27 50.63 -2.04 -17.09
C GLU A 27 51.66 -1.06 -16.54
N THR A 28 51.32 -0.34 -15.47
CA THR A 28 52.29 0.56 -14.85
C THR A 28 53.49 -0.21 -14.31
N VAL A 29 53.25 -1.34 -13.66
CA VAL A 29 54.29 -2.24 -13.21
C VAL A 29 54.04 -3.59 -13.87
N ALA A 30 55.06 -4.11 -14.56
CA ALA A 30 54.91 -5.34 -15.31
C ALA A 30 54.67 -6.53 -14.37
N ASP A 31 53.68 -7.35 -14.72
CA ASP A 31 53.42 -8.57 -13.99
C ASP A 31 54.49 -9.61 -14.31
N PRO A 32 54.63 -10.63 -13.46
CA PRO A 32 55.46 -11.77 -13.84
C PRO A 32 54.99 -12.36 -15.16
N GLU A 33 55.95 -12.74 -15.99
CA GLU A 33 55.65 -13.15 -17.36
C GLU A 33 54.70 -14.35 -17.38
N CYS A 34 53.48 -14.12 -17.88
CA CYS A 34 52.50 -15.19 -17.97
C CYS A 34 52.93 -16.24 -18.98
N LEU A 35 52.52 -17.47 -18.74
CA LEU A 35 52.85 -18.55 -19.65
C LEU A 35 52.16 -18.32 -21.00
N PRO A 36 52.89 -18.40 -22.11
CA PRO A 36 52.24 -18.28 -23.42
C PRO A 36 51.26 -19.41 -23.65
N GLU A 37 50.29 -19.16 -24.55
CA GLU A 37 49.21 -20.10 -24.78
C GLU A 37 49.73 -21.47 -25.22
N ASP A 38 50.85 -21.50 -25.96
CA ASP A 38 51.34 -22.77 -26.49
C ASP A 38 51.77 -23.71 -25.36
N GLN A 39 52.46 -23.20 -24.35
CA GLN A 39 53.01 -24.04 -23.29
C GLN A 39 52.17 -24.02 -22.02
N ILE A 40 51.01 -23.37 -22.03
CA ILE A 40 50.14 -23.38 -20.85
C ILE A 40 49.68 -24.80 -20.54
N GLU A 41 49.27 -25.53 -21.56
CA GLU A 41 48.84 -26.92 -21.36
C GLU A 41 49.99 -27.78 -20.85
N ALA A 42 51.19 -27.59 -21.42
CA ALA A 42 52.34 -28.38 -20.98
C ALA A 42 52.68 -28.08 -19.53
N ALA A 43 52.68 -26.80 -19.14
CA ALA A 43 52.99 -26.44 -17.77
C ALA A 43 51.94 -26.99 -16.80
N THR A 44 50.66 -26.89 -17.15
CA THR A 44 49.62 -27.43 -16.28
C THR A 44 49.72 -28.94 -16.15
N LEU A 45 50.01 -29.63 -17.26
CA LEU A 45 50.16 -31.09 -17.21
C LEU A 45 51.37 -31.48 -16.37
N ASP A 46 52.48 -30.74 -16.49
CA ASP A 46 53.66 -31.03 -15.67
C ASP A 46 53.37 -30.81 -14.20
N SER A 47 52.64 -29.74 -13.87
CA SER A 47 52.29 -29.48 -12.48
C SER A 47 51.38 -30.57 -11.93
N ILE A 48 50.38 -30.99 -12.70
CA ILE A 48 49.46 -32.03 -12.24
C ILE A 48 50.19 -33.35 -12.06
N ARG A 49 51.03 -33.72 -13.03
CA ARG A 49 51.76 -34.99 -12.94
C ARG A 49 52.86 -34.97 -11.90
N ASN A 50 53.29 -33.78 -11.47
CA ASN A 50 54.34 -33.62 -10.46
C ASN A 50 53.85 -32.69 -9.37
N PRO A 51 52.95 -33.17 -8.51
CA PRO A 51 52.41 -32.33 -7.45
C PRO A 51 53.40 -32.14 -6.30
N LEU A 52 53.06 -31.21 -5.42
CA LEU A 52 53.94 -30.81 -4.32
C LEU A 52 53.41 -31.37 -3.01
N GLY A 53 54.23 -32.20 -2.35
CA GLY A 53 53.89 -32.72 -1.04
C GLY A 53 52.64 -33.58 -1.00
N MET A 54 52.36 -34.29 -2.08
CA MET A 54 51.16 -35.12 -2.16
C MET A 54 51.30 -36.02 -3.39
N PRO A 55 50.80 -37.25 -3.36
CA PRO A 55 51.01 -38.17 -4.50
C PRO A 55 50.31 -37.67 -5.75
N PRO A 56 50.78 -38.09 -6.93
CA PRO A 56 50.12 -37.69 -8.17
C PRO A 56 48.71 -38.24 -8.26
N LEU A 57 47.91 -37.60 -9.12
CA LEU A 57 46.51 -38.02 -9.29
C LEU A 57 46.41 -39.46 -9.76
N THR A 58 47.39 -39.93 -10.53
CA THR A 58 47.39 -41.33 -10.95
C THR A 58 47.56 -42.27 -9.76
N GLU A 59 48.27 -41.83 -8.73
CA GLU A 59 48.51 -42.64 -7.54
C GLU A 59 47.47 -42.43 -6.44
N LEU A 60 46.48 -41.56 -6.67
CA LEU A 60 45.42 -41.32 -5.71
C LEU A 60 44.08 -41.93 -6.10
N ALA A 61 43.74 -41.93 -7.38
CA ALA A 61 42.43 -42.34 -7.85
C ALA A 61 42.49 -43.78 -8.34
N LYS A 62 41.83 -44.67 -7.63
CA LYS A 62 41.67 -46.04 -8.07
C LYS A 62 40.69 -46.08 -9.25
N PRO A 63 40.74 -47.14 -10.07
CA PRO A 63 39.75 -47.27 -11.15
C PRO A 63 38.34 -47.32 -10.58
N GLY A 64 37.43 -46.63 -11.27
CA GLY A 64 36.05 -46.58 -10.83
C GLY A 64 35.85 -45.92 -9.48
N SER A 65 36.56 -44.82 -9.24
CA SER A 65 36.49 -44.11 -7.97
C SER A 65 35.75 -42.79 -8.13
N LYS A 66 35.07 -42.38 -7.06
CA LYS A 66 34.32 -41.14 -7.06
C LYS A 66 35.27 -39.97 -6.92
N VAL A 67 35.25 -39.05 -7.90
CA VAL A 67 36.15 -37.91 -7.94
C VAL A 67 35.30 -36.64 -8.05
N THR A 68 35.62 -35.65 -7.23
CA THR A 68 34.96 -34.35 -7.28
C THR A 68 35.99 -33.29 -7.67
N ILE A 69 35.80 -32.69 -8.84
CA ILE A 69 36.62 -31.58 -9.30
C ILE A 69 35.89 -30.30 -8.95
N VAL A 70 36.37 -29.62 -7.91
CA VAL A 70 35.76 -28.40 -7.41
C VAL A 70 36.48 -27.21 -8.05
N PHE A 71 35.79 -26.54 -8.97
CA PHE A 71 36.34 -25.40 -9.68
C PHE A 71 35.69 -24.11 -9.20
N PRO A 72 36.42 -23.00 -9.23
CA PRO A 72 35.85 -21.73 -8.77
C PRO A 72 34.83 -21.16 -9.75
N ASP A 73 34.01 -20.26 -9.23
CA ASP A 73 32.93 -19.66 -10.02
C ASP A 73 33.48 -18.54 -10.91
N ARG A 74 32.55 -17.77 -11.49
CA ARG A 74 32.90 -16.78 -12.51
C ARG A 74 33.44 -15.47 -11.92
N VAL A 75 33.40 -15.30 -10.60
CA VAL A 75 33.83 -14.03 -10.02
C VAL A 75 35.30 -13.78 -10.30
N LYS A 76 36.14 -14.80 -10.10
CA LYS A 76 37.57 -14.71 -10.35
C LYS A 76 37.98 -15.77 -11.37
N GLY A 77 39.22 -15.67 -11.83
CA GLY A 77 39.73 -16.55 -12.85
C GLY A 77 39.40 -16.08 -14.26
N GLY A 78 40.02 -16.73 -15.23
CA GLY A 78 39.80 -16.39 -16.62
C GLY A 78 38.70 -17.21 -17.27
N GLU A 79 38.24 -16.72 -18.43
CA GLU A 79 37.23 -17.41 -19.21
C GLU A 79 37.66 -17.61 -20.66
N GLN A 80 38.94 -17.36 -20.97
CA GLN A 80 39.44 -17.53 -22.33
C GLN A 80 39.59 -19.02 -22.65
N ALA A 81 40.03 -19.30 -23.87
CA ALA A 81 40.24 -20.69 -24.27
C ALA A 81 41.31 -21.36 -23.43
N THR A 82 42.40 -20.64 -23.14
CA THR A 82 43.48 -21.15 -22.33
C THR A 82 43.35 -20.77 -20.86
N ALA A 83 42.13 -20.58 -20.38
CA ALA A 83 41.90 -20.25 -18.98
C ALA A 83 42.32 -21.41 -18.09
N HIS A 84 42.70 -21.09 -16.85
CA HIS A 84 43.21 -22.11 -15.95
C HIS A 84 42.17 -23.19 -15.67
N ARG A 85 40.92 -22.79 -15.44
CA ARG A 85 39.89 -23.77 -15.08
C ARG A 85 39.69 -24.79 -16.19
N LYS A 86 39.47 -24.32 -17.42
CA LYS A 86 39.19 -25.23 -18.52
C LYS A 86 40.36 -26.17 -18.77
N VAL A 87 41.57 -25.62 -18.92
CA VAL A 87 42.73 -26.43 -19.26
C VAL A 87 43.06 -27.39 -18.12
N SER A 88 43.03 -26.91 -16.88
CA SER A 88 43.38 -27.76 -15.74
C SER A 88 42.37 -28.89 -15.58
N ILE A 89 41.08 -28.59 -15.71
CA ILE A 89 40.07 -29.64 -15.56
C ILE A 89 40.18 -30.64 -16.71
N LYS A 90 40.44 -30.16 -17.93
CA LYS A 90 40.59 -31.07 -19.06
C LYS A 90 41.77 -32.02 -18.86
N LEU A 91 42.92 -31.47 -18.44
CA LEU A 91 44.09 -32.32 -18.23
C LEU A 91 43.88 -33.27 -17.06
N ILE A 92 43.23 -32.81 -16.00
CA ILE A 92 42.97 -33.68 -14.84
C ILE A 92 42.04 -34.81 -15.24
N LEU A 93 41.02 -34.51 -16.04
CA LEU A 93 40.12 -35.55 -16.52
C LEU A 93 40.84 -36.54 -17.42
N GLN A 94 41.74 -36.04 -18.27
CA GLN A 94 42.53 -36.95 -19.10
C GLN A 94 43.39 -37.87 -18.25
N GLU A 95 44.01 -37.33 -17.21
CA GLU A 95 44.80 -38.17 -16.30
C GLU A 95 43.93 -39.19 -15.58
N LEU A 96 42.74 -38.78 -15.15
CA LEU A 96 41.83 -39.70 -14.47
C LEU A 96 41.38 -40.82 -15.40
N TYR A 97 41.08 -40.49 -16.65
CA TYR A 97 40.72 -41.51 -17.62
C TYR A 97 41.91 -42.40 -17.96
N SER A 98 43.14 -41.88 -17.80
CA SER A 98 44.32 -42.70 -18.02
C SER A 98 44.44 -43.81 -16.99
N VAL A 99 43.94 -43.58 -15.77
CA VAL A 99 43.97 -44.61 -14.73
C VAL A 99 42.62 -45.31 -14.59
N GLY A 100 41.75 -45.17 -15.58
CA GLY A 100 40.50 -45.91 -15.59
C GLY A 100 39.38 -45.35 -14.75
N VAL A 101 39.50 -44.11 -14.28
CA VAL A 101 38.43 -43.51 -13.48
C VAL A 101 37.24 -43.24 -14.40
N LYS A 102 36.07 -43.72 -13.98
CA LYS A 102 34.88 -43.62 -14.83
C LYS A 102 34.45 -42.17 -14.99
N LYS A 103 33.97 -41.85 -16.19
CA LYS A 103 33.47 -40.50 -16.46
C LYS A 103 32.25 -40.19 -15.59
N GLU A 104 31.36 -41.17 -15.42
CA GLU A 104 30.15 -40.96 -14.63
C GLU A 104 30.48 -40.65 -13.18
N ASP A 105 31.59 -41.21 -12.67
CA ASP A 105 31.97 -41.05 -11.28
C ASP A 105 32.73 -39.75 -11.01
N ILE A 106 32.66 -38.77 -11.91
CA ILE A 106 33.34 -37.50 -11.75
C ILE A 106 32.28 -36.40 -11.70
N LEU A 107 32.33 -35.58 -10.66
CA LEU A 107 31.38 -34.50 -10.46
C LEU A 107 32.13 -33.17 -10.48
N LEU A 108 31.69 -32.26 -11.35
CA LEU A 108 32.26 -30.92 -11.44
C LEU A 108 31.43 -29.99 -10.56
N ILE A 109 32.03 -29.54 -9.46
CA ILE A 109 31.35 -28.74 -8.45
C ILE A 109 31.82 -27.31 -8.56
N CYS A 110 30.89 -26.40 -8.81
CA CYS A 110 31.18 -24.97 -8.82
C CYS A 110 31.18 -24.47 -7.38
N SER A 111 32.35 -24.03 -6.90
CA SER A 111 32.52 -23.62 -5.51
C SER A 111 32.09 -22.17 -5.34
N ASN A 112 30.79 -21.93 -5.48
CA ASN A 112 30.27 -20.60 -5.24
C ASN A 112 30.34 -20.23 -3.76
N GLY A 113 30.13 -21.20 -2.87
CA GLY A 113 30.07 -20.91 -1.45
C GLY A 113 28.88 -20.03 -1.11
N LEU A 114 29.14 -18.87 -0.51
CA LEU A 114 28.07 -17.91 -0.27
C LEU A 114 27.77 -17.05 -1.49
N HIS A 115 28.62 -17.11 -2.52
CA HIS A 115 28.32 -16.41 -3.76
C HIS A 115 27.17 -17.09 -4.48
N ARG A 116 26.59 -16.37 -5.45
CA ARG A 116 25.49 -16.92 -6.22
C ARG A 116 25.91 -18.22 -6.89
N LYS A 117 25.00 -19.19 -6.91
CA LYS A 117 25.19 -20.35 -7.75
C LYS A 117 25.29 -19.90 -9.21
N ASN A 118 26.37 -20.30 -9.87
CA ASN A 118 26.53 -19.93 -11.27
C ASN A 118 25.45 -20.59 -12.10
N THR A 119 24.81 -19.81 -12.97
CA THR A 119 23.78 -20.36 -13.84
C THR A 119 24.42 -21.29 -14.86
N GLU A 120 23.57 -21.98 -15.62
CA GLU A 120 24.08 -22.90 -16.63
C GLU A 120 24.89 -22.17 -17.69
N LYS A 121 24.45 -20.97 -18.06
CA LYS A 121 25.23 -20.16 -19.00
C LYS A 121 26.56 -19.74 -18.41
N GLU A 122 26.56 -19.30 -17.15
CA GLU A 122 27.82 -18.91 -16.50
C GLU A 122 28.74 -20.11 -16.31
N ILE A 123 28.17 -21.27 -15.95
CA ILE A 123 28.98 -22.48 -15.82
C ILE A 123 29.59 -22.85 -17.15
N LEU A 124 28.81 -22.74 -18.23
CA LEU A 124 29.33 -23.01 -19.57
C LEU A 124 30.47 -22.06 -19.90
N GLY A 125 30.30 -20.78 -19.63
CA GLY A 125 31.35 -19.82 -19.91
C GLY A 125 32.61 -20.08 -19.10
N VAL A 126 32.45 -20.52 -17.85
CA VAL A 126 33.60 -20.79 -17.01
C VAL A 126 34.34 -22.04 -17.47
N LEU A 127 33.59 -23.10 -17.80
CA LEU A 127 34.21 -24.40 -18.07
C LEU A 127 34.56 -24.63 -19.53
N GLY A 128 34.07 -23.81 -20.46
CA GLY A 128 34.30 -24.07 -21.86
C GLY A 128 33.23 -24.99 -22.40
N PRO A 129 32.93 -24.85 -23.70
CA PRO A 129 31.91 -25.72 -24.30
C PRO A 129 32.25 -27.20 -24.20
N ASP A 130 33.54 -27.55 -24.32
CA ASP A 130 33.95 -28.94 -24.24
C ASP A 130 33.52 -29.54 -22.90
N LEU A 131 34.04 -28.98 -21.80
CA LEU A 131 33.73 -29.51 -20.47
C LEU A 131 32.24 -29.42 -20.17
N TYR A 132 31.62 -28.29 -20.50
CA TYR A 132 30.20 -28.12 -20.25
C TYR A 132 29.37 -29.22 -20.91
N HIS A 133 29.40 -29.27 -22.24
CA HIS A 133 28.63 -30.29 -22.96
C HIS A 133 29.11 -31.70 -22.68
N GLN A 134 30.31 -31.86 -22.09
CA GLN A 134 30.73 -33.18 -21.66
C GLN A 134 30.01 -33.62 -20.39
N PHE A 135 29.83 -32.68 -19.43
CA PHE A 135 29.31 -33.06 -18.12
C PHE A 135 27.96 -32.47 -17.78
N ALA A 136 27.58 -31.32 -18.37
CA ALA A 136 26.28 -30.73 -18.06
C ALA A 136 25.10 -31.61 -18.45
N PRO A 137 25.02 -32.20 -19.65
CA PRO A 137 23.83 -32.99 -19.99
C PRO A 137 23.57 -34.16 -19.06
N THR A 138 24.62 -34.76 -18.50
CA THR A 138 24.44 -35.85 -17.55
C THR A 138 24.20 -35.37 -16.13
N GLY A 139 24.15 -34.06 -15.91
CA GLY A 139 23.95 -33.54 -14.57
C GLY A 139 25.15 -33.66 -13.67
N GLN A 140 26.35 -33.83 -14.23
CA GLN A 140 27.56 -34.00 -13.45
C GLN A 140 28.20 -32.68 -13.03
N ILE A 141 27.68 -31.54 -13.51
CA ILE A 141 28.10 -30.24 -13.04
C ILE A 141 27.02 -29.71 -12.10
N ILE A 142 27.40 -29.51 -10.84
CA ILE A 142 26.49 -29.01 -9.82
C ILE A 142 27.13 -27.80 -9.14
N ASN A 143 26.32 -26.77 -8.92
CA ASN A 143 26.75 -25.67 -8.08
C ASN A 143 26.74 -26.12 -6.62
N HIS A 144 27.77 -25.71 -5.87
CA HIS A 144 27.76 -26.01 -4.44
C HIS A 144 26.61 -25.26 -3.78
N ASP A 145 25.84 -25.99 -2.99
CA ASP A 145 24.71 -25.41 -2.26
C ASP A 145 25.06 -25.42 -0.78
N SER A 146 25.37 -24.24 -0.25
CA SER A 146 25.64 -24.12 1.18
C SER A 146 24.38 -24.20 2.02
N GLU A 147 23.21 -24.37 1.40
CA GLU A 147 21.96 -24.50 2.13
C GLU A 147 21.20 -25.78 1.79
N ASP A 148 21.81 -26.70 1.03
CA ASP A 148 21.22 -28.01 0.75
C ASP A 148 21.81 -28.98 1.76
N TYR A 149 21.22 -29.05 2.95
CA TYR A 149 21.74 -29.90 4.01
C TYR A 149 21.64 -31.37 3.68
N GLU A 150 20.79 -31.74 2.72
CA GLU A 150 20.82 -33.10 2.19
C GLU A 150 22.14 -33.39 1.50
N HIS A 151 22.81 -32.34 0.98
CA HIS A 151 24.11 -32.47 0.36
C HIS A 151 25.17 -31.68 1.13
N LEU A 152 25.06 -31.69 2.46
CA LEU A 152 26.05 -31.06 3.33
C LEU A 152 26.40 -32.01 4.45
N VAL A 153 27.68 -32.02 4.84
CA VAL A 153 28.18 -32.88 5.91
C VAL A 153 28.79 -31.99 6.99
N ASP A 154 28.32 -32.15 8.22
CA ASP A 154 28.83 -31.40 9.36
C ASP A 154 29.98 -32.17 9.99
N LEU A 155 31.18 -31.60 9.93
CA LEU A 155 32.37 -32.20 10.51
C LEU A 155 32.62 -31.74 11.94
N GLY A 156 31.80 -30.82 12.46
CA GLY A 156 31.96 -30.34 13.81
C GLY A 156 32.94 -29.21 13.93
N LYS A 157 33.06 -28.70 15.15
CA LYS A 157 33.98 -27.61 15.44
C LYS A 157 35.42 -28.07 15.30
N THR A 158 36.29 -27.15 14.90
CA THR A 158 37.72 -27.43 14.82
C THR A 158 38.35 -27.36 16.20
N LYS A 159 39.68 -27.48 16.24
CA LYS A 159 40.40 -27.26 17.48
C LYS A 159 40.30 -25.81 17.95
N GLN A 160 39.99 -24.89 17.04
CA GLN A 160 39.78 -23.49 17.37
C GLN A 160 38.30 -23.17 17.60
N GLY A 161 37.44 -24.19 17.64
CA GLY A 161 36.02 -23.96 17.79
C GLY A 161 35.33 -23.45 16.56
N ASP A 162 35.79 -23.86 15.37
CA ASP A 162 35.28 -23.30 14.13
C ASP A 162 34.32 -24.30 13.49
N PRO A 163 33.04 -23.97 13.33
CA PRO A 163 32.09 -24.92 12.75
C PRO A 163 32.40 -25.18 11.28
N VAL A 164 32.52 -26.46 10.93
CA VAL A 164 32.83 -26.87 9.57
C VAL A 164 31.65 -27.69 9.05
N ILE A 165 31.00 -27.21 7.99
CA ILE A 165 30.02 -27.98 7.24
C ILE A 165 30.39 -27.84 5.77
N MET A 166 30.68 -28.96 5.12
CA MET A 166 31.24 -28.97 3.77
C MET A 166 30.30 -29.67 2.81
N ASN A 167 30.62 -29.55 1.53
CA ASN A 167 29.83 -30.18 0.48
C ASN A 167 29.89 -31.71 0.62
N LYS A 168 28.73 -32.35 0.50
CA LYS A 168 28.65 -33.79 0.70
C LYS A 168 29.37 -34.55 -0.40
N TYR A 169 29.27 -34.07 -1.65
CA TYR A 169 29.94 -34.76 -2.74
C TYR A 169 31.45 -34.75 -2.56
N VAL A 170 32.00 -33.61 -2.14
CA VAL A 170 33.44 -33.53 -1.89
C VAL A 170 33.83 -34.42 -0.72
N TYR A 171 33.03 -34.41 0.35
CA TYR A 171 33.33 -35.21 1.53
C TYR A 171 33.31 -36.71 1.22
N GLU A 172 32.30 -37.15 0.47
CA GLU A 172 32.12 -38.57 0.19
C GLU A 172 32.91 -39.06 -1.01
N SER A 173 33.52 -38.15 -1.78
CA SER A 173 34.34 -38.57 -2.90
C SER A 173 35.64 -39.19 -2.40
N ASP A 174 36.32 -39.89 -3.31
CA ASP A 174 37.61 -40.48 -2.98
C ASP A 174 38.77 -39.58 -3.35
N VAL A 175 38.63 -38.77 -4.40
CA VAL A 175 39.64 -37.79 -4.80
C VAL A 175 38.97 -36.45 -5.00
N ALA A 176 39.36 -35.46 -4.22
CA ALA A 176 38.86 -34.10 -4.33
C ALA A 176 39.95 -33.22 -4.91
N ILE A 177 39.69 -32.65 -6.08
CA ILE A 177 40.66 -31.83 -6.80
C ILE A 177 40.14 -30.40 -6.84
N LEU A 178 40.85 -29.50 -6.17
CA LEU A 178 40.46 -28.10 -6.09
C LEU A 178 41.19 -27.32 -7.17
N ILE A 179 40.46 -26.88 -8.18
CA ILE A 179 40.99 -25.92 -9.14
C ILE A 179 41.03 -24.56 -8.47
N GLY A 180 42.19 -23.91 -8.51
CA GLY A 180 42.38 -22.67 -7.78
C GLY A 180 43.18 -21.65 -8.56
N HIS A 181 42.88 -20.39 -8.29
CA HIS A 181 43.59 -19.27 -8.89
C HIS A 181 44.30 -18.49 -7.78
N THR A 182 45.62 -18.48 -7.84
CA THR A 182 46.43 -17.66 -6.92
C THR A 182 46.43 -16.25 -7.50
N GLN A 183 45.62 -15.39 -6.90
CA GLN A 183 45.42 -14.03 -7.37
C GLN A 183 45.27 -13.10 -6.18
N GLY A 184 45.44 -11.81 -6.44
CA GLY A 184 45.28 -10.81 -5.41
C GLY A 184 43.90 -10.83 -4.80
N ASN A 185 43.82 -11.06 -3.49
CA ASN A 185 42.53 -11.17 -2.82
C ASN A 185 42.56 -10.42 -1.49
N PRO A 186 41.64 -9.48 -1.28
CA PRO A 186 41.54 -8.83 0.03
C PRO A 186 41.19 -9.79 1.15
N TYR A 187 40.64 -10.96 0.82
CA TYR A 187 40.29 -11.97 1.81
C TYR A 187 41.40 -13.03 1.85
N GLY A 188 42.16 -13.04 2.94
CA GLY A 188 43.17 -14.07 3.12
C GLY A 188 44.42 -13.92 2.28
N GLY A 189 44.60 -12.80 1.60
CA GLY A 189 45.79 -12.60 0.80
C GLY A 189 45.66 -13.11 -0.63
N TYR A 190 45.45 -14.40 -0.78
CA TYR A 190 45.36 -15.02 -2.09
C TYR A 190 44.09 -15.87 -2.18
N SER A 191 43.63 -16.07 -3.41
CA SER A 191 42.49 -16.94 -3.67
C SER A 191 42.97 -18.38 -3.86
N GLY A 192 42.01 -19.30 -3.81
CA GLY A 192 42.34 -20.70 -3.98
C GLY A 192 43.04 -21.29 -2.77
N GLY A 193 43.62 -22.46 -2.98
CA GLY A 193 44.31 -23.15 -1.90
C GLY A 193 43.36 -23.57 -0.80
N TYR A 194 43.75 -23.28 0.44
CA TYR A 194 42.90 -23.61 1.57
C TYR A 194 41.67 -22.71 1.63
N LYS A 195 41.79 -21.49 1.11
CA LYS A 195 40.63 -20.61 1.04
C LYS A 195 39.55 -21.20 0.14
N HIS A 196 39.97 -21.83 -0.96
CA HIS A 196 39.03 -22.44 -1.90
C HIS A 196 38.10 -23.43 -1.21
N CYS A 197 38.67 -24.39 -0.47
CA CYS A 197 37.83 -25.36 0.24
C CYS A 197 37.12 -24.71 1.42
N SER A 198 37.80 -23.83 2.15
CA SER A 198 37.22 -23.25 3.36
C SER A 198 36.05 -22.33 3.07
N THR A 199 35.92 -21.82 1.85
CA THR A 199 34.85 -20.88 1.55
C THR A 199 33.93 -21.30 0.41
N GLY A 200 34.46 -21.90 -0.66
CA GLY A 200 33.63 -22.16 -1.83
C GLY A 200 32.72 -23.37 -1.69
N ILE A 201 33.05 -24.31 -0.82
CA ILE A 201 32.24 -25.50 -0.63
C ILE A 201 31.89 -25.72 0.84
N THR A 202 31.81 -24.65 1.62
CA THR A 202 31.48 -24.76 3.02
C THR A 202 30.10 -24.15 3.30
N HIS A 203 29.69 -24.18 4.55
CA HIS A 203 28.46 -23.58 5.03
C HIS A 203 28.70 -22.12 5.40
N TRP A 204 27.62 -21.34 5.45
CA TRP A 204 27.75 -19.96 5.88
C TRP A 204 28.30 -19.88 7.30
N LYS A 205 28.05 -20.90 8.11
CA LYS A 205 28.58 -20.91 9.48
C LYS A 205 30.10 -21.00 9.49
N SER A 206 30.67 -21.79 8.56
CA SER A 206 32.13 -21.85 8.45
C SER A 206 32.71 -20.51 8.02
N ILE A 207 32.08 -19.85 7.05
CA ILE A 207 32.52 -18.53 6.62
C ILE A 207 32.35 -17.51 7.74
N ALA A 208 31.32 -17.66 8.57
CA ALA A 208 31.09 -16.74 9.68
C ALA A 208 32.23 -16.73 10.67
N SER A 209 33.07 -17.77 10.68
CA SER A 209 34.21 -17.81 11.57
C SER A 209 35.20 -16.69 11.27
N HIS A 210 35.44 -16.41 9.99
CA HIS A 210 36.46 -15.45 9.60
C HIS A 210 35.91 -14.22 8.89
N HIS A 211 34.71 -14.29 8.30
CA HIS A 211 34.16 -13.18 7.55
C HIS A 211 33.37 -12.21 8.42
N VAL A 212 33.70 -12.12 9.71
CA VAL A 212 33.05 -11.19 10.63
C VAL A 212 34.04 -10.11 11.03
N PRO A 213 33.58 -8.97 11.55
CA PRO A 213 34.53 -7.95 12.02
C PRO A 213 35.52 -8.46 13.06
N LYS A 214 35.18 -9.51 13.80
CA LYS A 214 36.10 -10.06 14.78
C LYS A 214 37.41 -10.53 14.17
N VAL A 215 37.41 -10.84 12.86
CA VAL A 215 38.62 -11.25 12.15
C VAL A 215 39.02 -10.24 11.09
N MET A 216 38.06 -9.63 10.40
CA MET A 216 38.35 -8.71 9.32
C MET A 216 38.80 -7.33 9.79
N HIS A 217 38.50 -6.95 11.03
CA HIS A 217 38.77 -5.60 11.51
C HIS A 217 39.92 -5.52 12.51
N ARG A 218 40.70 -6.59 12.66
CA ARG A 218 41.87 -6.52 13.52
C ARG A 218 43.01 -5.83 12.79
N LYS A 219 44.07 -5.52 13.55
CA LYS A 219 45.19 -4.76 13.01
C LYS A 219 45.98 -5.54 11.97
N ASP A 220 45.85 -6.87 11.92
CA ASP A 220 46.60 -7.68 10.99
C ASP A 220 45.88 -7.91 9.66
N PHE A 221 44.72 -7.32 9.47
CA PHE A 221 43.97 -7.49 8.23
C PHE A 221 44.12 -6.33 7.27
N VAL A 222 44.38 -5.12 7.77
CA VAL A 222 44.52 -3.95 6.91
C VAL A 222 45.91 -3.36 7.08
N PRO A 223 46.82 -3.51 6.09
CA PRO A 223 46.64 -4.21 4.81
C PRO A 223 46.68 -5.73 4.97
N VAL A 224 46.11 -6.47 4.03
CA VAL A 224 46.04 -7.92 4.15
C VAL A 224 47.36 -8.54 3.71
N ASN A 225 47.69 -9.67 4.33
CA ASN A 225 48.92 -10.40 4.04
C ASN A 225 48.65 -11.89 3.96
N ASN A 226 49.70 -12.69 3.93
CA ASN A 226 49.58 -14.15 3.92
C ASN A 226 49.62 -14.75 5.32
N ASN A 227 49.74 -13.94 6.35
CA ASN A 227 49.81 -14.41 7.73
C ASN A 227 48.74 -13.74 8.60
N SER A 228 47.66 -13.29 7.99
CA SER A 228 46.56 -12.71 8.76
C SER A 228 45.74 -13.80 9.42
N LEU A 229 44.89 -13.39 10.36
CA LEU A 229 44.03 -14.35 11.05
C LEU A 229 43.05 -14.99 10.08
N MET A 230 42.60 -14.24 9.08
CA MET A 230 41.69 -14.78 8.06
C MET A 230 42.29 -16.01 7.39
N ARG A 231 43.55 -15.89 6.94
CA ARG A 231 44.23 -17.04 6.35
C ARG A 231 44.41 -18.16 7.37
N HIS A 232 44.60 -17.81 8.64
CA HIS A 232 44.72 -18.84 9.67
C HIS A 232 43.46 -19.68 9.78
N LYS A 233 42.29 -19.02 9.82
CA LYS A 233 41.03 -19.76 9.86
C LYS A 233 40.83 -20.55 8.58
N PHE A 234 41.22 -19.97 7.43
CA PHE A 234 41.18 -20.73 6.18
C PHE A 234 41.94 -22.04 6.30
N ASP A 235 43.19 -21.96 6.77
CA ASP A 235 44.01 -23.16 6.90
C ASP A 235 43.42 -24.14 7.90
N GLU A 236 42.93 -23.64 9.04
CA GLU A 236 42.37 -24.53 10.05
C GLU A 236 41.17 -25.29 9.52
N ILE A 237 40.26 -24.60 8.83
CA ILE A 237 39.11 -25.27 8.25
C ILE A 237 39.54 -26.25 7.16
N GLY A 238 40.57 -25.88 6.39
CA GLY A 238 41.04 -26.79 5.35
C GLY A 238 41.59 -28.08 5.90
N MET A 239 42.45 -28.00 6.93
CA MET A 239 42.98 -29.22 7.52
C MET A 239 41.92 -29.98 8.30
N HIS A 240 40.92 -29.29 8.87
CA HIS A 240 39.80 -30.01 9.47
C HIS A 240 39.05 -30.82 8.41
N MET A 241 38.80 -30.22 7.25
CA MET A 241 38.16 -30.95 6.15
C MET A 241 39.01 -32.14 5.73
N GLU A 242 40.33 -31.93 5.61
CA GLU A 242 41.21 -33.01 5.18
C GLU A 242 41.23 -34.15 6.20
N GLU A 243 41.25 -33.81 7.49
CA GLU A 243 41.31 -34.83 8.53
C GLU A 243 40.00 -35.61 8.62
N LYS A 244 38.86 -34.91 8.59
CA LYS A 244 37.58 -35.60 8.70
C LYS A 244 37.29 -36.42 7.44
N MET A 245 37.71 -35.92 6.27
CA MET A 245 37.46 -36.65 5.03
C MET A 245 38.30 -37.91 4.93
N GLY A 246 39.50 -37.91 5.51
CA GLY A 246 40.44 -38.99 5.30
C GLY A 246 41.24 -38.88 4.02
N LYS A 247 41.13 -37.77 3.30
CA LYS A 247 41.87 -37.55 2.07
C LYS A 247 42.41 -36.13 2.07
N LYS A 248 43.36 -35.87 1.17
CA LYS A 248 43.98 -34.57 1.02
C LYS A 248 43.51 -33.91 -0.28
N PHE A 249 43.19 -32.63 -0.20
CA PHE A 249 42.80 -31.88 -1.38
C PHE A 249 43.95 -31.80 -2.37
N PHE A 250 43.67 -32.12 -3.63
CA PHE A 250 44.63 -31.93 -4.72
C PHE A 250 44.44 -30.53 -5.26
N CYS A 251 45.20 -29.58 -4.72
CA CYS A 251 45.01 -28.16 -5.06
C CYS A 251 45.78 -27.85 -6.33
N CYS A 252 45.13 -28.03 -7.47
CA CYS A 252 45.69 -27.62 -8.76
C CYS A 252 45.43 -26.12 -8.91
N ASP A 253 46.44 -25.34 -8.53
CA ASP A 253 46.33 -23.90 -8.52
C ASP A 253 47.30 -23.28 -9.52
N ALA A 254 46.82 -22.23 -10.19
CA ALA A 254 47.63 -21.47 -11.12
C ALA A 254 47.68 -20.01 -10.67
N VAL A 255 48.88 -19.46 -10.63
CA VAL A 255 49.04 -18.03 -10.33
C VAL A 255 48.56 -17.25 -11.54
N LEU A 256 47.73 -16.24 -11.31
CA LEU A 256 47.14 -15.46 -12.39
C LEU A 256 47.66 -14.03 -12.35
N ASP A 257 47.91 -13.47 -13.53
CA ASP A 257 48.30 -12.08 -13.65
C ASP A 257 47.06 -11.20 -13.63
N THR A 258 47.22 -9.91 -13.97
CA THR A 258 46.08 -9.00 -13.99
C THR A 258 45.09 -9.34 -15.10
N LYS A 259 45.53 -10.04 -16.15
CA LYS A 259 44.66 -10.44 -17.24
C LYS A 259 44.20 -11.89 -17.12
N SER A 260 44.30 -12.45 -15.91
CA SER A 260 43.86 -13.82 -15.62
C SER A 260 44.59 -14.86 -16.45
N ARG A 261 45.82 -14.58 -16.87
CA ARG A 261 46.64 -15.53 -17.61
C ARG A 261 47.57 -16.25 -16.65
N GLN A 262 47.76 -17.55 -16.88
CA GLN A 262 48.56 -18.36 -15.98
C GLN A 262 50.04 -18.00 -16.10
N ILE A 263 50.68 -17.79 -14.95
CA ILE A 263 52.13 -17.59 -14.88
C ILE A 263 52.83 -18.87 -14.48
N GLU A 264 52.28 -19.59 -13.51
CA GLU A 264 52.77 -20.91 -13.12
C GLU A 264 51.62 -21.68 -12.49
N ILE A 265 51.62 -22.99 -12.67
CA ILE A 265 50.59 -23.87 -12.11
C ILE A 265 51.21 -24.68 -10.99
N ASN A 266 50.55 -24.72 -9.84
CA ASN A 266 50.99 -25.48 -8.69
C ASN A 266 49.91 -26.49 -8.32
N SER A 267 50.30 -27.74 -8.19
CA SER A 267 49.39 -28.83 -7.85
C SER A 267 49.91 -29.58 -6.65
N GLY A 268 48.98 -30.21 -5.91
CA GLY A 268 49.32 -31.00 -4.74
C GLY A 268 48.54 -30.53 -3.52
N ALA A 269 49.16 -30.72 -2.36
CA ALA A 269 48.54 -30.31 -1.11
C ALA A 269 48.36 -28.80 -1.07
N ALA A 270 47.28 -28.36 -0.41
CA ALA A 270 46.97 -26.94 -0.36
C ALA A 270 48.08 -26.14 0.33
N ASP A 271 48.61 -26.66 1.43
CA ASP A 271 49.68 -25.97 2.14
C ASP A 271 50.93 -25.88 1.27
N GLU A 272 51.32 -27.00 0.64
CA GLU A 272 52.51 -27.00 -0.20
C GLU A 272 52.32 -26.11 -1.42
N VAL A 273 51.13 -26.14 -2.01
CA VAL A 273 50.86 -25.28 -3.17
C VAL A 273 50.95 -23.81 -2.76
N GLN A 274 50.39 -23.47 -1.60
CA GLN A 274 50.47 -22.09 -1.12
C GLN A 274 51.92 -21.68 -0.88
N LYS A 275 52.71 -22.56 -0.27
CA LYS A 275 54.11 -22.25 -0.02
C LYS A 275 54.87 -22.02 -1.33
N LYS A 276 54.62 -22.89 -2.31
CA LYS A 276 55.33 -22.77 -3.58
C LYS A 276 54.92 -21.51 -4.33
N ALA A 277 53.62 -21.18 -4.33
CA ALA A 277 53.12 -20.07 -5.12
C ALA A 277 53.13 -18.74 -4.38
N TRP A 278 53.53 -18.72 -3.10
CA TRP A 278 53.53 -17.47 -2.35
C TRP A 278 54.47 -16.43 -2.95
N LYS A 279 55.65 -16.87 -3.40
CA LYS A 279 56.62 -15.93 -3.95
C LYS A 279 56.08 -15.22 -5.18
N LEU A 280 55.56 -15.99 -6.14
CA LEU A 280 55.05 -15.36 -7.36
C LEU A 280 53.73 -14.65 -7.12
N GLY A 281 52.92 -15.10 -6.16
CA GLY A 281 51.73 -14.36 -5.81
C GLY A 281 52.04 -13.00 -5.21
N ASN A 282 53.08 -12.94 -4.38
CA ASN A 282 53.52 -11.65 -3.85
C ASN A 282 54.14 -10.78 -4.94
N ALA A 283 54.86 -11.41 -5.87
CA ALA A 283 55.43 -10.65 -6.98
C ALA A 283 54.34 -10.01 -7.84
N ARG A 284 53.28 -10.77 -8.13
CA ARG A 284 52.19 -10.25 -8.95
C ARG A 284 51.32 -9.25 -8.19
N THR A 285 50.99 -9.56 -6.93
CA THR A 285 50.01 -8.79 -6.18
C THR A 285 50.65 -7.66 -5.38
N TYR A 286 51.61 -8.00 -4.52
CA TYR A 286 52.26 -7.00 -3.65
C TYR A 286 53.29 -6.26 -4.47
N VAL A 287 52.85 -5.16 -5.09
CA VAL A 287 53.66 -4.39 -6.02
C VAL A 287 54.27 -3.21 -5.28
N PRO A 288 55.61 -3.12 -5.20
CA PRO A 288 56.23 -1.94 -4.60
C PRO A 288 56.34 -0.79 -5.58
N PHE A 289 55.26 -0.01 -5.74
CA PHE A 289 55.18 1.02 -6.77
C PHE A 289 55.32 2.44 -6.23
N ALA A 290 54.76 2.73 -5.06
CA ALA A 290 54.68 4.11 -4.58
C ALA A 290 56.00 4.55 -3.98
N GLU A 291 56.45 5.73 -4.40
CA GLU A 291 57.62 6.38 -3.80
C GLU A 291 57.25 7.34 -2.68
N LYS A 292 55.96 7.56 -2.45
CA LYS A 292 55.51 8.48 -1.40
C LYS A 292 54.10 8.10 -1.00
N LYS A 293 53.70 8.57 0.19
CA LYS A 293 52.34 8.35 0.66
C LYS A 293 51.36 9.15 -0.18
N TYR A 294 50.23 8.53 -0.51
CA TYR A 294 49.20 9.17 -1.33
C TYR A 294 48.07 9.68 -0.45
N ASP A 295 47.76 10.97 -0.56
CA ASP A 295 46.71 11.59 0.23
C ASP A 295 45.34 11.41 -0.40
N ILE A 296 45.26 11.40 -1.72
CA ILE A 296 44.02 11.17 -2.44
C ILE A 296 44.21 9.97 -3.35
N ILE A 297 43.29 9.01 -3.29
CA ILE A 297 43.26 7.88 -4.20
C ILE A 297 42.01 8.02 -5.04
N VAL A 298 42.18 8.21 -6.34
CA VAL A 298 41.08 8.40 -7.28
C VAL A 298 40.95 7.15 -8.13
N PHE A 299 39.76 6.57 -8.14
CA PHE A 299 39.45 5.44 -8.99
C PHE A 299 37.99 5.54 -9.41
N GLY A 300 37.58 4.61 -10.27
CA GLY A 300 36.23 4.58 -10.76
C GLY A 300 35.61 3.21 -10.57
N MET A 301 34.32 3.20 -10.22
CA MET A 301 33.58 1.96 -10.01
C MET A 301 32.64 1.72 -11.17
N PRO A 302 32.83 0.65 -11.94
CA PRO A 302 31.84 0.29 -12.96
C PRO A 302 30.62 -0.33 -12.32
N GLN A 303 29.52 -0.34 -13.07
CA GLN A 303 28.31 -1.00 -12.59
C GLN A 303 28.53 -2.50 -12.42
N PHE A 304 29.20 -3.13 -13.38
CA PHE A 304 29.48 -4.55 -13.36
C PHE A 304 30.96 -4.78 -13.10
N PHE A 305 31.27 -5.48 -12.01
CA PHE A 305 32.61 -5.95 -11.71
C PHE A 305 32.53 -6.87 -10.50
N HIS A 306 33.60 -7.64 -10.30
CA HIS A 306 33.71 -8.55 -9.15
C HIS A 306 32.53 -9.51 -9.09
N TYR A 307 31.58 -9.25 -8.19
CA TYR A 307 30.52 -10.20 -7.91
C TYR A 307 29.38 -10.15 -8.93
N GLY A 308 29.30 -9.11 -9.75
CA GLY A 308 28.32 -9.09 -10.81
C GLY A 308 27.72 -7.71 -10.96
N ASP A 309 26.55 -7.68 -11.60
CA ASP A 309 25.88 -6.42 -11.91
C ASP A 309 25.42 -5.73 -10.64
N GLY A 310 25.48 -4.41 -10.65
CA GLY A 310 25.10 -3.62 -9.50
C GLY A 310 26.14 -3.54 -8.40
N MET A 311 27.30 -4.16 -8.60
CA MET A 311 28.36 -4.12 -7.59
C MET A 311 28.83 -2.69 -7.35
N GLY A 312 28.94 -1.90 -8.42
CA GLY A 312 29.27 -0.50 -8.32
C GLY A 312 28.09 0.42 -8.08
N THR A 313 26.88 -0.13 -8.03
CA THR A 313 25.68 0.67 -7.77
C THR A 313 25.00 0.31 -6.46
N ASN A 314 25.01 -0.95 -6.07
CA ASN A 314 24.48 -1.35 -4.77
C ASN A 314 25.31 -0.70 -3.69
N PRO A 315 24.70 0.01 -2.74
CA PRO A 315 25.49 0.75 -1.74
C PRO A 315 26.41 -0.15 -0.92
N ILE A 316 25.95 -1.35 -0.56
CA ILE A 316 26.74 -2.22 0.29
C ILE A 316 27.90 -2.84 -0.48
N MET A 317 27.65 -3.34 -1.70
CA MET A 317 28.75 -3.77 -2.55
C MET A 317 29.66 -2.62 -2.93
N LEU A 318 29.11 -1.41 -3.05
CA LEU A 318 29.94 -0.23 -3.29
C LEU A 318 30.92 0.00 -2.15
N MET A 319 30.42 -0.03 -0.92
CA MET A 319 31.29 0.09 0.24
C MET A 319 32.28 -1.05 0.34
N GLN A 320 31.86 -2.27 -0.03
CA GLN A 320 32.77 -3.40 0.01
C GLN A 320 33.91 -3.22 -0.99
N ALA A 321 33.60 -2.72 -2.19
CA ALA A 321 34.64 -2.46 -3.17
C ALA A 321 35.58 -1.35 -2.68
N LEU A 322 35.02 -0.31 -2.06
CA LEU A 322 35.86 0.75 -1.50
C LEU A 322 36.77 0.20 -0.41
N SER A 323 36.26 -0.68 0.43
CA SER A 323 37.07 -1.26 1.49
C SER A 323 38.11 -2.23 0.95
N ALA A 324 37.79 -2.93 -0.15
CA ALA A 324 38.80 -3.74 -0.81
C ALA A 324 39.93 -2.87 -1.34
N GLN A 325 39.58 -1.71 -1.91
CA GLN A 325 40.60 -0.75 -2.31
C GLN A 325 41.43 -0.28 -1.11
N VAL A 326 40.77 -0.04 0.02
CA VAL A 326 41.46 0.35 1.23
C VAL A 326 42.47 -0.72 1.64
N ILE A 327 42.02 -1.98 1.63
CA ILE A 327 42.87 -3.08 2.07
C ILE A 327 44.06 -3.25 1.13
N ARG A 328 43.82 -3.19 -0.18
CA ARG A 328 44.89 -3.41 -1.14
C ARG A 328 45.91 -2.28 -1.14
N HIS A 329 45.45 -1.04 -1.01
CA HIS A 329 46.32 0.13 -1.12
C HIS A 329 46.58 0.79 0.23
N LYS A 330 46.43 0.05 1.33
CA LYS A 330 46.68 0.64 2.64
C LYS A 330 48.15 0.99 2.84
N ARG A 331 49.06 0.20 2.28
CA ARG A 331 50.48 0.44 2.48
C ARG A 331 50.93 1.77 1.88
N ILE A 332 50.32 2.16 0.75
CA ILE A 332 50.63 3.45 0.13
C ILE A 332 49.68 4.56 0.60
N MET A 333 48.71 4.23 1.45
CA MET A 333 47.71 5.19 1.88
C MET A 333 48.23 6.02 3.04
N SER A 334 48.02 7.33 2.97
CA SER A 334 48.32 8.19 4.10
C SER A 334 47.28 7.98 5.21
N ASP A 335 47.60 8.48 6.40
CA ASP A 335 46.69 8.33 7.53
C ASP A 335 45.36 9.01 7.27
N ASN A 336 45.38 10.18 6.64
CA ASN A 336 44.19 10.97 6.32
C ASN A 336 43.76 10.81 4.86
N CYS A 337 44.03 9.63 4.28
CA CYS A 337 43.79 9.43 2.86
C CYS A 337 42.31 9.58 2.52
N VAL A 338 42.05 10.11 1.33
CA VAL A 338 40.70 10.38 0.83
C VAL A 338 40.50 9.57 -0.43
N PHE A 339 39.38 8.85 -0.50
CA PHE A 339 38.98 8.12 -1.69
C PHE A 339 37.97 8.95 -2.48
N ILE A 340 38.22 9.14 -3.76
CA ILE A 340 37.29 9.79 -4.67
C ILE A 340 36.95 8.77 -5.76
N CYS A 341 35.74 8.23 -5.70
CA CYS A 341 35.32 7.15 -6.59
C CYS A 341 34.15 7.58 -7.44
N ALA A 342 34.21 7.29 -8.72
CA ALA A 342 33.08 7.47 -9.62
C ALA A 342 32.20 6.23 -9.57
N SER A 343 30.91 6.43 -9.30
CA SER A 343 29.98 5.32 -9.28
C SER A 343 28.59 5.84 -9.62
N THR A 344 27.85 5.04 -10.40
CA THR A 344 26.45 5.33 -10.68
C THR A 344 25.59 4.75 -9.56
N CYS A 345 25.71 5.37 -8.39
CA CYS A 345 24.95 4.96 -7.21
C CYS A 345 23.51 5.39 -7.43
N ASN A 346 22.82 4.65 -8.30
CA ASN A 346 21.47 4.98 -8.75
C ASN A 346 20.41 4.19 -8.00
N GLY A 347 20.78 3.56 -6.88
CA GLY A 347 19.82 2.76 -6.15
C GLY A 347 19.54 1.40 -6.73
N TYR A 348 20.29 0.98 -7.74
CA TYR A 348 20.14 -0.35 -8.31
C TYR A 348 20.78 -1.35 -7.36
N PHE A 349 19.97 -1.88 -6.44
CA PHE A 349 20.48 -2.85 -5.48
C PHE A 349 20.74 -4.21 -6.11
N ASN A 350 20.19 -4.47 -7.28
CA ASN A 350 20.25 -5.79 -7.93
C ASN A 350 19.71 -6.87 -6.99
N GLU A 351 18.40 -6.75 -6.72
CA GLU A 351 17.73 -7.68 -5.84
C GLU A 351 17.86 -9.12 -6.33
N SER A 352 17.96 -9.32 -7.64
CA SER A 352 18.18 -10.67 -8.15
C SER A 352 19.52 -11.22 -7.67
N LEU A 353 20.56 -10.38 -7.66
CA LEU A 353 21.86 -10.80 -7.16
C LEU A 353 21.88 -10.81 -5.64
N TRP A 354 21.40 -9.74 -5.01
CA TRP A 354 21.45 -9.57 -3.57
C TRP A 354 20.08 -9.13 -3.07
N PRO A 355 19.16 -10.08 -2.88
CA PRO A 355 17.83 -9.68 -2.39
C PRO A 355 17.82 -9.27 -0.93
N TYR A 356 18.76 -9.79 -0.14
CA TYR A 356 18.89 -9.45 1.27
C TYR A 356 19.48 -8.07 1.49
N LEU A 357 20.11 -7.49 0.47
CA LEU A 357 20.86 -6.25 0.64
C LEU A 357 19.98 -5.02 0.81
N PRO A 358 18.83 -4.91 0.14
CA PRO A 358 17.92 -3.81 0.52
C PRO A 358 17.54 -3.83 1.99
N GLU A 359 17.23 -5.02 2.53
CA GLU A 359 16.91 -5.12 3.94
C GLU A 359 18.12 -4.82 4.82
N LEU A 360 19.30 -5.27 4.39
CA LEU A 360 20.52 -4.98 5.16
C LEU A 360 20.80 -3.48 5.18
N TYR A 361 20.65 -2.81 4.05
CA TYR A 361 20.85 -1.38 3.99
C TYR A 361 19.81 -0.64 4.83
N ASP A 362 18.56 -1.08 4.77
CA ASP A 362 17.52 -0.46 5.60
C ASP A 362 17.82 -0.65 7.07
N LEU A 363 18.32 -1.82 7.46
CA LEU A 363 18.69 -2.06 8.84
C LEU A 363 19.86 -1.17 9.26
N PHE A 364 20.83 -0.99 8.35
CA PHE A 364 21.95 -0.09 8.63
C PHE A 364 21.47 1.34 8.84
N GLN A 365 20.53 1.79 8.01
CA GLN A 365 19.98 3.13 8.19
C GLN A 365 19.17 3.22 9.48
N LYS A 366 18.48 2.14 9.85
CA LYS A 366 17.60 2.18 11.01
C LYS A 366 18.38 2.21 12.32
N GLU A 367 19.42 1.37 12.44
CA GLU A 367 20.13 1.29 13.70
C GLU A 367 21.64 1.27 13.60
N GLY A 368 22.23 1.23 12.42
CA GLY A 368 23.67 1.12 12.31
C GLY A 368 24.40 2.45 12.23
N ASN A 369 25.14 2.80 13.28
CA ASN A 369 26.07 3.91 13.18
C ASN A 369 27.23 3.56 12.27
N THR A 370 27.80 2.37 12.45
CA THR A 370 28.78 1.81 11.55
C THR A 370 28.28 0.43 11.11
N LEU A 371 28.93 -0.14 10.09
CA LEU A 371 28.47 -1.40 9.55
C LEU A 371 28.69 -2.57 10.51
N VAL A 372 29.65 -2.45 11.44
CA VAL A 372 29.85 -3.49 12.44
C VAL A 372 28.60 -3.69 13.30
N ASP A 373 27.82 -2.62 13.50
CA ASP A 373 26.57 -2.74 14.25
C ASP A 373 25.62 -3.72 13.59
N LEU A 374 25.79 -3.99 12.30
CA LEU A 374 24.94 -4.96 11.62
C LEU A 374 25.34 -6.40 11.86
N ASN A 375 26.57 -6.65 12.31
CA ASN A 375 27.08 -8.02 12.33
C ASN A 375 26.24 -8.95 13.19
N GLN A 376 25.63 -8.42 14.27
CA GLN A 376 24.82 -9.24 15.14
C GLN A 376 23.62 -9.85 14.43
N TYR A 377 23.24 -9.30 13.27
CA TYR A 377 22.10 -9.78 12.50
C TYR A 377 22.52 -10.78 11.42
N GLY A 378 23.80 -11.15 11.36
CA GLY A 378 24.26 -12.04 10.31
C GLY A 378 23.43 -13.31 10.21
N GLU A 379 23.41 -14.10 11.28
CA GLU A 379 22.60 -15.31 11.31
C GLU A 379 21.15 -15.01 10.94
N TYR A 380 20.63 -13.86 11.38
CA TYR A 380 19.24 -13.52 11.07
C TYR A 380 19.00 -13.49 9.57
N PHE A 381 19.93 -12.91 8.81
CA PHE A 381 19.81 -12.99 7.36
C PHE A 381 20.21 -14.37 6.86
N ALA A 382 21.23 -14.97 7.49
CA ALA A 382 21.76 -16.24 7.01
C ALA A 382 20.76 -17.39 7.15
N THR A 383 19.80 -17.26 8.08
CA THR A 383 18.76 -18.25 8.26
C THR A 383 17.42 -17.80 7.67
N ASN A 384 17.39 -16.68 6.95
CA ASN A 384 16.16 -16.19 6.36
C ASN A 384 15.72 -17.14 5.25
N GLU A 385 14.48 -17.63 5.35
CA GLU A 385 14.01 -18.68 4.45
C GLU A 385 13.95 -18.18 3.00
N GLU A 386 13.43 -16.97 2.78
CA GLU A 386 13.27 -16.49 1.42
C GLU A 386 14.62 -16.20 0.78
N TYR A 387 15.53 -15.59 1.52
CA TYR A 387 16.86 -15.32 0.97
C TYR A 387 17.61 -16.62 0.71
N ILE A 388 17.47 -17.61 1.59
CA ILE A 388 18.07 -18.91 1.36
C ILE A 388 17.50 -19.56 0.10
N ARG A 389 16.18 -19.45 -0.08
CA ARG A 389 15.55 -20.00 -1.27
C ARG A 389 16.05 -19.32 -2.53
N LYS A 390 16.20 -18.00 -2.49
CA LYS A 390 16.71 -17.28 -3.65
C LYS A 390 18.16 -17.63 -3.94
N TYR A 391 18.96 -17.87 -2.90
CA TYR A 391 20.33 -18.33 -3.12
C TYR A 391 20.35 -19.73 -3.73
N ARG A 392 19.47 -20.62 -3.26
CA ARG A 392 19.47 -22.01 -3.71
C ARG A 392 18.91 -22.18 -5.11
N TYR A 393 17.91 -21.39 -5.49
CA TYR A 393 17.17 -21.66 -6.72
C TYR A 393 17.14 -20.47 -7.66
N ALA A 394 17.07 -19.26 -7.10
CA ALA A 394 17.01 -18.04 -7.90
C ALA A 394 18.40 -17.49 -8.22
N HIS A 395 19.45 -18.26 -7.94
CA HIS A 395 20.83 -17.86 -8.26
C HIS A 395 21.19 -16.54 -7.61
N ALA A 396 20.72 -16.35 -6.38
CA ALA A 396 21.11 -15.18 -5.61
C ALA A 396 22.32 -15.49 -4.74
N PHE A 397 23.01 -14.44 -4.32
CA PHE A 397 24.06 -14.62 -3.33
C PHE A 397 23.45 -15.07 -2.01
N HIS A 398 24.21 -15.87 -1.27
CA HIS A 398 23.75 -16.28 0.05
C HIS A 398 23.65 -15.04 0.94
N PRO A 399 22.61 -14.95 1.77
CA PRO A 399 22.43 -13.72 2.57
C PRO A 399 23.64 -13.35 3.41
N PHE A 400 24.26 -14.32 4.09
CA PHE A 400 25.38 -14.01 4.96
C PHE A 400 26.57 -13.42 4.20
N HIS A 401 26.70 -13.73 2.91
CA HIS A 401 27.75 -13.11 2.12
C HIS A 401 27.69 -11.60 2.22
N GLY A 402 26.49 -11.02 2.18
CA GLY A 402 26.37 -9.58 2.33
C GLY A 402 26.97 -9.09 3.62
N PHE A 403 26.78 -9.83 4.71
CA PHE A 403 27.43 -9.47 5.96
C PHE A 403 28.94 -9.51 5.84
N SER A 404 29.47 -10.55 5.20
CA SER A 404 30.89 -10.52 4.86
C SER A 404 31.24 -9.22 4.16
N MET A 405 30.43 -8.83 3.19
CA MET A 405 30.63 -7.55 2.52
C MET A 405 30.69 -6.40 3.51
N ILE A 406 29.69 -6.29 4.39
CA ILE A 406 29.72 -5.17 5.33
C ILE A 406 30.87 -5.38 6.31
N SER A 407 31.19 -6.65 6.62
CA SER A 407 32.36 -6.90 7.46
C SER A 407 33.62 -6.36 6.81
N CYS A 408 33.70 -6.49 5.48
CA CYS A 408 34.76 -5.79 4.76
C CYS A 408 34.48 -4.31 4.70
N ALA A 409 33.22 -3.94 4.39
CA ALA A 409 32.91 -2.59 3.98
C ALA A 409 33.18 -1.55 5.06
N HIS A 410 33.02 -1.91 6.34
CA HIS A 410 33.30 -0.97 7.41
C HIS A 410 34.74 -0.45 7.35
N LEU A 411 35.65 -1.27 6.84
CA LEU A 411 37.04 -0.83 6.70
C LEU A 411 37.13 0.46 5.90
N ALA A 412 36.34 0.55 4.81
CA ALA A 412 36.32 1.77 4.01
C ALA A 412 35.95 2.98 4.85
N GLU A 413 34.98 2.81 5.76
CA GLU A 413 34.64 3.89 6.67
C GLU A 413 35.73 4.09 7.72
N LYS A 414 36.34 2.99 8.18
CA LYS A 414 37.22 3.07 9.35
C LYS A 414 38.56 3.71 9.00
N HIS A 415 39.14 3.38 7.85
CA HIS A 415 40.51 3.75 7.56
C HIS A 415 40.65 5.04 6.77
N THR A 416 39.78 5.28 5.80
CA THR A 416 39.83 6.53 5.04
C THR A 416 39.27 7.68 5.87
N ALA A 417 39.91 8.85 5.76
CA ALA A 417 39.36 10.04 6.38
C ALA A 417 37.99 10.37 5.80
N ALA A 418 37.86 10.28 4.48
CA ALA A 418 36.58 10.47 3.82
C ALA A 418 36.64 9.81 2.46
N ILE A 419 35.49 9.33 2.00
CA ILE A 419 35.34 8.74 0.68
C ILE A 419 34.33 9.58 -0.09
N TYR A 420 34.74 10.06 -1.26
CA TYR A 420 33.89 10.88 -2.10
C TYR A 420 33.34 10.02 -3.24
N LEU A 421 32.03 9.99 -3.37
CA LEU A 421 31.37 9.34 -4.50
C LEU A 421 30.90 10.42 -5.46
N VAL A 422 31.30 10.32 -6.73
CA VAL A 422 30.99 11.31 -7.73
C VAL A 422 30.14 10.66 -8.82
N GLY A 423 29.15 11.41 -9.30
CA GLY A 423 28.27 10.91 -10.34
C GLY A 423 27.14 10.03 -9.86
N ALA A 424 26.89 9.97 -8.55
CA ALA A 424 25.78 9.19 -8.03
C ALA A 424 24.46 9.74 -8.53
N GLU A 425 23.70 8.90 -9.23
CA GLU A 425 22.35 9.30 -9.65
C GLU A 425 21.44 9.45 -8.44
N LYS A 426 21.62 8.62 -7.43
CA LYS A 426 20.90 8.70 -6.17
C LYS A 426 21.94 8.81 -5.05
N PRO A 427 22.41 10.03 -4.77
CA PRO A 427 23.46 10.21 -3.76
C PRO A 427 23.03 9.84 -2.36
N GLY A 428 21.73 9.69 -2.11
CA GLY A 428 21.27 9.34 -0.78
C GLY A 428 21.77 7.99 -0.30
N TYR A 429 21.83 7.01 -1.20
CA TYR A 429 22.35 5.70 -0.82
C TYR A 429 23.83 5.77 -0.46
N ALA A 430 24.61 6.51 -1.25
CA ALA A 430 26.02 6.69 -0.93
C ALA A 430 26.20 7.39 0.41
N ARG A 431 25.40 8.43 0.66
CA ARG A 431 25.48 9.13 1.94
C ARG A 431 25.07 8.23 3.09
N GLY A 432 24.03 7.41 2.89
CA GLY A 432 23.62 6.45 3.88
C GLY A 432 24.64 5.37 4.14
N MET A 433 25.54 5.14 3.20
CA MET A 433 26.72 4.32 3.45
C MET A 433 27.83 5.09 4.13
N GLY A 434 27.66 6.39 4.37
CA GLY A 434 28.70 7.20 4.97
C GLY A 434 29.65 7.84 3.98
N LEU A 435 29.26 7.97 2.71
CA LEU A 435 30.12 8.54 1.68
C LEU A 435 29.70 9.95 1.36
N LYS A 436 30.68 10.84 1.29
CA LYS A 436 30.43 12.19 0.79
C LYS A 436 30.12 12.13 -0.70
N THR A 437 29.11 12.89 -1.11
CA THR A 437 28.61 12.85 -2.49
C THR A 437 28.85 14.19 -3.16
N ARG A 438 29.45 14.15 -4.35
CA ARG A 438 29.63 15.32 -5.19
C ARG A 438 29.21 14.96 -6.61
N ALA A 439 28.79 15.98 -7.37
CA ALA A 439 28.31 15.72 -8.72
C ALA A 439 29.44 15.27 -9.64
N THR A 440 30.60 15.93 -9.56
CA THR A 440 31.69 15.68 -10.48
C THR A 440 32.99 15.44 -9.71
N PHE A 441 33.96 14.88 -10.42
CA PHE A 441 35.27 14.61 -9.82
C PHE A 441 35.92 15.89 -9.30
N GLU A 442 35.77 17.00 -10.04
CA GLU A 442 36.44 18.24 -9.66
C GLU A 442 35.93 18.76 -8.31
N GLU A 443 34.62 18.72 -8.09
CA GLU A 443 34.07 19.19 -6.83
C GLU A 443 34.57 18.36 -5.66
N ALA A 444 34.60 17.04 -5.82
CA ALA A 444 35.11 16.18 -4.76
C ALA A 444 36.59 16.43 -4.51
N LEU A 445 37.37 16.65 -5.57
CA LEU A 445 38.79 16.91 -5.41
C LEU A 445 39.02 18.21 -4.65
N GLU A 446 38.29 19.27 -5.00
CA GLU A 446 38.44 20.54 -4.29
C GLU A 446 37.98 20.40 -2.84
N ASP A 447 36.89 19.66 -2.61
CA ASP A 447 36.41 19.46 -1.25
C ASP A 447 37.44 18.70 -0.40
N ALA A 448 38.03 17.65 -0.96
CA ALA A 448 39.06 16.90 -0.25
C ALA A 448 40.28 17.75 0.02
N LYS A 449 40.69 18.57 -0.95
CA LYS A 449 41.83 19.46 -0.75
C LYS A 449 41.54 20.46 0.36
N LYS A 450 40.34 21.04 0.37
CA LYS A 450 40.00 22.02 1.38
C LYS A 450 39.92 21.40 2.77
N LYS A 451 39.37 20.19 2.87
CA LYS A 451 39.01 19.62 4.16
C LYS A 451 40.06 18.71 4.77
N PHE A 452 40.68 17.83 3.98
CA PHE A 452 41.51 16.78 4.58
C PHE A 452 42.96 16.79 4.13
N VAL A 453 43.23 16.95 2.84
CA VAL A 453 44.55 16.63 2.30
C VAL A 453 45.39 17.85 1.95
N GLY A 454 44.81 19.05 1.98
CA GLY A 454 45.53 20.25 1.62
C GLY A 454 45.51 20.52 0.13
N GLN A 455 46.04 21.69 -0.23
CA GLN A 455 45.97 22.16 -1.61
C GLN A 455 46.99 21.51 -2.52
N GLU A 456 47.94 20.76 -1.98
CA GLU A 456 48.95 20.05 -2.78
C GLU A 456 49.01 18.59 -2.33
N PRO A 457 47.99 17.80 -2.63
CA PRO A 457 47.99 16.41 -2.19
C PRO A 457 48.66 15.49 -3.19
N ASN A 458 49.16 14.36 -2.68
CA ASN A 458 49.67 13.30 -3.52
C ASN A 458 48.50 12.45 -4.00
N ILE A 459 48.09 12.67 -5.26
CA ILE A 459 46.89 12.04 -5.81
C ILE A 459 47.32 10.85 -6.64
N LEU A 460 46.73 9.69 -6.37
CA LEU A 460 46.96 8.47 -7.13
C LEU A 460 45.71 8.17 -7.94
N ALA A 461 45.87 8.06 -9.25
CA ALA A 461 44.77 7.67 -10.14
C ALA A 461 44.81 6.17 -10.37
N LEU A 462 43.65 5.53 -10.24
CA LEU A 462 43.53 4.09 -10.43
C LEU A 462 42.42 3.81 -11.43
N PRO A 463 42.66 4.09 -12.71
CA PRO A 463 41.69 3.67 -13.74
C PRO A 463 41.70 2.17 -13.89
N LYS A 464 40.52 1.62 -14.19
CA LYS A 464 40.34 0.17 -14.29
C LYS A 464 40.74 -0.54 -13.00
N ALA A 465 40.55 0.14 -11.86
CA ALA A 465 40.88 -0.46 -10.57
C ALA A 465 40.01 -1.66 -10.25
N PHE A 466 38.88 -1.81 -10.92
CA PHE A 466 37.99 -2.95 -10.74
C PHE A 466 37.82 -3.80 -11.98
N LYS A 467 38.04 -3.25 -13.18
CA LYS A 467 37.95 -4.05 -14.40
C LYS A 467 39.08 -5.07 -14.49
N THR A 468 40.26 -4.73 -14.00
CA THR A 468 41.40 -5.63 -13.99
C THR A 468 41.59 -6.21 -12.60
N ALA A 469 42.30 -7.34 -12.54
CA ALA A 469 42.62 -7.97 -11.26
C ALA A 469 43.52 -7.03 -10.47
N ALA A 470 42.97 -6.46 -9.39
CA ALA A 470 43.69 -5.44 -8.65
C ALA A 470 44.88 -6.05 -7.90
N VAL A 471 45.86 -5.18 -7.63
CA VAL A 471 47.07 -5.57 -6.91
C VAL A 471 47.09 -4.85 -5.57
N HIS A 472 47.94 -5.35 -4.67
CA HIS A 472 48.14 -4.72 -3.37
C HIS A 472 49.34 -3.80 -3.48
N LEU A 473 49.08 -2.51 -3.64
CA LEU A 473 50.14 -1.53 -3.82
C LEU A 473 50.87 -1.29 -2.52
N MET A 474 52.21 -1.34 -2.58
CA MET A 474 53.07 -1.03 -1.44
C MET A 474 54.07 0.04 -1.84
N MET A 475 54.79 0.53 -0.82
CA MET A 475 55.86 1.49 -1.06
C MET A 475 57.00 0.83 -1.82
N LYS A 476 57.80 1.66 -2.51
CA LYS A 476 58.89 1.12 -3.31
C LYS A 476 59.90 0.36 -2.47
N ASN A 477 60.16 0.81 -1.25
CA ASN A 477 61.08 0.14 -0.35
C ASN A 477 60.43 -0.99 0.44
N ASP A 478 59.12 -1.17 0.32
CA ASP A 478 58.42 -2.23 1.03
C ASP A 478 58.74 -3.59 0.42
N LEU A 479 58.80 -4.61 1.29
CA LEU A 479 59.03 -5.97 0.87
C LEU A 479 57.71 -6.71 0.68
N PRO A 480 57.64 -7.68 -0.23
CA PRO A 480 56.40 -8.42 -0.43
C PRO A 480 56.24 -9.49 0.63
N PRO A 481 55.15 -9.46 1.40
CA PRO A 481 54.85 -10.43 2.47
C PRO A 481 54.89 -11.88 1.98
N LYS B 2 -46.72 -4.92 14.36
CA LYS B 2 -45.38 -4.49 14.71
C LYS B 2 -44.67 -5.55 15.55
N ILE B 3 -43.70 -6.24 14.95
CA ILE B 3 -42.99 -7.33 15.58
C ILE B 3 -41.51 -6.98 15.62
N ASP B 4 -40.89 -7.15 16.78
CA ASP B 4 -39.47 -6.85 16.94
C ASP B 4 -38.62 -8.06 16.57
N PHE B 5 -37.67 -7.84 15.66
CA PHE B 5 -36.78 -8.89 15.20
C PHE B 5 -35.33 -8.52 15.53
N GLU B 6 -34.51 -9.53 15.79
CA GLU B 6 -33.14 -9.29 16.21
C GLU B 6 -32.36 -8.52 15.15
N TYR B 7 -31.65 -7.49 15.58
CA TYR B 7 -30.92 -6.60 14.69
C TYR B 7 -29.62 -6.20 15.39
N GLY B 8 -28.56 -6.95 15.13
CA GLY B 8 -27.22 -6.60 15.56
C GLY B 8 -27.02 -6.79 17.04
N HIS B 9 -27.56 -5.87 17.83
CA HIS B 9 -27.51 -5.95 19.27
C HIS B 9 -28.88 -5.83 19.93
N GLY B 10 -29.91 -5.49 19.15
CA GLY B 10 -31.23 -5.34 19.74
C GLY B 10 -32.36 -5.77 18.84
N THR B 11 -33.37 -4.92 18.68
CA THR B 11 -34.54 -5.25 17.88
C THR B 11 -34.85 -4.12 16.92
N MET B 12 -35.31 -4.50 15.74
CA MET B 12 -35.88 -3.58 14.76
C MET B 12 -37.31 -4.02 14.49
N THR B 13 -38.22 -3.05 14.39
CA THR B 13 -39.64 -3.36 14.28
C THR B 13 -40.06 -3.52 12.83
N ALA B 14 -40.88 -4.52 12.57
CA ALA B 14 -41.49 -4.76 11.27
C ALA B 14 -42.99 -4.54 11.38
N ASP B 15 -43.54 -3.70 10.50
CA ASP B 15 -44.98 -3.45 10.48
C ASP B 15 -45.65 -4.52 9.60
N LEU B 16 -45.53 -5.76 10.06
CA LEU B 16 -46.10 -6.89 9.33
C LEU B 16 -47.62 -6.88 9.42
N PRO B 17 -48.30 -7.51 8.47
CA PRO B 17 -49.76 -7.58 8.53
C PRO B 17 -50.22 -8.30 9.79
N ASP B 18 -51.42 -7.93 10.25
CA ASP B 18 -51.98 -8.53 11.45
C ASP B 18 -52.21 -10.03 11.30
N THR B 19 -52.27 -10.53 10.07
CA THR B 19 -52.44 -11.97 9.83
C THR B 19 -51.13 -12.74 9.95
N THR B 20 -50.00 -12.06 10.18
CA THR B 20 -48.72 -12.74 10.32
C THR B 20 -48.73 -13.64 11.55
N ASP B 21 -48.31 -14.89 11.36
CA ASP B 21 -48.21 -15.84 12.46
C ASP B 21 -46.83 -15.74 13.09
N ILE B 22 -46.80 -15.63 14.41
CA ILE B 22 -45.57 -15.47 15.17
C ILE B 22 -45.27 -16.79 15.89
N PHE B 23 -44.10 -17.34 15.64
CA PHE B 23 -43.63 -18.52 16.36
C PHE B 23 -42.38 -18.17 17.14
N ILE B 24 -42.41 -18.40 18.44
CA ILE B 24 -41.24 -18.30 19.30
C ILE B 24 -40.95 -19.70 19.82
N PRO B 25 -39.77 -20.27 19.57
CA PRO B 25 -39.48 -21.63 20.05
C PRO B 25 -39.54 -21.70 21.56
N GLY B 26 -40.39 -22.61 22.06
CA GLY B 26 -40.58 -22.80 23.48
C GLY B 26 -41.69 -21.97 24.10
N GLU B 27 -42.24 -21.00 23.35
CA GLU B 27 -43.34 -20.18 23.84
C GLU B 27 -44.62 -20.35 23.03
N THR B 28 -44.54 -20.26 21.71
CA THR B 28 -45.72 -20.48 20.88
C THR B 28 -46.22 -21.91 21.02
N VAL B 29 -45.31 -22.87 21.01
CA VAL B 29 -45.63 -24.28 21.27
C VAL B 29 -44.82 -24.72 22.48
N ALA B 30 -45.50 -25.28 23.47
CA ALA B 30 -44.83 -25.66 24.71
C ALA B 30 -43.84 -26.78 24.47
N ASP B 31 -42.63 -26.59 25.02
CA ASP B 31 -41.61 -27.62 24.96
C ASP B 31 -41.96 -28.75 25.94
N PRO B 32 -41.36 -29.93 25.74
CA PRO B 32 -41.49 -30.97 26.78
C PRO B 32 -41.00 -30.44 28.11
N GLU B 33 -41.71 -30.82 29.17
CA GLU B 33 -41.47 -30.24 30.48
C GLU B 33 -40.05 -30.55 30.96
N CYS B 34 -39.26 -29.49 31.12
CA CYS B 34 -37.89 -29.63 31.59
C CYS B 34 -37.87 -30.10 33.04
N LEU B 35 -36.81 -30.83 33.39
CA LEU B 35 -36.68 -31.32 34.75
C LEU B 35 -36.51 -30.15 35.72
N PRO B 36 -37.12 -30.22 36.90
CA PRO B 36 -36.89 -29.17 37.90
C PRO B 36 -35.44 -29.15 38.37
N GLU B 37 -35.01 -27.99 38.85
CA GLU B 37 -33.61 -27.82 39.26
C GLU B 37 -33.22 -28.82 40.34
N ASP B 38 -34.12 -29.07 41.30
CA ASP B 38 -33.85 -30.07 42.33
C ASP B 38 -33.75 -31.46 41.74
N GLN B 39 -34.62 -31.78 40.78
CA GLN B 39 -34.68 -33.11 40.20
C GLN B 39 -33.64 -33.33 39.11
N ILE B 40 -33.00 -32.27 38.63
CA ILE B 40 -32.03 -32.41 37.54
C ILE B 40 -30.85 -33.27 37.98
N GLU B 41 -30.31 -32.99 39.17
CA GLU B 41 -29.16 -33.75 39.66
C GLU B 41 -29.52 -35.22 39.86
N ALA B 42 -30.69 -35.49 40.45
CA ALA B 42 -31.11 -36.86 40.67
C ALA B 42 -31.30 -37.61 39.36
N ALA B 43 -31.92 -36.95 38.37
CA ALA B 43 -32.13 -37.59 37.07
C ALA B 43 -30.81 -37.87 36.37
N THR B 44 -29.87 -36.91 36.41
CA THR B 44 -28.57 -37.14 35.79
C THR B 44 -27.82 -38.27 36.48
N LEU B 45 -27.87 -38.32 37.81
CA LEU B 45 -27.20 -39.40 38.54
C LEU B 45 -27.82 -40.75 38.22
N ASP B 46 -29.16 -40.81 38.12
CA ASP B 46 -29.83 -42.05 37.77
C ASP B 46 -29.46 -42.49 36.36
N SER B 47 -29.39 -41.56 35.41
CA SER B 47 -29.03 -41.90 34.04
C SER B 47 -27.59 -42.41 33.99
N ILE B 48 -26.67 -41.74 34.69
CA ILE B 48 -25.27 -42.17 34.68
C ILE B 48 -25.13 -43.54 35.32
N ARG B 49 -25.80 -43.76 36.45
CA ARG B 49 -25.71 -45.04 37.14
C ARG B 49 -26.47 -46.15 36.42
N ASN B 50 -27.37 -45.80 35.51
CA ASN B 50 -28.17 -46.78 34.76
C ASN B 50 -28.06 -46.47 33.28
N PRO B 51 -26.93 -46.78 32.66
CA PRO B 51 -26.74 -46.48 31.24
C PRO B 51 -27.48 -47.47 30.35
N LEU B 52 -27.57 -47.10 29.07
CA LEU B 52 -28.31 -47.88 28.08
C LEU B 52 -27.34 -48.62 27.17
N GLY B 53 -27.48 -49.94 27.12
CA GLY B 53 -26.70 -50.75 26.20
C GLY B 53 -25.20 -50.71 26.41
N MET B 54 -24.76 -50.43 27.64
CA MET B 54 -23.34 -50.30 27.92
C MET B 54 -23.16 -50.34 29.43
N PRO B 55 -22.09 -50.94 29.95
CA PRO B 55 -21.94 -51.09 31.41
C PRO B 55 -21.80 -49.74 32.09
N PRO B 56 -22.13 -49.67 33.38
CA PRO B 56 -22.01 -48.40 34.10
C PRO B 56 -20.56 -47.95 34.21
N LEU B 57 -20.40 -46.64 34.44
CA LEU B 57 -19.07 -46.06 34.56
C LEU B 57 -18.27 -46.71 35.70
N THR B 58 -18.98 -47.21 36.72
CA THR B 58 -18.30 -47.92 37.81
C THR B 58 -17.61 -49.17 37.30
N GLU B 59 -18.27 -49.92 36.40
CA GLU B 59 -17.68 -51.15 35.88
C GLU B 59 -16.53 -50.85 34.91
N LEU B 60 -16.74 -49.88 34.01
CA LEU B 60 -15.72 -49.58 33.01
C LEU B 60 -14.44 -49.06 33.65
N ALA B 61 -14.57 -48.17 34.62
CA ALA B 61 -13.42 -47.49 35.21
C ALA B 61 -12.76 -48.36 36.26
N LYS B 62 -11.44 -48.21 36.37
CA LYS B 62 -10.61 -48.89 37.35
C LYS B 62 -9.71 -47.86 38.01
N PRO B 63 -9.24 -48.12 39.23
CA PRO B 63 -8.30 -47.19 39.86
C PRO B 63 -7.04 -47.01 39.02
N GLY B 64 -6.62 -45.75 38.89
CA GLY B 64 -5.46 -45.42 38.09
C GLY B 64 -5.70 -45.38 36.58
N SER B 65 -6.94 -45.59 36.14
CA SER B 65 -7.22 -45.60 34.71
C SER B 65 -7.33 -44.18 34.18
N LYS B 66 -6.90 -43.99 32.93
CA LYS B 66 -6.99 -42.69 32.28
C LYS B 66 -8.39 -42.48 31.73
N VAL B 67 -9.04 -41.39 32.15
CA VAL B 67 -10.41 -41.08 31.76
C VAL B 67 -10.42 -39.72 31.11
N THR B 68 -11.07 -39.62 29.95
CA THR B 68 -11.25 -38.37 29.24
C THR B 68 -12.74 -38.03 29.20
N ILE B 69 -13.10 -36.95 29.88
CA ILE B 69 -14.46 -36.43 29.84
C ILE B 69 -14.51 -35.36 28.76
N VAL B 70 -15.11 -35.69 27.62
CA VAL B 70 -15.18 -34.80 26.47
C VAL B 70 -16.51 -34.06 26.55
N PHE B 71 -16.45 -32.77 26.89
CA PHE B 71 -17.63 -31.93 27.00
C PHE B 71 -17.71 -30.96 25.83
N PRO B 72 -18.92 -30.58 25.41
CA PRO B 72 -19.05 -29.65 24.28
C PRO B 72 -18.69 -28.23 24.66
N ASP B 73 -18.44 -27.43 23.63
CA ASP B 73 -17.99 -26.05 23.80
C ASP B 73 -19.18 -25.13 24.10
N ARG B 74 -18.95 -23.82 24.04
CA ARG B 74 -19.92 -22.84 24.49
C ARG B 74 -21.03 -22.56 23.49
N VAL B 75 -20.96 -23.12 22.28
CA VAL B 75 -21.96 -22.80 21.26
C VAL B 75 -23.34 -23.27 21.71
N LYS B 76 -23.43 -24.49 22.24
CA LYS B 76 -24.70 -25.03 22.69
C LYS B 76 -24.52 -25.72 24.03
N GLY B 77 -25.60 -25.78 24.80
CA GLY B 77 -25.58 -26.49 26.06
C GLY B 77 -26.12 -25.69 27.24
N GLY B 78 -25.88 -24.39 27.25
CA GLY B 78 -26.30 -23.57 28.37
C GLY B 78 -25.22 -23.49 29.45
N GLU B 79 -25.21 -22.35 30.15
CA GLU B 79 -24.21 -22.08 31.16
C GLU B 79 -24.82 -21.76 32.51
N GLN B 80 -26.04 -22.21 32.77
CA GLN B 80 -26.67 -21.98 34.06
C GLN B 80 -26.03 -22.87 35.13
N ALA B 81 -26.45 -22.65 36.38
CA ALA B 81 -25.93 -23.45 37.49
C ALA B 81 -26.27 -24.92 37.32
N THR B 82 -27.50 -25.22 36.90
CA THR B 82 -27.95 -26.58 36.67
C THR B 82 -27.79 -27.02 35.21
N ALA B 83 -26.82 -26.45 34.50
CA ALA B 83 -26.59 -26.85 33.12
C ALA B 83 -26.13 -28.30 33.04
N HIS B 84 -26.41 -28.93 31.90
CA HIS B 84 -26.11 -30.35 31.76
C HIS B 84 -24.62 -30.64 31.90
N ARG B 85 -23.77 -29.80 31.30
CA ARG B 85 -22.34 -30.07 31.32
C ARG B 85 -21.80 -30.09 32.74
N LYS B 86 -22.07 -29.03 33.52
CA LYS B 86 -21.52 -28.93 34.86
C LYS B 86 -22.01 -30.08 35.74
N VAL B 87 -23.34 -30.28 35.80
CA VAL B 87 -23.91 -31.28 36.69
C VAL B 87 -23.47 -32.69 36.27
N SER B 88 -23.53 -32.98 34.97
CA SER B 88 -23.17 -34.30 34.48
C SER B 88 -21.70 -34.60 34.75
N ILE B 89 -20.82 -33.64 34.49
CA ILE B 89 -19.39 -33.87 34.72
C ILE B 89 -19.11 -34.03 36.22
N LYS B 90 -19.79 -33.23 37.06
CA LYS B 90 -19.59 -33.35 38.50
C LYS B 90 -20.02 -34.71 39.01
N LEU B 91 -21.19 -35.19 38.57
CA LEU B 91 -21.66 -36.50 39.02
C LEU B 91 -20.79 -37.61 38.48
N ILE B 92 -20.33 -37.49 37.22
CA ILE B 92 -19.47 -38.50 36.65
C ILE B 92 -18.14 -38.56 37.39
N LEU B 93 -17.58 -37.40 37.74
CA LEU B 93 -16.36 -37.36 38.52
C LEU B 93 -16.56 -37.95 39.91
N GLN B 94 -17.72 -37.69 40.52
CA GLN B 94 -18.01 -38.28 41.82
C GLN B 94 -18.06 -39.80 41.72
N GLU B 95 -18.68 -40.34 40.67
CA GLU B 95 -18.70 -41.78 40.47
C GLU B 95 -17.28 -42.33 40.25
N LEU B 96 -16.49 -41.64 39.43
CA LEU B 96 -15.12 -42.08 39.16
C LEU B 96 -14.29 -42.11 40.43
N TYR B 97 -14.43 -41.09 41.28
CA TYR B 97 -13.74 -41.09 42.56
C TYR B 97 -14.29 -42.16 43.50
N SER B 98 -15.57 -42.49 43.37
CA SER B 98 -16.13 -43.60 44.14
C SER B 98 -15.54 -44.94 43.72
N VAL B 99 -15.16 -45.09 42.46
CA VAL B 99 -14.46 -46.30 42.03
C VAL B 99 -12.95 -46.09 42.03
N GLY B 100 -12.46 -45.05 42.72
CA GLY B 100 -11.04 -44.87 42.93
C GLY B 100 -10.25 -44.35 41.75
N VAL B 101 -10.91 -43.77 40.75
CA VAL B 101 -10.17 -43.20 39.62
C VAL B 101 -9.44 -41.95 40.08
N LYS B 102 -8.14 -41.88 39.78
CA LYS B 102 -7.33 -40.77 40.23
C LYS B 102 -7.78 -39.47 39.58
N LYS B 103 -7.80 -38.40 40.37
CA LYS B 103 -8.19 -37.09 39.84
C LYS B 103 -7.20 -36.61 38.78
N GLU B 104 -5.91 -36.82 39.01
CA GLU B 104 -4.89 -36.42 38.06
C GLU B 104 -4.97 -37.20 36.75
N ASP B 105 -5.65 -38.34 36.75
CA ASP B 105 -5.78 -39.18 35.56
C ASP B 105 -7.05 -38.88 34.76
N ILE B 106 -7.70 -37.75 35.03
CA ILE B 106 -8.93 -37.38 34.34
C ILE B 106 -8.66 -36.08 33.58
N LEU B 107 -8.98 -36.08 32.29
CA LEU B 107 -8.73 -34.94 31.41
C LEU B 107 -10.06 -34.44 30.85
N LEU B 108 -10.31 -33.15 31.01
CA LEU B 108 -11.53 -32.52 30.49
C LEU B 108 -11.23 -31.97 29.10
N ILE B 109 -11.80 -32.60 28.08
CA ILE B 109 -11.53 -32.28 26.69
C ILE B 109 -12.69 -31.43 26.17
N CYS B 110 -12.40 -30.20 25.78
CA CYS B 110 -13.40 -29.34 25.16
C CYS B 110 -13.49 -29.70 23.68
N SER B 111 -14.62 -30.30 23.28
CA SER B 111 -14.80 -30.80 21.92
C SER B 111 -15.24 -29.67 20.99
N ASN B 112 -14.31 -28.73 20.76
CA ASN B 112 -14.57 -27.67 19.80
C ASN B 112 -14.57 -28.20 18.37
N GLY B 113 -13.73 -29.18 18.07
CA GLY B 113 -13.61 -29.68 16.71
C GLY B 113 -13.04 -28.62 15.79
N LEU B 114 -13.77 -28.30 14.72
CA LEU B 114 -13.38 -27.19 13.86
C LEU B 114 -13.82 -25.84 14.41
N HIS B 115 -14.62 -25.81 15.47
CA HIS B 115 -14.96 -24.56 16.11
C HIS B 115 -13.76 -24.03 16.87
N ARG B 116 -13.83 -22.74 17.21
CA ARG B 116 -12.74 -22.11 17.94
C ARG B 116 -12.50 -22.82 19.26
N LYS B 117 -11.23 -22.96 19.62
CA LYS B 117 -10.89 -23.42 20.96
C LYS B 117 -11.47 -22.44 21.98
N ASN B 118 -12.22 -22.97 22.93
CA ASN B 118 -12.78 -22.13 23.97
C ASN B 118 -11.67 -21.55 24.84
N THR B 119 -11.74 -20.25 25.08
CA THR B 119 -10.76 -19.62 25.95
C THR B 119 -10.96 -20.08 27.39
N GLU B 120 -10.01 -19.69 28.26
CA GLU B 120 -10.12 -20.06 29.66
C GLU B 120 -11.36 -19.46 30.30
N LYS B 121 -11.73 -18.25 29.91
CA LYS B 121 -12.97 -17.65 30.40
C LYS B 121 -14.19 -18.40 29.90
N GLU B 122 -14.19 -18.77 28.61
CA GLU B 122 -15.32 -19.53 28.07
C GLU B 122 -15.39 -20.92 28.68
N ILE B 123 -14.24 -21.57 28.87
CA ILE B 123 -14.22 -22.88 29.51
C ILE B 123 -14.74 -22.78 30.94
N LEU B 124 -14.34 -21.73 31.65
CA LEU B 124 -14.84 -21.51 33.01
C LEU B 124 -16.35 -21.33 33.01
N GLY B 125 -16.87 -20.51 32.09
CA GLY B 125 -18.31 -20.32 32.02
C GLY B 125 -19.06 -21.59 31.68
N VAL B 126 -18.47 -22.42 30.81
CA VAL B 126 -19.12 -23.66 30.40
C VAL B 126 -19.13 -24.66 31.56
N LEU B 127 -18.02 -24.79 32.28
CA LEU B 127 -17.86 -25.86 33.25
C LEU B 127 -18.27 -25.48 34.67
N GLY B 128 -18.44 -24.20 34.97
CA GLY B 128 -18.70 -23.78 36.32
C GLY B 128 -17.40 -23.54 37.06
N PRO B 129 -17.42 -22.61 38.02
CA PRO B 129 -16.19 -22.34 38.79
C PRO B 129 -15.66 -23.57 39.51
N ASP B 130 -16.55 -24.41 40.02
CA ASP B 130 -16.13 -25.62 40.73
C ASP B 130 -15.26 -26.48 39.82
N LEU B 131 -15.82 -26.92 38.69
CA LEU B 131 -15.09 -27.81 37.79
C LEU B 131 -13.85 -27.12 37.23
N TYR B 132 -13.97 -25.84 36.84
CA TYR B 132 -12.83 -25.13 36.27
C TYR B 132 -11.67 -25.08 37.25
N HIS B 133 -11.87 -24.44 38.41
CA HIS B 133 -10.81 -24.34 39.39
C HIS B 133 -10.42 -25.69 39.97
N GLN B 134 -11.22 -26.74 39.76
CA GLN B 134 -10.79 -28.07 40.13
C GLN B 134 -9.75 -28.62 39.14
N PHE B 135 -9.98 -28.39 37.84
CA PHE B 135 -9.14 -29.03 36.84
C PHE B 135 -8.28 -28.07 36.01
N ALA B 136 -8.68 -26.81 35.87
CA ALA B 136 -7.88 -25.87 35.08
C ALA B 136 -6.50 -25.62 35.66
N PRO B 137 -6.31 -25.36 36.96
CA PRO B 137 -4.96 -25.06 37.46
C PRO B 137 -3.95 -26.17 37.22
N THR B 138 -4.39 -27.43 37.21
CA THR B 138 -3.50 -28.54 36.94
C THR B 138 -3.32 -28.79 35.45
N GLY B 139 -3.96 -28.00 34.59
CA GLY B 139 -3.86 -28.21 33.16
C GLY B 139 -4.63 -29.41 32.66
N GLN B 140 -5.63 -29.87 33.39
CA GLN B 140 -6.40 -31.04 33.02
C GLN B 140 -7.59 -30.71 32.13
N ILE B 141 -7.85 -29.44 31.86
CA ILE B 141 -8.85 -29.03 30.88
C ILE B 141 -8.09 -28.52 29.66
N ILE B 142 -8.23 -29.22 28.54
CA ILE B 142 -7.59 -28.83 27.30
C ILE B 142 -8.65 -28.77 26.20
N ASN B 143 -8.53 -27.77 25.35
CA ASN B 143 -9.36 -27.72 24.16
C ASN B 143 -8.87 -28.76 23.16
N HIS B 144 -9.81 -29.42 22.48
CA HIS B 144 -9.41 -30.31 21.41
C HIS B 144 -8.75 -29.52 20.30
N ASP B 145 -7.61 -29.99 19.85
CA ASP B 145 -6.87 -29.34 18.76
C ASP B 145 -6.90 -30.27 17.56
N SER B 146 -7.71 -29.92 16.56
CA SER B 146 -7.77 -30.70 15.33
C SER B 146 -6.54 -30.51 14.46
N GLU B 147 -5.58 -29.68 14.88
CA GLU B 147 -4.36 -29.47 14.12
C GLU B 147 -3.11 -29.74 14.94
N ASP B 148 -3.24 -30.30 16.14
CA ASP B 148 -2.09 -30.75 16.93
C ASP B 148 -1.89 -32.23 16.67
N TYR B 149 -1.16 -32.51 15.58
CA TYR B 149 -0.96 -33.90 15.16
C TYR B 149 -0.13 -34.69 16.16
N GLU B 150 0.59 -34.01 17.05
CA GLU B 150 1.21 -34.70 18.18
C GLU B 150 0.14 -35.33 19.07
N HIS B 151 -0.97 -34.61 19.27
CA HIS B 151 -2.10 -35.11 20.04
C HIS B 151 -3.26 -35.54 19.17
N LEU B 152 -2.96 -36.12 18.01
CA LEU B 152 -3.98 -36.68 17.11
C LEU B 152 -3.55 -38.08 16.69
N VAL B 153 -4.54 -38.96 16.55
CA VAL B 153 -4.31 -40.35 16.15
C VAL B 153 -5.12 -40.61 14.89
N ASP B 154 -4.45 -41.07 13.83
CA ASP B 154 -5.11 -41.42 12.59
C ASP B 154 -5.54 -42.88 12.64
N LEU B 155 -6.85 -43.12 12.61
CA LEU B 155 -7.41 -44.46 12.64
C LEU B 155 -7.61 -45.05 11.25
N GLY B 156 -7.26 -44.32 10.19
CA GLY B 156 -7.44 -44.79 8.85
C GLY B 156 -8.85 -44.56 8.33
N LYS B 157 -9.06 -44.97 7.08
CA LYS B 157 -10.36 -44.81 6.43
C LYS B 157 -11.35 -45.82 7.00
N THR B 158 -12.63 -45.47 6.95
CA THR B 158 -13.70 -46.34 7.41
C THR B 158 -14.05 -47.34 6.30
N LYS B 159 -15.14 -48.08 6.49
CA LYS B 159 -15.61 -49.02 5.48
C LYS B 159 -16.05 -48.31 4.21
N GLN B 160 -16.43 -47.03 4.30
CA GLN B 160 -16.82 -46.23 3.15
C GLN B 160 -15.73 -45.27 2.71
N GLY B 161 -14.47 -45.56 3.06
CA GLY B 161 -13.37 -44.71 2.66
C GLY B 161 -13.39 -43.33 3.25
N ASP B 162 -13.69 -43.21 4.54
CA ASP B 162 -13.81 -41.91 5.17
C ASP B 162 -12.69 -41.74 6.20
N PRO B 163 -11.83 -40.73 6.06
CA PRO B 163 -10.67 -40.64 6.97
C PRO B 163 -11.08 -40.20 8.36
N VAL B 164 -10.55 -40.90 9.37
CA VAL B 164 -10.83 -40.61 10.77
C VAL B 164 -9.50 -40.28 11.45
N ILE B 165 -9.41 -39.09 12.00
CA ILE B 165 -8.30 -38.69 12.87
C ILE B 165 -8.92 -38.07 14.12
N MET B 166 -8.64 -38.67 15.27
CA MET B 166 -9.31 -38.30 16.51
C MET B 166 -8.31 -37.80 17.53
N ASN B 167 -8.84 -37.23 18.61
CA ASN B 167 -8.01 -36.72 19.69
C ASN B 167 -7.22 -37.85 20.33
N LYS B 168 -5.93 -37.60 20.58
CA LYS B 168 -5.07 -38.64 21.14
C LYS B 168 -5.42 -38.94 22.58
N TYR B 169 -5.80 -37.93 23.36
CA TYR B 169 -6.17 -38.17 24.74
C TYR B 169 -7.39 -39.08 24.83
N VAL B 170 -8.38 -38.83 23.98
CA VAL B 170 -9.59 -39.67 23.97
C VAL B 170 -9.25 -41.08 23.48
N TYR B 171 -8.41 -41.17 22.44
CA TYR B 171 -8.05 -42.48 21.89
C TYR B 171 -7.28 -43.33 22.90
N GLU B 172 -6.32 -42.72 23.60
CA GLU B 172 -5.45 -43.44 24.52
C GLU B 172 -6.06 -43.63 25.90
N SER B 173 -7.15 -42.93 26.22
CA SER B 173 -7.79 -43.11 27.50
C SER B 173 -8.50 -44.47 27.55
N ASP B 174 -8.72 -44.95 28.77
CA ASP B 174 -9.44 -46.20 28.97
C ASP B 174 -10.93 -46.00 29.07
N VAL B 175 -11.38 -44.85 29.54
CA VAL B 175 -12.80 -44.50 29.60
C VAL B 175 -12.97 -43.12 28.99
N ALA B 176 -13.72 -43.05 27.89
CA ALA B 176 -14.05 -41.79 27.24
C ALA B 176 -15.53 -41.52 27.43
N ILE B 177 -15.86 -40.40 28.05
CA ILE B 177 -17.23 -40.04 28.41
C ILE B 177 -17.62 -38.79 27.66
N LEU B 178 -18.57 -38.92 26.74
CA LEU B 178 -19.01 -37.80 25.91
C LEU B 178 -20.22 -37.14 26.55
N ILE B 179 -20.02 -35.92 27.06
CA ILE B 179 -21.14 -35.10 27.50
C ILE B 179 -21.78 -34.49 26.26
N GLY B 180 -23.09 -34.66 26.12
CA GLY B 180 -23.77 -34.26 24.91
C GLY B 180 -25.13 -33.65 25.18
N HIS B 181 -25.58 -32.86 24.21
CA HIS B 181 -26.87 -32.17 24.28
C HIS B 181 -27.71 -32.61 23.08
N THR B 182 -28.72 -33.44 23.34
CA THR B 182 -29.66 -33.89 22.30
C THR B 182 -30.61 -32.73 22.00
N GLN B 183 -30.09 -31.76 21.25
CA GLN B 183 -30.83 -30.55 20.93
C GLN B 183 -30.91 -30.39 19.42
N GLY B 184 -31.87 -29.58 18.98
CA GLY B 184 -32.06 -29.35 17.55
C GLY B 184 -30.83 -28.82 16.85
N ASN B 185 -30.42 -29.50 15.79
CA ASN B 185 -29.21 -29.13 15.06
C ASN B 185 -29.47 -29.29 13.56
N PRO B 186 -29.23 -28.25 12.76
CA PRO B 186 -29.32 -28.41 11.31
C PRO B 186 -28.32 -29.42 10.77
N TYR B 187 -27.27 -29.74 11.51
CA TYR B 187 -26.25 -30.70 11.11
C TYR B 187 -26.58 -32.05 11.74
N GLY B 188 -26.99 -33.01 10.91
CA GLY B 188 -27.21 -34.36 11.38
C GLY B 188 -28.45 -34.58 12.21
N GLY B 189 -29.36 -33.60 12.27
CA GLY B 189 -30.58 -33.76 13.03
C GLY B 189 -30.47 -33.27 14.46
N TYR B 190 -29.57 -33.85 15.24
CA TYR B 190 -29.41 -33.50 16.64
C TYR B 190 -27.93 -33.34 16.96
N SER B 191 -27.66 -32.74 18.11
CA SER B 191 -26.30 -32.58 18.61
C SER B 191 -25.97 -33.72 19.58
N GLY B 192 -24.69 -33.87 19.86
CA GLY B 192 -24.26 -34.95 20.73
C GLY B 192 -24.36 -36.31 20.05
N GLY B 193 -24.38 -37.34 20.89
CA GLY B 193 -24.44 -38.69 20.37
C GLY B 193 -23.19 -39.03 19.57
N TYR B 194 -23.39 -39.65 18.41
CA TYR B 194 -22.25 -39.96 17.54
C TYR B 194 -21.71 -38.70 16.86
N LYS B 195 -22.54 -37.67 16.71
CA LYS B 195 -22.06 -36.42 16.15
C LYS B 195 -21.01 -35.79 17.06
N HIS B 196 -21.19 -35.91 18.37
CA HIS B 196 -20.23 -35.33 19.32
C HIS B 196 -18.82 -35.83 19.07
N CYS B 197 -18.64 -37.15 19.00
CA CYS B 197 -17.31 -37.69 18.74
C CYS B 197 -16.89 -37.44 17.30
N SER B 198 -17.82 -37.59 16.35
CA SER B 198 -17.47 -37.49 14.93
C SER B 198 -17.11 -36.08 14.52
N THR B 199 -17.42 -35.07 15.33
CA THR B 199 -17.15 -33.69 14.96
C THR B 199 -16.29 -32.93 15.95
N GLY B 200 -16.49 -33.11 17.26
CA GLY B 200 -15.82 -32.28 18.24
C GLY B 200 -14.41 -32.67 18.58
N ILE B 201 -14.03 -33.92 18.32
CA ILE B 201 -12.69 -34.39 18.63
C ILE B 201 -12.06 -35.03 17.39
N THR B 202 -12.47 -34.58 16.22
CA THR B 202 -11.98 -35.14 14.97
C THR B 202 -11.04 -34.17 14.26
N HIS B 203 -10.53 -34.59 13.12
CA HIS B 203 -9.77 -33.76 12.20
C HIS B 203 -10.71 -33.15 11.18
N TRP B 204 -10.27 -32.04 10.58
CA TRP B 204 -11.09 -31.42 9.53
C TRP B 204 -11.34 -32.39 8.39
N LYS B 205 -10.42 -33.34 8.17
CA LYS B 205 -10.62 -34.34 7.13
C LYS B 205 -11.81 -35.24 7.45
N SER B 206 -12.03 -35.54 8.73
CA SER B 206 -13.22 -36.29 9.12
C SER B 206 -14.49 -35.48 8.86
N ILE B 207 -14.47 -34.19 9.21
CA ILE B 207 -15.61 -33.32 8.94
C ILE B 207 -15.88 -33.20 7.44
N ALA B 208 -14.82 -33.24 6.63
CA ALA B 208 -14.98 -33.16 5.18
C ALA B 208 -15.79 -34.32 4.61
N SER B 209 -15.93 -35.40 5.38
CA SER B 209 -16.75 -36.52 4.92
C SER B 209 -18.21 -36.11 4.77
N HIS B 210 -18.75 -35.43 5.77
CA HIS B 210 -20.17 -35.10 5.83
C HIS B 210 -20.48 -33.64 5.55
N HIS B 211 -19.62 -32.71 5.96
CA HIS B 211 -19.88 -31.29 5.74
C HIS B 211 -19.57 -30.85 4.31
N VAL B 212 -19.35 -31.80 3.40
CA VAL B 212 -19.18 -31.50 1.98
C VAL B 212 -20.56 -31.33 1.38
N PRO B 213 -20.74 -30.46 0.36
CA PRO B 213 -22.04 -30.39 -0.33
C PRO B 213 -22.45 -31.71 -0.96
N LYS B 214 -21.50 -32.60 -1.27
CA LYS B 214 -21.85 -33.92 -1.77
C LYS B 214 -22.68 -34.71 -0.76
N VAL B 215 -22.61 -34.35 0.52
CA VAL B 215 -23.39 -34.99 1.55
C VAL B 215 -24.47 -34.07 2.13
N MET B 216 -24.18 -32.78 2.28
CA MET B 216 -25.15 -31.87 2.89
C MET B 216 -26.05 -31.19 1.86
N HIS B 217 -25.59 -31.00 0.63
CA HIS B 217 -26.42 -30.40 -0.41
C HIS B 217 -27.09 -31.49 -1.25
N ARG B 218 -27.89 -32.32 -0.58
CA ARG B 218 -28.67 -33.36 -1.23
C ARG B 218 -30.08 -33.36 -0.67
N LYS B 219 -30.93 -34.20 -1.26
CA LYS B 219 -32.36 -34.17 -0.95
C LYS B 219 -32.65 -34.54 0.50
N ASP B 220 -31.99 -35.58 1.01
CA ASP B 220 -32.31 -36.08 2.35
C ASP B 220 -31.84 -35.13 3.45
N PHE B 221 -31.02 -34.13 3.14
CA PHE B 221 -30.57 -33.19 4.15
C PHE B 221 -31.53 -32.03 4.36
N VAL B 222 -32.34 -31.70 3.36
CA VAL B 222 -33.25 -30.56 3.42
C VAL B 222 -34.68 -31.06 3.21
N PRO B 223 -35.55 -30.99 4.23
CA PRO B 223 -35.27 -30.59 5.63
C PRO B 223 -34.50 -31.68 6.36
N VAL B 224 -33.75 -31.35 7.40
CA VAL B 224 -32.93 -32.35 8.08
C VAL B 224 -33.81 -33.28 8.89
N ASN B 225 -33.39 -34.53 8.98
CA ASN B 225 -34.10 -35.57 9.71
C ASN B 225 -33.08 -36.38 10.49
N ASN B 226 -33.52 -37.51 11.04
CA ASN B 226 -32.65 -38.39 11.80
C ASN B 226 -32.10 -39.54 10.96
N ASN B 227 -32.40 -39.58 9.67
CA ASN B 227 -31.91 -40.61 8.77
C ASN B 227 -31.19 -40.00 7.57
N SER B 228 -30.62 -38.81 7.75
CA SER B 228 -29.88 -38.16 6.68
C SER B 228 -28.52 -38.84 6.48
N LEU B 229 -27.90 -38.55 5.32
CA LEU B 229 -26.60 -39.12 5.04
C LEU B 229 -25.54 -38.62 6.02
N MET B 230 -25.63 -37.35 6.41
CA MET B 230 -24.64 -36.78 7.32
C MET B 230 -24.66 -37.49 8.67
N ARG B 231 -25.85 -37.82 9.18
CA ARG B 231 -25.93 -38.61 10.41
C ARG B 231 -25.36 -40.01 10.20
N HIS B 232 -25.51 -40.56 8.99
CA HIS B 232 -24.90 -41.85 8.71
C HIS B 232 -23.38 -41.78 8.79
N LYS B 233 -22.78 -40.71 8.24
CA LYS B 233 -21.34 -40.53 8.36
C LYS B 233 -20.93 -40.31 9.81
N PHE B 234 -21.72 -39.56 10.56
CA PHE B 234 -21.48 -39.41 12.00
C PHE B 234 -21.39 -40.76 12.68
N ASP B 235 -22.38 -41.61 12.45
CA ASP B 235 -22.41 -42.93 13.09
C ASP B 235 -21.25 -43.79 12.62
N GLU B 236 -20.92 -43.74 11.33
CA GLU B 236 -19.83 -44.55 10.81
C GLU B 236 -18.51 -44.16 11.46
N ILE B 237 -18.24 -42.85 11.55
CA ILE B 237 -17.01 -42.40 12.20
C ILE B 237 -17.02 -42.77 13.68
N GLY B 238 -18.18 -42.67 14.33
CA GLY B 238 -18.26 -43.05 15.74
C GLY B 238 -17.92 -44.51 15.98
N MET B 239 -18.53 -45.41 15.22
CA MET B 239 -18.22 -46.82 15.41
C MET B 239 -16.81 -47.16 14.94
N HIS B 240 -16.26 -46.40 13.99
CA HIS B 240 -14.85 -46.57 13.66
C HIS B 240 -13.98 -46.23 14.86
N MET B 241 -14.31 -45.15 15.57
CA MET B 241 -13.61 -44.83 16.80
C MET B 241 -13.74 -45.94 17.83
N GLU B 242 -14.96 -46.48 17.99
CA GLU B 242 -15.15 -47.54 18.97
C GLU B 242 -14.34 -48.78 18.62
N GLU B 243 -14.29 -49.13 17.33
CA GLU B 243 -13.53 -50.31 16.91
C GLU B 243 -12.04 -50.11 17.11
N LYS B 244 -11.51 -48.95 16.70
CA LYS B 244 -10.07 -48.73 16.78
C LYS B 244 -9.61 -48.54 18.23
N MET B 245 -10.41 -47.86 19.05
CA MET B 245 -10.02 -47.63 20.44
C MET B 245 -10.11 -48.90 21.27
N GLY B 246 -10.98 -49.83 20.89
CA GLY B 246 -11.26 -50.97 21.73
C GLY B 246 -12.16 -50.65 22.91
N LYS B 247 -12.90 -49.56 22.85
CA LYS B 247 -13.79 -49.15 23.92
C LYS B 247 -14.94 -48.36 23.34
N LYS B 248 -16.01 -48.23 24.12
CA LYS B 248 -17.21 -47.52 23.71
C LYS B 248 -17.34 -46.22 24.49
N PHE B 249 -17.75 -45.16 23.81
CA PHE B 249 -18.01 -43.88 24.46
C PHE B 249 -19.17 -44.01 25.44
N PHE B 250 -18.98 -43.50 26.65
CA PHE B 250 -20.09 -43.35 27.61
C PHE B 250 -20.79 -42.05 27.24
N CYS B 251 -21.87 -42.17 26.47
CA CYS B 251 -22.53 -41.01 25.89
C CYS B 251 -23.56 -40.48 26.88
N CYS B 252 -23.10 -39.62 27.80
CA CYS B 252 -23.97 -38.97 28.78
C CYS B 252 -24.58 -37.75 28.09
N ASP B 253 -25.80 -37.92 27.59
CA ASP B 253 -26.48 -36.87 26.83
C ASP B 253 -27.75 -36.44 27.55
N ALA B 254 -28.07 -35.16 27.43
CA ALA B 254 -29.30 -34.62 27.98
C ALA B 254 -30.07 -33.92 26.88
N VAL B 255 -31.36 -34.20 26.79
CA VAL B 255 -32.24 -33.47 25.88
C VAL B 255 -32.50 -32.10 26.47
N LEU B 256 -32.31 -31.05 25.67
CA LEU B 256 -32.45 -29.69 26.14
C LEU B 256 -33.63 -29.02 25.46
N ASP B 257 -34.35 -28.21 26.23
CA ASP B 257 -35.45 -27.42 25.70
C ASP B 257 -34.87 -26.16 25.03
N THR B 258 -35.74 -25.21 24.71
CA THR B 258 -35.27 -23.99 24.05
C THR B 258 -34.50 -23.08 25.00
N LYS B 259 -34.59 -23.32 26.31
CA LYS B 259 -33.83 -22.56 27.30
C LYS B 259 -32.67 -23.34 27.87
N SER B 260 -32.21 -24.37 27.16
CA SER B 260 -31.06 -25.19 27.55
C SER B 260 -31.27 -25.89 28.89
N ARG B 261 -32.51 -26.17 29.26
CA ARG B 261 -32.82 -26.89 30.48
C ARG B 261 -33.07 -28.36 30.16
N GLN B 262 -32.59 -29.23 31.04
CA GLN B 262 -32.67 -30.67 30.79
C GLN B 262 -34.10 -31.17 30.94
N ILE B 263 -34.56 -31.92 29.95
CA ILE B 263 -35.84 -32.61 30.03
C ILE B 263 -35.65 -34.07 30.43
N GLU B 264 -34.62 -34.71 29.88
CA GLU B 264 -34.19 -36.03 30.32
C GLU B 264 -32.70 -36.15 30.05
N ILE B 265 -32.07 -37.09 30.75
CA ILE B 265 -30.64 -37.35 30.61
C ILE B 265 -30.45 -38.77 30.14
N ASN B 266 -29.62 -38.95 29.12
CA ASN B 266 -29.36 -40.24 28.50
C ASN B 266 -27.89 -40.56 28.65
N SER B 267 -27.59 -41.75 29.18
CA SER B 267 -26.21 -42.21 29.34
C SER B 267 -26.08 -43.63 28.82
N GLY B 268 -24.87 -43.97 28.37
CA GLY B 268 -24.57 -45.28 27.85
C GLY B 268 -23.94 -45.19 26.48
N ALA B 269 -24.18 -46.23 25.67
CA ALA B 269 -23.65 -46.26 24.32
C ALA B 269 -24.30 -45.15 23.48
N ALA B 270 -23.55 -44.68 22.48
CA ALA B 270 -24.04 -43.59 21.64
C ALA B 270 -25.30 -44.00 20.88
N ASP B 271 -25.32 -45.23 20.35
CA ASP B 271 -26.47 -45.68 19.56
C ASP B 271 -27.72 -45.82 20.43
N GLU B 272 -27.58 -46.48 21.59
CA GLU B 272 -28.72 -46.67 22.47
C GLU B 272 -29.24 -45.34 23.01
N VAL B 273 -28.32 -44.45 23.39
CA VAL B 273 -28.72 -43.12 23.83
C VAL B 273 -29.45 -42.39 22.72
N GLN B 274 -28.96 -42.50 21.49
CA GLN B 274 -29.61 -41.89 20.34
C GLN B 274 -31.04 -42.41 20.19
N LYS B 275 -31.20 -43.74 20.21
CA LYS B 275 -32.54 -44.31 20.03
C LYS B 275 -33.48 -43.89 21.15
N LYS B 276 -33.00 -43.87 22.40
CA LYS B 276 -33.90 -43.59 23.51
C LYS B 276 -34.25 -42.11 23.58
N ALA B 277 -33.33 -41.22 23.23
CA ALA B 277 -33.58 -39.78 23.30
C ALA B 277 -34.15 -39.20 22.02
N TRP B 278 -34.20 -39.98 20.93
CA TRP B 278 -34.70 -39.44 19.67
C TRP B 278 -36.19 -39.09 19.75
N LYS B 279 -36.97 -39.87 20.49
CA LYS B 279 -38.39 -39.57 20.62
C LYS B 279 -38.62 -38.23 21.28
N LEU B 280 -37.92 -37.96 22.39
CA LEU B 280 -38.11 -36.69 23.07
C LEU B 280 -37.45 -35.55 22.30
N GLY B 281 -36.39 -35.82 21.55
CA GLY B 281 -35.85 -34.81 20.66
C GLY B 281 -36.84 -34.41 19.58
N ASN B 282 -37.52 -35.39 18.99
CA ASN B 282 -38.56 -35.09 18.01
C ASN B 282 -39.71 -34.32 18.66
N ALA B 283 -40.09 -34.71 19.88
CA ALA B 283 -41.13 -33.96 20.59
C ALA B 283 -40.67 -32.56 20.95
N ARG B 284 -39.36 -32.32 20.97
CA ARG B 284 -38.80 -31.03 21.36
C ARG B 284 -38.52 -30.13 20.16
N THR B 285 -37.80 -30.64 19.15
CA THR B 285 -37.38 -29.82 18.02
C THR B 285 -38.36 -29.86 16.86
N TYR B 286 -38.77 -31.05 16.44
CA TYR B 286 -39.69 -31.20 15.31
C TYR B 286 -41.10 -30.85 15.79
N VAL B 287 -41.44 -29.58 15.70
CA VAL B 287 -42.70 -29.05 16.23
C VAL B 287 -43.71 -28.97 15.10
N PRO B 288 -44.84 -29.68 15.18
CA PRO B 288 -45.89 -29.53 14.15
C PRO B 288 -46.77 -28.33 14.42
N PHE B 289 -46.33 -27.15 13.99
CA PHE B 289 -47.02 -25.89 14.31
C PHE B 289 -47.81 -25.31 13.15
N ALA B 290 -47.28 -25.37 11.93
CA ALA B 290 -47.87 -24.65 10.81
C ALA B 290 -49.15 -25.31 10.34
N GLU B 291 -50.21 -24.51 10.18
CA GLU B 291 -51.46 -24.97 9.58
C GLU B 291 -51.49 -24.72 8.08
N LYS B 292 -50.51 -24.03 7.52
CA LYS B 292 -50.47 -23.74 6.11
C LYS B 292 -49.03 -23.47 5.70
N LYS B 293 -48.79 -23.54 4.39
CA LYS B 293 -47.47 -23.20 3.85
C LYS B 293 -47.23 -21.69 3.99
N TYR B 294 -46.02 -21.34 4.40
CA TYR B 294 -45.65 -19.94 4.59
C TYR B 294 -44.84 -19.44 3.41
N ASP B 295 -45.31 -18.37 2.79
CA ASP B 295 -44.63 -17.79 1.64
C ASP B 295 -43.52 -16.83 2.03
N ILE B 296 -43.67 -16.12 3.14
CA ILE B 296 -42.65 -15.22 3.66
C ILE B 296 -42.32 -15.66 5.08
N ILE B 297 -41.03 -15.83 5.35
CA ILE B 297 -40.54 -16.10 6.70
C ILE B 297 -39.71 -14.90 7.12
N VAL B 298 -40.16 -14.22 8.17
CA VAL B 298 -39.51 -13.02 8.68
C VAL B 298 -38.86 -13.33 10.01
N PHE B 299 -37.57 -13.05 10.13
CA PHE B 299 -36.85 -13.21 11.37
C PHE B 299 -35.76 -12.16 11.43
N GLY B 300 -35.12 -12.07 12.59
CA GLY B 300 -34.05 -11.12 12.82
C GLY B 300 -32.76 -11.82 13.17
N MET B 301 -31.64 -11.16 12.85
CA MET B 301 -30.33 -11.71 13.12
C MET B 301 -29.53 -10.77 14.01
N PRO B 302 -29.17 -11.17 15.22
CA PRO B 302 -28.25 -10.36 16.02
C PRO B 302 -26.82 -10.57 15.58
N GLN B 303 -25.95 -9.64 15.99
CA GLN B 303 -24.53 -9.79 15.70
C GLN B 303 -23.96 -11.02 16.39
N PHE B 304 -24.36 -11.25 17.64
CA PHE B 304 -23.88 -12.38 18.43
C PHE B 304 -24.98 -13.42 18.54
N PHE B 305 -24.69 -14.63 18.06
CA PHE B 305 -25.50 -15.82 18.27
C PHE B 305 -24.76 -17.00 17.67
N HIS B 306 -25.18 -18.21 18.07
CA HIS B 306 -24.59 -19.44 17.57
C HIS B 306 -23.09 -19.49 17.80
N TYR B 307 -22.31 -19.24 16.76
CA TYR B 307 -20.86 -19.43 16.83
C TYR B 307 -20.13 -18.27 17.49
N GLY B 308 -20.77 -17.12 17.66
CA GLY B 308 -20.15 -16.04 18.40
C GLY B 308 -20.41 -14.71 17.73
N ASP B 309 -19.56 -13.75 18.08
CA ASP B 309 -19.72 -12.38 17.59
C ASP B 309 -19.51 -12.31 16.08
N GLY B 310 -20.28 -11.45 15.43
CA GLY B 310 -20.21 -11.30 14.00
C GLY B 310 -20.94 -12.36 13.21
N MET B 311 -21.59 -13.31 13.88
CA MET B 311 -22.30 -14.37 13.17
C MET B 311 -23.42 -13.80 12.32
N GLY B 312 -24.14 -12.79 12.82
CA GLY B 312 -25.14 -12.09 12.06
C GLY B 312 -24.64 -10.94 11.24
N THR B 313 -23.35 -10.65 11.27
CA THR B 313 -22.76 -9.60 10.46
C THR B 313 -21.78 -10.13 9.42
N ASN B 314 -21.03 -11.18 9.74
CA ASN B 314 -20.16 -11.80 8.75
C ASN B 314 -21.03 -12.38 7.64
N PRO B 315 -20.76 -12.03 6.38
CA PRO B 315 -21.66 -12.48 5.29
C PRO B 315 -21.78 -13.99 5.20
N ILE B 316 -20.70 -14.72 5.43
CA ILE B 316 -20.73 -16.17 5.26
C ILE B 316 -21.48 -16.84 6.41
N MET B 317 -21.20 -16.43 7.66
CA MET B 317 -22.03 -16.91 8.77
C MET B 317 -23.46 -16.42 8.67
N LEU B 318 -23.68 -15.25 8.07
CA LEU B 318 -25.03 -14.77 7.83
C LEU B 318 -25.78 -15.72 6.91
N MET B 319 -25.17 -16.07 5.77
CA MET B 319 -25.77 -17.06 4.88
C MET B 319 -25.92 -18.41 5.54
N GLN B 320 -24.98 -18.80 6.40
CA GLN B 320 -25.10 -20.09 7.08
C GLN B 320 -26.29 -20.09 8.03
N ALA B 321 -26.51 -18.99 8.75
CA ALA B 321 -27.68 -18.90 9.61
C ALA B 321 -28.97 -18.92 8.79
N LEU B 322 -28.98 -18.21 7.66
CA LEU B 322 -30.15 -18.25 6.78
C LEU B 322 -30.43 -19.66 6.29
N SER B 323 -29.37 -20.40 5.92
CA SER B 323 -29.54 -21.76 5.43
C SER B 323 -29.95 -22.71 6.56
N ALA B 324 -29.48 -22.45 7.78
CA ALA B 324 -29.95 -23.22 8.92
C ALA B 324 -31.44 -23.00 9.13
N GLN B 325 -31.90 -21.76 8.98
CA GLN B 325 -33.34 -21.49 9.04
C GLN B 325 -34.07 -22.23 7.93
N VAL B 326 -33.49 -22.25 6.73
CA VAL B 326 -34.08 -22.99 5.61
C VAL B 326 -34.22 -24.47 5.98
N ILE B 327 -33.16 -25.06 6.52
CA ILE B 327 -33.16 -26.47 6.88
C ILE B 327 -34.22 -26.75 7.94
N ARG B 328 -34.33 -25.86 8.95
CA ARG B 328 -35.27 -26.09 10.02
C ARG B 328 -36.72 -25.96 9.54
N HIS B 329 -37.02 -24.94 8.74
CA HIS B 329 -38.40 -24.60 8.43
C HIS B 329 -38.82 -24.97 7.00
N LYS B 330 -38.04 -25.81 6.31
CA LYS B 330 -38.41 -26.20 4.96
C LYS B 330 -39.75 -26.91 4.90
N ARG B 331 -40.15 -27.59 5.99
CA ARG B 331 -41.40 -28.33 5.98
C ARG B 331 -42.61 -27.40 5.92
N ILE B 332 -42.47 -26.16 6.37
CA ILE B 332 -43.57 -25.21 6.40
C ILE B 332 -43.46 -24.16 5.29
N MET B 333 -42.51 -24.33 4.37
CA MET B 333 -42.22 -23.34 3.35
C MET B 333 -42.89 -23.69 2.03
N SER B 334 -43.41 -22.67 1.36
CA SER B 334 -43.83 -22.83 -0.02
C SER B 334 -42.62 -22.94 -0.93
N ASP B 335 -42.85 -23.36 -2.17
CA ASP B 335 -41.76 -23.52 -3.12
C ASP B 335 -41.09 -22.18 -3.43
N ASN B 336 -41.84 -21.09 -3.36
CA ASN B 336 -41.33 -19.75 -3.62
C ASN B 336 -41.12 -18.95 -2.34
N CYS B 337 -40.67 -19.61 -1.28
CA CYS B 337 -40.53 -18.95 0.01
CA CYS B 337 -40.52 -18.96 0.01
C CYS B 337 -39.52 -17.82 -0.06
N VAL B 338 -39.79 -16.74 0.68
CA VAL B 338 -38.95 -15.57 0.74
C VAL B 338 -38.52 -15.35 2.17
N PHE B 339 -37.22 -15.17 2.38
CA PHE B 339 -36.66 -14.82 3.68
C PHE B 339 -36.47 -13.32 3.76
N ILE B 340 -36.98 -12.71 4.82
CA ILE B 340 -36.76 -11.31 5.11
C ILE B 340 -36.10 -11.25 6.48
N CYS B 341 -34.79 -11.05 6.50
CA CYS B 341 -34.00 -11.10 7.72
C CYS B 341 -33.39 -9.72 7.99
N ALA B 342 -33.57 -9.25 9.22
CA ALA B 342 -32.87 -8.05 9.67
C ALA B 342 -31.48 -8.43 10.15
N SER B 343 -30.46 -7.74 9.65
CA SER B 343 -29.10 -8.00 10.04
C SER B 343 -28.28 -6.73 9.87
N THR B 344 -27.38 -6.49 10.83
CA THR B 344 -26.42 -5.39 10.71
C THR B 344 -25.21 -5.88 9.92
N CYS B 345 -25.44 -6.12 8.63
CA CYS B 345 -24.40 -6.58 7.72
C CYS B 345 -23.47 -5.40 7.44
N ASN B 346 -22.68 -5.07 8.46
CA ASN B 346 -21.80 -3.91 8.45
C ASN B 346 -20.39 -4.25 8.02
N GLY B 347 -20.16 -5.43 7.47
CA GLY B 347 -18.83 -5.83 7.08
C GLY B 347 -17.95 -6.30 8.20
N TYR B 348 -18.49 -6.45 9.42
CA TYR B 348 -17.72 -6.97 10.54
C TYR B 348 -17.57 -8.47 10.34
N PHE B 349 -16.45 -8.87 9.73
CA PHE B 349 -16.19 -10.28 9.47
C PHE B 349 -15.80 -11.04 10.73
N ASN B 350 -15.42 -10.33 11.80
CA ASN B 350 -14.84 -10.94 12.99
C ASN B 350 -13.66 -11.84 12.63
N GLU B 351 -12.61 -11.17 12.12
CA GLU B 351 -11.41 -11.87 11.70
C GLU B 351 -10.76 -12.64 12.85
N SER B 352 -10.95 -12.17 14.09
CA SER B 352 -10.46 -12.93 15.23
C SER B 352 -11.14 -14.29 15.32
N LEU B 353 -12.45 -14.32 15.15
CA LEU B 353 -13.18 -15.58 15.16
C LEU B 353 -12.97 -16.35 13.86
N TRP B 354 -13.05 -15.67 12.72
CA TRP B 354 -12.96 -16.28 11.40
C TRP B 354 -11.98 -15.50 10.55
N PRO B 355 -10.67 -15.75 10.69
CA PRO B 355 -9.70 -15.03 9.86
C PRO B 355 -9.72 -15.46 8.41
N TYR B 356 -10.11 -16.71 8.14
CA TYR B 356 -10.17 -17.24 6.79
C TYR B 356 -11.37 -16.74 6.01
N LEU B 357 -12.36 -16.17 6.69
CA LEU B 357 -13.62 -15.84 6.06
C LEU B 357 -13.55 -14.63 5.14
N PRO B 358 -12.77 -13.58 5.44
CA PRO B 358 -12.57 -12.55 4.42
C PRO B 358 -12.01 -13.10 3.12
N GLU B 359 -11.01 -13.99 3.20
CA GLU B 359 -10.46 -14.59 2.00
C GLU B 359 -11.48 -15.50 1.32
N LEU B 360 -12.28 -16.23 2.11
CA LEU B 360 -13.30 -17.09 1.53
C LEU B 360 -14.36 -16.27 0.79
N TYR B 361 -14.78 -15.15 1.39
CA TYR B 361 -15.75 -14.27 0.75
C TYR B 361 -15.17 -13.66 -0.52
N ASP B 362 -13.91 -13.23 -0.48
CA ASP B 362 -13.27 -12.70 -1.67
C ASP B 362 -13.17 -13.76 -2.76
N LEU B 363 -12.85 -14.99 -2.38
CA LEU B 363 -12.80 -16.09 -3.34
C LEU B 363 -14.17 -16.34 -3.95
N PHE B 364 -15.23 -16.25 -3.14
CA PHE B 364 -16.59 -16.37 -3.65
C PHE B 364 -16.90 -15.27 -4.65
N GLN B 365 -16.50 -14.04 -4.34
CA GLN B 365 -16.77 -12.92 -5.24
C GLN B 365 -16.02 -13.06 -6.56
N LYS B 366 -14.74 -13.44 -6.50
CA LYS B 366 -13.95 -13.55 -7.72
C LYS B 366 -14.31 -14.78 -8.55
N GLU B 367 -14.69 -15.88 -7.93
CA GLU B 367 -14.88 -17.12 -8.68
C GLU B 367 -16.28 -17.71 -8.57
N GLY B 368 -16.88 -17.68 -7.38
CA GLY B 368 -18.09 -18.46 -7.16
C GLY B 368 -19.38 -17.83 -7.63
N ASN B 369 -20.06 -18.49 -8.57
CA ASN B 369 -21.45 -18.15 -8.85
C ASN B 369 -22.35 -18.57 -7.69
N THR B 370 -22.12 -19.76 -7.17
CA THR B 370 -22.77 -20.25 -5.96
C THR B 370 -21.68 -20.66 -4.97
N LEU B 371 -22.09 -20.91 -3.73
CA LEU B 371 -21.10 -21.21 -2.69
C LEU B 371 -20.48 -22.59 -2.84
N VAL B 372 -21.18 -23.53 -3.47
CA VAL B 372 -20.60 -24.85 -3.71
C VAL B 372 -19.38 -24.76 -4.62
N ASP B 373 -19.32 -23.74 -5.48
CA ASP B 373 -18.13 -23.54 -6.30
C ASP B 373 -16.89 -23.33 -5.45
N LEU B 374 -17.05 -22.92 -4.19
CA LEU B 374 -15.91 -22.75 -3.31
C LEU B 374 -15.41 -24.04 -2.72
N ASN B 375 -16.21 -25.12 -2.74
CA ASN B 375 -15.86 -26.32 -1.99
C ASN B 375 -14.52 -26.90 -2.41
N GLN B 376 -14.14 -26.75 -3.68
CA GLN B 376 -12.88 -27.29 -4.16
C GLN B 376 -11.67 -26.69 -3.45
N TYR B 377 -11.84 -25.54 -2.79
CA TYR B 377 -10.76 -24.87 -2.07
C TYR B 377 -10.75 -25.22 -0.60
N GLY B 378 -11.61 -26.14 -0.14
CA GLY B 378 -11.69 -26.45 1.27
C GLY B 378 -10.34 -26.79 1.87
N GLU B 379 -9.71 -27.86 1.35
CA GLU B 379 -8.38 -28.23 1.82
C GLU B 379 -7.41 -27.07 1.74
N TYR B 380 -7.53 -26.22 0.71
CA TYR B 380 -6.62 -25.09 0.58
C TYR B 380 -6.70 -24.18 1.80
N PHE B 381 -7.91 -23.93 2.30
CA PHE B 381 -8.01 -23.18 3.55
C PHE B 381 -7.67 -24.09 4.73
N ALA B 382 -8.08 -25.35 4.67
CA ALA B 382 -7.90 -26.24 5.81
C ALA B 382 -6.44 -26.55 6.09
N THR B 383 -5.57 -26.40 5.09
CA THR B 383 -4.14 -26.59 5.27
C THR B 383 -3.38 -25.28 5.33
N ASN B 384 -4.09 -24.14 5.35
CA ASN B 384 -3.43 -22.84 5.41
C ASN B 384 -2.73 -22.68 6.75
N GLU B 385 -1.42 -22.39 6.72
CA GLU B 385 -0.63 -22.39 7.94
C GLU B 385 -1.08 -21.29 8.91
N GLU B 386 -1.33 -20.09 8.40
CA GLU B 386 -1.68 -18.98 9.28
C GLU B 386 -3.06 -19.19 9.91
N TYR B 387 -4.03 -19.64 9.11
CA TYR B 387 -5.35 -19.91 9.67
C TYR B 387 -5.32 -21.05 10.67
N ILE B 388 -4.52 -22.09 10.39
CA ILE B 388 -4.35 -23.18 11.33
C ILE B 388 -3.74 -22.67 12.63
N ARG B 389 -2.74 -21.79 12.53
CA ARG B 389 -2.12 -21.22 13.71
C ARG B 389 -3.12 -20.40 14.51
N LYS B 390 -3.96 -19.62 13.83
CA LYS B 390 -4.96 -18.83 14.52
C LYS B 390 -5.99 -19.74 15.21
N TYR B 391 -6.35 -20.84 14.57
CA TYR B 391 -7.26 -21.80 15.21
C TYR B 391 -6.60 -22.43 16.44
N ARG B 392 -5.32 -22.77 16.35
CA ARG B 392 -4.66 -23.49 17.42
C ARG B 392 -4.33 -22.60 18.61
N TYR B 393 -3.99 -21.33 18.36
CA TYR B 393 -3.45 -20.49 19.43
C TYR B 393 -4.23 -19.20 19.62
N ALA B 394 -4.77 -18.64 18.54
CA ALA B 394 -5.50 -17.38 18.60
C ALA B 394 -6.99 -17.58 18.82
N HIS B 395 -7.42 -18.80 19.15
CA HIS B 395 -8.81 -19.12 19.47
C HIS B 395 -9.74 -18.75 18.32
N ALA B 396 -9.29 -18.98 17.10
CA ALA B 396 -10.11 -18.79 15.92
C ALA B 396 -10.74 -20.12 15.51
N PHE B 397 -11.79 -20.02 14.70
CA PHE B 397 -12.39 -21.21 14.11
C PHE B 397 -11.40 -21.85 13.14
N HIS B 398 -11.48 -23.17 13.04
CA HIS B 398 -10.68 -23.86 12.04
C HIS B 398 -11.12 -23.41 10.64
N PRO B 399 -10.19 -23.24 9.70
CA PRO B 399 -10.58 -22.74 8.37
C PRO B 399 -11.64 -23.57 7.70
N PHE B 400 -11.51 -24.90 7.73
CA PHE B 400 -12.46 -25.75 7.01
C PHE B 400 -13.88 -25.60 7.55
N HIS B 401 -14.03 -25.22 8.81
CA HIS B 401 -15.36 -24.94 9.35
C HIS B 401 -16.11 -23.95 8.48
N GLY B 402 -15.43 -22.89 8.03
CA GLY B 402 -16.08 -21.93 7.16
C GLY B 402 -16.63 -22.56 5.91
N PHE B 403 -15.89 -23.52 5.33
CA PHE B 403 -16.41 -24.24 4.18
C PHE B 403 -17.66 -25.03 4.54
N SER B 404 -17.66 -25.69 5.71
CA SER B 404 -18.89 -26.27 6.20
C SER B 404 -20.00 -25.24 6.16
N MET B 405 -19.71 -24.04 6.67
CA MET B 405 -20.69 -22.96 6.63
C MET B 405 -21.17 -22.72 5.21
N ILE B 406 -20.26 -22.51 4.25
CA ILE B 406 -20.73 -22.24 2.91
C ILE B 406 -21.40 -23.47 2.34
N SER B 407 -20.94 -24.67 2.71
CA SER B 407 -21.60 -25.89 2.26
C SER B 407 -23.03 -25.93 2.78
N CYS B 408 -23.23 -25.44 4.01
CA CYS B 408 -24.59 -25.21 4.48
C CYS B 408 -25.21 -24.01 3.80
N ALA B 409 -24.45 -22.92 3.68
CA ALA B 409 -25.02 -21.64 3.31
C ALA B 409 -25.62 -21.64 1.91
N HIS B 410 -25.08 -22.45 1.00
CA HIS B 410 -25.64 -22.54 -0.34
C HIS B 410 -27.11 -22.93 -0.31
N LEU B 411 -27.53 -23.72 0.69
CA LEU B 411 -28.93 -24.09 0.81
C LEU B 411 -29.82 -22.86 0.86
N ALA B 412 -29.40 -21.82 1.59
CA ALA B 412 -30.18 -20.59 1.65
C ALA B 412 -30.38 -20.00 0.26
N GLU B 413 -29.34 -20.04 -0.57
CA GLU B 413 -29.48 -19.58 -1.95
C GLU B 413 -30.30 -20.57 -2.76
N LYS B 414 -30.18 -21.86 -2.47
CA LYS B 414 -30.74 -22.87 -3.37
C LYS B 414 -32.25 -22.99 -3.23
N HIS B 415 -32.77 -22.86 -2.01
CA HIS B 415 -34.16 -23.21 -1.74
C HIS B 415 -35.10 -22.02 -1.70
N THR B 416 -34.72 -20.94 -1.04
CA THR B 416 -35.56 -19.75 -1.03
C THR B 416 -35.58 -19.11 -2.41
N ALA B 417 -36.76 -18.58 -2.78
CA ALA B 417 -36.84 -17.80 -4.01
C ALA B 417 -35.96 -16.56 -3.92
N ALA B 418 -36.00 -15.87 -2.78
CA ALA B 418 -35.13 -14.74 -2.53
C ALA B 418 -35.03 -14.53 -1.03
N ILE B 419 -33.89 -14.03 -0.59
CA ILE B 419 -33.67 -13.68 0.80
C ILE B 419 -33.42 -12.18 0.87
N TYR B 420 -34.24 -11.48 1.65
CA TYR B 420 -34.11 -10.04 1.83
C TYR B 420 -33.37 -9.77 3.13
N LEU B 421 -32.22 -9.11 3.02
CA LEU B 421 -31.53 -8.62 4.20
C LEU B 421 -31.96 -7.18 4.45
N VAL B 422 -32.32 -6.89 5.69
CA VAL B 422 -32.91 -5.61 6.05
C VAL B 422 -32.00 -4.93 7.08
N GLY B 423 -31.70 -3.66 6.83
CA GLY B 423 -30.90 -2.89 7.76
C GLY B 423 -29.41 -3.09 7.66
N ALA B 424 -28.92 -3.64 6.55
CA ALA B 424 -27.49 -3.81 6.36
C ALA B 424 -26.79 -2.46 6.31
N GLU B 425 -25.82 -2.27 7.21
CA GLU B 425 -25.01 -1.06 7.16
C GLU B 425 -24.13 -1.05 5.91
N LYS B 426 -23.66 -2.23 5.50
CA LYS B 426 -22.90 -2.41 4.27
C LYS B 426 -23.63 -3.45 3.43
N PRO B 427 -24.64 -3.04 2.66
CA PRO B 427 -25.43 -4.02 1.89
C PRO B 427 -24.64 -4.73 0.80
N GLY B 428 -23.43 -4.26 0.49
CA GLY B 428 -22.66 -4.90 -0.56
C GLY B 428 -22.26 -6.33 -0.20
N TYR B 429 -21.92 -6.57 1.06
CA TYR B 429 -21.58 -7.92 1.48
C TYR B 429 -22.79 -8.86 1.38
N ALA B 430 -23.96 -8.38 1.80
CA ALA B 430 -25.17 -9.17 1.68
C ALA B 430 -25.48 -9.48 0.22
N ARG B 431 -25.35 -8.48 -0.65
CA ARG B 431 -25.60 -8.70 -2.07
C ARG B 431 -24.57 -9.66 -2.67
N GLY B 432 -23.31 -9.54 -2.27
CA GLY B 432 -22.28 -10.46 -2.70
C GLY B 432 -22.49 -11.86 -2.21
N MET B 433 -23.26 -12.03 -1.14
CA MET B 433 -23.73 -13.36 -0.75
C MET B 433 -24.94 -13.80 -1.56
N GLY B 434 -25.49 -12.93 -2.41
CA GLY B 434 -26.70 -13.25 -3.14
C GLY B 434 -27.99 -12.84 -2.46
N LEU B 435 -27.93 -11.92 -1.51
CA LEU B 435 -29.11 -11.48 -0.77
C LEU B 435 -29.61 -10.14 -1.29
N LYS B 436 -30.92 -10.05 -1.50
CA LYS B 436 -31.54 -8.77 -1.80
C LYS B 436 -31.48 -7.88 -0.55
N THR B 437 -31.14 -6.61 -0.77
CA THR B 437 -30.92 -5.68 0.33
C THR B 437 -31.96 -4.57 0.28
N ARG B 438 -32.63 -4.35 1.41
CA ARG B 438 -33.56 -3.24 1.58
C ARG B 438 -33.29 -2.59 2.92
N ALA B 439 -33.54 -1.27 2.99
CA ALA B 439 -33.21 -0.52 4.19
C ALA B 439 -34.07 -0.95 5.37
N THR B 440 -35.37 -1.13 5.15
CA THR B 440 -36.30 -1.42 6.23
C THR B 440 -37.09 -2.69 5.90
N PHE B 441 -37.77 -3.20 6.93
CA PHE B 441 -38.60 -4.38 6.75
C PHE B 441 -39.73 -4.14 5.77
N GLU B 442 -40.31 -2.94 5.79
CA GLU B 442 -41.47 -2.66 4.94
C GLU B 442 -41.11 -2.72 3.46
N GLU B 443 -39.97 -2.14 3.08
CA GLU B 443 -39.57 -2.17 1.68
C GLU B 443 -39.33 -3.61 1.20
N ALA B 444 -38.65 -4.41 2.02
CA ALA B 444 -38.42 -5.81 1.66
C ALA B 444 -39.73 -6.57 1.55
N LEU B 445 -40.67 -6.31 2.47
CA LEU B 445 -41.96 -6.99 2.43
C LEU B 445 -42.73 -6.64 1.16
N GLU B 446 -42.79 -5.35 0.81
CA GLU B 446 -43.48 -4.96 -0.41
C GLU B 446 -42.79 -5.52 -1.65
N ASP B 447 -41.45 -5.53 -1.66
CA ASP B 447 -40.73 -6.10 -2.78
C ASP B 447 -41.01 -7.59 -2.94
N ALA B 448 -41.02 -8.33 -1.82
CA ALA B 448 -41.34 -9.75 -1.88
C ALA B 448 -42.76 -9.99 -2.34
N LYS B 449 -43.70 -9.18 -1.85
CA LYS B 449 -45.09 -9.31 -2.30
C LYS B 449 -45.23 -9.05 -3.78
N LYS B 450 -44.55 -8.02 -4.29
CA LYS B 450 -44.67 -7.69 -5.70
C LYS B 450 -44.00 -8.73 -6.59
N LYS B 451 -42.89 -9.30 -6.14
CA LYS B 451 -42.05 -10.12 -7.00
C LYS B 451 -42.32 -11.62 -6.89
N PHE B 452 -42.48 -12.16 -5.68
CA PHE B 452 -42.48 -13.61 -5.51
C PHE B 452 -43.77 -14.16 -4.93
N VAL B 453 -44.27 -13.59 -3.84
CA VAL B 453 -45.27 -14.25 -3.02
C VAL B 453 -46.69 -13.71 -3.24
N GLY B 454 -46.84 -12.60 -3.94
CA GLY B 454 -48.15 -12.01 -4.13
C GLY B 454 -48.55 -11.07 -3.00
N GLN B 455 -49.67 -10.39 -3.21
CA GLN B 455 -50.11 -9.36 -2.28
C GLN B 455 -50.77 -9.90 -1.02
N GLU B 456 -51.05 -11.20 -0.97
CA GLU B 456 -51.66 -11.83 0.21
C GLU B 456 -50.85 -13.06 0.59
N PRO B 457 -49.65 -12.87 1.13
CA PRO B 457 -48.80 -14.02 1.48
C PRO B 457 -48.99 -14.47 2.92
N ASN B 458 -48.71 -15.76 3.13
CA ASN B 458 -48.67 -16.33 4.47
C ASN B 458 -47.32 -16.01 5.09
N ILE B 459 -47.29 -15.04 6.01
CA ILE B 459 -46.06 -14.53 6.58
C ILE B 459 -45.87 -15.15 7.97
N LEU B 460 -44.71 -15.74 8.19
CA LEU B 460 -44.34 -16.28 9.50
C LEU B 460 -43.28 -15.38 10.13
N ALA B 461 -43.52 -14.99 11.37
CA ALA B 461 -42.59 -14.16 12.11
C ALA B 461 -41.83 -15.02 13.11
N LEU B 462 -40.51 -14.85 13.16
CA LEU B 462 -39.64 -15.56 14.09
C LEU B 462 -38.83 -14.51 14.84
N PRO B 463 -39.42 -13.87 15.85
CA PRO B 463 -38.72 -12.78 16.54
C PRO B 463 -37.55 -13.23 17.38
N LYS B 464 -37.39 -14.54 17.61
CA LYS B 464 -36.26 -15.07 18.36
C LYS B 464 -35.70 -16.30 17.67
N ALA B 465 -35.53 -16.21 16.34
CA ALA B 465 -35.08 -17.35 15.56
C ALA B 465 -33.66 -17.77 15.91
N PHE B 466 -32.86 -16.87 16.48
CA PHE B 466 -31.48 -17.18 16.83
C PHE B 466 -31.13 -16.94 18.28
N LYS B 467 -31.92 -16.15 19.02
CA LYS B 467 -31.65 -15.91 20.42
C LYS B 467 -32.05 -17.09 21.30
N THR B 468 -32.89 -17.98 20.82
CA THR B 468 -33.28 -19.19 21.53
C THR B 468 -32.80 -20.41 20.75
N ALA B 469 -32.88 -21.58 21.40
CA ALA B 469 -32.41 -22.80 20.78
C ALA B 469 -33.27 -23.15 19.57
N ALA B 470 -32.63 -23.82 18.60
CA ALA B 470 -33.28 -24.08 17.32
C ALA B 470 -34.45 -25.05 17.47
N VAL B 471 -35.49 -24.82 16.68
CA VAL B 471 -36.64 -25.71 16.58
C VAL B 471 -36.94 -25.92 15.11
N HIS B 472 -37.23 -27.17 14.73
CA HIS B 472 -37.54 -27.52 13.35
C HIS B 472 -39.06 -27.50 13.18
N LEU B 473 -39.55 -26.49 12.46
CA LEU B 473 -40.99 -26.32 12.28
C LEU B 473 -41.50 -27.23 11.19
N MET B 474 -42.59 -27.94 11.48
CA MET B 474 -43.28 -28.79 10.52
C MET B 474 -44.76 -28.41 10.48
N MET B 475 -45.45 -28.96 9.49
CA MET B 475 -46.89 -28.75 9.38
C MET B 475 -47.61 -29.47 10.51
N LYS B 476 -48.86 -29.04 10.75
CA LYS B 476 -49.64 -29.60 11.85
C LYS B 476 -49.87 -31.10 11.66
N ASN B 477 -50.15 -31.53 10.43
CA ASN B 477 -50.36 -32.95 10.15
C ASN B 477 -49.07 -33.72 9.98
N ASP B 478 -47.92 -33.04 9.94
CA ASP B 478 -46.65 -33.74 9.81
C ASP B 478 -46.31 -34.49 11.10
N LEU B 479 -45.72 -35.66 10.94
CA LEU B 479 -45.31 -36.44 12.10
C LEU B 479 -43.81 -36.27 12.36
N PRO B 480 -43.41 -36.07 13.60
CA PRO B 480 -41.99 -35.93 13.91
C PRO B 480 -41.22 -37.18 13.54
N PRO B 481 -40.07 -37.04 12.88
CA PRO B 481 -39.24 -38.17 12.44
C PRO B 481 -38.66 -38.97 13.60
N LYS C 2 9.61 21.56 42.48
CA LYS C 2 10.62 21.70 41.44
C LYS C 2 11.56 20.50 41.45
N ILE C 3 11.07 19.35 40.95
CA ILE C 3 11.80 18.10 40.97
C ILE C 3 11.93 17.59 39.54
N ASP C 4 13.14 17.19 39.17
CA ASP C 4 13.38 16.63 37.85
C ASP C 4 13.07 15.13 37.85
N PHE C 5 12.32 14.69 36.84
CA PHE C 5 11.94 13.29 36.68
C PHE C 5 12.41 12.81 35.32
N GLU C 6 12.73 11.53 35.22
CA GLU C 6 13.26 10.99 33.96
C GLU C 6 12.22 11.15 32.85
N TYR C 7 12.71 11.53 31.67
CA TYR C 7 11.86 11.87 30.53
C TYR C 7 12.67 11.63 29.26
N GLY C 8 12.41 10.51 28.61
CA GLY C 8 13.16 10.18 27.40
C GLY C 8 14.63 9.99 27.71
N HIS C 9 15.46 10.88 27.17
CA HIS C 9 16.90 10.83 27.40
C HIS C 9 17.35 11.80 28.48
N GLY C 10 16.44 12.49 29.15
CA GLY C 10 16.81 13.50 30.14
C GLY C 10 15.79 13.63 31.23
N THR C 11 15.42 14.88 31.55
CA THR C 11 14.53 15.15 32.66
C THR C 11 13.47 16.17 32.25
N MET C 12 12.30 16.03 32.88
CA MET C 12 11.23 17.02 32.85
C MET C 12 11.01 17.49 34.28
N THR C 13 10.84 18.79 34.46
CA THR C 13 10.71 19.34 35.81
C THR C 13 9.25 19.51 36.19
N ALA C 14 8.92 19.08 37.41
CA ALA C 14 7.58 19.20 37.96
C ALA C 14 7.60 20.22 39.10
N ASP C 15 6.67 21.17 39.04
CA ASP C 15 6.52 22.17 40.10
C ASP C 15 5.58 21.61 41.17
N LEU C 16 6.05 20.54 41.81
CA LEU C 16 5.27 19.87 42.84
C LEU C 16 5.22 20.73 44.10
N PRO C 17 4.19 20.54 44.93
CA PRO C 17 4.12 21.29 46.20
C PRO C 17 5.31 21.02 47.09
N ASP C 18 5.66 22.00 47.91
CA ASP C 18 6.80 21.88 48.81
C ASP C 18 6.62 20.75 49.82
N THR C 19 5.38 20.30 50.04
CA THR C 19 5.12 19.19 50.95
C THR C 19 5.33 17.82 50.31
N THR C 20 5.69 17.79 49.03
CA THR C 20 5.91 16.51 48.35
C THR C 20 7.12 15.80 48.92
N ASP C 21 6.94 14.54 49.29
CA ASP C 21 8.05 13.74 49.79
C ASP C 21 8.81 13.12 48.62
N ILE C 22 10.14 13.19 48.69
CA ILE C 22 11.01 12.72 47.62
C ILE C 22 11.76 11.49 48.12
N PHE C 23 11.69 10.40 47.38
CA PHE C 23 12.42 9.18 47.69
C PHE C 23 13.30 8.82 46.51
N ILE C 24 14.61 8.73 46.75
CA ILE C 24 15.57 8.19 45.79
C ILE C 24 16.08 6.87 46.36
N PRO C 25 15.92 5.76 45.65
CA PRO C 25 16.39 4.47 46.18
C PRO C 25 17.90 4.48 46.40
N GLY C 26 18.30 4.23 47.65
CA GLY C 26 19.69 4.22 48.03
C GLY C 26 20.21 5.53 48.61
N GLU C 27 19.49 6.62 48.42
CA GLU C 27 19.88 7.93 48.93
C GLU C 27 18.97 8.42 50.04
N THR C 28 17.65 8.42 49.82
CA THR C 28 16.72 8.83 50.86
C THR C 28 16.80 7.90 52.07
N VAL C 29 16.86 6.60 51.82
CA VAL C 29 17.08 5.60 52.86
C VAL C 29 18.33 4.82 52.49
N ALA C 30 19.29 4.76 53.42
CA ALA C 30 20.56 4.13 53.13
C ALA C 30 20.39 2.63 52.94
N ASP C 31 21.03 2.09 51.90
CA ASP C 31 21.07 0.66 51.68
C ASP C 31 22.01 0.00 52.70
N PRO C 32 21.89 -1.32 52.87
CA PRO C 32 22.92 -2.03 53.63
C PRO C 32 24.28 -1.79 53.01
N GLU C 33 25.29 -1.61 53.86
CA GLU C 33 26.60 -1.15 53.41
C GLU C 33 27.20 -2.14 52.41
N CYS C 34 27.45 -1.67 51.19
CA CYS C 34 28.05 -2.50 50.17
C CYS C 34 29.49 -2.84 50.54
N LEU C 35 29.94 -4.00 50.09
CA LEU C 35 31.30 -4.43 50.38
C LEU C 35 32.30 -3.52 49.69
N PRO C 36 33.43 -3.22 50.33
CA PRO C 36 34.47 -2.43 49.67
C PRO C 36 35.04 -3.18 48.48
N GLU C 37 35.60 -2.43 47.53
CA GLU C 37 36.09 -3.01 46.29
C GLU C 37 37.17 -4.06 46.56
N ASP C 38 38.07 -3.78 47.50
CA ASP C 38 39.10 -4.77 47.84
C ASP C 38 38.49 -5.98 48.54
N GLN C 39 37.46 -5.77 49.37
CA GLN C 39 36.84 -6.85 50.12
C GLN C 39 35.85 -7.66 49.29
N ILE C 40 35.42 -7.15 48.13
CA ILE C 40 34.42 -7.84 47.31
C ILE C 40 34.95 -9.19 46.84
N GLU C 41 36.19 -9.20 46.33
CA GLU C 41 36.77 -10.45 45.84
C GLU C 41 36.94 -11.46 46.96
N ALA C 42 37.42 -11.02 48.12
CA ALA C 42 37.59 -11.93 49.25
C ALA C 42 36.25 -12.50 49.71
N ALA C 43 35.22 -11.65 49.79
CA ALA C 43 33.91 -12.12 50.22
C ALA C 43 33.32 -13.11 49.23
N THR C 44 33.44 -12.83 47.93
CA THR C 44 32.93 -13.76 46.92
C THR C 44 33.68 -15.09 46.97
N LEU C 45 35.00 -15.04 47.13
CA LEU C 45 35.79 -16.27 47.21
C LEU C 45 35.42 -17.08 48.44
N ASP C 46 35.23 -16.40 49.58
CA ASP C 46 34.83 -17.10 50.80
C ASP C 46 33.46 -17.74 50.65
N SER C 47 32.52 -17.02 50.02
CA SER C 47 31.19 -17.58 49.80
C SER C 47 31.24 -18.79 48.87
N ILE C 48 32.03 -18.71 47.80
CA ILE C 48 32.14 -19.83 46.87
C ILE C 48 32.79 -21.02 47.55
N ARG C 49 33.86 -20.81 48.31
CA ARG C 49 34.54 -21.90 48.99
C ARG C 49 33.73 -22.46 50.14
N ASN C 50 32.78 -21.69 50.68
CA ASN C 50 31.95 -22.13 51.80
C ASN C 50 30.49 -21.94 51.44
N PRO C 51 29.95 -22.83 50.62
CA PRO C 51 28.54 -22.70 50.20
C PRO C 51 27.59 -23.18 51.30
N LEU C 52 26.31 -22.94 51.07
CA LEU C 52 25.26 -23.21 52.04
C LEU C 52 24.46 -24.43 51.59
N GLY C 53 24.42 -25.46 52.44
CA GLY C 53 23.56 -26.62 52.20
C GLY C 53 23.89 -27.38 50.94
N MET C 54 25.13 -27.34 50.49
CA MET C 54 25.52 -28.01 49.24
C MET C 54 27.03 -28.06 49.19
N PRO C 55 27.64 -29.15 48.70
CA PRO C 55 29.10 -29.29 48.76
C PRO C 55 29.81 -28.21 47.96
N PRO C 56 31.04 -27.87 48.34
CA PRO C 56 31.78 -26.84 47.60
C PRO C 56 32.04 -27.24 46.16
N LEU C 57 32.39 -26.23 45.35
CA LEU C 57 32.65 -26.47 43.93
C LEU C 57 33.79 -27.44 43.71
N THR C 58 34.81 -27.40 44.57
CA THR C 58 35.92 -28.35 44.46
C THR C 58 35.44 -29.78 44.70
N GLU C 59 34.38 -29.96 45.47
CA GLU C 59 33.83 -31.28 45.75
C GLU C 59 32.74 -31.70 44.78
N LEU C 60 32.40 -30.87 43.80
CA LEU C 60 31.38 -31.18 42.81
C LEU C 60 31.93 -31.53 41.44
N ALA C 61 33.02 -30.89 41.02
CA ALA C 61 33.55 -31.01 39.68
C ALA C 61 34.80 -31.87 39.69
N LYS C 62 34.77 -32.98 38.96
CA LYS C 62 35.91 -33.85 38.72
C LYS C 62 36.75 -33.31 37.57
N PRO C 63 37.99 -33.78 37.43
CA PRO C 63 38.77 -33.40 36.24
C PRO C 63 38.03 -33.79 34.96
N GLY C 64 38.04 -32.87 33.99
CA GLY C 64 37.34 -33.09 32.74
C GLY C 64 35.84 -32.96 32.81
N SER C 65 35.31 -32.44 33.91
CA SER C 65 33.86 -32.32 34.06
C SER C 65 33.31 -31.23 33.15
N LYS C 66 32.09 -31.43 32.68
CA LYS C 66 31.40 -30.42 31.88
C LYS C 66 30.69 -29.45 32.82
N VAL C 67 31.09 -28.18 32.78
CA VAL C 67 30.58 -27.16 33.70
C VAL C 67 29.91 -26.08 32.88
N THR C 68 28.70 -25.69 33.29
CA THR C 68 27.98 -24.58 32.68
C THR C 68 27.81 -23.48 33.73
N ILE C 69 28.46 -22.35 33.49
CA ILE C 69 28.31 -21.16 34.32
C ILE C 69 27.24 -20.29 33.67
N VAL C 70 26.06 -20.27 34.27
CA VAL C 70 24.92 -19.53 33.74
C VAL C 70 24.87 -18.19 34.46
N PHE C 71 25.20 -17.13 33.75
CA PHE C 71 25.23 -15.78 34.28
C PHE C 71 24.05 -14.97 33.73
N PRO C 72 23.53 -14.02 34.50
CA PRO C 72 22.39 -13.23 34.03
C PRO C 72 22.80 -12.21 32.97
N ASP C 73 21.81 -11.72 32.24
CA ASP C 73 22.03 -10.79 31.14
C ASP C 73 22.23 -9.37 31.65
N ARG C 74 22.21 -8.41 30.71
CA ARG C 74 22.58 -7.03 30.99
C ARG C 74 21.47 -6.24 31.69
N VAL C 75 20.28 -6.80 31.85
CA VAL C 75 19.17 -6.04 32.44
C VAL C 75 19.50 -5.65 33.87
N LYS C 76 20.01 -6.57 34.66
CA LYS C 76 20.35 -6.33 36.05
C LYS C 76 21.71 -6.94 36.37
N GLY C 77 22.37 -6.39 37.39
CA GLY C 77 23.62 -6.89 37.89
C GLY C 77 24.75 -5.88 37.90
N GLY C 78 24.73 -4.89 37.02
CA GLY C 78 25.80 -3.91 36.95
C GLY C 78 26.97 -4.39 36.12
N GLU C 79 27.70 -3.46 35.49
CA GLU C 79 28.81 -3.80 34.62
C GLU C 79 30.09 -3.11 35.06
N GLN C 80 30.22 -2.82 36.35
CA GLN C 80 31.44 -2.20 36.87
C GLN C 80 32.57 -3.23 36.90
N ALA C 81 33.77 -2.74 37.23
CA ALA C 81 34.92 -3.63 37.30
C ALA C 81 34.75 -4.70 38.37
N THR C 82 34.21 -4.32 39.53
CA THR C 82 33.96 -5.25 40.62
C THR C 82 32.52 -5.77 40.64
N ALA C 83 31.89 -5.86 39.47
CA ALA C 83 30.53 -6.37 39.40
C ALA C 83 30.49 -7.85 39.81
N HIS C 84 29.33 -8.27 40.30
CA HIS C 84 29.20 -9.64 40.83
C HIS C 84 29.46 -10.67 39.75
N ARG C 85 28.95 -10.45 38.54
CA ARG C 85 29.10 -11.45 37.49
C ARG C 85 30.57 -11.68 37.16
N LYS C 86 31.31 -10.62 36.88
CA LYS C 86 32.71 -10.77 36.47
C LYS C 86 33.54 -11.42 37.57
N VAL C 87 33.48 -10.85 38.78
CA VAL C 87 34.31 -11.34 39.87
C VAL C 87 33.93 -12.76 40.25
N SER C 88 32.63 -13.04 40.36
CA SER C 88 32.17 -14.37 40.75
C SER C 88 32.56 -15.41 39.71
N ILE C 89 32.39 -15.11 38.43
CA ILE C 89 32.76 -16.06 37.39
C ILE C 89 34.27 -16.27 37.36
N LYS C 90 35.05 -15.19 37.56
CA LYS C 90 36.50 -15.34 37.57
C LYS C 90 36.96 -16.22 38.71
N LEU C 91 36.42 -16.00 39.92
CA LEU C 91 36.81 -16.81 41.07
C LEU C 91 36.35 -18.26 40.90
N ILE C 92 35.14 -18.45 40.35
CA ILE C 92 34.63 -19.80 40.14
C ILE C 92 35.49 -20.55 39.12
N LEU C 93 35.90 -19.86 38.06
CA LEU C 93 36.79 -20.47 37.08
C LEU C 93 38.14 -20.79 37.70
N GLN C 94 38.66 -19.92 38.56
CA GLN C 94 39.91 -20.21 39.26
C GLN C 94 39.78 -21.46 40.11
N GLU C 95 38.67 -21.58 40.84
CA GLU C 95 38.45 -22.77 41.66
C GLU C 95 38.32 -24.03 40.80
N LEU C 96 37.62 -23.92 39.66
CA LEU C 96 37.48 -25.06 38.77
C LEU C 96 38.82 -25.49 38.19
N TYR C 97 39.65 -24.52 37.81
CA TYR C 97 41.00 -24.87 37.33
C TYR C 97 41.87 -25.41 38.45
N SER C 98 41.55 -25.08 39.70
CA SER C 98 42.29 -25.63 40.83
C SER C 98 42.05 -27.14 40.96
N VAL C 99 40.87 -27.61 40.60
CA VAL C 99 40.57 -29.04 40.65
C VAL C 99 40.76 -29.65 39.26
N GLY C 100 41.44 -28.92 38.38
CA GLY C 100 41.81 -29.46 37.09
C GLY C 100 40.68 -29.56 36.08
N VAL C 101 39.61 -28.78 36.25
CA VAL C 101 38.52 -28.79 35.27
C VAL C 101 39.01 -28.10 34.00
N LYS C 102 38.82 -28.77 32.87
CA LYS C 102 39.32 -28.25 31.60
C LYS C 102 38.62 -26.97 31.22
N LYS C 103 39.39 -26.00 30.72
CA LYS C 103 38.82 -24.74 30.27
C LYS C 103 37.88 -24.95 29.09
N GLU C 104 38.24 -25.85 28.17
CA GLU C 104 37.40 -26.12 27.02
C GLU C 104 36.08 -26.78 27.39
N ASP C 105 35.95 -27.30 28.61
CA ASP C 105 34.75 -27.97 29.07
C ASP C 105 33.84 -27.06 29.89
N ILE C 106 34.08 -25.76 29.86
CA ILE C 106 33.31 -24.78 30.62
C ILE C 106 32.59 -23.87 29.65
N LEU C 107 31.27 -23.76 29.79
CA LEU C 107 30.43 -22.98 28.90
C LEU C 107 29.77 -21.85 29.69
N LEU C 108 29.95 -20.62 29.22
CA LEU C 108 29.34 -19.45 29.82
C LEU C 108 28.02 -19.17 29.12
N ILE C 109 26.91 -19.38 29.82
CA ILE C 109 25.57 -19.28 29.24
C ILE C 109 24.91 -18.03 29.79
N CYS C 110 24.51 -17.15 28.88
CA CYS C 110 23.77 -15.95 29.26
C CYS C 110 22.30 -16.32 29.40
N SER C 111 21.77 -16.20 30.62
CA SER C 111 20.40 -16.61 30.92
C SER C 111 19.43 -15.47 30.59
N ASN C 112 19.29 -15.21 29.28
CA ASN C 112 18.32 -14.23 28.84
C ASN C 112 16.89 -14.72 29.03
N GLY C 113 16.67 -16.02 28.87
CA GLY C 113 15.32 -16.57 28.93
C GLY C 113 14.46 -16.05 27.80
N LEU C 114 13.36 -15.40 28.13
CA LEU C 114 12.55 -14.73 27.13
C LEU C 114 13.07 -13.34 26.78
N HIS C 115 14.04 -12.83 27.54
CA HIS C 115 14.65 -11.57 27.17
C HIS C 115 15.53 -11.75 25.94
N ARG C 116 15.86 -10.62 25.31
CA ARG C 116 16.70 -10.66 24.11
C ARG C 116 18.02 -11.34 24.41
N LYS C 117 18.48 -12.15 23.47
CA LYS C 117 19.84 -12.66 23.54
C LYS C 117 20.82 -11.48 23.56
N ASN C 118 21.69 -11.48 24.56
CA ASN C 118 22.66 -10.40 24.66
C ASN C 118 23.62 -10.44 23.47
N THR C 119 23.86 -9.28 22.86
CA THR C 119 24.80 -9.21 21.76
C THR C 119 26.22 -9.43 22.28
N GLU C 120 27.14 -9.62 21.34
CA GLU C 120 28.54 -9.85 21.71
C GLU C 120 29.10 -8.65 22.47
N LYS C 121 28.73 -7.44 22.06
CA LYS C 121 29.13 -6.25 22.81
C LYS C 121 28.49 -6.24 24.20
N GLU C 122 27.20 -6.58 24.30
CA GLU C 122 26.54 -6.62 25.60
C GLU C 122 27.14 -7.72 26.47
N ILE C 123 27.43 -8.88 25.89
CA ILE C 123 28.07 -9.95 26.65
C ILE C 123 29.44 -9.52 27.13
N LEU C 124 30.19 -8.83 26.28
CA LEU C 124 31.50 -8.32 26.67
C LEU C 124 31.36 -7.34 27.85
N GLY C 125 30.42 -6.42 27.76
CA GLY C 125 30.22 -5.47 28.85
C GLY C 125 29.79 -6.14 30.14
N VAL C 126 28.99 -7.21 30.02
CA VAL C 126 28.52 -7.92 31.22
C VAL C 126 29.65 -8.69 31.87
N LEU C 127 30.48 -9.37 31.07
CA LEU C 127 31.45 -10.31 31.59
C LEU C 127 32.83 -9.71 31.83
N GLY C 128 33.12 -8.53 31.30
CA GLY C 128 34.45 -7.98 31.39
C GLY C 128 35.31 -8.45 30.24
N PRO C 129 36.26 -7.62 29.82
CA PRO C 129 37.13 -8.02 28.71
C PRO C 129 37.89 -9.31 28.98
N ASP C 130 38.33 -9.52 30.23
CA ASP C 130 39.07 -10.72 30.59
C ASP C 130 38.23 -11.96 30.27
N LEU C 131 37.06 -12.08 30.91
CA LEU C 131 36.22 -13.25 30.72
C LEU C 131 35.77 -13.39 29.27
N TYR C 132 35.38 -12.27 28.64
CA TYR C 132 34.90 -12.32 27.27
C TYR C 132 35.98 -12.87 26.34
N HIS C 133 37.11 -12.17 26.23
CA HIS C 133 38.18 -12.61 25.35
C HIS C 133 38.79 -13.94 25.80
N GLN C 134 38.52 -14.38 27.03
CA GLN C 134 38.92 -15.73 27.43
C GLN C 134 38.02 -16.78 26.81
N PHE C 135 36.70 -16.54 26.77
CA PHE C 135 35.77 -17.56 26.34
C PHE C 135 35.04 -17.26 25.04
N ALA C 136 34.88 -15.99 24.67
CA ALA C 136 34.18 -15.67 23.42
C ALA C 136 34.88 -16.20 22.17
N PRO C 137 36.19 -16.04 21.98
CA PRO C 137 36.79 -16.50 20.72
C PRO C 137 36.65 -17.99 20.47
N THR C 138 36.61 -18.80 21.53
CA THR C 138 36.41 -20.23 21.39
C THR C 138 34.94 -20.62 21.24
N GLY C 139 34.03 -19.64 21.25
CA GLY C 139 32.61 -19.94 21.17
C GLY C 139 32.04 -20.53 22.42
N GLN C 140 32.69 -20.34 23.56
CA GLN C 140 32.26 -20.91 24.82
C GLN C 140 31.25 -20.05 25.55
N ILE C 141 30.97 -18.84 25.06
CA ILE C 141 29.90 -18.00 25.58
C ILE C 141 28.72 -18.10 24.62
N ILE C 142 27.60 -18.62 25.10
CA ILE C 142 26.39 -18.79 24.31
C ILE C 142 25.24 -18.11 25.03
N ASN C 143 24.44 -17.36 24.29
CA ASN C 143 23.17 -16.90 24.82
C ASN C 143 22.21 -18.07 24.91
N HIS C 144 21.45 -18.15 25.99
CA HIS C 144 20.44 -19.19 26.10
C HIS C 144 19.36 -18.94 25.05
N ASP C 145 19.03 -19.97 24.30
CA ASP C 145 17.99 -19.89 23.26
C ASP C 145 16.80 -20.70 23.73
N SER C 146 15.74 -20.00 24.11
CA SER C 146 14.50 -20.67 24.51
C SER C 146 13.74 -21.23 23.31
N GLU C 147 14.24 -21.06 22.09
CA GLU C 147 13.60 -21.58 20.90
C GLU C 147 14.51 -22.45 20.06
N ASP C 148 15.70 -22.80 20.57
CA ASP C 148 16.60 -23.75 19.91
C ASP C 148 16.36 -25.11 20.54
N TYR C 149 15.35 -25.82 20.02
CA TYR C 149 14.96 -27.11 20.57
C TYR C 149 16.04 -28.17 20.38
N GLU C 150 16.98 -27.96 19.46
CA GLU C 150 18.16 -28.82 19.40
C GLU C 150 19.00 -28.66 20.66
N HIS C 151 18.93 -27.50 21.31
CA HIS C 151 19.63 -27.25 22.56
C HIS C 151 18.64 -27.01 23.71
N LEU C 152 17.52 -27.72 23.70
CA LEU C 152 16.54 -27.68 24.78
C LEU C 152 16.16 -29.10 25.17
N VAL C 153 15.96 -29.32 26.47
CA VAL C 153 15.58 -30.61 27.00
C VAL C 153 14.25 -30.45 27.73
N ASP C 154 13.27 -31.26 27.35
CA ASP C 154 11.96 -31.25 27.99
C ASP C 154 11.96 -32.22 29.15
N LEU C 155 11.79 -31.70 30.36
CA LEU C 155 11.76 -32.52 31.57
C LEU C 155 10.36 -32.94 31.96
N GLY C 156 9.34 -32.56 31.18
CA GLY C 156 7.97 -32.91 31.48
C GLY C 156 7.33 -32.00 32.50
N LYS C 157 6.08 -32.31 32.80
CA LYS C 157 5.32 -31.53 33.77
C LYS C 157 5.81 -31.81 35.18
N THR C 158 5.64 -30.83 36.05
CA THR C 158 6.02 -30.97 37.46
C THR C 158 4.88 -31.66 38.22
N LYS C 159 4.97 -31.68 39.55
CA LYS C 159 3.91 -32.24 40.36
C LYS C 159 2.61 -31.44 40.25
N GLN C 160 2.69 -30.16 39.88
CA GLN C 160 1.52 -29.32 39.69
C GLN C 160 1.17 -29.12 38.23
N GLY C 161 1.62 -30.01 37.36
CA GLY C 161 1.34 -29.90 35.93
C GLY C 161 1.96 -28.69 35.28
N ASP C 162 3.22 -28.41 35.59
CA ASP C 162 3.89 -27.22 35.07
C ASP C 162 4.95 -27.65 34.07
N PRO C 163 4.87 -27.22 32.81
CA PRO C 163 5.83 -27.70 31.80
C PRO C 163 7.20 -27.10 32.02
N VAL C 164 8.23 -27.94 31.98
CA VAL C 164 9.61 -27.52 32.16
C VAL C 164 10.40 -27.95 30.94
N ILE C 165 10.98 -26.98 30.24
CA ILE C 165 11.94 -27.22 29.17
C ILE C 165 13.12 -26.30 29.44
N MET C 166 14.30 -26.89 29.63
CA MET C 166 15.46 -26.15 30.08
C MET C 166 16.58 -26.23 29.04
N ASN C 167 17.61 -25.42 29.27
CA ASN C 167 18.76 -25.38 28.37
C ASN C 167 19.48 -26.74 28.37
N LYS C 168 19.83 -27.21 27.17
CA LYS C 168 20.44 -28.54 27.05
C LYS C 168 21.85 -28.55 27.63
N TYR C 169 22.61 -27.47 27.45
CA TYR C 169 23.96 -27.43 28.00
C TYR C 169 23.93 -27.52 29.52
N VAL C 170 23.00 -26.81 30.16
CA VAL C 170 22.87 -26.87 31.62
C VAL C 170 22.43 -28.26 32.05
N TYR C 171 21.48 -28.86 31.33
CA TYR C 171 20.96 -30.16 31.70
C TYR C 171 22.03 -31.24 31.58
N GLU C 172 22.79 -31.22 30.48
CA GLU C 172 23.79 -32.25 30.20
C GLU C 172 25.11 -32.02 30.92
N SER C 173 25.33 -30.83 31.47
CA SER C 173 26.55 -30.58 32.22
C SER C 173 26.52 -31.32 33.55
N ASP C 174 27.69 -31.46 34.16
CA ASP C 174 27.80 -32.10 35.46
C ASP C 174 27.78 -31.11 36.61
N VAL C 175 28.19 -29.86 36.37
CA VAL C 175 28.17 -28.81 37.37
C VAL C 175 27.54 -27.56 36.74
N ALA C 176 26.37 -27.19 37.22
CA ALA C 176 25.68 -25.98 36.76
C ALA C 176 25.77 -24.93 37.85
N ILE C 177 26.39 -23.80 37.53
CA ILE C 177 26.65 -22.74 38.49
C ILE C 177 25.87 -21.50 38.07
N LEU C 178 24.88 -21.13 38.86
CA LEU C 178 24.01 -20.00 38.55
C LEU C 178 24.56 -18.76 39.24
N ILE C 179 25.07 -17.82 38.46
CA ILE C 179 25.42 -16.50 38.96
C ILE C 179 24.13 -15.70 39.10
N GLY C 180 23.88 -15.17 40.29
CA GLY C 180 22.61 -14.54 40.59
C GLY C 180 22.77 -13.25 41.37
N HIS C 181 21.79 -12.37 41.19
CA HIS C 181 21.73 -11.10 41.90
C HIS C 181 20.46 -11.09 42.73
N THR C 182 20.61 -11.20 44.05
CA THR C 182 19.49 -11.11 44.99
C THR C 182 19.11 -9.64 45.10
N GLN C 183 18.43 -9.15 44.07
CA GLN C 183 18.08 -7.74 43.94
C GLN C 183 16.56 -7.61 43.88
N GLY C 184 16.07 -6.43 44.25
CA GLY C 184 14.65 -6.17 44.23
C GLY C 184 14.03 -6.39 42.86
N ASN C 185 12.96 -7.20 42.81
CA ASN C 185 12.35 -7.57 41.55
C ASN C 185 10.85 -7.73 41.77
N PRO C 186 10.01 -7.03 40.99
CA PRO C 186 8.57 -7.25 41.09
C PRO C 186 8.15 -8.68 40.75
N TYR C 187 8.99 -9.43 40.06
CA TYR C 187 8.70 -10.82 39.70
C TYR C 187 9.34 -11.72 40.75
N GLY C 188 8.51 -12.33 41.60
CA GLY C 188 8.99 -13.29 42.58
C GLY C 188 9.72 -12.71 43.77
N GLY C 189 9.67 -11.40 43.97
CA GLY C 189 10.33 -10.79 45.10
C GLY C 189 11.76 -10.38 44.81
N TYR C 190 12.59 -11.35 44.43
CA TYR C 190 13.99 -11.08 44.13
C TYR C 190 14.37 -11.84 42.87
N SER C 191 15.58 -11.57 42.39
CA SER C 191 16.15 -12.26 41.24
C SER C 191 17.16 -13.30 41.70
N GLY C 192 17.62 -14.10 40.75
CA GLY C 192 18.57 -15.15 41.07
C GLY C 192 17.91 -16.30 41.81
N GLY C 193 18.76 -17.16 42.37
CA GLY C 193 18.27 -18.33 43.09
C GLY C 193 17.50 -19.25 42.17
N TYR C 194 16.30 -19.63 42.61
CA TYR C 194 15.46 -20.51 41.79
C TYR C 194 14.84 -19.78 40.60
N LYS C 195 14.59 -18.47 40.74
CA LYS C 195 14.04 -17.71 39.63
C LYS C 195 15.01 -17.69 38.45
N HIS C 196 16.31 -17.62 38.74
CA HIS C 196 17.32 -17.59 37.68
C HIS C 196 17.19 -18.79 36.77
N CYS C 197 17.14 -19.99 37.34
CA CYS C 197 17.01 -21.19 36.51
C CYS C 197 15.60 -21.31 35.93
N SER C 198 14.58 -20.96 36.71
CA SER C 198 13.20 -21.15 36.28
C SER C 198 12.79 -20.15 35.19
N THR C 199 13.56 -19.11 34.95
CA THR C 199 13.21 -18.13 33.93
C THR C 199 14.29 -17.91 32.86
N GLY C 200 15.56 -17.85 33.24
CA GLY C 200 16.60 -17.45 32.30
C GLY C 200 17.09 -18.53 31.37
N ILE C 201 16.89 -19.81 31.73
CA ILE C 201 17.33 -20.91 30.89
C ILE C 201 16.16 -21.85 30.61
N THR C 202 14.96 -21.28 30.51
CA THR C 202 13.76 -22.07 30.32
C THR C 202 13.17 -21.83 28.93
N HIS C 203 12.11 -22.56 28.65
CA HIS C 203 11.23 -22.34 27.50
C HIS C 203 10.14 -21.34 27.89
N TRP C 204 9.57 -20.70 26.88
CA TRP C 204 8.46 -19.78 27.16
C TRP C 204 7.30 -20.49 27.83
N LYS C 205 7.16 -21.81 27.61
CA LYS C 205 6.09 -22.55 28.25
C LYS C 205 6.28 -22.64 29.75
N SER C 206 7.53 -22.76 30.22
CA SER C 206 7.80 -22.72 31.65
C SER C 206 7.46 -21.36 32.25
N ILE C 207 7.80 -20.29 31.53
CA ILE C 207 7.46 -18.94 31.97
C ILE C 207 5.95 -18.74 32.00
N ALA C 208 5.23 -19.34 31.04
CA ALA C 208 3.78 -19.22 30.98
C ALA C 208 3.11 -19.76 32.23
N SER C 209 3.78 -20.65 32.97
CA SER C 209 3.19 -21.19 34.19
C SER C 209 2.98 -20.10 35.24
N HIS C 210 3.97 -19.23 35.44
CA HIS C 210 3.89 -18.20 36.45
C HIS C 210 3.66 -16.80 35.91
N HIS C 211 4.14 -16.48 34.71
CA HIS C 211 3.92 -15.16 34.15
C HIS C 211 2.53 -14.99 33.55
N VAL C 212 1.62 -15.91 33.81
CA VAL C 212 0.23 -15.79 33.38
C VAL C 212 -0.48 -14.88 34.38
N PRO C 213 -1.49 -14.10 33.96
CA PRO C 213 -2.27 -13.33 34.93
C PRO C 213 -2.90 -14.18 36.01
N LYS C 214 -3.12 -15.48 35.75
CA LYS C 214 -3.64 -16.37 36.78
C LYS C 214 -2.71 -16.44 37.99
N VAL C 215 -1.44 -16.09 37.84
CA VAL C 215 -0.50 -16.05 38.95
C VAL C 215 -0.06 -14.62 39.28
N MET C 216 -0.06 -13.72 38.30
CA MET C 216 0.39 -12.34 38.52
C MET C 216 -0.72 -11.42 39.03
N HIS C 217 -1.98 -11.76 38.80
CA HIS C 217 -3.09 -10.89 39.16
C HIS C 217 -3.84 -11.34 40.40
N ARG C 218 -3.32 -12.33 41.12
CA ARG C 218 -3.95 -12.74 42.36
C ARG C 218 -3.62 -11.76 43.48
N LYS C 219 -4.34 -11.89 44.59
CA LYS C 219 -4.21 -10.94 45.70
C LYS C 219 -2.85 -11.01 46.38
N ASP C 220 -2.11 -12.10 46.21
CA ASP C 220 -0.82 -12.27 46.86
C ASP C 220 0.35 -11.72 46.05
N PHE C 221 0.08 -11.11 44.89
CA PHE C 221 1.15 -10.58 44.05
C PHE C 221 1.32 -9.08 44.18
N VAL C 222 0.27 -8.34 44.52
CA VAL C 222 0.36 -6.89 44.65
C VAL C 222 0.00 -6.49 46.07
N PRO C 223 0.96 -6.04 46.89
CA PRO C 223 2.40 -5.92 46.60
C PRO C 223 3.10 -7.27 46.62
N VAL C 224 4.23 -7.40 45.94
CA VAL C 224 4.92 -8.69 45.86
C VAL C 224 5.66 -8.95 47.16
N ASN C 225 5.70 -10.23 47.54
CA ASN C 225 6.37 -10.66 48.75
C ASN C 225 7.27 -11.85 48.46
N ASN C 226 7.80 -12.49 49.50
CA ASN C 226 8.67 -13.63 49.36
C ASN C 226 7.92 -14.96 49.40
N ASN C 227 6.59 -14.92 49.58
CA ASN C 227 5.78 -16.12 49.64
C ASN C 227 4.61 -16.05 48.65
N SER C 228 4.80 -15.34 47.55
CA SER C 228 3.77 -15.27 46.52
C SER C 228 3.77 -16.56 45.69
N LEU C 229 2.68 -16.76 44.94
CA LEU C 229 2.59 -17.94 44.09
C LEU C 229 3.65 -17.94 43.00
N MET C 230 4.05 -16.74 42.55
CA MET C 230 5.08 -16.63 41.53
C MET C 230 6.38 -17.29 41.97
N ARG C 231 6.84 -16.95 43.17
CA ARG C 231 8.03 -17.59 43.72
C ARG C 231 7.81 -19.08 43.94
N HIS C 232 6.57 -19.48 44.24
CA HIS C 232 6.27 -20.90 44.40
C HIS C 232 6.51 -21.67 43.11
N LYS C 233 6.01 -21.14 41.99
CA LYS C 233 6.25 -21.79 40.70
C LYS C 233 7.73 -21.74 40.33
N PHE C 234 8.40 -20.62 40.63
CA PHE C 234 9.84 -20.54 40.41
C PHE C 234 10.55 -21.70 41.12
N ASP C 235 10.27 -21.87 42.41
CA ASP C 235 10.92 -22.93 43.18
C ASP C 235 10.54 -24.31 42.66
N GLU C 236 9.27 -24.51 42.31
CA GLU C 236 8.85 -25.82 41.82
C GLU C 236 9.58 -26.20 40.54
N ILE C 237 9.70 -25.25 39.60
CA ILE C 237 10.43 -25.53 38.38
C ILE C 237 11.92 -25.74 38.67
N GLY C 238 12.46 -24.99 39.63
CA GLY C 238 13.86 -25.18 39.99
C GLY C 238 14.16 -26.57 40.52
N MET C 239 13.36 -27.04 41.48
CA MET C 239 13.60 -28.38 42.02
C MET C 239 13.22 -29.46 41.01
N HIS C 240 12.32 -29.17 40.07
CA HIS C 240 12.11 -30.10 38.95
C HIS C 240 13.38 -30.23 38.12
N MET C 241 14.05 -29.11 37.86
CA MET C 241 15.35 -29.17 37.19
C MET C 241 16.34 -29.98 37.99
N GLU C 242 16.41 -29.75 39.30
CA GLU C 242 17.39 -30.46 40.12
C GLU C 242 17.12 -31.96 40.12
N GLU C 243 15.85 -32.35 40.17
CA GLU C 243 15.49 -33.76 40.19
C GLU C 243 15.79 -34.42 38.86
N LYS C 244 15.39 -33.79 37.75
CA LYS C 244 15.59 -34.42 36.44
C LYS C 244 17.06 -34.43 36.03
N MET C 245 17.80 -33.39 36.42
CA MET C 245 19.21 -33.30 36.05
C MET C 245 20.07 -34.28 36.82
N GLY C 246 19.68 -34.60 38.06
CA GLY C 246 20.53 -35.39 38.92
C GLY C 246 21.61 -34.58 39.60
N LYS C 247 21.51 -33.26 39.60
CA LYS C 247 22.50 -32.39 40.21
C LYS C 247 21.82 -31.16 40.76
N LYS C 248 22.51 -30.46 41.66
CA LYS C 248 22.00 -29.27 42.30
C LYS C 248 22.70 -28.04 41.75
N PHE C 249 21.92 -26.99 41.47
CA PHE C 249 22.49 -25.73 41.02
C PHE C 249 23.36 -25.12 42.12
N PHE C 250 24.55 -24.69 41.74
CA PHE C 250 25.43 -23.93 42.63
C PHE C 250 25.07 -22.45 42.46
N CYS C 251 24.18 -21.97 43.32
CA CYS C 251 23.65 -20.61 43.17
C CYS C 251 24.59 -19.64 43.86
N CYS C 252 25.57 -19.14 43.11
CA CYS C 252 26.46 -18.09 43.58
C CYS C 252 25.73 -16.76 43.38
N ASP C 253 25.07 -16.32 44.46
CA ASP C 253 24.24 -15.12 44.41
C ASP C 253 24.80 -14.04 45.32
N ALA C 254 24.76 -12.82 44.83
CA ALA C 254 25.18 -11.65 45.59
C ALA C 254 24.01 -10.71 45.75
N VAL C 255 23.80 -10.22 46.97
CA VAL C 255 22.82 -9.18 47.21
C VAL C 255 23.39 -7.86 46.71
N LEU C 256 22.61 -7.12 45.92
CA LEU C 256 23.07 -5.87 45.33
C LEU C 256 22.26 -4.71 45.87
N ASP C 257 22.94 -3.59 46.09
CA ASP C 257 22.28 -2.36 46.52
C ASP C 257 21.67 -1.67 45.30
N THR C 258 21.25 -0.42 45.47
CA THR C 258 20.66 0.32 44.36
C THR C 258 21.68 0.67 43.29
N LYS C 259 22.97 0.62 43.60
CA LYS C 259 24.03 0.89 42.64
C LYS C 259 24.71 -0.39 42.14
N SER C 260 24.03 -1.53 42.27
CA SER C 260 24.53 -2.82 41.80
C SER C 260 25.85 -3.22 42.46
N ARG C 261 26.11 -2.74 43.66
CA ARG C 261 27.31 -3.11 44.40
C ARG C 261 26.99 -4.24 45.37
N GLN C 262 27.92 -5.18 45.50
CA GLN C 262 27.69 -6.35 46.32
C GLN C 262 27.73 -5.98 47.80
N ILE C 263 26.71 -6.41 48.54
CA ILE C 263 26.66 -6.29 49.99
C ILE C 263 27.07 -7.58 50.67
N GLU C 264 26.60 -8.71 50.14
CA GLU C 264 27.02 -10.03 50.58
C GLU C 264 26.83 -11.01 49.44
N ILE C 265 27.73 -12.00 49.36
CA ILE C 265 27.67 -13.02 48.33
C ILE C 265 27.26 -14.33 49.00
N ASN C 266 26.29 -15.02 48.41
CA ASN C 266 25.78 -16.27 48.95
C ASN C 266 25.88 -17.34 47.88
N SER C 267 26.55 -18.45 48.19
CA SER C 267 26.75 -19.54 47.26
C SER C 267 26.21 -20.83 47.85
N GLY C 268 25.84 -21.77 46.97
CA GLY C 268 25.34 -23.06 47.38
C GLY C 268 24.02 -23.37 46.70
N ALA C 269 23.21 -24.18 47.37
CA ALA C 269 21.91 -24.56 46.83
C ALA C 269 21.00 -23.35 46.72
N ALA C 270 20.11 -23.39 45.73
CA ALA C 270 19.22 -22.25 45.49
C ALA C 270 18.33 -21.97 46.70
N ASP C 271 17.77 -23.02 47.30
CA ASP C 271 16.89 -22.83 48.45
C ASP C 271 17.64 -22.25 49.64
N GLU C 272 18.81 -22.82 49.95
CA GLU C 272 19.58 -22.34 51.09
C GLU C 272 20.09 -20.92 50.85
N VAL C 273 20.55 -20.64 49.64
CA VAL C 273 20.99 -19.28 49.31
C VAL C 273 19.83 -18.30 49.46
N GLN C 274 18.65 -18.68 48.98
CA GLN C 274 17.48 -17.82 49.10
C GLN C 274 17.15 -17.56 50.57
N LYS C 275 17.14 -18.61 51.40
CA LYS C 275 16.81 -18.45 52.81
C LYS C 275 17.83 -17.54 53.50
N LYS C 276 19.11 -17.73 53.21
CA LYS C 276 20.14 -16.95 53.88
C LYS C 276 20.16 -15.50 53.42
N ALA C 277 19.96 -15.24 52.13
CA ALA C 277 20.07 -13.89 51.59
C ALA C 277 18.75 -13.13 51.61
N TRP C 278 17.64 -13.78 51.98
CA TRP C 278 16.35 -13.09 52.01
C TRP C 278 16.32 -11.97 53.05
N LYS C 279 17.00 -12.15 54.18
CA LYS C 279 17.01 -11.11 55.20
C LYS C 279 17.63 -9.82 54.67
N LEU C 280 18.81 -9.92 54.05
CA LEU C 280 19.44 -8.72 53.51
C LEU C 280 18.74 -8.21 52.27
N GLY C 281 18.12 -9.12 51.49
CA GLY C 281 17.32 -8.67 50.37
C GLY C 281 16.12 -7.84 50.80
N ASN C 282 15.48 -8.23 51.91
CA ASN C 282 14.39 -7.44 52.46
C ASN C 282 14.90 -6.15 53.11
N ALA C 283 16.10 -6.19 53.71
CA ALA C 283 16.69 -4.98 54.26
C ALA C 283 16.96 -3.95 53.16
N ARG C 284 17.43 -4.40 52.00
CA ARG C 284 17.74 -3.51 50.89
C ARG C 284 16.48 -3.07 50.14
N THR C 285 15.60 -4.02 49.80
CA THR C 285 14.47 -3.75 48.92
C THR C 285 13.25 -3.25 49.70
N TYR C 286 12.76 -4.04 50.65
CA TYR C 286 11.56 -3.69 51.40
C TYR C 286 11.91 -2.61 52.41
N VAL C 287 11.81 -1.36 51.97
CA VAL C 287 12.24 -0.20 52.74
C VAL C 287 11.02 0.37 53.46
N PRO C 288 11.01 0.40 54.80
CA PRO C 288 9.90 1.04 55.52
C PRO C 288 10.08 2.55 55.61
N PHE C 289 9.68 3.27 54.57
CA PHE C 289 9.95 4.70 54.45
C PHE C 289 8.74 5.59 54.72
N ALA C 290 7.55 5.21 54.26
CA ALA C 290 6.42 6.11 54.29
C ALA C 290 5.81 6.20 55.68
N GLU C 291 5.55 7.43 56.12
CA GLU C 291 4.80 7.68 57.35
C GLU C 291 3.31 7.87 57.10
N LYS C 292 2.88 7.88 55.84
CA LYS C 292 1.49 8.10 55.50
C LYS C 292 1.20 7.50 54.13
N LYS C 293 -0.07 7.25 53.87
CA LYS C 293 -0.49 6.79 52.55
C LYS C 293 -0.33 7.92 51.53
N TYR C 294 0.19 7.58 50.36
CA TYR C 294 0.45 8.56 49.31
C TYR C 294 -0.65 8.50 48.27
N ASP C 295 -1.33 9.63 48.07
CA ASP C 295 -2.42 9.73 47.11
C ASP C 295 -1.91 9.89 45.68
N ILE C 296 -0.81 10.61 45.48
CA ILE C 296 -0.20 10.80 44.18
C ILE C 296 1.23 10.31 44.25
N ILE C 297 1.63 9.46 43.31
CA ILE C 297 3.00 9.03 43.14
C ILE C 297 3.51 9.61 41.83
N VAL C 298 4.52 10.48 41.91
CA VAL C 298 5.07 11.16 40.76
C VAL C 298 6.45 10.60 40.49
N PHE C 299 6.66 10.12 39.27
CA PHE C 299 7.97 9.66 38.83
C PHE C 299 8.10 9.96 37.35
N GLY C 300 9.25 9.63 36.80
CA GLY C 300 9.52 9.83 35.38
C GLY C 300 10.03 8.56 34.74
N MET C 301 9.73 8.41 33.45
CA MET C 301 10.19 7.27 32.69
C MET C 301 11.23 7.72 31.67
N PRO C 302 12.48 7.27 31.78
CA PRO C 302 13.43 7.51 30.70
C PRO C 302 13.14 6.61 29.51
N GLN C 303 13.68 7.00 28.35
CA GLN C 303 13.52 6.16 27.17
C GLN C 303 14.23 4.82 27.36
N PHE C 304 15.43 4.84 27.92
CA PHE C 304 16.22 3.64 28.15
C PHE C 304 16.23 3.33 29.64
N PHE C 305 15.77 2.13 30.00
CA PHE C 305 15.89 1.57 31.33
C PHE C 305 15.37 0.15 31.30
N HIS C 306 15.70 -0.62 32.33
CA HIS C 306 15.24 -1.99 32.48
C HIS C 306 15.62 -2.84 31.28
N TYR C 307 14.65 -3.13 30.40
CA TYR C 307 14.85 -4.08 29.32
C TYR C 307 15.58 -3.49 28.12
N GLY C 308 15.69 -2.17 28.02
CA GLY C 308 16.49 -1.58 26.97
C GLY C 308 15.83 -0.35 26.41
N ASP C 309 16.24 0.00 25.20
CA ASP C 309 15.76 1.22 24.55
C ASP C 309 14.29 1.12 24.22
N GLY C 310 13.59 2.24 24.35
CA GLY C 310 12.17 2.29 24.09
C GLY C 310 11.30 1.76 25.20
N MET C 311 11.89 1.35 26.32
CA MET C 311 11.10 0.83 27.43
C MET C 311 10.17 1.89 28.00
N GLY C 312 10.62 3.13 28.07
CA GLY C 312 9.79 4.24 28.48
C GLY C 312 8.99 4.89 27.37
N THR C 313 9.13 4.41 26.14
CA THR C 313 8.37 4.92 25.01
C THR C 313 7.42 3.90 24.42
N ASN C 314 7.80 2.64 24.39
CA ASN C 314 6.90 1.58 23.94
C ASN C 314 5.71 1.50 24.89
N PRO C 315 4.47 1.59 24.38
CA PRO C 315 3.32 1.64 25.28
C PRO C 315 3.22 0.45 26.22
N ILE C 316 3.54 -0.75 25.75
CA ILE C 316 3.39 -1.94 26.56
C ILE C 316 4.48 -2.03 27.61
N MET C 317 5.74 -1.78 27.23
CA MET C 317 6.81 -1.69 28.22
C MET C 317 6.57 -0.54 29.19
N LEU C 318 5.99 0.56 28.70
CA LEU C 318 5.69 1.69 29.58
C LEU C 318 4.66 1.29 30.64
N MET C 319 3.60 0.59 30.21
CA MET C 319 2.62 0.08 31.17
C MET C 319 3.22 -0.95 32.10
N GLN C 320 4.14 -1.77 31.61
CA GLN C 320 4.80 -2.74 32.48
C GLN C 320 5.64 -2.05 33.55
N ALA C 321 6.32 -0.96 33.17
CA ALA C 321 7.07 -0.19 34.16
C ALA C 321 6.15 0.46 35.18
N LEU C 322 5.01 0.99 34.72
CA LEU C 322 4.03 1.55 35.64
C LEU C 322 3.52 0.50 36.62
N SER C 323 3.24 -0.70 36.10
CA SER C 323 2.76 -1.78 36.96
C SER C 323 3.84 -2.28 37.91
N ALA C 324 5.10 -2.26 37.48
CA ALA C 324 6.19 -2.59 38.39
C ALA C 324 6.27 -1.57 39.52
N GLN C 325 6.07 -0.29 39.20
CA GLN C 325 5.98 0.72 40.25
C GLN C 325 4.82 0.44 41.19
N VAL C 326 3.67 0.02 40.62
CA VAL C 326 2.52 -0.33 41.43
C VAL C 326 2.87 -1.45 42.39
N ILE C 327 3.49 -2.51 41.87
CA ILE C 327 3.86 -3.66 42.68
C ILE C 327 4.82 -3.25 43.80
N ARG C 328 5.80 -2.41 43.46
CA ARG C 328 6.82 -2.04 44.44
C ARG C 328 6.25 -1.13 45.54
N HIS C 329 5.40 -0.17 45.18
CA HIS C 329 4.97 0.85 46.13
C HIS C 329 3.51 0.69 46.55
N LYS C 330 2.90 -0.48 46.33
CA LYS C 330 1.51 -0.67 46.75
C LYS C 330 1.33 -0.51 48.25
N ARG C 331 2.36 -0.82 49.05
CA ARG C 331 2.23 -0.75 50.50
C ARG C 331 2.07 0.69 50.99
N ILE C 332 2.54 1.66 50.22
CA ILE C 332 2.46 3.07 50.61
C ILE C 332 1.37 3.80 49.84
N MET C 333 0.52 3.08 49.12
CA MET C 333 -0.44 3.69 48.21
C MET C 333 -1.83 3.69 48.82
N SER C 334 -2.54 4.81 48.65
CA SER C 334 -3.95 4.85 48.98
C SER C 334 -4.75 4.08 47.94
N ASP C 335 -6.02 3.80 48.26
CA ASP C 335 -6.86 3.05 47.35
C ASP C 335 -7.12 3.83 46.06
N ASN C 336 -7.17 5.15 46.13
CA ASN C 336 -7.38 6.02 44.98
C ASN C 336 -6.07 6.63 44.48
N CYS C 337 -4.99 5.86 44.56
CA CYS C 337 -3.67 6.37 44.18
CA CYS C 337 -3.68 6.38 44.18
C CYS C 337 -3.65 6.75 42.70
N VAL C 338 -2.91 7.81 42.39
CA VAL C 338 -2.77 8.34 41.04
C VAL C 338 -1.30 8.36 40.67
N PHE C 339 -0.97 7.82 39.50
CA PHE C 339 0.37 7.89 38.95
C PHE C 339 0.47 9.05 37.99
N ILE C 340 1.50 9.87 38.13
CA ILE C 340 1.83 10.91 37.17
C ILE C 340 3.26 10.65 36.71
N CYS C 341 3.40 10.10 35.51
CA CYS C 341 4.70 9.68 34.99
C CYS C 341 5.07 10.51 33.78
N ALA C 342 6.34 10.94 33.74
CA ALA C 342 6.88 11.62 32.57
C ALA C 342 7.41 10.59 31.59
N SER C 343 6.85 10.55 30.40
CA SER C 343 7.34 9.67 29.34
C SER C 343 7.18 10.38 28.01
N THR C 344 8.20 10.25 27.15
CA THR C 344 8.11 10.85 25.83
C THR C 344 7.00 10.21 25.01
N CYS C 345 6.84 8.89 25.09
CA CYS C 345 5.73 8.16 24.47
C CYS C 345 5.56 8.57 23.01
N ASN C 346 6.68 8.62 22.30
CA ASN C 346 6.72 9.11 20.93
C ASN C 346 6.39 8.02 19.92
N GLY C 347 5.74 6.94 20.35
CA GLY C 347 5.43 5.86 19.45
C GLY C 347 6.61 5.00 19.06
N TYR C 348 7.75 5.16 19.71
CA TYR C 348 8.92 4.35 19.41
C TYR C 348 8.73 2.99 20.09
N PHE C 349 8.21 2.03 19.32
CA PHE C 349 7.97 0.70 19.85
C PHE C 349 9.25 -0.10 20.02
N ASN C 350 10.34 0.31 19.38
CA ASN C 350 11.59 -0.45 19.33
C ASN C 350 11.34 -1.86 18.79
N GLU C 351 10.94 -1.89 17.52
CA GLU C 351 10.66 -3.16 16.86
C GLU C 351 11.85 -4.09 16.86
N SER C 352 13.08 -3.54 16.86
CA SER C 352 14.26 -4.38 16.96
C SER C 352 14.28 -5.14 18.27
N LEU C 353 13.92 -4.47 19.37
CA LEU C 353 13.86 -5.13 20.67
C LEU C 353 12.58 -5.94 20.82
N TRP C 354 11.45 -5.35 20.46
CA TRP C 354 10.13 -5.96 20.64
C TRP C 354 9.36 -5.87 19.33
N PRO C 355 9.63 -6.78 18.39
CA PRO C 355 8.89 -6.74 17.12
C PRO C 355 7.45 -7.18 17.26
N TYR C 356 7.16 -8.03 18.23
CA TYR C 356 5.81 -8.51 18.47
C TYR C 356 4.92 -7.48 19.13
N LEU C 357 5.51 -6.43 19.71
CA LEU C 357 4.76 -5.49 20.53
C LEU C 357 3.86 -4.56 19.72
N PRO C 358 4.24 -4.11 18.53
CA PRO C 358 3.25 -3.40 17.70
C PRO C 358 2.01 -4.22 17.43
N GLU C 359 2.18 -5.50 17.09
CA GLU C 359 1.03 -6.37 16.88
C GLU C 359 0.26 -6.58 18.17
N LEU C 360 0.95 -6.74 19.29
CA LEU C 360 0.28 -6.91 20.58
C LEU C 360 -0.54 -5.68 20.94
N TYR C 361 0.02 -4.49 20.72
CA TYR C 361 -0.71 -3.26 21.00
C TYR C 361 -1.91 -3.12 20.07
N ASP C 362 -1.74 -3.45 18.79
CA ASP C 362 -2.86 -3.39 17.86
C ASP C 362 -3.96 -4.37 18.27
N LEU C 363 -3.57 -5.56 18.73
CA LEU C 363 -4.53 -6.53 19.22
C LEU C 363 -5.24 -6.03 20.46
N PHE C 364 -4.52 -5.34 21.34
CA PHE C 364 -5.14 -4.73 22.51
C PHE C 364 -6.18 -3.69 22.11
N GLN C 365 -5.83 -2.85 21.13
CA GLN C 365 -6.78 -1.83 20.68
C GLN C 365 -7.99 -2.46 20.00
N LYS C 366 -7.77 -3.54 19.26
CA LYS C 366 -8.86 -4.16 18.49
C LYS C 366 -9.79 -4.97 19.38
N GLU C 367 -9.25 -5.66 20.39
CA GLU C 367 -10.03 -6.61 21.18
C GLU C 367 -10.07 -6.28 22.66
N GLY C 368 -8.94 -5.88 23.24
CA GLY C 368 -8.82 -5.83 24.69
C GLY C 368 -9.39 -4.62 25.37
N ASN C 369 -10.41 -4.83 26.21
CA ASN C 369 -10.81 -3.80 27.15
C ASN C 369 -9.74 -3.60 28.22
N THR C 370 -9.20 -4.70 28.74
CA THR C 370 -8.04 -4.70 29.61
C THR C 370 -7.00 -5.61 29.00
N LEU C 371 -5.79 -5.57 29.57
CA LEU C 371 -4.70 -6.35 29.00
C LEU C 371 -4.84 -7.85 29.24
N VAL C 372 -5.61 -8.25 30.26
CA VAL C 372 -5.85 -9.68 30.49
C VAL C 372 -6.56 -10.31 29.31
N ASP C 373 -7.38 -9.54 28.58
CA ASP C 373 -8.04 -10.06 27.40
C ASP C 373 -7.04 -10.53 26.36
N LEU C 374 -5.80 -10.05 26.42
CA LEU C 374 -4.77 -10.45 25.49
C LEU C 374 -4.15 -11.80 25.83
N ASN C 375 -4.25 -12.25 27.09
CA ASN C 375 -3.47 -13.41 27.51
C ASN C 375 -3.76 -14.66 26.68
N GLN C 376 -5.00 -14.80 26.19
CA GLN C 376 -5.36 -15.97 25.40
C GLN C 376 -4.53 -16.09 24.13
N TYR C 377 -3.91 -15.00 23.68
CA TYR C 377 -3.10 -14.99 22.47
C TYR C 377 -1.62 -15.21 22.76
N GLY C 378 -1.26 -15.48 24.01
CA GLY C 378 0.15 -15.62 24.36
C GLY C 378 0.87 -16.63 23.48
N GLU C 379 0.40 -17.88 23.50
CA GLU C 379 0.97 -18.92 22.64
C GLU C 379 0.99 -18.47 21.19
N TYR C 380 -0.05 -17.76 20.73
CA TYR C 380 -0.10 -17.31 19.36
C TYR C 380 1.11 -16.45 19.01
N PHE C 381 1.50 -15.55 19.92
CA PHE C 381 2.74 -14.82 19.71
C PHE C 381 3.94 -15.70 20.00
N ALA C 382 3.85 -16.53 21.04
CA ALA C 382 4.99 -17.32 21.47
C ALA C 382 5.41 -18.34 20.44
N THR C 383 4.49 -18.78 19.58
CA THR C 383 4.79 -19.70 18.50
C THR C 383 4.93 -19.01 17.15
N ASN C 384 4.88 -17.68 17.13
CA ASN C 384 4.98 -16.94 15.86
C ASN C 384 6.37 -17.12 15.28
N GLU C 385 6.44 -17.59 14.03
CA GLU C 385 7.71 -17.98 13.44
C GLU C 385 8.65 -16.80 13.28
N GLU C 386 8.14 -15.67 12.79
CA GLU C 386 9.02 -14.52 12.54
C GLU C 386 9.53 -13.92 13.85
N TYR C 387 8.65 -13.79 14.85
CA TYR C 387 9.08 -13.26 16.13
C TYR C 387 10.07 -14.20 16.81
N ILE C 388 9.86 -15.51 16.69
CA ILE C 388 10.82 -16.48 17.22
C ILE C 388 12.16 -16.34 16.51
N ARG C 389 12.14 -16.16 15.19
CA ARG C 389 13.38 -15.97 14.45
C ARG C 389 14.11 -14.70 14.89
N LYS C 390 13.36 -13.62 15.11
CA LYS C 390 13.98 -12.38 15.56
C LYS C 390 14.54 -12.51 16.97
N TYR C 391 13.87 -13.28 17.84
CA TYR C 391 14.43 -13.54 19.16
C TYR C 391 15.71 -14.37 19.06
N ARG C 392 15.72 -15.37 18.18
CA ARG C 392 16.85 -16.29 18.10
C ARG C 392 18.07 -15.66 17.43
N TYR C 393 17.86 -14.80 16.44
CA TYR C 393 18.98 -14.34 15.62
C TYR C 393 19.10 -12.82 15.57
N ALA C 394 17.97 -12.11 15.62
CA ALA C 394 17.97 -10.66 15.54
C ALA C 394 18.07 -9.99 16.91
N HIS C 395 18.37 -10.77 17.96
CA HIS C 395 18.56 -10.25 19.31
C HIS C 395 17.33 -9.49 19.80
N ALA C 396 16.16 -9.99 19.44
CA ALA C 396 14.91 -9.43 19.94
C ALA C 396 14.45 -10.21 21.16
N PHE C 397 13.55 -9.59 21.92
CA PHE C 397 12.92 -10.29 23.03
C PHE C 397 12.03 -11.40 22.50
N HIS C 398 11.91 -12.47 23.28
CA HIS C 398 10.98 -13.53 22.91
C HIS C 398 9.56 -12.98 22.92
N PRO C 399 8.71 -13.39 21.98
CA PRO C 399 7.36 -12.81 21.92
C PRO C 399 6.58 -12.96 23.21
N PHE C 400 6.59 -14.14 23.82
CA PHE C 400 5.80 -14.35 25.03
C PHE C 400 6.21 -13.43 26.17
N HIS C 401 7.47 -12.99 26.19
CA HIS C 401 7.89 -12.01 27.19
C HIS C 401 6.97 -10.81 27.21
N GLY C 402 6.58 -10.30 26.03
CA GLY C 402 5.66 -9.18 25.99
C GLY C 402 4.37 -9.48 26.71
N PHE C 403 3.84 -10.69 26.58
CA PHE C 403 2.66 -11.07 27.34
C PHE C 403 2.92 -11.03 28.83
N SER C 404 4.08 -11.53 29.27
CA SER C 404 4.46 -11.33 30.65
C SER C 404 4.33 -9.86 31.02
N MET C 405 4.84 -8.97 30.16
CA MET C 405 4.70 -7.54 30.41
C MET C 405 3.25 -7.15 30.57
N ILE C 406 2.38 -7.54 29.63
CA ILE C 406 0.99 -7.13 29.78
C ILE C 406 0.40 -7.85 30.98
N SER C 407 0.86 -9.07 31.26
CA SER C 407 0.41 -9.76 32.47
C SER C 407 0.77 -8.93 33.71
N CYS C 408 1.95 -8.32 33.70
CA CYS C 408 2.27 -7.34 34.72
C CYS C 408 1.48 -6.06 34.49
N ALA C 409 1.44 -5.58 33.24
CA ALA C 409 1.02 -4.22 32.96
C ALA C 409 -0.43 -3.95 33.35
N HIS C 410 -1.30 -4.95 33.24
CA HIS C 410 -2.69 -4.76 33.62
C HIS C 410 -2.82 -4.29 35.06
N LEU C 411 -1.89 -4.71 35.93
CA LEU C 411 -1.94 -4.27 37.32
C LEU C 411 -1.90 -2.75 37.43
N ALA C 412 -1.12 -2.09 36.58
CA ALA C 412 -1.10 -0.62 36.58
C ALA C 412 -2.49 -0.07 36.33
N GLU C 413 -3.23 -0.68 35.39
CA GLU C 413 -4.61 -0.28 35.18
C GLU C 413 -5.49 -0.69 36.34
N LYS C 414 -5.22 -1.86 36.93
CA LYS C 414 -6.16 -2.43 37.90
C LYS C 414 -6.11 -1.70 39.24
N HIS C 415 -4.92 -1.36 39.72
CA HIS C 415 -4.76 -0.87 41.08
C HIS C 415 -4.81 0.64 41.20
N THR C 416 -4.16 1.37 40.31
CA THR C 416 -4.20 2.83 40.34
C THR C 416 -5.58 3.33 39.91
N ALA C 417 -6.06 4.37 40.58
CA ALA C 417 -7.29 5.02 40.15
C ALA C 417 -7.12 5.61 38.75
N ALA C 418 -5.99 6.26 38.50
CA ALA C 418 -5.67 6.79 37.19
C ALA C 418 -4.16 6.99 37.10
N ILE C 419 -3.64 6.82 35.89
CA ILE C 419 -2.22 7.06 35.62
C ILE C 419 -2.14 8.19 34.60
N TYR C 420 -1.42 9.24 34.96
CA TYR C 420 -1.22 10.39 34.09
C TYR C 420 0.14 10.27 33.43
N LEU C 421 0.16 10.36 32.10
CA LEU C 421 1.40 10.42 31.34
C LEU C 421 1.59 11.85 30.85
N VAL C 422 2.74 12.44 31.15
CA VAL C 422 3.03 13.82 30.82
C VAL C 422 4.22 13.86 29.87
N GLY C 423 4.16 14.76 28.90
CA GLY C 423 5.19 14.88 27.91
C GLY C 423 5.11 13.90 26.77
N ALA C 424 3.98 13.20 26.63
CA ALA C 424 3.79 12.26 25.54
C ALA C 424 3.86 12.96 24.19
N GLU C 425 4.87 12.63 23.39
CA GLU C 425 4.92 13.14 22.02
C GLU C 425 3.77 12.59 21.20
N LYS C 426 3.42 11.33 21.41
CA LYS C 426 2.27 10.69 20.79
C LYS C 426 1.35 10.20 21.91
N PRO C 427 0.49 11.07 22.42
CA PRO C 427 -0.38 10.68 23.54
C PRO C 427 -1.39 9.60 23.18
N GLY C 428 -1.59 9.33 21.89
CA GLY C 428 -2.54 8.30 21.50
C GLY C 428 -2.16 6.92 21.99
N TYR C 429 -0.88 6.58 21.96
CA TYR C 429 -0.44 5.28 22.45
C TYR C 429 -0.65 5.16 23.95
N ALA C 430 -0.33 6.21 24.71
CA ALA C 430 -0.56 6.20 26.14
C ALA C 430 -2.05 6.06 26.45
N ARG C 431 -2.90 6.79 25.73
CA ARG C 431 -4.33 6.66 25.94
C ARG C 431 -4.84 5.28 25.56
N GLY C 432 -4.31 4.71 24.48
CA GLY C 432 -4.64 3.34 24.09
C GLY C 432 -4.18 2.31 25.09
N MET C 433 -3.20 2.64 25.92
CA MET C 433 -2.88 1.81 27.07
C MET C 433 -3.78 2.08 28.26
N GLY C 434 -4.71 3.02 28.15
CA GLY C 434 -5.58 3.36 29.26
C GLY C 434 -5.06 4.45 30.18
N LEU C 435 -4.11 5.26 29.72
CA LEU C 435 -3.50 6.30 30.53
C LEU C 435 -4.05 7.67 30.15
N LYS C 436 -4.31 8.48 31.17
CA LYS C 436 -4.64 9.88 30.94
C LYS C 436 -3.39 10.64 30.50
N THR C 437 -3.55 11.50 29.49
CA THR C 437 -2.43 12.20 28.89
C THR C 437 -2.57 13.70 29.13
N ARG C 438 -1.50 14.31 29.63
CA ARG C 438 -1.42 15.75 29.80
C ARG C 438 -0.07 16.22 29.27
N ALA C 439 -0.03 17.48 28.82
CA ALA C 439 1.19 18.00 28.23
C ALA C 439 2.30 18.14 29.27
N THR C 440 1.97 18.66 30.46
CA THR C 440 2.97 18.97 31.47
C THR C 440 2.56 18.35 32.80
N PHE C 441 3.54 18.29 33.71
CA PHE C 441 3.29 17.75 35.04
C PHE C 441 2.22 18.53 35.78
N GLU C 442 2.20 19.86 35.60
CA GLU C 442 1.27 20.69 36.35
C GLU C 442 -0.18 20.39 35.99
N GLU C 443 -0.47 20.22 34.69
CA GLU C 443 -1.84 19.93 34.28
C GLU C 443 -2.30 18.60 34.83
N ALA C 444 -1.44 17.57 34.78
CA ALA C 444 -1.79 16.28 35.33
C ALA C 444 -2.00 16.34 36.82
N LEU C 445 -1.16 17.12 37.52
CA LEU C 445 -1.30 17.25 38.96
C LEU C 445 -2.63 17.91 39.32
N GLU C 446 -2.99 18.99 38.63
CA GLU C 446 -4.26 19.65 38.90
C GLU C 446 -5.44 18.74 38.55
N ASP C 447 -5.34 18.01 37.45
CA ASP C 447 -6.40 17.08 37.06
C ASP C 447 -6.59 15.99 38.11
N ALA C 448 -5.48 15.42 38.60
CA ALA C 448 -5.57 14.39 39.63
C ALA C 448 -6.14 14.95 40.91
N LYS C 449 -5.73 16.17 41.29
CA LYS C 449 -6.28 16.79 42.49
C LYS C 449 -7.79 17.01 42.35
N LYS C 450 -8.23 17.48 41.20
CA LYS C 450 -9.65 17.76 41.01
C LYS C 450 -10.47 16.49 40.97
N LYS C 451 -9.94 15.42 40.38
CA LYS C 451 -10.73 14.23 40.08
C LYS C 451 -10.64 13.13 41.12
N PHE C 452 -9.46 12.83 41.65
CA PHE C 452 -9.29 11.62 42.45
C PHE C 452 -8.82 11.86 43.86
N VAL C 453 -7.83 12.72 44.07
CA VAL C 453 -7.09 12.75 45.32
C VAL C 453 -7.40 13.97 46.18
N GLY C 454 -8.13 14.95 45.66
CA GLY C 454 -8.42 16.15 46.43
C GLY C 454 -7.34 17.20 46.29
N GLN C 455 -7.62 18.36 46.88
CA GLN C 455 -6.74 19.51 46.72
C GLN C 455 -5.53 19.48 47.65
N GLU C 456 -5.47 18.55 48.60
CA GLU C 456 -4.33 18.41 49.49
C GLU C 456 -3.89 16.94 49.53
N PRO C 457 -3.30 16.44 48.44
CA PRO C 457 -2.90 15.04 48.40
C PRO C 457 -1.50 14.83 48.94
N ASN C 458 -1.26 13.63 49.44
CA ASN C 458 0.08 13.21 49.83
C ASN C 458 0.83 12.76 48.58
N ILE C 459 1.71 13.63 48.09
CA ILE C 459 2.40 13.41 46.83
C ILE C 459 3.79 12.87 47.12
N LEU C 460 4.14 11.75 46.50
CA LEU C 460 5.48 11.17 46.61
C LEU C 460 6.20 11.35 45.28
N ALA C 461 7.34 12.02 45.33
CA ALA C 461 8.18 12.18 44.15
C ALA C 461 9.21 11.05 44.12
N LEU C 462 9.37 10.43 42.96
CA LEU C 462 10.31 9.33 42.76
C LEU C 462 11.21 9.65 41.58
N PRO C 463 12.15 10.58 41.74
CA PRO C 463 13.16 10.79 40.71
C PRO C 463 14.10 9.60 40.63
N LYS C 464 14.57 9.32 39.41
CA LYS C 464 15.41 8.16 39.14
C LYS C 464 14.74 6.86 39.58
N ALA C 465 13.41 6.80 39.47
CA ALA C 465 12.67 5.60 39.87
C ALA C 465 13.00 4.40 38.99
N PHE C 466 13.52 4.64 37.78
CA PHE C 466 13.93 3.56 36.89
C PHE C 466 15.41 3.57 36.57
N LYS C 467 16.11 4.69 36.73
CA LYS C 467 17.55 4.72 36.48
C LYS C 467 18.30 3.90 37.52
N THR C 468 17.85 3.93 38.77
CA THR C 468 18.45 3.16 39.85
C THR C 468 17.63 1.91 40.12
N ALA C 469 18.24 0.95 40.81
CA ALA C 469 17.54 -0.26 41.20
C ALA C 469 16.45 0.09 42.20
N ALA C 470 15.19 0.00 41.77
CA ALA C 470 14.08 0.43 42.60
C ALA C 470 13.89 -0.51 43.77
N VAL C 471 13.28 0.03 44.82
CA VAL C 471 13.01 -0.71 46.06
C VAL C 471 11.49 -0.83 46.22
N HIS C 472 11.09 -1.73 47.11
CA HIS C 472 9.68 -1.92 47.45
C HIS C 472 9.39 -1.08 48.68
N LEU C 473 8.76 0.07 48.46
CA LEU C 473 8.49 0.99 49.56
C LEU C 473 7.34 0.48 50.41
N MET C 474 7.54 0.49 51.73
CA MET C 474 6.52 0.12 52.69
C MET C 474 6.34 1.25 53.71
N MET C 475 5.31 1.12 54.52
CA MET C 475 5.08 2.07 55.59
C MET C 475 6.15 1.93 56.67
N LYS C 476 6.28 2.97 57.49
CA LYS C 476 7.32 2.97 58.52
C LYS C 476 7.13 1.82 59.50
N ASN C 477 5.90 1.55 59.89
CA ASN C 477 5.60 0.47 60.82
C ASN C 477 5.52 -0.89 60.15
N ASP C 478 5.61 -0.96 58.83
CA ASP C 478 5.56 -2.23 58.13
C ASP C 478 6.85 -3.02 58.35
N LEU C 479 6.71 -4.35 58.40
CA LEU C 479 7.86 -5.24 58.57
C LEU C 479 8.28 -5.82 57.23
N PRO C 480 9.58 -6.06 57.04
CA PRO C 480 10.05 -6.66 55.80
C PRO C 480 9.62 -8.12 55.71
N PRO C 481 8.90 -8.50 54.64
CA PRO C 481 8.42 -9.88 54.43
C PRO C 481 9.54 -10.92 54.51
N LYS D 2 -31.19 -5.10 37.32
CA LYS D 2 -31.21 -5.28 35.87
C LYS D 2 -31.87 -4.10 35.18
N ILE D 3 -31.04 -3.21 34.61
CA ILE D 3 -31.51 -2.06 33.87
C ILE D 3 -30.92 -2.11 32.47
N ASP D 4 -31.77 -1.95 31.46
CA ASP D 4 -31.34 -2.02 30.08
C ASP D 4 -30.88 -0.64 29.61
N PHE D 5 -29.71 -0.59 28.99
CA PHE D 5 -29.14 0.65 28.48
C PHE D 5 -28.82 0.48 27.00
N GLU D 6 -28.89 1.57 26.25
CA GLU D 6 -28.71 1.48 24.81
C GLU D 6 -27.32 0.98 24.47
N TYR D 7 -27.27 0.02 23.54
CA TYR D 7 -26.02 -0.63 23.13
C TYR D 7 -26.11 -0.82 21.61
N GLY D 8 -25.64 0.18 20.87
CA GLY D 8 -25.45 0.07 19.45
C GLY D 8 -26.77 0.12 18.69
N HIS D 9 -27.48 -1.00 18.73
CA HIS D 9 -28.80 -1.10 18.13
C HIS D 9 -29.87 -1.54 19.11
N GLY D 10 -29.49 -2.03 20.29
CA GLY D 10 -30.48 -2.49 21.24
C GLY D 10 -30.17 -2.15 22.67
N THR D 11 -30.23 -3.15 23.55
CA THR D 11 -30.02 -2.93 24.97
C THR D 11 -29.02 -3.94 25.52
N MET D 12 -28.19 -3.47 26.45
CA MET D 12 -27.32 -4.29 27.27
C MET D 12 -27.74 -4.10 28.71
N THR D 13 -27.80 -5.20 29.46
CA THR D 13 -28.32 -5.17 30.81
C THR D 13 -27.20 -4.91 31.82
N ALA D 14 -27.49 -4.08 32.81
CA ALA D 14 -26.57 -3.79 33.91
C ALA D 14 -27.19 -4.29 35.21
N ASP D 15 -26.37 -4.97 36.01
CA ASP D 15 -26.79 -5.43 37.34
C ASP D 15 -26.50 -4.33 38.37
N LEU D 16 -27.18 -3.21 38.18
CA LEU D 16 -27.03 -2.09 39.09
C LEU D 16 -27.74 -2.39 40.41
N PRO D 17 -27.27 -1.82 41.52
CA PRO D 17 -27.91 -2.08 42.81
C PRO D 17 -29.34 -1.56 42.84
N ASP D 18 -30.15 -2.15 43.71
CA ASP D 18 -31.56 -1.76 43.82
C ASP D 18 -31.72 -0.31 44.29
N THR D 19 -30.67 0.28 44.86
CA THR D 19 -30.70 1.67 45.28
C THR D 19 -30.41 2.64 44.13
N THR D 20 -30.07 2.12 42.95
CA THR D 20 -29.79 2.99 41.81
C THR D 20 -31.05 3.74 41.39
N ASP D 21 -30.91 5.04 41.17
CA ASP D 21 -32.01 5.88 40.74
C ASP D 21 -32.10 5.87 39.22
N ILE D 22 -33.28 5.60 38.69
CA ILE D 22 -33.51 5.56 37.25
C ILE D 22 -34.27 6.81 36.86
N PHE D 23 -33.72 7.59 35.94
CA PHE D 23 -34.38 8.75 35.39
C PHE D 23 -34.55 8.59 33.89
N ILE D 24 -35.78 8.78 33.41
CA ILE D 24 -36.09 8.81 31.99
C ILE D 24 -36.81 10.12 31.71
N PRO D 25 -36.34 10.90 30.73
CA PRO D 25 -37.00 12.19 30.45
C PRO D 25 -38.46 11.99 30.08
N GLY D 26 -39.33 12.84 30.62
CA GLY D 26 -40.74 12.78 30.35
C GLY D 26 -41.49 11.72 31.15
N GLU D 27 -40.80 10.64 31.51
CA GLU D 27 -41.41 9.52 32.21
C GLU D 27 -41.17 9.60 33.72
N THR D 28 -39.91 9.64 34.14
CA THR D 28 -39.60 9.73 35.57
C THR D 28 -40.14 11.01 36.17
N VAL D 29 -39.94 12.14 35.48
CA VAL D 29 -40.52 13.42 35.85
C VAL D 29 -41.36 13.89 34.68
N ALA D 30 -42.63 14.20 34.94
CA ALA D 30 -43.55 14.56 33.88
C ALA D 30 -43.18 15.92 33.30
N ASP D 31 -43.06 15.97 31.97
CA ASP D 31 -42.86 17.23 31.29
C ASP D 31 -44.15 18.04 31.30
N PRO D 32 -44.07 19.35 31.06
CA PRO D 32 -45.29 20.14 30.91
C PRO D 32 -46.18 19.55 29.83
N GLU D 33 -47.48 19.56 30.11
CA GLU D 33 -48.43 18.87 29.23
C GLU D 33 -48.41 19.46 27.83
N CYS D 34 -48.13 18.61 26.85
CA CYS D 34 -48.10 19.05 25.47
C CYS D 34 -49.51 19.36 24.98
N LEU D 35 -49.59 20.19 23.95
CA LEU D 35 -50.88 20.54 23.37
C LEU D 35 -51.49 19.29 22.72
N PRO D 36 -52.81 19.12 22.84
CA PRO D 36 -53.45 17.97 22.18
C PRO D 36 -53.38 18.12 20.66
N GLU D 37 -53.47 16.98 19.98
CA GLU D 37 -53.27 16.97 18.53
C GLU D 37 -54.29 17.86 17.83
N ASP D 38 -55.55 17.83 18.26
CA ASP D 38 -56.56 18.69 17.67
C ASP D 38 -56.32 20.16 17.96
N GLN D 39 -55.51 20.48 18.98
CA GLN D 39 -55.26 21.84 19.40
C GLN D 39 -53.90 22.36 18.92
N ILE D 40 -53.03 21.48 18.43
CA ILE D 40 -51.68 21.90 18.04
C ILE D 40 -51.74 22.88 16.87
N GLU D 41 -52.54 22.55 15.85
CA GLU D 41 -52.63 23.42 14.68
C GLU D 41 -53.24 24.78 15.05
N ALA D 42 -54.29 24.77 15.88
CA ALA D 42 -54.91 26.02 16.30
C ALA D 42 -53.92 26.87 17.10
N ALA D 43 -53.17 26.24 18.00
CA ALA D 43 -52.18 26.98 18.78
C ALA D 43 -51.09 27.57 17.89
N THR D 44 -50.62 26.80 16.91
CA THR D 44 -49.61 27.32 15.99
C THR D 44 -50.15 28.49 15.18
N LEU D 45 -51.38 28.37 14.69
CA LEU D 45 -51.98 29.46 13.92
C LEU D 45 -52.14 30.71 14.79
N ASP D 46 -52.57 30.52 16.04
CA ASP D 46 -52.70 31.65 16.95
C ASP D 46 -51.34 32.30 17.22
N SER D 47 -50.29 31.48 17.37
CA SER D 47 -48.95 32.02 17.59
C SER D 47 -48.48 32.83 16.40
N ILE D 48 -48.68 32.31 15.19
CA ILE D 48 -48.25 33.04 14.00
C ILE D 48 -49.05 34.33 13.84
N ARG D 49 -50.36 34.28 14.07
CA ARG D 49 -51.19 35.45 13.83
C ARG D 49 -51.02 36.54 14.88
N ASN D 50 -50.49 36.20 16.05
CA ASN D 50 -50.19 37.19 17.10
C ASN D 50 -48.76 36.98 17.56
N PRO D 51 -47.79 37.51 16.82
CA PRO D 51 -46.38 37.33 17.18
C PRO D 51 -45.94 38.33 18.24
N LEU D 52 -44.70 38.17 18.69
CA LEU D 52 -44.09 39.01 19.71
C LEU D 52 -42.91 39.75 19.10
N GLY D 53 -42.89 41.08 19.25
CA GLY D 53 -41.79 41.90 18.80
C GLY D 53 -41.84 42.34 17.35
N MET D 54 -42.86 41.94 16.60
CA MET D 54 -43.02 42.36 15.22
C MET D 54 -44.50 42.25 14.85
N PRO D 55 -44.92 42.93 13.79
CA PRO D 55 -46.27 42.69 13.25
C PRO D 55 -46.35 41.30 12.66
N PRO D 56 -47.57 40.77 12.48
CA PRO D 56 -47.71 39.41 11.93
C PRO D 56 -47.14 39.32 10.52
N LEU D 57 -47.11 38.08 10.02
CA LEU D 57 -46.61 37.85 8.67
C LEU D 57 -47.44 38.56 7.62
N THR D 58 -48.69 38.92 7.94
CA THR D 58 -49.51 39.67 7.00
C THR D 58 -48.90 41.04 6.71
N GLU D 59 -48.49 41.76 7.76
CA GLU D 59 -47.91 43.08 7.58
C GLU D 59 -46.46 43.00 7.10
N LEU D 60 -45.71 41.99 7.56
CA LEU D 60 -44.31 41.88 7.16
C LEU D 60 -44.16 41.49 5.70
N ALA D 61 -45.06 40.64 5.19
CA ALA D 61 -44.96 40.13 3.83
C ALA D 61 -45.98 40.83 2.94
N LYS D 62 -45.49 41.42 1.86
CA LYS D 62 -46.30 42.02 0.81
C LYS D 62 -46.44 41.07 -0.36
N PRO D 63 -47.47 41.22 -1.19
CA PRO D 63 -47.59 40.37 -2.38
C PRO D 63 -46.38 40.49 -3.27
N GLY D 64 -45.87 39.34 -3.72
CA GLY D 64 -44.68 39.30 -4.54
C GLY D 64 -43.37 39.35 -3.78
N SER D 65 -43.41 39.46 -2.46
CA SER D 65 -42.18 39.53 -1.67
C SER D 65 -41.54 38.16 -1.55
N LYS D 66 -40.21 38.13 -1.61
CA LYS D 66 -39.45 36.89 -1.45
C LYS D 66 -39.42 36.51 0.02
N VAL D 67 -39.82 35.27 0.31
CA VAL D 67 -39.91 34.76 1.67
C VAL D 67 -39.05 33.51 1.78
N THR D 68 -38.21 33.46 2.81
CA THR D 68 -37.41 32.28 3.11
C THR D 68 -37.87 31.70 4.44
N ILE D 69 -38.43 30.50 4.39
CA ILE D 69 -38.81 29.75 5.57
C ILE D 69 -37.68 28.79 5.89
N VAL D 70 -36.94 29.06 6.95
CA VAL D 70 -35.77 28.29 7.34
C VAL D 70 -36.20 27.34 8.45
N PHE D 71 -36.19 26.05 8.15
CA PHE D 71 -36.61 25.01 9.08
C PHE D 71 -35.40 24.18 9.51
N PRO D 72 -35.43 23.64 10.72
CA PRO D 72 -34.31 22.81 11.18
C PRO D 72 -34.30 21.44 10.53
N ASP D 73 -33.14 20.78 10.62
CA ASP D 73 -32.94 19.49 9.97
C ASP D 73 -33.53 18.38 10.83
N ARG D 74 -33.22 17.13 10.48
CA ARG D 74 -33.80 15.97 11.13
C ARG D 74 -33.19 15.66 12.49
N VAL D 75 -32.12 16.37 12.89
CA VAL D 75 -31.47 16.08 14.17
C VAL D 75 -32.43 16.35 15.32
N LYS D 76 -33.11 17.50 15.29
CA LYS D 76 -34.04 17.89 16.34
C LYS D 76 -35.46 17.93 15.78
N GLY D 77 -36.40 18.21 16.67
CA GLY D 77 -37.80 18.27 16.29
C GLY D 77 -38.39 16.89 16.09
N GLY D 78 -39.64 16.89 15.63
CA GLY D 78 -40.35 15.64 15.38
C GLY D 78 -40.66 15.41 13.92
N GLU D 79 -40.98 14.17 13.56
CA GLU D 79 -41.38 13.84 12.20
C GLU D 79 -42.80 13.27 12.14
N GLN D 80 -43.59 13.49 13.19
CA GLN D 80 -44.96 13.01 13.20
C GLN D 80 -45.83 13.86 12.27
N ALA D 81 -47.04 13.37 12.03
CA ALA D 81 -47.96 14.08 11.14
C ALA D 81 -48.30 15.46 11.66
N THR D 82 -48.26 15.66 12.99
CA THR D 82 -48.54 16.95 13.61
C THR D 82 -47.28 17.58 14.19
N ALA D 83 -46.12 17.32 13.59
CA ALA D 83 -44.87 17.89 14.09
C ALA D 83 -44.87 19.41 13.89
N HIS D 84 -44.03 20.08 14.69
CA HIS D 84 -44.01 21.53 14.67
C HIS D 84 -43.59 22.06 13.30
N ARG D 85 -42.59 21.45 12.69
CA ARG D 85 -42.11 21.94 11.40
C ARG D 85 -43.21 21.90 10.35
N LYS D 86 -43.85 20.73 10.18
CA LYS D 86 -44.86 20.57 9.14
C LYS D 86 -46.04 21.51 9.36
N VAL D 87 -46.62 21.49 10.56
CA VAL D 87 -47.80 22.30 10.85
C VAL D 87 -47.48 23.77 10.76
N SER D 88 -46.37 24.19 11.38
CA SER D 88 -46.01 25.60 11.39
C SER D 88 -45.75 26.12 9.98
N ILE D 89 -45.00 25.36 9.17
CA ILE D 89 -44.73 25.79 7.81
C ILE D 89 -46.01 25.80 6.98
N LYS D 90 -46.90 24.84 7.20
CA LYS D 90 -48.16 24.81 6.46
C LYS D 90 -48.99 26.05 6.74
N LEU D 91 -49.22 26.37 8.02
CA LEU D 91 -50.04 27.53 8.34
C LEU D 91 -49.33 28.84 7.97
N ILE D 92 -48.00 28.89 8.07
CA ILE D 92 -47.27 30.07 7.65
C ILE D 92 -47.43 30.29 6.15
N LEU D 93 -47.37 29.20 5.37
CA LEU D 93 -47.59 29.30 3.94
C LEU D 93 -49.00 29.75 3.62
N GLN D 94 -49.99 29.25 4.37
CA GLN D 94 -51.36 29.71 4.18
C GLN D 94 -51.48 31.20 4.45
N GLU D 95 -50.84 31.68 5.53
CA GLU D 95 -50.87 33.11 5.83
C GLU D 95 -50.20 33.92 4.73
N LEU D 96 -49.07 33.42 4.20
CA LEU D 96 -48.38 34.12 3.13
C LEU D 96 -49.22 34.17 1.86
N TYR D 97 -49.89 33.06 1.53
CA TYR D 97 -50.74 33.03 0.35
C TYR D 97 -51.95 33.94 0.52
N SER D 98 -52.43 34.09 1.76
CA SER D 98 -53.57 34.97 2.01
C SER D 98 -53.24 36.41 1.67
N VAL D 99 -52.01 36.86 1.97
CA VAL D 99 -51.61 38.25 1.72
C VAL D 99 -51.06 38.46 0.33
N GLY D 100 -51.02 37.43 -0.50
CA GLY D 100 -50.59 37.57 -1.87
C GLY D 100 -49.16 37.17 -2.17
N VAL D 101 -48.45 36.56 -1.22
CA VAL D 101 -47.10 36.12 -1.47
C VAL D 101 -47.14 34.89 -2.37
N LYS D 102 -46.42 34.96 -3.49
CA LYS D 102 -46.46 33.89 -4.48
C LYS D 102 -45.77 32.63 -3.94
N LYS D 103 -46.30 31.47 -4.33
CA LYS D 103 -45.68 30.21 -3.94
C LYS D 103 -44.29 30.06 -4.54
N GLU D 104 -44.11 30.49 -5.79
CA GLU D 104 -42.81 30.42 -6.45
C GLU D 104 -41.78 31.34 -5.81
N ASP D 105 -42.20 32.28 -4.97
CA ASP D 105 -41.29 33.22 -4.30
C ASP D 105 -40.97 32.79 -2.87
N ILE D 106 -41.26 31.54 -2.52
CA ILE D 106 -41.04 31.03 -1.17
C ILE D 106 -39.99 29.93 -1.25
N LEU D 107 -38.96 30.05 -0.41
CA LEU D 107 -37.84 29.12 -0.39
C LEU D 107 -37.78 28.44 0.97
N LEU D 108 -37.88 27.11 0.97
CA LEU D 108 -37.77 26.32 2.20
C LEU D 108 -36.30 25.94 2.36
N ILE D 109 -35.63 26.56 3.32
CA ILE D 109 -34.20 26.38 3.55
C ILE D 109 -34.02 25.52 4.79
N CYS D 110 -33.40 24.36 4.61
CA CYS D 110 -33.06 23.52 5.75
C CYS D 110 -31.80 24.08 6.42
N SER D 111 -31.90 24.42 7.70
CA SER D 111 -30.81 25.05 8.43
C SER D 111 -29.87 23.99 9.02
N ASN D 112 -29.21 23.26 8.13
CA ASN D 112 -28.24 22.27 8.58
C ASN D 112 -27.02 22.94 9.20
N GLY D 113 -26.61 24.10 8.69
CA GLY D 113 -25.41 24.75 9.18
C GLY D 113 -24.20 23.89 8.87
N LEU D 114 -23.43 23.57 9.91
CA LEU D 114 -22.30 22.66 9.74
C LEU D 114 -22.72 21.20 9.79
N HIS D 115 -23.98 20.91 10.12
CA HIS D 115 -24.47 19.55 10.04
C HIS D 115 -24.62 19.14 8.58
N ARG D 116 -24.79 17.83 8.38
CA ARG D 116 -24.96 17.31 7.03
C ARG D 116 -26.17 17.95 6.36
N LYS D 117 -26.02 18.27 5.08
CA LYS D 117 -27.18 18.64 4.29
C LYS D 117 -28.15 17.46 4.25
N ASN D 118 -29.40 17.72 4.61
CA ASN D 118 -30.39 16.65 4.64
C ASN D 118 -30.66 16.16 3.23
N THR D 119 -30.73 14.83 3.08
CA THR D 119 -31.02 14.23 1.80
C THR D 119 -32.48 14.52 1.41
N GLU D 120 -32.83 14.12 0.19
CA GLU D 120 -34.19 14.34 -0.30
C GLU D 120 -35.20 13.60 0.56
N LYS D 121 -34.91 12.35 0.93
CA LYS D 121 -35.84 11.61 1.77
C LYS D 121 -35.87 12.14 3.19
N GLU D 122 -34.71 12.60 3.71
CA GLU D 122 -34.69 13.22 5.02
C GLU D 122 -35.51 14.50 5.04
N ILE D 123 -35.38 15.32 3.99
CA ILE D 123 -36.18 16.54 3.90
C ILE D 123 -37.65 16.21 3.78
N LEU D 124 -37.99 15.19 2.99
CA LEU D 124 -39.38 14.77 2.86
C LEU D 124 -39.97 14.34 4.20
N GLY D 125 -39.20 13.57 4.98
CA GLY D 125 -39.65 13.17 6.29
C GLY D 125 -39.80 14.34 7.24
N VAL D 126 -38.86 15.29 7.18
CA VAL D 126 -38.90 16.44 8.06
C VAL D 126 -40.10 17.33 7.76
N LEU D 127 -40.37 17.59 6.47
CA LEU D 127 -41.42 18.52 6.08
C LEU D 127 -42.77 17.86 5.88
N GLY D 128 -42.82 16.54 5.71
CA GLY D 128 -44.05 15.86 5.41
C GLY D 128 -44.29 15.80 3.91
N PRO D 129 -45.11 14.84 3.47
CA PRO D 129 -45.33 14.68 2.03
C PRO D 129 -45.91 15.92 1.35
N ASP D 130 -46.83 16.61 2.01
CA ASP D 130 -47.53 17.72 1.36
C ASP D 130 -46.56 18.85 1.03
N LEU D 131 -45.82 19.33 2.03
CA LEU D 131 -44.91 20.45 1.80
C LEU D 131 -43.79 20.06 0.85
N TYR D 132 -43.24 18.86 1.01
CA TYR D 132 -42.16 18.41 0.13
C TYR D 132 -42.62 18.36 -1.32
N HIS D 133 -43.74 17.66 -1.59
CA HIS D 133 -44.23 17.58 -2.95
C HIS D 133 -44.73 18.93 -3.46
N GLN D 134 -45.02 19.87 -2.57
CA GLN D 134 -45.35 21.22 -3.00
C GLN D 134 -44.11 21.95 -3.51
N PHE D 135 -42.99 21.85 -2.80
CA PHE D 135 -41.84 22.71 -3.08
C PHE D 135 -40.63 21.99 -3.66
N ALA D 136 -40.45 20.69 -3.40
CA ALA D 136 -39.30 19.98 -3.93
C ALA D 136 -39.26 19.93 -5.45
N PRO D 137 -40.35 19.62 -6.17
CA PRO D 137 -40.24 19.55 -7.64
C PRO D 137 -39.77 20.83 -8.30
N THR D 138 -40.11 21.99 -7.73
CA THR D 138 -39.68 23.27 -8.27
C THR D 138 -38.31 23.68 -7.75
N GLY D 139 -37.66 22.85 -6.94
CA GLY D 139 -36.39 23.23 -6.35
C GLY D 139 -36.51 24.28 -5.28
N GLN D 140 -37.69 24.41 -4.67
CA GLN D 140 -37.93 25.43 -3.65
C GLN D 140 -37.58 24.95 -2.24
N ILE D 141 -37.04 23.74 -2.10
CA ILE D 141 -36.46 23.29 -0.86
C ILE D 141 -34.96 23.11 -1.11
N ILE D 142 -34.16 23.92 -0.43
CA ILE D 142 -32.71 23.88 -0.55
C ILE D 142 -32.11 23.66 0.83
N ASN D 143 -31.08 22.83 0.90
CA ASN D 143 -30.29 22.73 2.12
C ASN D 143 -29.34 23.92 2.20
N HIS D 144 -29.19 24.47 3.39
CA HIS D 144 -28.22 25.54 3.57
C HIS D 144 -26.82 25.01 3.30
N ASP D 145 -26.06 25.75 2.50
CA ASP D 145 -24.69 25.39 2.16
C ASP D 145 -23.78 26.44 2.77
N SER D 146 -23.15 26.10 3.89
CA SER D 146 -22.19 27.00 4.53
C SER D 146 -20.88 27.08 3.77
N GLU D 147 -20.76 26.42 2.62
CA GLU D 147 -19.55 26.48 1.80
C GLU D 147 -19.84 26.89 0.37
N ASP D 148 -21.08 27.27 0.05
CA ASP D 148 -21.43 27.80 -1.26
C ASP D 148 -21.40 29.31 -1.17
N TYR D 149 -20.22 29.88 -1.45
CA TYR D 149 -20.04 31.32 -1.33
C TYR D 149 -20.81 32.09 -2.39
N GLU D 150 -21.24 31.42 -3.46
CA GLU D 150 -22.17 32.05 -4.39
C GLU D 150 -23.48 32.39 -3.69
N HIS D 151 -23.95 31.52 -2.81
CA HIS D 151 -25.16 31.74 -2.03
C HIS D 151 -24.84 31.99 -0.56
N LEU D 152 -23.78 32.75 -0.32
CA LEU D 152 -23.43 33.23 1.02
C LEU D 152 -23.06 34.70 0.94
N VAL D 153 -23.46 35.46 1.94
CA VAL D 153 -23.18 36.89 2.02
C VAL D 153 -22.30 37.12 3.25
N ASP D 154 -21.15 37.74 3.05
CA ASP D 154 -20.26 38.11 4.15
C ASP D 154 -20.75 39.42 4.75
N LEU D 155 -21.20 39.38 5.99
CA LEU D 155 -21.74 40.54 6.67
C LEU D 155 -20.71 41.23 7.55
N GLY D 156 -19.45 40.85 7.45
CA GLY D 156 -18.42 41.42 8.30
C GLY D 156 -18.43 40.80 9.68
N LYS D 157 -17.77 41.50 10.60
CA LYS D 157 -17.65 41.04 11.98
C LYS D 157 -18.57 41.84 12.89
N THR D 158 -18.94 41.23 14.01
CA THR D 158 -19.75 41.89 15.01
C THR D 158 -18.89 42.87 15.82
N LYS D 159 -19.51 43.48 16.83
CA LYS D 159 -18.77 44.35 17.73
C LYS D 159 -17.73 43.58 18.55
N GLN D 160 -17.91 42.27 18.69
CA GLN D 160 -16.99 41.42 19.43
C GLN D 160 -16.00 40.70 18.52
N GLY D 161 -15.98 41.03 17.23
CA GLY D 161 -15.06 40.41 16.30
C GLY D 161 -15.51 39.10 15.72
N ASP D 162 -16.75 38.69 15.94
CA ASP D 162 -17.25 37.44 15.40
C ASP D 162 -17.60 37.61 13.92
N PRO D 163 -16.98 36.88 13.01
CA PRO D 163 -17.35 37.01 11.59
C PRO D 163 -18.78 36.54 11.38
N VAL D 164 -19.45 37.14 10.39
CA VAL D 164 -20.84 36.84 10.10
C VAL D 164 -20.95 36.63 8.59
N ILE D 165 -21.02 35.37 8.17
CA ILE D 165 -21.37 34.99 6.81
C ILE D 165 -22.67 34.20 6.88
N MET D 166 -23.67 34.62 6.12
CA MET D 166 -25.02 34.11 6.26
C MET D 166 -25.57 33.66 4.92
N ASN D 167 -26.62 32.85 4.97
CA ASN D 167 -27.26 32.35 3.77
C ASN D 167 -27.76 33.51 2.91
N LYS D 168 -27.44 33.46 1.61
CA LYS D 168 -27.78 34.56 0.72
C LYS D 168 -29.29 34.65 0.49
N TYR D 169 -29.97 33.51 0.35
CA TYR D 169 -31.41 33.55 0.14
C TYR D 169 -32.12 34.21 1.32
N VAL D 170 -31.70 33.87 2.54
CA VAL D 170 -32.29 34.50 3.72
C VAL D 170 -31.93 35.98 3.79
N TYR D 171 -30.71 36.32 3.36
CA TYR D 171 -30.30 37.73 3.37
C TYR D 171 -31.15 38.57 2.42
N GLU D 172 -31.32 38.10 1.18
CA GLU D 172 -32.02 38.87 0.17
C GLU D 172 -33.54 38.73 0.24
N SER D 173 -34.05 37.77 1.01
CA SER D 173 -35.49 37.61 1.13
C SER D 173 -36.08 38.80 1.87
N ASP D 174 -37.33 39.13 1.53
CA ASP D 174 -38.02 40.21 2.20
C ASP D 174 -38.54 39.79 3.58
N VAL D 175 -38.91 38.53 3.74
CA VAL D 175 -39.38 37.99 5.02
C VAL D 175 -38.62 36.71 5.31
N ALA D 176 -37.86 36.70 6.39
CA ALA D 176 -37.14 35.52 6.84
C ALA D 176 -37.85 34.94 8.06
N ILE D 177 -38.47 33.78 7.88
CA ILE D 177 -39.17 33.08 8.95
C ILE D 177 -38.27 31.94 9.40
N LEU D 178 -38.19 31.73 10.71
CA LEU D 178 -37.36 30.67 11.29
C LEU D 178 -38.26 29.72 12.08
N ILE D 179 -38.42 28.51 11.57
CA ILE D 179 -39.08 27.45 12.33
C ILE D 179 -38.06 26.93 13.34
N GLY D 180 -38.44 26.91 14.61
CA GLY D 180 -37.52 26.55 15.67
C GLY D 180 -38.18 25.67 16.71
N HIS D 181 -37.35 24.89 17.38
CA HIS D 181 -37.75 24.04 18.49
C HIS D 181 -37.02 24.51 19.74
N THR D 182 -37.78 24.94 20.75
CA THR D 182 -37.19 25.35 22.03
C THR D 182 -36.98 24.12 22.90
N GLN D 183 -36.06 23.27 22.43
CA GLN D 183 -35.72 22.04 23.11
C GLN D 183 -34.43 22.20 23.91
N GLY D 184 -34.25 21.33 24.90
CA GLY D 184 -33.04 21.33 25.68
C GLY D 184 -31.81 21.08 24.84
N ASN D 185 -30.80 21.94 24.97
CA ASN D 185 -29.61 21.84 24.17
C ASN D 185 -28.38 22.21 25.00
N PRO D 186 -27.37 21.35 25.08
CA PRO D 186 -26.12 21.75 25.77
C PRO D 186 -25.43 22.91 25.09
N TYR D 187 -25.71 23.17 23.82
CA TYR D 187 -25.12 24.28 23.08
C TYR D 187 -26.00 25.51 23.27
N GLY D 188 -25.61 26.38 24.21
CA GLY D 188 -26.31 27.62 24.41
C GLY D 188 -27.59 27.53 25.19
N GLY D 189 -27.91 26.37 25.77
CA GLY D 189 -29.13 26.23 26.55
C GLY D 189 -30.30 25.66 25.77
N TYR D 190 -30.71 26.32 24.69
CA TYR D 190 -31.89 25.90 23.95
C TYR D 190 -31.68 26.06 22.46
N SER D 191 -32.32 25.18 21.69
CA SER D 191 -32.32 25.31 20.24
C SER D 191 -33.32 26.37 19.81
N GLY D 192 -33.20 26.78 18.54
CA GLY D 192 -34.10 27.78 18.01
C GLY D 192 -33.75 29.19 18.47
N GLY D 193 -34.63 30.12 18.13
CA GLY D 193 -34.39 31.51 18.48
C GLY D 193 -33.20 32.05 17.73
N TYR D 194 -32.30 32.72 18.45
CA TYR D 194 -31.11 33.27 17.82
C TYR D 194 -30.09 32.18 17.49
N LYS D 195 -30.14 31.05 18.19
CA LYS D 195 -29.24 29.94 17.86
C LYS D 195 -29.53 29.41 16.46
N HIS D 196 -30.81 29.29 16.11
CA HIS D 196 -31.20 28.75 14.81
C HIS D 196 -30.60 29.56 13.68
N CYS D 197 -30.76 30.87 13.71
CA CYS D 197 -30.19 31.71 12.65
C CYS D 197 -28.68 31.76 12.74
N SER D 198 -28.13 31.87 13.96
CA SER D 198 -26.69 32.04 14.13
C SER D 198 -25.91 30.80 13.75
N THR D 199 -26.55 29.64 13.71
CA THR D 199 -25.83 28.41 13.39
C THR D 199 -26.29 27.73 12.11
N GLY D 200 -27.60 27.57 11.91
CA GLY D 200 -28.07 26.75 10.82
C GLY D 200 -27.94 27.36 9.44
N ILE D 201 -27.84 28.69 9.36
CA ILE D 201 -27.74 29.36 8.07
C ILE D 201 -26.53 30.29 8.04
N THR D 202 -25.50 29.95 8.80
CA THR D 202 -24.30 30.76 8.86
C THR D 202 -23.10 29.95 8.35
N HIS D 203 -21.92 30.55 8.45
CA HIS D 203 -20.68 29.96 8.03
C HIS D 203 -20.04 29.20 9.18
N TRP D 204 -19.06 28.36 8.85
CA TRP D 204 -18.25 27.75 9.90
C TRP D 204 -17.44 28.82 10.63
N LYS D 205 -17.07 29.89 9.95
CA LYS D 205 -16.32 30.96 10.60
C LYS D 205 -17.18 31.69 11.63
N SER D 206 -18.46 31.91 11.31
CA SER D 206 -19.36 32.50 12.29
C SER D 206 -19.55 31.58 13.49
N ILE D 207 -19.68 30.28 13.24
CA ILE D 207 -19.88 29.31 14.32
C ILE D 207 -18.60 29.16 15.15
N ALA D 208 -17.44 29.41 14.53
CA ALA D 208 -16.16 29.30 15.22
C ALA D 208 -15.98 30.34 16.31
N SER D 209 -16.82 31.37 16.35
CA SER D 209 -16.72 32.34 17.44
C SER D 209 -17.19 31.75 18.76
N HIS D 210 -18.11 30.80 18.72
CA HIS D 210 -18.66 30.19 19.93
C HIS D 210 -18.42 28.69 20.02
N HIS D 211 -18.45 27.95 18.92
CA HIS D 211 -18.22 26.52 18.99
C HIS D 211 -16.73 26.22 19.12
N VAL D 212 -16.09 26.80 20.13
CA VAL D 212 -14.67 26.63 20.37
C VAL D 212 -14.44 26.52 21.87
N PRO D 213 -13.33 25.95 22.33
CA PRO D 213 -13.07 25.91 23.77
C PRO D 213 -12.98 27.27 24.43
N LYS D 214 -12.77 28.34 23.66
CA LYS D 214 -12.67 29.67 24.23
C LYS D 214 -13.96 30.11 24.93
N VAL D 215 -15.10 29.56 24.54
CA VAL D 215 -16.38 29.95 25.14
C VAL D 215 -17.11 28.78 25.79
N MET D 216 -16.86 27.53 25.41
CA MET D 216 -17.57 26.40 25.98
C MET D 216 -16.71 25.56 26.93
N HIS D 217 -15.52 26.05 27.28
CA HIS D 217 -14.72 25.41 28.33
C HIS D 217 -14.58 26.28 29.56
N ARG D 218 -15.38 27.34 29.68
CA ARG D 218 -15.36 28.19 30.85
C ARG D 218 -16.41 27.72 31.86
N LYS D 219 -16.56 28.49 32.94
CA LYS D 219 -17.47 28.09 34.01
C LYS D 219 -18.93 28.17 33.57
N ASP D 220 -19.28 29.17 32.76
CA ASP D 220 -20.68 29.40 32.41
C ASP D 220 -21.24 28.36 31.45
N PHE D 221 -20.41 27.51 30.87
CA PHE D 221 -20.91 26.53 29.91
C PHE D 221 -21.26 25.20 30.56
N VAL D 222 -20.51 24.79 31.58
CA VAL D 222 -20.78 23.52 32.26
C VAL D 222 -21.04 23.80 33.74
N PRO D 223 -22.27 23.63 34.23
CA PRO D 223 -23.48 23.21 33.50
C PRO D 223 -24.04 24.34 32.64
N VAL D 224 -24.81 24.01 31.59
CA VAL D 224 -25.30 25.04 30.68
C VAL D 224 -26.43 25.81 31.33
N ASN D 225 -26.54 27.09 30.96
CA ASN D 225 -27.63 27.94 31.40
C ASN D 225 -28.17 28.73 30.22
N ASN D 226 -29.07 29.68 30.48
CA ASN D 226 -29.62 30.51 29.42
C ASN D 226 -28.82 31.79 29.19
N ASN D 227 -27.79 32.04 29.99
CA ASN D 227 -26.98 33.24 29.87
C ASN D 227 -25.49 32.90 29.72
N SER D 228 -25.19 31.76 29.11
CA SER D 228 -23.81 31.40 28.86
C SER D 228 -23.24 32.24 27.72
N LEU D 229 -21.91 32.24 27.61
CA LEU D 229 -21.25 33.01 26.56
C LEU D 229 -21.65 32.52 25.18
N MET D 230 -21.87 31.22 25.02
CA MET D 230 -22.27 30.68 23.72
C MET D 230 -23.61 31.25 23.28
N ARG D 231 -24.58 31.31 24.20
CA ARG D 231 -25.87 31.90 23.88
C ARG D 231 -25.73 33.40 23.62
N HIS D 232 -24.84 34.06 24.35
CA HIS D 232 -24.60 35.49 24.10
C HIS D 232 -24.10 35.70 22.67
N LYS D 233 -23.14 34.90 22.23
CA LYS D 233 -22.65 35.02 20.86
C LYS D 233 -23.72 34.66 19.84
N PHE D 234 -24.57 33.67 20.17
CA PHE D 234 -25.73 33.38 19.33
C PHE D 234 -26.56 34.64 19.11
N ASP D 235 -26.93 35.31 20.20
CA ASP D 235 -27.75 36.52 20.09
C ASP D 235 -27.02 37.60 19.31
N GLU D 236 -25.73 37.80 19.58
CA GLU D 236 -24.97 38.83 18.89
C GLU D 236 -24.97 38.61 17.38
N ILE D 237 -24.68 37.38 16.94
CA ILE D 237 -24.67 37.08 15.52
C ILE D 237 -26.07 37.27 14.94
N GLY D 238 -27.10 36.84 15.69
CA GLY D 238 -28.46 37.00 15.18
C GLY D 238 -28.84 38.45 14.94
N MET D 239 -28.58 39.32 15.92
CA MET D 239 -28.94 40.72 15.70
C MET D 239 -28.02 41.37 14.68
N HIS D 240 -26.79 40.89 14.55
CA HIS D 240 -25.91 41.43 13.51
C HIS D 240 -26.50 41.17 12.12
N MET D 241 -26.91 39.93 11.86
CA MET D 241 -27.55 39.65 10.57
C MET D 241 -28.86 40.41 10.44
N GLU D 242 -29.60 40.57 11.54
CA GLU D 242 -30.86 41.31 11.47
C GLU D 242 -30.63 42.76 11.05
N GLU D 243 -29.59 43.40 11.60
CA GLU D 243 -29.24 44.74 11.14
C GLU D 243 -28.78 44.74 9.69
N LYS D 244 -27.99 43.73 9.29
CA LYS D 244 -27.46 43.70 7.94
C LYS D 244 -28.56 43.58 6.90
N MET D 245 -29.55 42.71 7.13
CA MET D 245 -30.64 42.59 6.17
C MET D 245 -31.64 43.75 6.25
N GLY D 246 -31.63 44.52 7.35
CA GLY D 246 -32.63 45.54 7.55
C GLY D 246 -33.97 45.02 8.04
N LYS D 247 -34.08 43.72 8.29
CA LYS D 247 -35.30 43.09 8.79
C LYS D 247 -34.94 42.15 9.93
N LYS D 248 -35.95 41.72 10.67
CA LYS D 248 -35.76 40.84 11.81
C LYS D 248 -36.40 39.48 11.53
N PHE D 249 -35.80 38.44 12.11
CA PHE D 249 -36.28 37.08 11.90
C PHE D 249 -37.62 36.88 12.57
N PHE D 250 -38.59 36.35 11.82
CA PHE D 250 -39.88 35.95 12.38
C PHE D 250 -39.71 34.53 12.92
N CYS D 251 -39.41 34.42 14.21
CA CYS D 251 -39.04 33.14 14.81
C CYS D 251 -40.29 32.44 15.33
N CYS D 252 -40.84 31.54 14.52
CA CYS D 252 -41.93 30.66 14.95
C CYS D 252 -41.28 29.47 15.64
N ASP D 253 -41.19 29.55 16.96
CA ASP D 253 -40.54 28.52 17.75
C ASP D 253 -41.55 27.85 18.68
N ALA D 254 -41.53 26.52 18.68
CA ALA D 254 -42.38 25.72 19.54
C ALA D 254 -41.53 24.95 20.54
N VAL D 255 -41.88 25.07 21.82
CA VAL D 255 -41.26 24.25 22.86
C VAL D 255 -41.74 22.82 22.68
N LEU D 256 -40.82 21.86 22.71
CA LEU D 256 -41.16 20.46 22.52
C LEU D 256 -40.83 19.67 23.79
N ASP D 257 -41.63 18.64 24.04
CA ASP D 257 -41.42 17.76 25.18
C ASP D 257 -40.42 16.67 24.81
N THR D 258 -40.33 15.64 25.65
CA THR D 258 -39.44 14.52 25.36
C THR D 258 -39.78 13.84 24.04
N LYS D 259 -41.08 13.73 23.73
CA LYS D 259 -41.54 13.09 22.50
C LYS D 259 -41.63 14.06 21.33
N SER D 260 -40.99 15.23 21.43
CA SER D 260 -40.99 16.25 20.40
C SER D 260 -42.39 16.77 20.08
N ARG D 261 -43.31 16.65 21.03
CA ARG D 261 -44.66 17.18 20.86
C ARG D 261 -44.71 18.61 21.39
N GLN D 262 -45.50 19.44 20.71
CA GLN D 262 -45.54 20.87 21.05
C GLN D 262 -46.26 21.08 22.39
N ILE D 263 -45.60 21.81 23.28
CA ILE D 263 -46.21 22.26 24.52
C ILE D 263 -46.73 23.68 24.39
N GLU D 264 -45.98 24.55 23.73
CA GLU D 264 -46.41 25.90 23.42
C GLU D 264 -45.66 26.38 22.20
N ILE D 265 -46.27 27.27 21.43
CA ILE D 265 -45.68 27.82 20.21
C ILE D 265 -45.60 29.33 20.36
N ASN D 266 -44.42 29.89 20.11
CA ASN D 266 -44.20 31.33 20.20
C ASN D 266 -43.58 31.82 18.91
N SER D 267 -44.20 32.83 18.31
CA SER D 267 -43.75 33.39 17.04
C SER D 267 -43.45 34.87 17.21
N GLY D 268 -42.58 35.39 16.35
CA GLY D 268 -42.22 36.79 16.40
C GLY D 268 -40.73 37.06 16.48
N ALA D 269 -40.35 38.12 17.19
CA ALA D 269 -38.95 38.48 17.31
C ALA D 269 -38.18 37.38 18.02
N ALA D 270 -36.93 37.19 17.59
CA ALA D 270 -36.13 36.09 18.12
C ALA D 270 -35.91 36.24 19.62
N ASP D 271 -35.54 37.43 20.08
CA ASP D 271 -35.30 37.62 21.50
C ASP D 271 -36.60 37.58 22.30
N GLU D 272 -37.68 38.19 21.77
CA GLU D 272 -38.97 38.09 22.45
C GLU D 272 -39.45 36.65 22.52
N VAL D 273 -39.29 35.90 21.43
CA VAL D 273 -39.71 34.49 21.41
C VAL D 273 -38.88 33.69 22.42
N GLN D 274 -37.57 33.93 22.45
CA GLN D 274 -36.71 33.23 23.39
C GLN D 274 -37.13 33.52 24.84
N LYS D 275 -37.36 34.80 25.16
CA LYS D 275 -37.74 35.16 26.52
C LYS D 275 -39.08 34.54 26.89
N LYS D 276 -40.05 34.58 25.98
CA LYS D 276 -41.37 34.05 26.29
C LYS D 276 -41.34 32.53 26.43
N ALA D 277 -40.61 31.85 25.56
CA ALA D 277 -40.58 30.39 25.55
C ALA D 277 -39.66 29.80 26.61
N TRP D 278 -38.73 30.60 27.16
CA TRP D 278 -37.75 30.04 28.08
C TRP D 278 -38.39 29.57 29.38
N LYS D 279 -39.54 30.14 29.77
CA LYS D 279 -40.21 29.67 30.98
C LYS D 279 -40.61 28.20 30.85
N LEU D 280 -41.34 27.87 29.77
CA LEU D 280 -41.72 26.48 29.57
C LEU D 280 -40.52 25.62 29.19
N GLY D 281 -39.54 26.20 28.49
CA GLY D 281 -38.33 25.45 28.17
C GLY D 281 -37.57 25.04 29.42
N ASN D 282 -37.57 25.89 30.45
CA ASN D 282 -36.96 25.55 31.72
C ASN D 282 -37.82 24.61 32.53
N ALA D 283 -39.15 24.75 32.45
CA ALA D 283 -40.03 23.81 33.12
C ALA D 283 -39.88 22.40 32.57
N ARG D 284 -39.57 22.28 31.28
CA ARG D 284 -39.44 20.96 30.65
C ARG D 284 -38.01 20.44 30.64
N THR D 285 -37.01 21.32 30.50
CA THR D 285 -35.63 20.94 30.30
C THR D 285 -34.86 20.84 31.60
N TYR D 286 -34.92 21.87 32.44
CA TYR D 286 -34.22 21.87 33.72
C TYR D 286 -35.13 21.19 34.74
N VAL D 287 -34.87 19.92 35.00
CA VAL D 287 -35.72 19.08 35.85
C VAL D 287 -35.07 18.98 37.23
N PRO D 288 -35.70 19.49 38.28
CA PRO D 288 -35.15 19.31 39.64
C PRO D 288 -35.51 17.95 40.21
N PHE D 289 -34.73 16.92 39.86
CA PHE D 289 -35.06 15.54 40.20
C PHE D 289 -34.16 14.94 41.26
N ALA D 290 -32.88 15.27 41.28
CA ALA D 290 -31.93 14.60 42.15
C ALA D 290 -32.08 15.08 43.59
N GLU D 291 -32.26 14.14 44.51
CA GLU D 291 -32.24 14.44 45.93
C GLU D 291 -30.82 14.43 46.50
N LYS D 292 -29.87 13.86 45.76
CA LYS D 292 -28.49 13.82 46.20
C LYS D 292 -27.59 13.77 44.96
N LYS D 293 -26.35 14.20 45.14
CA LYS D 293 -25.39 14.15 44.05
C LYS D 293 -25.04 12.70 43.73
N TYR D 294 -24.94 12.38 42.44
CA TYR D 294 -24.73 11.02 41.98
C TYR D 294 -23.26 10.80 41.67
N ASP D 295 -22.68 9.78 42.30
CA ASP D 295 -21.28 9.46 42.08
C ASP D 295 -21.07 8.75 40.74
N ILE D 296 -22.03 7.94 40.32
CA ILE D 296 -21.96 7.23 39.06
C ILE D 296 -23.22 7.54 38.26
N ILE D 297 -23.03 7.90 36.99
CA ILE D 297 -24.13 8.07 36.04
C ILE D 297 -23.98 6.98 34.99
N VAL D 298 -24.97 6.10 34.92
CA VAL D 298 -24.96 4.96 34.00
C VAL D 298 -25.99 5.21 32.92
N PHE D 299 -25.55 5.14 31.67
CA PHE D 299 -26.45 5.25 30.53
C PHE D 299 -25.92 4.37 29.41
N GLY D 300 -26.64 4.36 28.30
CA GLY D 300 -26.25 3.55 27.16
C GLY D 300 -26.31 4.35 25.87
N MET D 301 -25.40 4.01 24.97
CA MET D 301 -25.24 4.73 23.72
C MET D 301 -25.73 3.88 22.55
N PRO D 302 -26.78 4.29 21.85
CA PRO D 302 -27.11 3.64 20.58
C PRO D 302 -26.18 4.11 19.47
N GLN D 303 -26.19 3.38 18.37
CA GLN D 303 -25.37 3.78 17.22
C GLN D 303 -25.92 5.05 16.57
N PHE D 304 -27.24 5.21 16.56
CA PHE D 304 -27.91 6.30 15.86
C PHE D 304 -28.84 6.99 16.85
N PHE D 305 -28.35 8.04 17.53
CA PHE D 305 -29.28 8.84 18.32
C PHE D 305 -29.33 10.31 17.93
N HIS D 306 -28.18 11.00 17.91
CA HIS D 306 -28.18 12.46 17.81
C HIS D 306 -27.96 12.96 16.39
N TYR D 307 -26.81 12.66 15.81
CA TYR D 307 -26.42 13.23 14.52
C TYR D 307 -26.49 12.22 13.39
N GLY D 308 -26.88 10.98 13.67
CA GLY D 308 -27.02 9.97 12.63
C GLY D 308 -26.34 8.69 13.02
N ASP D 309 -26.11 7.84 12.03
CA ASP D 309 -25.50 6.54 12.28
C ASP D 309 -24.04 6.71 12.70
N GLY D 310 -23.61 5.86 13.64
CA GLY D 310 -22.28 5.95 14.16
C GLY D 310 -22.08 6.99 15.23
N MET D 311 -23.14 7.70 15.62
CA MET D 311 -23.02 8.73 16.64
C MET D 311 -22.55 8.13 17.97
N GLY D 312 -23.00 6.92 18.29
CA GLY D 312 -22.55 6.21 19.47
C GLY D 312 -21.41 5.26 19.25
N THR D 313 -20.94 5.10 18.01
CA THR D 313 -19.79 4.26 17.71
C THR D 313 -18.56 5.05 17.28
N ASN D 314 -18.74 6.20 16.63
CA ASN D 314 -17.61 7.05 16.30
C ASN D 314 -16.97 7.54 17.60
N PRO D 315 -15.66 7.36 17.77
CA PRO D 315 -15.04 7.73 19.05
C PRO D 315 -15.22 9.19 19.42
N ILE D 316 -15.04 10.09 18.45
CA ILE D 316 -15.21 11.51 18.72
C ILE D 316 -16.68 11.85 18.95
N MET D 317 -17.57 11.27 18.14
CA MET D 317 -19.00 11.54 18.31
C MET D 317 -19.51 11.02 19.65
N LEU D 318 -19.09 9.81 20.04
CA LEU D 318 -19.52 9.27 21.32
C LEU D 318 -18.90 10.04 22.48
N MET D 319 -17.65 10.50 22.32
CA MET D 319 -17.07 11.35 23.35
C MET D 319 -17.84 12.64 23.50
N GLN D 320 -18.28 13.22 22.38
CA GLN D 320 -19.10 14.44 22.46
C GLN D 320 -20.45 14.16 23.10
N ALA D 321 -21.03 12.98 22.84
CA ALA D 321 -22.28 12.62 23.50
C ALA D 321 -22.08 12.49 25.01
N LEU D 322 -20.97 11.89 25.42
CA LEU D 322 -20.65 11.82 26.85
C LEU D 322 -20.50 13.22 27.43
N SER D 323 -19.83 14.11 26.70
CA SER D 323 -19.68 15.49 27.16
C SER D 323 -21.03 16.20 27.25
N ALA D 324 -21.93 15.94 26.30
CA ALA D 324 -23.25 16.53 26.36
C ALA D 324 -24.00 16.04 27.61
N GLN D 325 -23.86 14.75 27.92
CA GLN D 325 -24.41 14.25 29.19
C GLN D 325 -23.78 14.97 30.38
N VAL D 326 -22.48 15.25 30.31
CA VAL D 326 -21.81 15.99 31.38
C VAL D 326 -22.45 17.36 31.54
N ILE D 327 -22.63 18.09 30.44
CA ILE D 327 -23.22 19.43 30.52
C ILE D 327 -24.65 19.36 31.06
N ARG D 328 -25.40 18.32 30.65
CA ARG D 328 -26.79 18.22 31.08
C ARG D 328 -26.91 17.92 32.57
N HIS D 329 -26.06 17.02 33.08
CA HIS D 329 -26.23 16.51 34.44
C HIS D 329 -25.12 16.94 35.40
N LYS D 330 -24.35 17.97 35.06
CA LYS D 330 -23.30 18.44 35.97
C LYS D 330 -23.88 18.90 37.30
N ARG D 331 -25.09 19.46 37.30
CA ARG D 331 -25.68 19.96 38.53
C ARG D 331 -25.95 18.84 39.53
N ILE D 332 -26.06 17.60 39.08
CA ILE D 332 -26.31 16.46 39.95
C ILE D 332 -25.09 15.55 40.05
N MET D 333 -23.99 15.90 39.40
CA MET D 333 -22.78 15.10 39.41
C MET D 333 -21.86 15.54 40.55
N SER D 334 -21.31 14.57 41.27
CA SER D 334 -20.32 14.86 42.29
C SER D 334 -19.00 15.25 41.64
N ASP D 335 -18.04 15.67 42.47
CA ASP D 335 -16.73 16.07 41.95
C ASP D 335 -16.02 14.89 41.31
N ASN D 336 -16.12 13.70 41.89
CA ASN D 336 -15.48 12.50 41.38
C ASN D 336 -16.45 11.62 40.60
N CYS D 337 -17.39 12.22 39.88
CA CYS D 337 -18.41 11.46 39.18
C CYS D 337 -17.81 10.59 38.09
N VAL D 338 -18.39 9.40 37.91
CA VAL D 338 -17.92 8.42 36.94
C VAL D 338 -19.05 8.13 35.96
N PHE D 339 -18.74 8.17 34.67
CA PHE D 339 -19.70 7.82 33.63
C PHE D 339 -19.43 6.39 33.17
N ILE D 340 -20.47 5.56 33.19
CA ILE D 340 -20.40 4.20 32.67
C ILE D 340 -21.41 4.12 31.53
N CYS D 341 -20.91 4.06 30.30
CA CYS D 341 -21.74 4.11 29.10
C CYS D 341 -21.56 2.83 28.30
N ALA D 342 -22.68 2.28 27.82
CA ALA D 342 -22.65 1.14 26.92
C ALA D 342 -22.61 1.65 25.48
N SER D 343 -21.50 1.40 24.79
CA SER D 343 -21.35 1.80 23.41
C SER D 343 -20.66 0.69 22.64
N THR D 344 -21.16 0.42 21.44
CA THR D 344 -20.51 -0.51 20.51
C THR D 344 -19.42 0.26 19.76
N CYS D 345 -18.36 0.59 20.49
CA CYS D 345 -17.22 1.31 19.92
C CYS D 345 -16.45 0.34 19.03
N ASN D 346 -17.03 0.05 17.87
CA ASN D 346 -16.52 -0.96 16.95
C ASN D 346 -15.66 -0.35 15.85
N GLY D 347 -15.26 0.91 15.99
CA GLY D 347 -14.47 1.56 14.97
C GLY D 347 -15.26 2.10 13.80
N TYR D 348 -16.59 2.02 13.85
CA TYR D 348 -17.43 2.56 12.78
C TYR D 348 -17.43 4.07 12.91
N PHE D 349 -16.54 4.73 12.17
CA PHE D 349 -16.47 6.19 12.21
C PHE D 349 -17.60 6.85 11.44
N ASN D 350 -18.26 6.10 10.55
CA ASN D 350 -19.25 6.66 9.61
C ASN D 350 -18.62 7.78 8.79
N GLU D 351 -17.64 7.38 7.97
CA GLU D 351 -16.96 8.33 7.10
C GLU D 351 -17.93 9.03 6.15
N SER D 352 -19.06 8.38 5.83
CA SER D 352 -20.08 9.04 5.04
C SER D 352 -20.63 10.27 5.75
N LEU D 353 -20.87 10.15 7.05
CA LEU D 353 -21.38 11.28 7.83
C LEU D 353 -20.25 12.22 8.22
N TRP D 354 -19.13 11.67 8.70
CA TRP D 354 -18.00 12.45 9.20
C TRP D 354 -16.72 11.93 8.57
N PRO D 355 -16.44 12.31 7.31
CA PRO D 355 -15.21 11.86 6.67
C PRO D 355 -13.95 12.43 7.31
N TYR D 356 -14.06 13.58 7.97
CA TYR D 356 -12.93 14.24 8.60
C TYR D 356 -12.59 13.63 9.96
N LEU D 357 -13.51 12.89 10.56
CA LEU D 357 -13.35 12.41 11.93
C LEU D 357 -12.29 11.32 12.06
N PRO D 358 -12.12 10.42 11.09
CA PRO D 358 -10.94 9.53 11.17
C PRO D 358 -9.63 10.29 11.22
N GLU D 359 -9.48 11.33 10.39
CA GLU D 359 -8.24 12.08 10.40
C GLU D 359 -8.14 12.97 11.64
N LEU D 360 -9.27 13.49 12.12
CA LEU D 360 -9.26 14.22 13.38
C LEU D 360 -8.86 13.33 14.55
N TYR D 361 -9.37 12.10 14.57
CA TYR D 361 -9.00 11.16 15.62
C TYR D 361 -7.53 10.78 15.52
N ASP D 362 -7.03 10.58 14.30
CA ASP D 362 -5.60 10.29 14.13
C ASP D 362 -4.75 11.46 14.59
N LEU D 363 -5.20 12.68 14.33
CA LEU D 363 -4.50 13.87 14.81
C LEU D 363 -4.52 13.94 16.33
N PHE D 364 -5.64 13.58 16.95
CA PHE D 364 -5.71 13.55 18.41
C PHE D 364 -4.74 12.52 18.98
N GLN D 365 -4.68 11.33 18.37
CA GLN D 365 -3.74 10.31 18.83
C GLN D 365 -2.30 10.75 18.64
N LYS D 366 -2.00 11.43 17.53
CA LYS D 366 -0.62 11.79 17.21
C LYS D 366 -0.14 12.94 18.08
N GLU D 367 -0.97 13.95 18.30
CA GLU D 367 -0.54 15.19 18.93
C GLU D 367 -1.24 15.47 20.25
N GLY D 368 -2.55 15.36 20.30
CA GLY D 368 -3.30 15.87 21.43
C GLY D 368 -3.28 15.05 22.70
N ASN D 369 -2.74 15.63 23.77
CA ASN D 369 -2.95 15.05 25.10
C ASN D 369 -4.42 15.14 25.49
N THR D 370 -5.06 16.26 25.17
CA THR D 370 -6.49 16.45 25.35
C THR D 370 -7.08 16.97 24.05
N LEU D 371 -8.40 16.86 23.93
CA LEU D 371 -9.05 17.25 22.69
C LEU D 371 -8.93 18.74 22.40
N VAL D 372 -8.80 19.58 23.43
CA VAL D 372 -8.63 21.01 23.24
C VAL D 372 -7.38 21.31 22.42
N ASP D 373 -6.35 20.47 22.54
CA ASP D 373 -5.12 20.65 21.77
C ASP D 373 -5.37 20.56 20.27
N LEU D 374 -6.50 19.98 19.85
CA LEU D 374 -6.83 19.92 18.43
C LEU D 374 -7.43 21.20 17.89
N ASN D 375 -7.88 22.11 18.76
CA ASN D 375 -8.67 23.26 18.29
C ASN D 375 -7.91 24.10 17.28
N GLN D 376 -6.60 24.19 17.41
CA GLN D 376 -5.80 25.00 16.50
C GLN D 376 -5.92 24.53 15.05
N TYR D 377 -6.32 23.28 14.83
CA TYR D 377 -6.45 22.71 13.50
C TYR D 377 -7.84 22.87 12.93
N GLY D 378 -8.76 23.56 13.64
CA GLY D 378 -10.13 23.67 13.18
C GLY D 378 -10.22 24.18 11.76
N GLU D 379 -9.70 25.37 11.51
CA GLU D 379 -9.71 25.93 10.16
C GLU D 379 -9.06 24.97 9.16
N TYR D 380 -8.02 24.26 9.57
CA TYR D 380 -7.36 23.32 8.67
C TYR D 380 -8.34 22.29 8.15
N PHE D 381 -9.19 21.76 9.03
CA PHE D 381 -10.24 20.88 8.53
C PHE D 381 -11.34 21.67 7.84
N ALA D 382 -11.68 22.84 8.38
CA ALA D 382 -12.82 23.59 7.87
C ALA D 382 -12.58 24.12 6.47
N THR D 383 -11.32 24.25 6.05
CA THR D 383 -10.98 24.66 4.71
C THR D 383 -10.53 23.50 3.83
N ASN D 384 -10.56 22.28 4.35
CA ASN D 384 -10.17 21.11 3.57
C ASN D 384 -11.13 20.92 2.41
N GLU D 385 -10.60 20.95 1.19
CA GLU D 385 -11.45 20.94 0.01
C GLU D 385 -12.23 19.64 -0.11
N GLU D 386 -11.61 18.51 0.22
CA GLU D 386 -12.32 17.23 0.12
C GLU D 386 -13.45 17.14 1.13
N TYR D 387 -13.20 17.53 2.38
CA TYR D 387 -14.24 17.50 3.40
C TYR D 387 -15.34 18.50 3.07
N ILE D 388 -14.96 19.67 2.54
CA ILE D 388 -15.96 20.65 2.12
C ILE D 388 -16.83 20.09 1.01
N ARG D 389 -16.20 19.40 0.05
CA ARG D 389 -16.96 18.79 -1.04
C ARG D 389 -17.92 17.73 -0.52
N LYS D 390 -17.46 16.91 0.43
CA LYS D 390 -18.33 15.89 1.00
C LYS D 390 -19.49 16.52 1.76
N TYR D 391 -19.25 17.63 2.46
CA TYR D 391 -20.34 18.34 3.12
C TYR D 391 -21.31 18.92 2.11
N ARG D 392 -20.79 19.48 1.02
CA ARG D 392 -21.62 20.19 0.05
C ARG D 392 -22.41 19.25 -0.84
N TYR D 393 -21.85 18.08 -1.16
CA TYR D 393 -22.45 17.25 -2.20
C TYR D 393 -22.69 15.82 -1.74
N ALA D 394 -21.86 15.31 -0.85
CA ALA D 394 -21.98 13.94 -0.37
C ALA D 394 -22.77 13.85 0.93
N HIS D 395 -23.45 14.93 1.32
CA HIS D 395 -24.31 14.95 2.50
C HIS D 395 -23.55 14.55 3.76
N ALA D 396 -22.30 15.00 3.85
CA ALA D 396 -21.50 14.80 5.05
C ALA D 396 -21.61 16.02 5.95
N PHE D 397 -21.26 15.83 7.22
CA PHE D 397 -21.15 16.96 8.13
C PHE D 397 -20.01 17.86 7.68
N HIS D 398 -20.16 19.15 7.93
CA HIS D 398 -19.08 20.08 7.66
C HIS D 398 -17.89 19.74 8.56
N PRO D 399 -16.66 19.82 8.06
CA PRO D 399 -15.51 19.42 8.88
C PRO D 399 -15.42 20.15 10.21
N PHE D 400 -15.63 21.46 10.22
CA PHE D 400 -15.48 22.22 11.45
C PHE D 400 -16.45 21.76 12.53
N HIS D 401 -17.60 21.21 12.15
CA HIS D 401 -18.52 20.65 13.12
C HIS D 401 -17.82 19.67 14.05
N GLY D 402 -16.96 18.81 13.50
CA GLY D 402 -16.23 17.88 14.33
C GLY D 402 -15.43 18.56 15.41
N PHE D 403 -14.81 19.69 15.08
CA PHE D 403 -14.09 20.45 16.10
C PHE D 403 -15.03 20.96 17.17
N SER D 404 -16.19 21.52 16.78
CA SER D 404 -17.22 21.80 17.77
C SER D 404 -17.47 20.57 18.61
N MET D 405 -17.60 19.41 17.96
CA MET D 405 -17.78 18.16 18.68
C MET D 405 -16.66 17.95 19.68
N ILE D 406 -15.40 18.01 19.23
CA ILE D 406 -14.32 17.81 20.17
C ILE D 406 -14.26 18.97 21.16
N SER D 407 -14.64 20.16 20.72
CA SER D 407 -14.69 21.29 21.65
C SER D 407 -15.70 21.02 22.76
N CYS D 408 -16.78 20.31 22.43
CA CYS D 408 -17.65 19.80 23.48
C CYS D 408 -17.01 18.59 24.16
N ALA D 409 -16.46 17.68 23.36
CA ALA D 409 -16.05 16.38 23.87
C ALA D 409 -15.01 16.48 24.97
N HIS D 410 -14.16 17.51 24.93
CA HIS D 410 -13.13 17.65 25.95
C HIS D 410 -13.73 17.77 27.35
N LEU D 411 -14.91 18.40 27.48
CA LEU D 411 -15.54 18.49 28.79
C LEU D 411 -15.81 17.11 29.37
N ALA D 412 -16.08 16.11 28.53
CA ALA D 412 -16.24 14.74 29.03
C ALA D 412 -14.98 14.28 29.74
N GLU D 413 -13.82 14.58 29.16
CA GLU D 413 -12.56 14.27 29.82
C GLU D 413 -12.31 15.19 31.02
N LYS D 414 -12.90 16.38 31.00
CA LYS D 414 -12.54 17.39 32.00
C LYS D 414 -13.38 17.27 33.27
N HIS D 415 -14.68 17.05 33.13
CA HIS D 415 -15.60 17.17 34.26
C HIS D 415 -15.99 15.83 34.86
N THR D 416 -15.32 14.75 34.48
CA THR D 416 -15.56 13.43 35.06
C THR D 416 -14.25 12.84 35.53
N ALA D 417 -14.27 12.19 36.69
CA ALA D 417 -13.08 11.49 37.17
C ALA D 417 -12.66 10.41 36.20
N ALA D 418 -13.62 9.62 35.70
CA ALA D 418 -13.35 8.61 34.70
C ALA D 418 -14.64 8.29 33.98
N ILE D 419 -14.51 7.94 32.71
CA ILE D 419 -15.64 7.50 31.90
C ILE D 419 -15.37 6.07 31.45
N TYR D 420 -16.28 5.17 31.79
CA TYR D 420 -16.17 3.77 31.43
C TYR D 420 -17.07 3.49 30.22
N LEU D 421 -16.48 2.96 29.16
CA LEU D 421 -17.24 2.50 28.00
C LEU D 421 -17.26 0.97 28.03
N VAL D 422 -18.45 0.40 28.17
CA VAL D 422 -18.61 -1.04 28.28
C VAL D 422 -19.14 -1.58 26.96
N GLY D 423 -18.74 -2.81 26.62
CA GLY D 423 -19.19 -3.44 25.41
C GLY D 423 -18.54 -2.93 24.14
N ALA D 424 -17.45 -2.18 24.25
CA ALA D 424 -16.76 -1.67 23.07
C ALA D 424 -16.15 -2.84 22.29
N GLU D 425 -16.58 -2.98 21.03
CA GLU D 425 -16.04 -4.04 20.18
C GLU D 425 -14.61 -3.76 19.77
N LYS D 426 -14.23 -2.48 19.68
CA LYS D 426 -12.86 -2.05 19.45
C LYS D 426 -12.51 -1.08 20.57
N PRO D 427 -12.16 -1.60 21.76
CA PRO D 427 -11.94 -0.71 22.92
C PRO D 427 -10.80 0.26 22.72
N GLY D 428 -9.93 0.02 21.74
CA GLY D 428 -8.81 0.93 21.52
C GLY D 428 -9.24 2.33 21.17
N TYR D 429 -10.32 2.48 20.41
CA TYR D 429 -10.80 3.81 20.06
C TYR D 429 -11.30 4.56 21.30
N ALA D 430 -12.08 3.88 22.14
CA ALA D 430 -12.55 4.49 23.37
C ALA D 430 -11.39 4.87 24.28
N ARG D 431 -10.39 3.99 24.39
CA ARG D 431 -9.20 4.32 25.17
C ARG D 431 -8.45 5.50 24.57
N GLY D 432 -8.39 5.58 23.24
CA GLY D 432 -7.78 6.71 22.58
C GLY D 432 -8.51 8.01 22.80
N MET D 433 -9.80 7.95 23.10
CA MET D 433 -10.52 9.13 23.57
C MET D 433 -10.42 9.33 25.07
N GLY D 434 -9.51 8.62 25.74
CA GLY D 434 -9.33 8.77 27.17
C GLY D 434 -10.34 8.04 28.03
N LEU D 435 -11.10 7.12 27.46
CA LEU D 435 -12.12 6.39 28.21
C LEU D 435 -11.57 5.06 28.70
N LYS D 436 -11.91 4.71 29.94
CA LYS D 436 -11.60 3.39 30.46
C LYS D 436 -12.55 2.37 29.85
N THR D 437 -12.00 1.25 29.43
CA THR D 437 -12.74 0.24 28.70
C THR D 437 -12.90 -1.03 29.54
N ARG D 438 -14.14 -1.46 29.72
CA ARG D 438 -14.46 -2.71 30.38
C ARG D 438 -15.42 -3.49 29.50
N ALA D 439 -15.39 -4.82 29.62
CA ALA D 439 -16.18 -5.66 28.73
C ALA D 439 -17.67 -5.50 29.02
N THR D 440 -18.07 -5.50 30.28
CA THR D 440 -19.47 -5.46 30.67
C THR D 440 -19.69 -4.33 31.68
N PHE D 441 -20.97 -4.08 31.96
CA PHE D 441 -21.34 -3.06 32.93
C PHE D 441 -20.83 -3.40 34.33
N GLU D 442 -20.84 -4.68 34.70
CA GLU D 442 -20.51 -5.07 36.06
C GLU D 442 -19.05 -4.77 36.38
N GLU D 443 -18.14 -5.12 35.46
CA GLU D 443 -16.72 -4.87 35.71
C GLU D 443 -16.42 -3.39 35.82
N ALA D 444 -17.02 -2.57 34.96
CA ALA D 444 -16.85 -1.13 35.05
C ALA D 444 -17.41 -0.59 36.36
N LEU D 445 -18.56 -1.13 36.80
CA LEU D 445 -19.15 -0.70 38.06
C LEU D 445 -18.21 -1.01 39.23
N GLU D 446 -17.68 -2.23 39.27
CA GLU D 446 -16.75 -2.58 40.35
C GLU D 446 -15.47 -1.74 40.28
N ASP D 447 -14.96 -1.49 39.07
CA ASP D 447 -13.76 -0.68 38.94
C ASP D 447 -14.00 0.74 39.42
N ALA D 448 -15.14 1.33 39.05
CA ALA D 448 -15.46 2.68 39.51
C ALA D 448 -15.63 2.72 41.02
N LYS D 449 -16.29 1.71 41.59
CA LYS D 449 -16.44 1.66 43.04
C LYS D 449 -15.09 1.55 43.73
N LYS D 450 -14.19 0.74 43.18
CA LYS D 450 -12.88 0.54 43.81
C LYS D 450 -12.01 1.80 43.70
N LYS D 451 -12.10 2.51 42.57
CA LYS D 451 -11.14 3.56 42.27
C LYS D 451 -11.60 4.97 42.62
N PHE D 452 -12.85 5.32 42.34
CA PHE D 452 -13.24 6.72 42.39
C PHE D 452 -14.38 7.03 43.35
N VAL D 453 -15.40 6.18 43.43
CA VAL D 453 -16.66 6.55 44.06
C VAL D 453 -16.95 5.80 45.35
N GLY D 454 -16.18 4.77 45.68
CA GLY D 454 -16.41 4.01 46.88
C GLY D 454 -17.40 2.87 46.66
N GLN D 455 -17.53 2.02 47.67
CA GLN D 455 -18.32 0.81 47.57
C GLN D 455 -19.82 1.05 47.67
N GLU D 456 -20.25 2.24 48.08
CA GLU D 456 -21.67 2.59 48.17
C GLU D 456 -21.93 3.91 47.48
N PRO D 457 -21.83 3.96 46.15
CA PRO D 457 -22.02 5.22 45.44
C PRO D 457 -23.48 5.48 45.10
N ASN D 458 -23.80 6.76 44.93
CA ASN D 458 -25.09 7.17 44.42
C ASN D 458 -25.08 7.00 42.91
N ILE D 459 -25.77 5.97 42.42
CA ILE D 459 -25.74 5.61 41.01
C ILE D 459 -27.02 6.09 40.35
N LEU D 460 -26.88 6.84 39.26
CA LEU D 460 -28.02 7.30 38.46
C LEU D 460 -28.04 6.52 37.16
N ALA D 461 -29.20 5.94 36.85
CA ALA D 461 -29.39 5.20 35.61
C ALA D 461 -30.18 6.06 34.63
N LEU D 462 -29.70 6.13 33.39
CA LEU D 462 -30.35 6.89 32.32
C LEU D 462 -30.55 5.92 31.15
N PRO D 463 -31.55 5.04 31.23
CA PRO D 463 -31.73 4.04 30.17
C PRO D 463 -32.04 4.64 28.80
N LYS D 464 -32.75 5.78 28.75
CA LYS D 464 -33.13 6.42 27.50
C LYS D 464 -32.43 7.78 27.39
N ALA D 465 -31.14 7.81 27.74
CA ALA D 465 -30.41 9.07 27.76
C ALA D 465 -30.27 9.68 26.37
N PHE D 466 -30.19 8.85 25.34
CA PHE D 466 -29.93 9.34 23.99
C PHE D 466 -31.06 9.08 23.00
N LYS D 467 -31.88 8.04 23.21
CA LYS D 467 -33.01 7.79 22.32
C LYS D 467 -34.16 8.76 22.55
N THR D 468 -34.09 9.59 23.58
CA THR D 468 -35.12 10.57 23.89
C THR D 468 -34.47 11.94 24.01
N ALA D 469 -35.30 12.97 24.02
CA ALA D 469 -34.82 14.34 24.21
C ALA D 469 -34.35 14.49 25.64
N ALA D 470 -33.04 14.41 25.85
CA ALA D 470 -32.48 14.39 27.19
C ALA D 470 -32.63 15.76 27.85
N VAL D 471 -33.22 15.77 29.04
CA VAL D 471 -33.35 16.99 29.82
C VAL D 471 -32.08 17.22 30.61
N HIS D 472 -31.92 18.41 31.16
CA HIS D 472 -30.78 18.74 32.03
C HIS D 472 -31.23 18.66 33.48
N LEU D 473 -30.57 17.79 34.24
CA LEU D 473 -31.00 17.48 35.60
C LEU D 473 -30.32 18.40 36.61
N MET D 474 -31.09 18.87 37.58
CA MET D 474 -30.57 19.65 38.69
C MET D 474 -30.97 18.99 40.01
N MET D 475 -30.52 19.59 41.11
CA MET D 475 -30.96 19.16 42.42
C MET D 475 -32.44 19.48 42.60
N LYS D 476 -33.09 18.73 43.49
CA LYS D 476 -34.52 18.90 43.70
C LYS D 476 -34.86 20.31 44.18
N ASN D 477 -34.00 20.90 45.02
CA ASN D 477 -34.20 22.26 45.49
C ASN D 477 -33.70 23.32 44.52
N ASP D 478 -32.98 22.92 43.47
CA ASP D 478 -32.49 23.88 42.49
C ASP D 478 -33.65 24.45 41.67
N LEU D 479 -33.53 25.72 41.31
CA LEU D 479 -34.53 26.35 40.47
C LEU D 479 -34.04 26.42 39.03
N PRO D 480 -34.94 26.29 38.05
CA PRO D 480 -34.54 26.36 36.64
C PRO D 480 -33.97 27.73 36.32
N PRO D 481 -32.71 27.79 35.84
CA PRO D 481 -32.00 29.03 35.53
C PRO D 481 -32.74 29.90 34.51
N LYS E 2 34.38 14.60 31.31
CA LYS E 2 32.97 14.38 31.64
C LYS E 2 32.18 15.67 31.49
N ILE E 3 31.71 15.94 30.27
CA ILE E 3 30.92 17.13 29.97
C ILE E 3 29.59 16.68 29.40
N ASP E 4 28.50 17.22 29.94
CA ASP E 4 27.16 16.86 29.50
C ASP E 4 26.73 17.74 28.35
N PHE E 5 26.34 17.12 27.25
CA PHE E 5 25.87 17.83 26.06
C PHE E 5 24.43 17.41 25.78
N GLU E 6 23.67 18.34 25.20
CA GLU E 6 22.25 18.08 24.96
C GLU E 6 22.05 16.88 24.04
N TYR E 7 21.02 16.11 24.34
CA TYR E 7 20.75 14.85 23.65
C TYR E 7 19.27 14.57 23.84
N GLY E 8 18.49 14.72 22.77
CA GLY E 8 17.06 14.50 22.87
C GLY E 8 16.42 15.46 23.85
N HIS E 9 15.88 14.92 24.94
CA HIS E 9 15.23 15.74 25.95
C HIS E 9 16.11 16.00 27.16
N GLY E 10 17.37 15.59 27.13
CA GLY E 10 18.27 15.76 28.26
C GLY E 10 19.70 15.92 27.84
N THR E 11 20.59 15.19 28.51
CA THR E 11 22.02 15.28 28.23
C THR E 11 22.63 13.89 28.19
N MET E 12 23.75 13.79 27.47
CA MET E 12 24.61 12.63 27.46
C MET E 12 26.03 13.10 27.72
N THR E 13 26.83 12.24 28.36
CA THR E 13 28.14 12.65 28.81
C THR E 13 29.21 12.30 27.78
N ALA E 14 30.21 13.17 27.67
CA ALA E 14 31.38 12.96 26.83
C ALA E 14 32.63 12.95 27.70
N ASP E 15 33.49 11.96 27.49
CA ASP E 15 34.76 11.87 28.21
C ASP E 15 35.84 12.63 27.44
N LEU E 16 35.63 13.95 27.35
CA LEU E 16 36.56 14.80 26.65
C LEU E 16 37.83 14.99 27.48
N PRO E 17 38.96 15.27 26.83
CA PRO E 17 40.21 15.48 27.58
C PRO E 17 40.11 16.69 28.50
N ASP E 18 40.89 16.65 29.58
CA ASP E 18 40.88 17.75 30.55
C ASP E 18 41.31 19.07 29.93
N THR E 19 41.99 19.05 28.80
CA THR E 19 42.39 20.27 28.11
C THR E 19 41.28 20.87 27.25
N THR E 20 40.14 20.18 27.14
CA THR E 20 39.03 20.70 26.35
C THR E 20 38.51 21.99 26.94
N ASP E 21 38.31 23.00 26.08
CA ASP E 21 37.79 24.29 26.51
C ASP E 21 36.27 24.26 26.48
N ILE E 22 35.65 24.66 27.58
CA ILE E 22 34.19 24.68 27.71
C ILE E 22 33.75 26.14 27.61
N PHE E 23 32.87 26.43 26.67
CA PHE E 23 32.27 27.75 26.54
C PHE E 23 30.77 27.64 26.67
N ILE E 24 30.19 28.49 27.52
CA ILE E 24 28.75 28.62 27.66
C ILE E 24 28.40 30.08 27.49
N PRO E 25 27.46 30.43 26.61
CA PRO E 25 27.11 31.85 26.43
C PRO E 25 26.63 32.48 27.73
N GLY E 26 27.14 33.68 28.01
CA GLY E 26 26.77 34.40 29.21
C GLY E 26 27.50 33.95 30.46
N GLU E 27 27.87 32.66 30.52
CA GLU E 27 28.50 32.10 31.70
C GLU E 27 30.03 32.10 31.58
N THR E 28 30.56 31.45 30.54
CA THR E 28 32.00 31.40 30.36
C THR E 28 32.58 32.80 30.13
N VAL E 29 31.92 33.59 29.31
CA VAL E 29 32.27 34.99 29.10
C VAL E 29 31.06 35.83 29.51
N ALA E 30 31.29 36.80 30.39
CA ALA E 30 30.20 37.60 30.92
C ALA E 30 29.57 38.44 29.83
N ASP E 31 28.25 38.28 29.66
CA ASP E 31 27.51 39.12 28.74
C ASP E 31 27.39 40.53 29.31
N PRO E 32 27.09 41.52 28.46
CA PRO E 32 26.81 42.86 28.99
C PRO E 32 25.70 42.82 30.03
N GLU E 33 25.86 43.63 31.07
CA GLU E 33 24.96 43.56 32.21
C GLU E 33 23.53 43.85 31.78
N CYS E 34 22.63 42.91 32.06
CA CYS E 34 21.24 43.08 31.69
C CYS E 34 20.59 44.17 32.53
N LEU E 35 19.58 44.80 31.97
CA LEU E 35 18.87 45.86 32.68
C LEU E 35 18.13 45.27 33.87
N PRO E 36 18.19 45.92 35.03
CA PRO E 36 17.47 45.39 36.20
C PRO E 36 15.96 45.39 35.96
N GLU E 37 15.28 44.44 36.61
CA GLU E 37 13.86 44.25 36.37
C GLU E 37 13.06 45.50 36.72
N ASP E 38 13.40 46.16 37.83
CA ASP E 38 12.76 47.41 38.20
C ASP E 38 13.06 48.54 37.25
N GLN E 39 14.08 48.40 36.39
CA GLN E 39 14.50 49.44 35.47
C GLN E 39 14.15 49.12 34.02
N ILE E 40 13.75 47.87 33.73
CA ILE E 40 13.47 47.48 32.36
C ILE E 40 12.30 48.27 31.79
N GLU E 41 11.21 48.39 32.56
CA GLU E 41 10.05 49.11 32.08
C GLU E 41 10.35 50.59 31.87
N ALA E 42 11.07 51.20 32.82
CA ALA E 42 11.43 52.61 32.68
C ALA E 42 12.31 52.84 31.47
N ALA E 43 13.29 51.95 31.23
CA ALA E 43 14.17 52.09 30.08
C ALA E 43 13.41 51.90 28.78
N THR E 44 12.48 50.95 28.74
CA THR E 44 11.67 50.77 27.53
C THR E 44 10.81 51.99 27.26
N LEU E 45 10.19 52.55 28.31
CA LEU E 45 9.39 53.76 28.13
C LEU E 45 10.24 54.93 27.65
N ASP E 46 11.45 55.07 28.20
CA ASP E 46 12.35 56.12 27.73
C ASP E 46 12.74 55.91 26.28
N SER E 47 12.97 54.66 25.88
CA SER E 47 13.34 54.36 24.51
C SER E 47 12.21 54.70 23.54
N ILE E 48 10.98 54.31 23.88
CA ILE E 48 9.84 54.63 23.01
C ILE E 48 9.62 56.13 22.95
N ARG E 49 9.69 56.81 24.10
CA ARG E 49 9.46 58.25 24.14
C ARG E 49 10.61 59.04 23.52
N ASN E 50 11.76 58.42 23.29
CA ASN E 50 12.91 59.09 22.68
C ASN E 50 13.41 58.23 21.53
N PRO E 51 12.73 58.26 20.39
CA PRO E 51 13.11 57.41 19.26
C PRO E 51 14.24 58.04 18.45
N LEU E 52 14.76 57.25 17.52
CA LEU E 52 15.84 57.67 16.64
C LEU E 52 15.37 57.57 15.19
N GLY E 53 15.51 58.67 14.45
CA GLY E 53 15.14 58.71 13.06
C GLY E 53 13.70 59.06 12.76
N MET E 54 12.87 59.23 13.78
CA MET E 54 11.48 59.63 13.58
C MET E 54 10.99 60.31 14.85
N PRO E 55 9.91 61.07 14.78
CA PRO E 55 9.27 61.58 16.00
C PRO E 55 8.64 60.46 16.78
N PRO E 56 8.34 60.68 18.07
CA PRO E 56 7.75 59.61 18.88
C PRO E 56 6.39 59.13 18.39
N LEU E 57 5.85 58.10 19.03
CA LEU E 57 4.55 57.57 18.63
C LEU E 57 3.44 58.60 18.82
N THR E 58 3.61 59.53 19.76
CA THR E 58 2.63 60.59 19.93
C THR E 58 2.55 61.48 18.70
N GLU E 59 3.69 61.81 18.10
CA GLU E 59 3.71 62.64 16.91
C GLU E 59 3.50 61.86 15.63
N LEU E 60 3.54 60.52 15.68
CA LEU E 60 3.31 59.69 14.52
C LEU E 60 1.89 59.14 14.44
N ALA E 61 1.24 58.92 15.58
CA ALA E 61 -0.10 58.36 15.63
C ALA E 61 -1.10 59.44 15.99
N LYS E 62 -2.08 59.65 15.12
CA LYS E 62 -3.18 60.56 15.37
C LYS E 62 -4.36 59.82 15.99
N PRO E 63 -5.25 60.52 16.69
CA PRO E 63 -6.43 59.84 17.26
C PRO E 63 -7.25 59.17 16.17
N GLY E 64 -7.51 57.88 16.37
CA GLY E 64 -8.24 57.07 15.40
C GLY E 64 -7.39 56.44 14.32
N SER E 65 -6.08 56.65 14.33
CA SER E 65 -5.21 56.07 13.31
C SER E 65 -5.07 54.57 13.52
N LYS E 66 -4.97 53.84 12.41
CA LYS E 66 -4.77 52.39 12.47
C LYS E 66 -3.32 52.09 12.75
N VAL E 67 -3.08 51.29 13.79
CA VAL E 67 -1.73 50.97 14.25
C VAL E 67 -1.57 49.45 14.24
N THR E 68 -0.47 48.99 13.65
CA THR E 68 -0.11 47.58 13.66
C THR E 68 1.17 47.41 14.48
N ILE E 69 1.06 46.71 15.60
CA ILE E 69 2.20 46.35 16.42
C ILE E 69 2.63 44.95 16.00
N VAL E 70 3.72 44.87 15.27
CA VAL E 70 4.25 43.61 14.75
C VAL E 70 5.29 43.10 15.72
N PHE E 71 4.98 41.99 16.38
CA PHE E 71 5.86 41.39 17.37
C PHE E 71 6.38 40.04 16.87
N PRO E 72 7.58 39.64 17.30
CA PRO E 72 8.13 38.36 16.85
C PRO E 72 7.49 37.18 17.56
N ASP E 73 7.72 36.00 16.99
CA ASP E 73 7.09 34.77 17.47
C ASP E 73 7.85 34.23 18.68
N ARG E 74 7.54 33.00 19.06
CA ARG E 74 8.07 32.37 20.26
C ARG E 74 9.49 31.84 20.10
N VAL E 75 10.05 31.89 18.89
CA VAL E 75 11.38 31.32 18.66
C VAL E 75 12.42 32.03 19.51
N LYS E 76 12.40 33.36 19.51
CA LYS E 76 13.35 34.17 20.25
C LYS E 76 12.62 35.28 20.98
N GLY E 77 13.32 35.92 21.91
CA GLY E 77 12.81 37.04 22.65
C GLY E 77 12.48 36.76 24.10
N GLY E 78 12.34 35.49 24.48
CA GLY E 78 12.03 35.16 25.85
C GLY E 78 10.57 35.35 26.19
N GLU E 79 10.08 34.66 27.23
CA GLU E 79 8.69 34.74 27.64
C GLU E 79 8.56 35.01 29.13
N GLN E 80 9.55 35.69 29.71
CA GLN E 80 9.49 36.03 31.12
C GLN E 80 8.45 37.13 31.35
N ALA E 81 8.11 37.34 32.63
CA ALA E 81 7.11 38.34 32.97
C ALA E 81 7.54 39.75 32.57
N THR E 82 8.85 39.99 32.48
CA THR E 82 9.37 41.29 32.05
C THR E 82 10.07 41.19 30.70
N ALA E 83 9.57 40.33 29.82
CA ALA E 83 10.17 40.17 28.49
C ALA E 83 9.99 41.44 27.67
N HIS E 84 10.85 41.60 26.67
CA HIS E 84 10.83 42.82 25.87
C HIS E 84 9.52 42.97 25.13
N ARG E 85 8.99 41.88 24.57
CA ARG E 85 7.73 41.97 23.82
C ARG E 85 6.61 42.48 24.70
N LYS E 86 6.40 41.84 25.87
CA LYS E 86 5.28 42.21 26.72
C LYS E 86 5.38 43.65 27.20
N VAL E 87 6.53 44.01 27.77
CA VAL E 87 6.70 45.34 28.34
C VAL E 87 6.64 46.41 27.25
N SER E 88 7.33 46.17 26.14
CA SER E 88 7.38 47.14 25.06
C SER E 88 6.00 47.36 24.47
N ILE E 89 5.25 46.28 24.21
CA ILE E 89 3.92 46.43 23.65
C ILE E 89 2.99 47.10 24.64
N LYS E 90 3.11 46.78 25.94
CA LYS E 90 2.28 47.42 26.94
C LYS E 90 2.49 48.93 26.97
N LEU E 91 3.75 49.37 27.09
CA LEU E 91 4.01 50.80 27.15
C LEU E 91 3.69 51.50 25.83
N ILE E 92 3.93 50.83 24.70
CA ILE E 92 3.58 51.41 23.41
C ILE E 92 2.08 51.61 23.30
N LEU E 93 1.30 50.64 23.78
CA LEU E 93 -0.16 50.79 23.79
C LEU E 93 -0.59 51.91 24.71
N GLN E 94 0.06 52.06 25.87
CA GLN E 94 -0.26 53.18 26.74
C GLN E 94 0.01 54.51 26.05
N GLU E 95 1.14 54.61 25.34
CA GLU E 95 1.45 55.83 24.59
C GLU E 95 0.41 56.08 23.50
N LEU E 96 -0.01 55.03 22.80
CA LEU E 96 -1.01 55.18 21.74
C LEU E 96 -2.35 55.62 22.31
N TYR E 97 -2.75 55.05 23.45
CA TYR E 97 -3.99 55.47 24.09
C TYR E 97 -3.91 56.90 24.57
N SER E 98 -2.73 57.33 25.04
CA SER E 98 -2.56 58.70 25.48
C SER E 98 -2.78 59.69 24.35
N VAL E 99 -2.28 59.37 23.15
CA VAL E 99 -2.44 60.26 22.00
C VAL E 99 -3.82 60.16 21.37
N GLY E 100 -4.64 59.19 21.79
CA GLY E 100 -5.99 59.07 21.31
C GLY E 100 -6.25 57.94 20.34
N VAL E 101 -5.28 57.05 20.11
CA VAL E 101 -5.49 55.93 19.20
C VAL E 101 -6.40 54.91 19.87
N LYS E 102 -7.47 54.52 19.18
CA LYS E 102 -8.43 53.60 19.74
C LYS E 102 -7.85 52.20 19.86
N LYS E 103 -8.29 51.47 20.89
CA LYS E 103 -7.86 50.09 21.07
C LYS E 103 -8.34 49.20 19.94
N GLU E 104 -9.55 49.44 19.44
CA GLU E 104 -10.10 48.62 18.36
C GLU E 104 -9.37 48.83 17.04
N ASP E 105 -8.57 49.90 16.94
CA ASP E 105 -7.82 50.20 15.74
C ASP E 105 -6.38 49.73 15.82
N ILE E 106 -6.08 48.81 16.73
CA ILE E 106 -4.72 48.33 16.96
C ILE E 106 -4.69 46.83 16.71
N LEU E 107 -3.76 46.40 15.87
CA LEU E 107 -3.63 45.00 15.46
C LEU E 107 -2.28 44.47 15.91
N LEU E 108 -2.30 43.43 16.74
CA LEU E 108 -1.07 42.77 17.17
C LEU E 108 -0.77 41.64 16.17
N ILE E 109 0.26 41.85 15.35
CA ILE E 109 0.58 40.93 14.26
C ILE E 109 1.83 40.17 14.67
N CYS E 110 1.70 38.85 14.80
CA CYS E 110 2.87 38.01 15.05
C CYS E 110 3.63 37.81 13.74
N SER E 111 4.89 38.25 13.71
CA SER E 111 5.70 38.19 12.50
C SER E 111 6.39 36.83 12.37
N ASN E 112 5.57 35.80 12.19
CA ASN E 112 6.13 34.47 11.96
C ASN E 112 6.84 34.39 10.61
N GLY E 113 6.35 35.11 9.62
CA GLY E 113 6.96 35.03 8.29
C GLY E 113 6.78 33.64 7.72
N LEU E 114 7.89 33.03 7.32
CA LEU E 114 7.86 31.65 6.87
C LEU E 114 7.85 30.66 8.02
N HIS E 115 8.07 31.11 9.25
CA HIS E 115 7.94 30.23 10.39
C HIS E 115 6.46 29.92 10.64
N ARG E 116 6.22 28.88 11.41
CA ARG E 116 4.86 28.47 11.72
C ARG E 116 4.10 29.61 12.39
N LYS E 117 2.83 29.76 12.02
CA LYS E 117 1.96 30.65 12.76
C LYS E 117 1.87 30.18 14.20
N ASN E 118 2.11 31.10 15.13
CA ASN E 118 2.02 30.75 16.54
C ASN E 118 0.58 30.43 16.91
N THR E 119 0.40 29.32 17.63
CA THR E 119 -0.93 28.96 18.08
C THR E 119 -1.42 29.95 19.13
N GLU E 120 -2.67 29.77 19.54
CA GLU E 120 -3.25 30.66 20.55
C GLU E 120 -2.48 30.57 21.85
N LYS E 121 -2.08 29.35 22.25
CA LYS E 121 -1.28 29.20 23.46
C LYS E 121 0.09 29.85 23.31
N GLU E 122 0.74 29.67 22.15
CA GLU E 122 2.05 30.27 21.94
C GLU E 122 1.95 31.80 21.91
N ILE E 123 0.92 32.33 21.27
CA ILE E 123 0.71 33.78 21.26
C ILE E 123 0.47 34.30 22.67
N LEU E 124 -0.34 33.58 23.45
CA LEU E 124 -0.58 33.97 24.84
C LEU E 124 0.73 33.99 25.62
N GLY E 125 1.54 32.95 25.48
CA GLY E 125 2.81 32.92 26.19
C GLY E 125 3.74 34.03 25.76
N VAL E 126 3.75 34.36 24.48
CA VAL E 126 4.61 35.42 23.97
C VAL E 126 4.17 36.78 24.50
N LEU E 127 2.87 37.05 24.48
CA LEU E 127 2.36 38.39 24.75
C LEU E 127 2.04 38.65 26.21
N GLY E 128 1.93 37.61 27.04
CA GLY E 128 1.52 37.80 28.41
C GLY E 128 0.00 37.72 28.52
N PRO E 129 -0.48 37.25 29.68
CA PRO E 129 -1.94 37.10 29.85
C PRO E 129 -2.69 38.40 29.68
N ASP E 130 -2.16 39.51 30.20
CA ASP E 130 -2.86 40.79 30.11
C ASP E 130 -3.04 41.21 28.65
N LEU E 131 -1.95 41.23 27.88
CA LEU E 131 -2.02 41.65 26.49
C LEU E 131 -2.89 40.70 25.67
N TYR E 132 -2.71 39.39 25.90
CA TYR E 132 -3.51 38.40 25.19
C TYR E 132 -5.00 38.63 25.43
N HIS E 133 -5.42 38.53 26.68
CA HIS E 133 -6.84 38.68 27.00
C HIS E 133 -7.35 40.08 26.65
N GLN E 134 -6.46 41.07 26.50
CA GLN E 134 -6.88 42.36 26.00
C GLN E 134 -7.26 42.29 24.53
N PHE E 135 -6.41 41.66 23.71
CA PHE E 135 -6.59 41.74 22.26
C PHE E 135 -7.05 40.44 21.61
N ALA E 136 -6.83 39.29 22.23
CA ALA E 136 -7.25 38.02 21.62
C ALA E 136 -8.76 37.90 21.43
N PRO E 137 -9.62 38.21 22.43
CA PRO E 137 -11.06 38.00 22.22
C PRO E 137 -11.64 38.76 21.06
N THR E 138 -11.13 39.95 20.75
CA THR E 138 -11.63 40.74 19.65
C THR E 138 -10.99 40.37 18.31
N GLY E 139 -10.15 39.35 18.29
CA GLY E 139 -9.45 39.00 17.07
C GLY E 139 -8.39 40.00 16.67
N GLN E 140 -7.89 40.79 17.62
CA GLN E 140 -6.91 41.82 17.35
C GLN E 140 -5.48 41.30 17.37
N ILE E 141 -5.28 40.02 17.65
CA ILE E 141 -3.99 39.37 17.50
C ILE E 141 -4.11 38.41 16.34
N ILE E 142 -3.37 38.68 15.27
CA ILE E 142 -3.37 37.85 14.07
C ILE E 142 -1.95 37.40 13.79
N ASN E 143 -1.80 36.15 13.38
CA ASN E 143 -0.52 35.68 12.86
C ASN E 143 -0.34 36.18 11.43
N HIS E 144 0.87 36.60 11.11
CA HIS E 144 1.16 36.97 9.72
C HIS E 144 1.01 35.74 8.84
N ASP E 145 0.29 35.91 7.73
CA ASP E 145 0.09 34.83 6.76
C ASP E 145 0.77 35.23 5.47
N SER E 146 1.95 34.65 5.22
CA SER E 146 2.66 34.90 3.97
C SER E 146 2.03 34.21 2.78
N GLU E 147 0.88 33.56 2.95
CA GLU E 147 0.18 32.91 1.85
C GLU E 147 -1.27 33.34 1.75
N ASP E 148 -1.71 34.30 2.56
CA ASP E 148 -3.06 34.86 2.48
C ASP E 148 -2.97 36.13 1.64
N TYR E 149 -3.13 35.97 0.33
CA TYR E 149 -2.98 37.10 -0.58
C TYR E 149 -4.10 38.11 -0.45
N GLU E 150 -5.20 37.74 0.21
CA GLU E 150 -6.22 38.74 0.55
C GLU E 150 -5.66 39.79 1.49
N HIS E 151 -4.83 39.36 2.45
CA HIS E 151 -4.16 40.26 3.38
C HIS E 151 -2.67 40.34 3.09
N LEU E 152 -2.32 40.39 1.81
CA LEU E 152 -0.95 40.64 1.37
C LEU E 152 -0.99 41.67 0.23
N VAL E 153 -0.02 42.57 0.23
CA VAL E 153 0.09 43.62 -0.79
C VAL E 153 1.40 43.38 -1.55
N ASP E 154 1.30 43.27 -2.87
CA ASP E 154 2.47 43.11 -3.71
C ASP E 154 3.03 44.50 -4.02
N LEU E 155 4.25 44.76 -3.57
CA LEU E 155 4.91 46.05 -3.76
C LEU E 155 5.90 46.05 -4.91
N GLY E 156 5.89 45.00 -5.73
CA GLY E 156 6.82 44.92 -6.84
C GLY E 156 8.23 44.56 -6.37
N LYS E 157 9.17 44.72 -7.29
CA LYS E 157 10.55 44.41 -7.02
C LYS E 157 11.31 45.66 -6.59
N THR E 158 12.45 45.45 -5.93
CA THR E 158 13.32 46.54 -5.52
C THR E 158 14.19 46.96 -6.70
N LYS E 159 15.18 47.82 -6.44
CA LYS E 159 16.14 48.17 -7.48
C LYS E 159 17.03 47.00 -7.86
N GLN E 160 17.15 46.00 -6.99
CA GLN E 160 17.94 44.80 -7.26
C GLN E 160 17.09 43.62 -7.71
N GLY E 161 15.81 43.85 -8.00
CA GLY E 161 14.94 42.78 -8.45
C GLY E 161 14.35 41.91 -7.37
N ASP E 162 14.46 42.30 -6.11
CA ASP E 162 13.92 41.51 -5.01
C ASP E 162 12.41 41.72 -4.93
N PRO E 163 11.59 40.68 -5.11
CA PRO E 163 10.14 40.85 -4.98
C PRO E 163 9.78 41.25 -3.55
N VAL E 164 8.76 42.10 -3.43
CA VAL E 164 8.33 42.63 -2.14
C VAL E 164 6.83 42.45 -2.03
N ILE E 165 6.40 41.41 -1.32
CA ILE E 165 5.01 41.23 -0.92
C ILE E 165 4.97 41.27 0.60
N MET E 166 4.12 42.13 1.15
CA MET E 166 4.17 42.46 2.57
C MET E 166 2.77 42.36 3.17
N ASN E 167 2.73 42.26 4.50
CA ASN E 167 1.47 42.14 5.21
C ASN E 167 0.58 43.35 4.91
N LYS E 168 -0.68 43.08 4.56
CA LYS E 168 -1.59 44.16 4.18
C LYS E 168 -1.96 45.03 5.37
N TYR E 169 -2.14 44.43 6.54
CA TYR E 169 -2.48 45.23 7.72
C TYR E 169 -1.39 46.23 8.04
N VAL E 170 -0.13 45.80 7.96
CA VAL E 170 1.00 46.70 8.19
C VAL E 170 1.07 47.75 7.09
N TYR E 171 0.76 47.35 5.85
CA TYR E 171 0.78 48.31 4.74
C TYR E 171 -0.24 49.42 4.94
N GLU E 172 -1.48 49.06 5.23
CA GLU E 172 -2.56 50.05 5.34
C GLU E 172 -2.59 50.75 6.69
N SER E 173 -1.87 50.25 7.69
CA SER E 173 -1.84 50.90 8.99
C SER E 173 -1.13 52.25 8.89
N ASP E 174 -1.58 53.20 9.71
CA ASP E 174 -0.94 54.50 9.75
C ASP E 174 0.38 54.47 10.51
N VAL E 175 0.50 53.63 11.53
CA VAL E 175 1.71 53.50 12.32
C VAL E 175 2.03 52.01 12.45
N ALA E 176 3.20 51.62 11.95
CA ALA E 176 3.69 50.25 12.08
C ALA E 176 4.83 50.24 13.09
N ILE E 177 4.65 49.49 14.18
CA ILE E 177 5.61 49.43 15.27
C ILE E 177 6.17 48.02 15.35
N LEU E 178 7.45 47.86 15.06
CA LEU E 178 8.11 46.57 15.06
C LEU E 178 8.79 46.34 16.40
N ILE E 179 8.28 45.38 17.16
CA ILE E 179 8.97 44.91 18.37
C ILE E 179 10.08 43.97 17.93
N GLY E 180 11.32 44.29 18.32
CA GLY E 180 12.47 43.57 17.82
C GLY E 180 13.43 43.18 18.93
N HIS E 181 14.13 42.08 18.68
CA HIS E 181 15.18 41.59 19.57
C HIS E 181 16.49 41.60 18.82
N THR E 182 17.42 42.47 19.23
CA THR E 182 18.74 42.55 18.63
C THR E 182 19.65 41.51 19.27
N GLN E 183 19.33 40.24 19.01
CA GLN E 183 20.08 39.11 19.52
C GLN E 183 20.90 38.48 18.40
N GLY E 184 21.85 37.65 18.79
CA GLY E 184 22.69 36.96 17.84
C GLY E 184 21.91 36.10 16.87
N ASN E 185 22.20 36.23 15.58
CA ASN E 185 21.49 35.49 14.56
C ASN E 185 22.41 35.21 13.37
N PRO E 186 22.61 33.96 12.99
CA PRO E 186 23.41 33.67 11.79
C PRO E 186 22.81 34.25 10.51
N TYR E 187 21.51 34.54 10.52
CA TYR E 187 20.82 35.12 9.36
C TYR E 187 20.92 36.63 9.45
N GLY E 188 21.86 37.21 8.70
CA GLY E 188 22.00 38.64 8.64
C GLY E 188 22.67 39.29 9.83
N GLY E 189 23.25 38.52 10.72
CA GLY E 189 23.94 39.09 11.87
C GLY E 189 23.08 39.22 13.11
N TYR E 190 21.97 39.95 12.99
CA TYR E 190 21.10 40.21 14.12
C TYR E 190 19.64 40.21 13.69
N SER E 191 18.76 39.91 14.64
CA SER E 191 17.33 40.01 14.43
C SER E 191 16.85 41.42 14.72
N GLY E 192 15.58 41.68 14.38
CA GLY E 192 15.01 42.99 14.57
C GLY E 192 15.49 43.96 13.50
N GLY E 193 15.08 45.22 13.68
CA GLY E 193 15.41 46.24 12.71
C GLY E 193 14.76 45.94 11.38
N TYR E 194 15.55 45.97 10.31
CA TYR E 194 15.01 45.70 8.98
C TYR E 194 14.82 44.22 8.72
N LYS E 195 15.52 43.34 9.44
CA LYS E 195 15.28 41.91 9.30
C LYS E 195 13.86 41.55 9.71
N HIS E 196 13.39 42.14 10.81
CA HIS E 196 12.05 41.83 11.32
C HIS E 196 10.98 42.10 10.27
N CYS E 197 11.01 43.30 9.67
CA CYS E 197 10.02 43.64 8.66
C CYS E 197 10.26 42.85 7.38
N SER E 198 11.52 42.72 6.98
CA SER E 198 11.83 42.08 5.70
C SER E 198 11.53 40.58 5.69
N THR E 199 11.42 39.96 6.86
CA THR E 199 11.18 38.52 6.91
C THR E 199 9.87 38.13 7.58
N GLY E 200 9.54 38.71 8.74
CA GLY E 200 8.40 38.22 9.50
C GLY E 200 7.05 38.60 8.94
N ILE E 201 6.98 39.65 8.12
CA ILE E 201 5.70 40.08 7.56
C ILE E 201 5.79 40.19 6.05
N THR E 202 6.63 39.38 5.44
CA THR E 202 6.79 39.39 3.99
C THR E 202 6.40 38.03 3.41
N HIS E 203 6.59 37.91 2.10
CA HIS E 203 6.29 36.71 1.35
C HIS E 203 7.51 35.79 1.32
N TRP E 204 7.27 34.53 0.97
CA TRP E 204 8.40 33.63 0.73
C TRP E 204 9.22 34.10 -0.46
N LYS E 205 8.58 34.78 -1.42
CA LYS E 205 9.31 35.30 -2.57
C LYS E 205 10.26 36.42 -2.16
N SER E 206 9.85 37.27 -1.22
CA SER E 206 10.74 38.30 -0.71
C SER E 206 11.92 37.67 0.04
N ILE E 207 11.64 36.64 0.85
CA ILE E 207 12.69 35.96 1.59
C ILE E 207 13.63 35.21 0.66
N ALA E 208 13.12 34.75 -0.49
CA ALA E 208 13.93 34.01 -1.45
C ALA E 208 15.05 34.83 -2.06
N SER E 209 15.00 36.16 -1.92
CA SER E 209 16.07 36.99 -2.46
C SER E 209 17.38 36.80 -1.71
N HIS E 210 17.31 36.35 -0.46
CA HIS E 210 18.50 36.26 0.38
C HIS E 210 18.66 34.91 1.07
N HIS E 211 17.55 34.21 1.31
CA HIS E 211 17.61 32.91 1.97
C HIS E 211 17.96 31.77 1.01
N VAL E 212 18.54 32.08 -0.14
CA VAL E 212 18.97 31.07 -1.10
C VAL E 212 20.49 30.97 -1.05
N PRO E 213 21.08 29.89 -1.56
CA PRO E 213 22.55 29.79 -1.59
C PRO E 213 23.22 30.91 -2.37
N LYS E 214 22.51 31.58 -3.28
CA LYS E 214 23.12 32.64 -4.06
C LYS E 214 23.53 33.83 -3.22
N VAL E 215 23.05 33.92 -1.97
CA VAL E 215 23.34 35.03 -1.08
C VAL E 215 24.10 34.58 0.16
N MET E 216 23.74 33.45 0.73
CA MET E 216 24.29 33.03 2.01
C MET E 216 25.32 31.90 1.88
N HIS E 217 25.84 31.66 0.67
CA HIS E 217 26.96 30.75 0.49
C HIS E 217 28.19 31.44 -0.09
N ARG E 218 28.25 32.77 0.00
CA ARG E 218 29.42 33.51 -0.45
C ARG E 218 30.39 33.69 0.71
N LYS E 219 31.43 34.48 0.47
CA LYS E 219 32.47 34.67 1.48
C LYS E 219 31.95 35.41 2.71
N ASP E 220 31.08 36.40 2.50
CA ASP E 220 30.67 37.26 3.61
C ASP E 220 29.75 36.56 4.60
N PHE E 221 28.98 35.56 4.16
CA PHE E 221 28.01 34.94 5.06
C PHE E 221 28.68 34.07 6.12
N VAL E 222 29.78 33.40 5.77
CA VAL E 222 30.48 32.51 6.69
C VAL E 222 31.92 32.98 6.80
N PRO E 223 32.34 33.51 7.96
CA PRO E 223 31.57 33.75 9.19
C PRO E 223 30.60 34.92 9.03
N VAL E 224 29.49 34.94 9.76
CA VAL E 224 28.54 36.02 9.59
C VAL E 224 29.11 37.31 10.16
N ASN E 225 28.86 38.41 9.47
CA ASN E 225 29.26 39.74 9.91
C ASN E 225 28.04 40.64 9.90
N ASN E 226 28.28 41.93 10.08
CA ASN E 226 27.22 42.92 10.05
C ASN E 226 27.08 43.59 8.69
N ASN E 227 27.91 43.24 7.72
CA ASN E 227 27.86 43.83 6.39
C ASN E 227 27.69 42.77 5.32
N SER E 228 27.11 41.63 5.69
CA SER E 228 26.89 40.55 4.74
C SER E 228 25.77 40.91 3.78
N LEU E 229 25.72 40.18 2.66
CA LEU E 229 24.71 40.44 1.64
C LEU E 229 23.30 40.21 2.18
N MET E 230 23.13 39.24 3.08
CA MET E 230 21.82 38.97 3.64
C MET E 230 21.26 40.19 4.37
N ARG E 231 22.08 40.82 5.21
CA ARG E 231 21.66 42.04 5.89
C ARG E 231 21.42 43.17 4.91
N HIS E 232 22.21 43.24 3.84
CA HIS E 232 21.99 44.26 2.82
C HIS E 232 20.62 44.12 2.18
N LYS E 233 20.25 42.90 1.77
CA LYS E 233 18.93 42.69 1.18
C LYS E 233 17.82 42.89 2.20
N PHE E 234 18.06 42.54 3.46
CA PHE E 234 17.12 42.87 4.52
C PHE E 234 16.83 44.37 4.54
N ASP E 235 17.90 45.18 4.56
CA ASP E 235 17.74 46.63 4.56
C ASP E 235 17.00 47.11 3.32
N GLU E 236 17.37 46.58 2.15
CA GLU E 236 16.74 47.02 0.90
C GLU E 236 15.24 46.76 0.92
N ILE E 237 14.84 45.54 1.28
CA ILE E 237 13.42 45.22 1.32
C ILE E 237 12.71 46.09 2.36
N GLY E 238 13.35 46.32 3.51
CA GLY E 238 12.74 47.15 4.53
C GLY E 238 12.46 48.56 4.05
N MET E 239 13.46 49.21 3.44
CA MET E 239 13.23 50.57 3.00
C MET E 239 12.28 50.61 1.80
N HIS E 240 12.26 49.54 0.99
CA HIS E 240 11.32 49.49 -0.11
C HIS E 240 9.88 49.49 0.39
N MET E 241 9.59 48.65 1.38
CA MET E 241 8.25 48.69 1.98
C MET E 241 8.00 50.04 2.65
N GLU E 242 9.02 50.61 3.28
CA GLU E 242 8.83 51.91 3.93
C GLU E 242 8.43 52.99 2.94
N GLU E 243 9.08 53.04 1.77
CA GLU E 243 8.67 54.04 0.79
C GLU E 243 7.32 53.69 0.19
N LYS E 244 7.01 52.39 0.06
CA LYS E 244 5.72 52.00 -0.51
C LYS E 244 4.55 52.43 0.37
N MET E 245 4.66 52.25 1.69
CA MET E 245 3.57 52.71 2.55
C MET E 245 3.62 54.20 2.83
N GLY E 246 4.72 54.87 2.49
CA GLY E 246 4.85 56.28 2.83
C GLY E 246 5.15 56.54 4.29
N LYS E 247 5.42 55.49 5.07
CA LYS E 247 5.76 55.60 6.47
C LYS E 247 6.94 54.69 6.76
N LYS E 248 7.62 54.97 7.87
CA LYS E 248 8.80 54.21 8.26
C LYS E 248 8.49 53.43 9.54
N PHE E 249 9.07 52.24 9.64
CA PHE E 249 8.80 51.37 10.79
C PHE E 249 9.36 51.96 12.07
N PHE E 250 8.52 52.03 13.10
CA PHE E 250 8.95 52.42 14.43
C PHE E 250 9.51 51.16 15.10
N CYS E 251 10.82 50.99 15.05
CA CYS E 251 11.46 49.75 15.50
C CYS E 251 11.83 49.86 16.96
N CYS E 252 10.94 49.41 17.84
CA CYS E 252 11.25 49.29 19.27
C CYS E 252 12.00 47.98 19.44
N ASP E 253 13.32 48.05 19.40
CA ASP E 253 14.18 46.88 19.48
C ASP E 253 15.02 46.92 20.75
N ALA E 254 15.05 45.80 21.46
CA ALA E 254 15.86 45.64 22.66
C ALA E 254 16.95 44.61 22.40
N VAL E 255 18.16 44.93 22.84
CA VAL E 255 19.25 43.96 22.82
C VAL E 255 19.02 42.98 23.96
N LEU E 256 19.19 41.69 23.68
CA LEU E 256 18.95 40.66 24.68
C LEU E 256 20.23 39.89 24.98
N ASP E 257 20.34 39.44 26.23
CA ASP E 257 21.47 38.66 26.68
C ASP E 257 21.19 37.17 26.44
N THR E 258 22.00 36.30 27.06
CA THR E 258 21.80 34.87 26.91
C THR E 258 20.43 34.43 27.42
N LYS E 259 20.01 34.97 28.56
CA LYS E 259 18.72 34.64 29.15
C LYS E 259 17.57 35.48 28.59
N SER E 260 17.77 36.11 27.43
CA SER E 260 16.76 36.94 26.76
C SER E 260 16.34 38.13 27.61
N ARG E 261 17.17 38.54 28.55
CA ARG E 261 16.89 39.73 29.35
C ARG E 261 17.39 40.97 28.63
N GLN E 262 16.66 42.06 28.77
CA GLN E 262 17.00 43.29 28.06
C GLN E 262 18.28 43.90 28.62
N ILE E 263 19.16 44.33 27.72
CA ILE E 263 20.36 45.08 28.08
C ILE E 263 20.21 46.56 27.72
N GLU E 264 19.65 46.83 26.55
CA GLU E 264 19.42 48.19 26.09
C GLU E 264 18.27 48.18 25.10
N ILE E 265 17.32 49.09 25.26
CA ILE E 265 16.15 49.19 24.39
C ILE E 265 16.30 50.43 23.52
N ASN E 266 16.11 50.27 22.22
CA ASN E 266 16.22 51.35 21.27
C ASN E 266 15.00 51.36 20.36
N SER E 267 14.42 52.54 20.16
CA SER E 267 13.22 52.70 19.35
C SER E 267 13.45 53.77 18.30
N GLY E 268 12.66 53.70 17.23
CA GLY E 268 12.72 54.67 16.16
C GLY E 268 12.86 54.00 14.79
N ALA E 269 13.54 54.70 13.89
CA ALA E 269 13.74 54.18 12.54
C ALA E 269 14.62 52.95 12.56
N ALA E 270 14.34 52.03 11.63
CA ALA E 270 15.00 50.72 11.65
C ALA E 270 16.51 50.86 11.51
N ASP E 271 16.97 51.69 10.57
CA ASP E 271 18.41 51.81 10.35
C ASP E 271 19.10 52.46 11.54
N GLU E 272 18.50 53.55 12.07
CA GLU E 272 19.08 54.20 13.25
C GLU E 272 19.04 53.27 14.45
N VAL E 273 17.96 52.49 14.61
CA VAL E 273 17.86 51.55 15.72
C VAL E 273 18.95 50.49 15.61
N GLN E 274 19.17 49.95 14.42
CA GLN E 274 20.25 48.99 14.22
C GLN E 274 21.59 49.61 14.56
N LYS E 275 21.83 50.83 14.06
CA LYS E 275 23.12 51.48 14.31
C LYS E 275 23.35 51.71 15.80
N LYS E 276 22.32 52.14 16.53
CA LYS E 276 22.47 52.42 17.94
C LYS E 276 22.62 51.14 18.76
N ALA E 277 21.78 50.13 18.51
CA ALA E 277 21.84 48.88 19.25
C ALA E 277 22.99 47.99 18.82
N TRP E 278 23.69 48.37 17.74
CA TRP E 278 24.69 47.49 17.16
C TRP E 278 25.90 47.31 18.06
N LYS E 279 26.30 48.35 18.79
CA LYS E 279 27.43 48.23 19.71
C LYS E 279 27.13 47.21 20.80
N LEU E 280 25.96 47.30 21.42
CA LEU E 280 25.58 46.33 22.44
C LEU E 280 25.41 44.93 21.84
N GLY E 281 24.84 44.86 20.63
CA GLY E 281 24.70 43.56 19.99
C GLY E 281 26.02 42.90 19.69
N ASN E 282 27.02 43.69 19.30
CA ASN E 282 28.36 43.14 19.06
C ASN E 282 29.07 42.79 20.35
N ALA E 283 28.85 43.57 21.41
CA ALA E 283 29.43 43.23 22.71
C ALA E 283 28.87 41.92 23.25
N ARG E 284 27.57 41.70 23.08
CA ARG E 284 26.94 40.49 23.59
C ARG E 284 27.11 39.29 22.68
N THR E 285 27.12 39.49 21.37
CA THR E 285 27.06 38.42 20.40
C THR E 285 28.44 37.96 19.93
N TYR E 286 29.28 38.89 19.49
CA TYR E 286 30.62 38.55 19.02
C TYR E 286 31.55 38.53 20.23
N VAL E 287 31.86 37.34 20.72
CA VAL E 287 32.62 37.15 21.93
C VAL E 287 34.06 36.76 21.54
N PRO E 288 35.06 37.57 21.87
CA PRO E 288 36.45 37.17 21.61
C PRO E 288 36.99 36.26 22.71
N PHE E 289 36.69 34.97 22.63
CA PHE E 289 36.99 34.02 23.69
C PHE E 289 38.14 33.08 23.37
N ALA E 290 38.29 32.66 22.13
CA ALA E 290 39.26 31.62 21.78
C ALA E 290 40.68 32.18 21.78
N GLU E 291 41.57 31.51 22.51
CA GLU E 291 43.00 31.81 22.42
C GLU E 291 43.68 31.05 21.29
N LYS E 292 43.04 30.02 20.75
CA LYS E 292 43.58 29.25 19.65
C LYS E 292 42.43 28.66 18.86
N LYS E 293 42.69 28.36 17.58
CA LYS E 293 41.67 27.75 16.74
C LYS E 293 41.39 26.32 17.20
N TYR E 294 40.12 25.95 17.22
CA TYR E 294 39.68 24.67 17.74
C TYR E 294 39.51 23.68 16.60
N ASP E 295 40.18 22.53 16.73
CA ASP E 295 40.08 21.50 15.71
C ASP E 295 38.77 20.74 15.81
N ILE E 296 38.26 20.55 17.03
CA ILE E 296 36.99 19.86 17.26
C ILE E 296 36.10 20.78 18.08
N ILE E 297 34.86 20.95 17.63
CA ILE E 297 33.82 21.61 18.41
C ILE E 297 32.80 20.56 18.81
N VAL E 298 32.63 20.35 20.11
CA VAL E 298 31.74 19.33 20.64
C VAL E 298 30.53 20.02 21.27
N PHE E 299 29.34 19.64 20.82
CA PHE E 299 28.10 20.13 21.41
C PHE E 299 27.06 19.02 21.29
N GLY E 300 25.81 19.37 21.60
CA GLY E 300 24.74 18.43 21.48
C GLY E 300 23.40 19.11 21.23
N MET E 301 22.55 18.48 20.43
CA MET E 301 21.26 19.05 20.09
C MET E 301 20.18 18.50 21.01
N PRO E 302 19.42 19.36 21.69
CA PRO E 302 18.17 18.90 22.29
C PRO E 302 17.14 18.62 21.20
N GLN E 303 16.14 17.81 21.54
CA GLN E 303 15.05 17.58 20.59
C GLN E 303 14.31 18.88 20.29
N PHE E 304 14.05 19.68 21.33
CA PHE E 304 13.34 20.95 21.19
C PHE E 304 14.33 22.08 21.39
N PHE E 305 14.47 22.93 20.37
CA PHE E 305 15.19 24.20 20.48
C PHE E 305 14.94 24.97 19.19
N HIS E 306 15.25 26.26 19.24
CA HIS E 306 15.11 27.16 18.10
C HIS E 306 13.71 27.14 17.52
N TYR E 307 13.51 26.38 16.44
CA TYR E 307 12.27 26.41 15.70
C TYR E 307 11.19 25.49 16.25
N GLY E 308 11.50 24.68 17.27
CA GLY E 308 10.48 23.91 17.93
C GLY E 308 10.89 22.46 18.10
N ASP E 309 9.89 21.62 18.34
CA ASP E 309 10.13 20.20 18.57
C ASP E 309 10.63 19.54 17.30
N GLY E 310 11.54 18.58 17.47
CA GLY E 310 12.15 17.90 16.34
C GLY E 310 13.27 18.66 15.68
N MET E 311 13.60 19.86 16.17
CA MET E 311 14.68 20.63 15.56
C MET E 311 16.01 19.90 15.66
N GLY E 312 16.26 19.22 16.78
CA GLY E 312 17.43 18.40 16.96
C GLY E 312 17.31 16.97 16.48
N THR E 313 16.13 16.58 15.97
CA THR E 313 15.93 15.24 15.45
C THR E 313 15.60 15.21 13.97
N ASN E 314 14.93 16.22 13.43
CA ASN E 314 14.69 16.30 12.00
C ASN E 314 16.03 16.42 11.29
N PRO E 315 16.34 15.52 10.34
CA PRO E 315 17.69 15.54 9.74
C PRO E 315 18.04 16.86 9.08
N ILE E 316 17.09 17.47 8.36
CA ILE E 316 17.36 18.76 7.74
C ILE E 316 17.46 19.85 8.79
N MET E 317 16.57 19.85 9.76
CA MET E 317 16.61 20.86 10.81
C MET E 317 17.89 20.72 11.64
N LEU E 318 18.26 19.47 11.94
CA LEU E 318 19.49 19.20 12.67
C LEU E 318 20.71 19.68 11.89
N MET E 319 20.75 19.40 10.59
CA MET E 319 21.89 19.83 9.80
C MET E 319 21.94 21.35 9.70
N GLN E 320 20.78 22.01 9.68
CA GLN E 320 20.76 23.46 9.70
C GLN E 320 21.27 24.00 11.03
N ALA E 321 20.96 23.32 12.14
CA ALA E 321 21.51 23.73 13.42
C ALA E 321 23.04 23.58 13.43
N LEU E 322 23.54 22.49 12.84
CA LEU E 322 24.98 22.32 12.68
C LEU E 322 25.57 23.46 11.87
N SER E 323 24.91 23.84 10.78
CA SER E 323 25.40 24.94 9.95
C SER E 323 25.33 26.27 10.69
N ALA E 324 24.31 26.48 11.51
CA ALA E 324 24.25 27.69 12.31
C ALA E 324 25.42 27.75 13.28
N GLN E 325 25.77 26.62 13.88
CA GLN E 325 26.98 26.55 14.69
C GLN E 325 28.22 26.88 13.86
N VAL E 326 28.26 26.39 12.62
CA VAL E 326 29.39 26.67 11.73
C VAL E 326 29.53 28.17 11.52
N ILE E 327 28.44 28.84 11.17
CA ILE E 327 28.49 30.28 10.93
C ILE E 327 28.82 31.02 12.21
N ARG E 328 28.35 30.53 13.35
CA ARG E 328 28.61 31.21 14.62
C ARG E 328 30.08 31.13 15.01
N HIS E 329 30.71 29.97 14.79
CA HIS E 329 32.06 29.74 15.31
C HIS E 329 33.12 29.57 14.23
N LYS E 330 32.84 30.01 12.99
CA LYS E 330 33.84 29.94 11.93
C LYS E 330 35.14 30.64 12.31
N ARG E 331 35.04 31.76 13.04
CA ARG E 331 36.24 32.53 13.35
C ARG E 331 37.21 31.76 14.25
N ILE E 332 36.70 30.83 15.05
CA ILE E 332 37.54 30.05 15.96
C ILE E 332 37.77 28.63 15.45
N MET E 333 37.37 28.34 14.21
CA MET E 333 37.36 26.98 13.69
C MET E 333 38.51 26.82 12.69
N SER E 334 39.31 25.78 12.87
CA SER E 334 40.38 25.48 11.94
C SER E 334 39.81 25.01 10.60
N ASP E 335 40.69 24.90 9.61
CA ASP E 335 40.26 24.46 8.28
C ASP E 335 39.72 23.04 8.32
N ASN E 336 40.42 22.14 9.02
CA ASN E 336 39.96 20.76 9.18
C ASN E 336 39.15 20.57 10.46
N CYS E 337 38.17 21.44 10.66
CA CYS E 337 37.36 21.37 11.87
CA CYS E 337 37.35 21.38 11.87
C CYS E 337 36.40 20.19 11.81
N VAL E 338 36.13 19.61 12.99
CA VAL E 338 35.23 18.48 13.13
C VAL E 338 34.13 18.85 14.11
N PHE E 339 32.88 18.61 13.71
CA PHE E 339 31.74 18.78 14.61
C PHE E 339 31.35 17.42 15.16
N ILE E 340 31.25 17.34 16.48
CA ILE E 340 30.78 16.13 17.16
C ILE E 340 29.56 16.55 17.96
N CYS E 341 28.37 16.24 17.43
CA CYS E 341 27.11 16.66 18.02
C CYS E 341 26.33 15.44 18.49
N ALA E 342 25.85 15.49 19.72
CA ALA E 342 24.93 14.48 20.23
C ALA E 342 23.51 14.86 19.86
N SER E 343 22.83 13.97 19.15
CA SER E 343 21.44 14.19 18.80
C SER E 343 20.74 12.85 18.68
N THR E 344 19.47 12.82 19.10
CA THR E 344 18.63 11.64 18.93
C THR E 344 17.97 11.72 17.55
N CYS E 345 18.80 11.46 16.53
CA CYS E 345 18.33 11.45 15.15
C CYS E 345 17.51 10.18 14.95
N ASN E 346 16.30 10.21 15.52
CA ASN E 346 15.42 9.04 15.59
C ASN E 346 14.40 9.01 14.47
N GLY E 347 14.59 9.84 13.45
CA GLY E 347 13.63 9.91 12.35
C GLY E 347 12.41 10.74 12.62
N TYR E 348 12.33 11.39 13.78
CA TYR E 348 11.21 12.27 14.10
C TYR E 348 11.35 13.55 13.27
N PHE E 349 10.70 13.57 12.11
CA PHE E 349 10.76 14.74 11.26
C PHE E 349 9.90 15.89 11.78
N ASN E 350 8.97 15.59 12.69
CA ASN E 350 7.97 16.55 13.14
C ASN E 350 7.18 17.10 11.92
N GLU E 351 6.46 16.18 11.29
CA GLU E 351 5.66 16.53 10.13
C GLU E 351 4.63 17.61 10.45
N SER E 352 4.19 17.69 11.71
CA SER E 352 3.29 18.77 12.10
C SER E 352 3.97 20.13 11.93
N LEU E 353 5.22 20.24 12.38
CA LEU E 353 5.96 21.49 12.23
C LEU E 353 6.45 21.67 10.79
N TRP E 354 6.99 20.62 10.19
CA TRP E 354 7.61 20.68 8.87
C TRP E 354 7.10 19.53 8.02
N PRO E 355 5.88 19.65 7.48
CA PRO E 355 5.36 18.57 6.63
C PRO E 355 6.12 18.38 5.34
N TYR E 356 6.77 19.43 4.85
CA TYR E 356 7.52 19.37 3.59
C TYR E 356 8.89 18.76 3.75
N LEU E 357 9.40 18.66 4.97
CA LEU E 357 10.77 18.23 5.20
C LEU E 357 11.00 16.74 4.94
N PRO E 358 10.04 15.86 5.22
CA PRO E 358 10.22 14.47 4.73
C PRO E 358 10.40 14.38 3.23
N GLU E 359 9.57 15.10 2.47
CA GLU E 359 9.69 15.05 1.02
C GLU E 359 10.91 15.81 0.53
N LEU E 360 11.29 16.90 1.22
CA LEU E 360 12.55 17.57 0.90
C LEU E 360 13.75 16.66 1.15
N TYR E 361 13.73 15.91 2.26
CA TYR E 361 14.80 14.97 2.55
C TYR E 361 14.86 13.86 1.51
N ASP E 362 13.70 13.34 1.12
CA ASP E 362 13.66 12.32 0.07
C ASP E 362 14.21 12.87 -1.25
N LEU E 363 13.87 14.13 -1.56
CA LEU E 363 14.41 14.78 -2.74
C LEU E 363 15.93 14.91 -2.66
N PHE E 364 16.44 15.24 -1.48
CA PHE E 364 17.89 15.31 -1.29
C PHE E 364 18.54 13.96 -1.51
N GLN E 365 17.93 12.90 -0.96
CA GLN E 365 18.51 11.57 -1.11
C GLN E 365 18.48 11.10 -2.56
N LYS E 366 17.41 11.37 -3.28
CA LYS E 366 17.28 10.83 -4.63
C LYS E 366 17.89 11.71 -5.71
N GLU E 367 18.14 12.99 -5.43
CA GLU E 367 18.79 13.85 -6.41
C GLU E 367 20.07 14.52 -5.92
N GLY E 368 20.07 15.04 -4.69
CA GLY E 368 21.11 15.95 -4.28
C GLY E 368 22.40 15.34 -3.77
N ASN E 369 23.51 15.60 -4.47
CA ASN E 369 24.82 15.33 -3.91
C ASN E 369 25.09 16.25 -2.72
N THR E 370 24.75 17.52 -2.85
CA THR E 370 24.79 18.49 -1.78
C THR E 370 23.43 19.18 -1.70
N LEU E 371 23.22 19.94 -0.63
CA LEU E 371 21.92 20.54 -0.39
C LEU E 371 21.59 21.66 -1.37
N VAL E 372 22.60 22.32 -1.93
CA VAL E 372 22.35 23.36 -2.92
C VAL E 372 21.62 22.82 -4.13
N ASP E 373 21.83 21.55 -4.47
CA ASP E 373 21.12 20.92 -5.57
C ASP E 373 19.62 20.95 -5.37
N LEU E 374 19.15 21.10 -4.13
CA LEU E 374 17.72 21.19 -3.87
C LEU E 374 17.14 22.56 -4.13
N ASN E 375 17.96 23.62 -4.14
CA ASN E 375 17.43 24.98 -4.18
C ASN E 375 16.53 25.25 -5.37
N GLN E 376 16.79 24.60 -6.51
CA GLN E 376 15.96 24.80 -7.69
C GLN E 376 14.50 24.43 -7.45
N TYR E 377 14.24 23.58 -6.46
CA TYR E 377 12.89 23.13 -6.13
C TYR E 377 12.22 23.99 -5.07
N GLY E 378 12.86 25.08 -4.64
CA GLY E 378 12.29 25.90 -3.57
C GLY E 378 10.87 26.34 -3.87
N GLU E 379 10.69 27.04 -4.98
CA GLU E 379 9.35 27.45 -5.39
C GLU E 379 8.41 26.26 -5.48
N TYR E 380 8.91 25.11 -5.94
CA TYR E 380 8.07 23.92 -6.04
C TYR E 380 7.46 23.56 -4.69
N PHE E 381 8.25 23.65 -3.63
CA PHE E 381 7.68 23.46 -2.30
C PHE E 381 6.88 24.68 -1.88
N ALA E 382 7.40 25.87 -2.19
CA ALA E 382 6.79 27.10 -1.68
C ALA E 382 5.41 27.34 -2.28
N THR E 383 5.11 26.74 -3.42
CA THR E 383 3.80 26.83 -4.04
C THR E 383 2.97 25.57 -3.84
N ASN E 384 3.49 24.59 -3.10
CA ASN E 384 2.74 23.35 -2.86
C ASN E 384 1.50 23.67 -2.03
N GLU E 385 0.33 23.33 -2.58
CA GLU E 385 -0.93 23.73 -1.96
C GLU E 385 -1.11 23.09 -0.60
N GLU E 386 -0.75 21.82 -0.46
CA GLU E 386 -0.93 21.14 0.84
C GLU E 386 -0.02 21.73 1.90
N TYR E 387 1.26 21.95 1.57
CA TYR E 387 2.18 22.54 2.52
C TYR E 387 1.77 23.97 2.85
N ILE E 388 1.29 24.72 1.86
CA ILE E 388 0.81 26.07 2.11
C ILE E 388 -0.39 26.05 3.06
N ARG E 389 -1.32 25.11 2.85
CA ARG E 389 -2.47 24.99 3.73
C ARG E 389 -2.05 24.63 5.14
N LYS E 390 -1.07 23.73 5.28
CA LYS E 390 -0.59 23.36 6.61
C LYS E 390 0.09 24.53 7.29
N TYR E 391 0.82 25.35 6.53
CA TYR E 391 1.39 26.57 7.10
C TYR E 391 0.31 27.55 7.53
N ARG E 392 -0.74 27.69 6.71
CA ARG E 392 -1.77 28.69 6.93
C ARG E 392 -2.73 28.30 8.05
N TYR E 393 -3.02 27.00 8.21
CA TYR E 393 -4.09 26.59 9.09
C TYR E 393 -3.66 25.54 10.11
N ALA E 394 -2.70 24.70 9.75
CA ALA E 394 -2.22 23.65 10.62
C ALA E 394 -1.02 24.07 11.45
N HIS E 395 -0.69 25.37 11.44
CA HIS E 395 0.41 25.91 12.24
C HIS E 395 1.73 25.23 11.92
N ALA E 396 1.94 24.92 10.66
CA ALA E 396 3.20 24.38 10.19
C ALA E 396 4.09 25.50 9.66
N PHE E 397 5.37 25.21 9.56
CA PHE E 397 6.29 26.13 8.92
C PHE E 397 5.95 26.25 7.43
N HIS E 398 6.20 27.43 6.88
CA HIS E 398 6.03 27.59 5.45
C HIS E 398 7.01 26.69 4.70
N PRO E 399 6.60 26.11 3.57
CA PRO E 399 7.51 25.19 2.85
C PRO E 399 8.86 25.79 2.52
N PHE E 400 8.89 27.00 1.96
CA PHE E 400 10.15 27.58 1.53
C PHE E 400 11.12 27.78 2.68
N HIS E 401 10.62 27.91 3.91
CA HIS E 401 11.50 27.99 5.07
C HIS E 401 12.49 26.84 5.09
N GLY E 402 12.02 25.62 4.80
CA GLY E 402 12.93 24.48 4.77
C GLY E 402 14.06 24.68 3.81
N PHE E 403 13.78 25.27 2.64
CA PHE E 403 14.87 25.57 1.71
C PHE E 403 15.84 26.58 2.30
N SER E 404 15.32 27.65 2.93
CA SER E 404 16.21 28.50 3.70
C SER E 404 17.03 27.65 4.65
N MET E 405 16.36 26.72 5.33
CA MET E 405 17.05 25.81 6.24
C MET E 405 18.16 25.06 5.51
N ILE E 406 17.85 24.42 4.38
CA ILE E 406 18.89 23.70 3.68
C ILE E 406 19.89 24.69 3.09
N SER E 407 19.42 25.89 2.74
CA SER E 407 20.35 26.91 2.26
C SER E 407 21.36 27.25 3.35
N CYS E 408 20.92 27.24 4.60
CA CYS E 408 21.88 27.30 5.70
C CYS E 408 22.59 25.96 5.86
N ALA E 409 21.83 24.87 5.82
CA ALA E 409 22.36 23.57 6.22
C ALA E 409 23.54 23.13 5.36
N HIS E 410 23.59 23.53 4.10
CA HIS E 410 24.71 23.15 3.24
C HIS E 410 26.04 23.61 3.82
N LEU E 411 26.07 24.77 4.48
CA LEU E 411 27.33 25.23 5.07
C LEU E 411 27.89 24.23 6.06
N ALA E 412 27.03 23.48 6.77
CA ALA E 412 27.52 22.46 7.67
C ALA E 412 28.38 21.44 6.94
N GLU E 413 27.95 21.04 5.74
CA GLU E 413 28.76 20.14 4.92
C GLU E 413 29.96 20.88 4.33
N LYS E 414 29.81 22.17 4.06
CA LYS E 414 30.83 22.88 3.27
C LYS E 414 32.02 23.30 4.12
N HIS E 415 31.78 23.82 5.32
CA HIS E 415 32.83 24.46 6.11
C HIS E 415 33.36 23.58 7.24
N THR E 416 33.06 22.28 7.23
CA THR E 416 33.63 21.35 8.19
C THR E 416 34.20 20.16 7.46
N ALA E 417 35.36 19.67 7.94
CA ALA E 417 35.94 18.48 7.36
C ALA E 417 35.00 17.29 7.52
N ALA E 418 34.44 17.12 8.70
CA ALA E 418 33.44 16.09 8.94
C ALA E 418 32.61 16.48 10.15
N ILE E 419 31.36 16.07 10.15
CA ILE E 419 30.45 16.27 11.28
C ILE E 419 30.06 14.91 11.81
N TYR E 420 30.32 14.67 13.09
CA TYR E 420 29.96 13.42 13.73
C TYR E 420 28.67 13.61 14.52
N LEU E 421 27.66 12.82 14.17
CA LEU E 421 26.40 12.83 14.90
C LEU E 421 26.43 11.65 15.86
N VAL E 422 26.29 11.95 17.15
CA VAL E 422 26.50 10.97 18.21
C VAL E 422 25.15 10.58 18.80
N GLY E 423 24.95 9.27 18.97
CA GLY E 423 23.74 8.79 19.61
C GLY E 423 22.50 8.80 18.76
N ALA E 424 22.64 8.80 17.44
CA ALA E 424 21.47 8.77 16.58
C ALA E 424 20.73 7.44 16.73
N GLU E 425 19.43 7.54 17.02
CA GLU E 425 18.61 6.34 17.09
C GLU E 425 18.38 5.76 15.70
N LYS E 426 18.33 6.62 14.69
CA LYS E 426 18.24 6.22 13.28
C LYS E 426 19.40 6.89 12.56
N PRO E 427 20.60 6.31 12.64
CA PRO E 427 21.78 6.98 12.07
C PRO E 427 21.69 7.16 10.57
N GLY E 428 20.79 6.44 9.89
CA GLY E 428 20.67 6.58 8.46
C GLY E 428 20.28 7.98 8.02
N TYR E 429 19.45 8.66 8.80
CA TYR E 429 19.06 10.02 8.44
C TYR E 429 20.24 10.99 8.55
N ALA E 430 21.00 10.90 9.63
CA ALA E 430 22.19 11.73 9.77
C ALA E 430 23.19 11.44 8.68
N ARG E 431 23.38 10.17 8.34
CA ARG E 431 24.27 9.82 7.23
C ARG E 431 23.75 10.37 5.91
N GLY E 432 22.43 10.33 5.71
CA GLY E 432 21.83 10.92 4.53
C GLY E 432 21.99 12.41 4.44
N MET E 433 22.18 13.08 5.57
CA MET E 433 22.60 14.48 5.56
C MET E 433 24.10 14.65 5.47
N GLY E 434 24.83 13.60 5.09
CA GLY E 434 26.27 13.69 4.94
C GLY E 434 27.06 13.70 6.23
N LEU E 435 26.47 13.23 7.33
CA LEU E 435 27.14 13.25 8.62
C LEU E 435 27.65 11.86 8.98
N LYS E 436 28.85 11.81 9.56
CA LYS E 436 29.37 10.57 10.11
C LYS E 436 28.63 10.24 11.39
N THR E 437 28.24 8.97 11.54
CA THR E 437 27.43 8.53 12.67
C THR E 437 28.25 7.62 13.56
N ARG E 438 28.32 7.96 14.85
CA ARG E 438 28.96 7.12 15.86
C ARG E 438 28.02 6.98 17.05
N ALA E 439 28.07 5.81 17.67
CA ALA E 439 27.14 5.51 18.76
C ALA E 439 27.37 6.43 19.96
N THR E 440 28.62 6.67 20.33
CA THR E 440 28.95 7.42 21.53
C THR E 440 29.88 8.57 21.19
N PHE E 441 30.01 9.49 22.16
CA PHE E 441 30.94 10.61 22.00
C PHE E 441 32.37 10.13 21.86
N GLU E 442 32.75 9.09 22.61
CA GLU E 442 34.12 8.61 22.57
C GLU E 442 34.48 8.03 21.19
N GLU E 443 33.56 7.29 20.58
CA GLU E 443 33.82 6.73 19.26
C GLU E 443 34.07 7.84 18.24
N ALA E 444 33.21 8.86 18.25
CA ALA E 444 33.37 9.97 17.32
C ALA E 444 34.64 10.76 17.60
N LEU E 445 34.97 10.94 18.88
CA LEU E 445 36.19 11.67 19.24
C LEU E 445 37.43 10.95 18.73
N GLU E 446 37.52 9.64 18.98
CA GLU E 446 38.65 8.87 18.50
C GLU E 446 38.71 8.83 16.97
N ASP E 447 37.56 8.69 16.31
CA ASP E 447 37.53 8.67 14.86
C ASP E 447 38.01 10.00 14.29
N ALA E 448 37.56 11.12 14.87
CA ALA E 448 37.98 12.43 14.40
C ALA E 448 39.47 12.65 14.64
N LYS E 449 39.97 12.21 15.80
CA LYS E 449 41.39 12.33 16.07
C LYS E 449 42.21 11.51 15.08
N LYS E 450 41.75 10.31 14.76
CA LYS E 450 42.48 9.47 13.82
C LYS E 450 42.45 10.03 12.40
N LYS E 451 41.33 10.62 12.00
CA LYS E 451 41.12 10.95 10.59
C LYS E 451 41.45 12.39 10.23
N PHE E 452 41.05 13.36 11.04
CA PHE E 452 41.08 14.76 10.59
C PHE E 452 41.95 15.68 11.43
N VAL E 453 41.93 15.54 12.75
CA VAL E 453 42.47 16.58 13.63
C VAL E 453 43.71 16.15 14.39
N GLY E 454 44.13 14.90 14.30
CA GLY E 454 45.29 14.43 15.02
C GLY E 454 44.97 14.02 16.45
N GLN E 455 45.98 13.45 17.11
CA GLN E 455 45.78 12.87 18.44
C GLN E 455 45.75 13.90 19.55
N GLU E 456 46.13 15.15 19.28
CA GLU E 456 46.09 16.22 20.28
C GLU E 456 45.39 17.45 19.71
N PRO E 457 44.08 17.36 19.50
CA PRO E 457 43.36 18.49 18.90
C PRO E 457 42.89 19.50 19.94
N ASN E 458 42.67 20.72 19.48
CA ASN E 458 42.05 21.76 20.30
C ASN E 458 40.54 21.53 20.28
N ILE E 459 40.00 21.05 21.39
CA ILE E 459 38.59 20.66 21.46
C ILE E 459 37.83 21.74 22.22
N LEU E 460 36.75 22.22 21.62
CA LEU E 460 35.86 23.20 22.24
C LEU E 460 34.56 22.49 22.61
N ALA E 461 34.15 22.65 23.86
CA ALA E 461 32.89 22.09 24.35
C ALA E 461 31.85 23.18 24.43
N LEU E 462 30.65 22.91 23.90
CA LEU E 462 29.52 23.83 23.94
C LEU E 462 28.34 23.08 24.55
N PRO E 463 28.34 22.89 25.87
CA PRO E 463 27.26 22.11 26.50
C PRO E 463 25.89 22.72 26.33
N LYS E 464 25.77 24.05 26.27
CA LYS E 464 24.49 24.75 26.13
C LYS E 464 24.45 25.48 24.80
N ALA E 465 24.90 24.82 23.73
CA ALA E 465 25.00 25.46 22.42
C ALA E 465 23.62 25.87 21.90
N PHE E 466 22.62 25.02 22.10
CA PHE E 466 21.30 25.28 21.54
C PHE E 466 20.23 25.59 22.58
N LYS E 467 20.43 25.25 23.85
CA LYS E 467 19.46 25.58 24.88
C LYS E 467 19.55 27.03 25.32
N THR E 468 20.55 27.78 24.86
CA THR E 468 20.73 29.17 25.20
C THR E 468 20.91 29.98 23.92
N ALA E 469 20.85 31.30 24.05
CA ALA E 469 21.09 32.20 22.93
C ALA E 469 22.57 32.13 22.59
N ALA E 470 22.91 31.33 21.57
CA ALA E 470 24.31 31.07 21.25
C ALA E 470 24.96 32.32 20.66
N VAL E 471 26.10 32.70 21.23
CA VAL E 471 26.87 33.83 20.74
C VAL E 471 27.75 33.36 19.58
N HIS E 472 28.31 34.30 18.83
CA HIS E 472 29.26 34.00 17.77
C HIS E 472 30.67 34.23 18.29
N LEU E 473 31.46 33.17 18.34
CA LEU E 473 32.77 33.23 18.95
C LEU E 473 33.82 33.68 17.95
N MET E 474 34.73 34.55 18.41
CA MET E 474 35.86 35.00 17.61
C MET E 474 37.15 34.73 18.36
N MET E 475 38.27 35.04 17.71
CA MET E 475 39.56 34.98 18.38
C MET E 475 39.64 36.06 19.46
N LYS E 476 40.43 35.79 20.50
CA LYS E 476 40.62 36.78 21.55
C LYS E 476 41.25 38.07 21.04
N ASN E 477 41.96 38.01 19.92
CA ASN E 477 42.52 39.20 19.28
C ASN E 477 41.59 39.79 18.23
N ASP E 478 40.41 39.20 18.04
CA ASP E 478 39.47 39.68 17.03
C ASP E 478 38.51 40.70 17.63
N LEU E 479 38.33 41.80 16.91
CA LEU E 479 37.36 42.81 17.31
C LEU E 479 35.98 42.47 16.76
N PRO E 480 34.92 42.86 17.46
CA PRO E 480 33.57 42.64 16.94
C PRO E 480 33.36 43.41 15.66
N PRO E 481 32.98 42.73 14.56
CA PRO E 481 32.80 43.33 13.23
C PRO E 481 31.90 44.56 13.24
N LYS F 2 34.35 -5.12 -34.36
CA LYS F 2 34.47 -4.57 -33.02
C LYS F 2 34.25 -3.06 -33.02
N ILE F 3 33.00 -2.64 -32.86
CA ILE F 3 32.63 -1.23 -32.86
C ILE F 3 31.96 -0.92 -31.53
N ASP F 4 32.41 0.15 -30.88
CA ASP F 4 31.84 0.56 -29.60
C ASP F 4 30.68 1.51 -29.84
N PHE F 5 29.53 1.18 -29.24
CA PHE F 5 28.33 2.00 -29.34
C PHE F 5 27.94 2.47 -27.94
N GLU F 6 27.24 3.60 -27.89
CA GLU F 6 26.88 4.16 -26.59
C GLU F 6 25.95 3.21 -25.84
N TYR F 7 26.16 3.14 -24.53
CA TYR F 7 25.44 2.20 -23.67
C TYR F 7 25.52 2.74 -22.25
N GLY F 8 24.40 3.24 -21.75
CA GLY F 8 24.38 3.83 -20.43
C GLY F 8 25.32 5.01 -20.36
N HIS F 9 26.32 4.92 -19.50
CA HIS F 9 27.30 5.99 -19.34
C HIS F 9 28.58 5.75 -20.13
N GLY F 10 28.64 4.70 -20.94
CA GLY F 10 29.85 4.37 -21.68
C GLY F 10 29.57 3.69 -22.99
N THR F 11 30.31 2.63 -23.26
CA THR F 11 30.21 1.92 -24.53
C THR F 11 30.06 0.43 -24.32
N MET F 12 29.37 -0.20 -25.27
CA MET F 12 29.27 -1.64 -25.40
C MET F 12 29.76 -2.03 -26.79
N THR F 13 30.53 -3.10 -26.86
CA THR F 13 31.16 -3.48 -28.11
C THR F 13 30.28 -4.45 -28.90
N ALA F 14 30.27 -4.27 -30.23
CA ALA F 14 29.56 -5.13 -31.15
C ALA F 14 30.55 -5.77 -32.11
N ASP F 15 30.41 -7.08 -32.30
CA ASP F 15 31.24 -7.82 -33.26
C ASP F 15 30.55 -7.78 -34.62
N LEU F 16 30.47 -6.58 -35.17
CA LEU F 16 29.83 -6.40 -36.48
C LEU F 16 30.75 -6.92 -37.59
N PRO F 17 30.18 -7.32 -38.72
CA PRO F 17 31.00 -7.80 -39.83
C PRO F 17 31.94 -6.71 -40.35
N ASP F 18 33.06 -7.15 -40.93
CA ASP F 18 34.05 -6.21 -41.43
C ASP F 18 33.51 -5.36 -42.58
N THR F 19 32.41 -5.77 -43.21
CA THR F 19 31.80 -4.99 -44.27
C THR F 19 30.85 -3.93 -43.74
N THR F 20 30.64 -3.86 -42.42
CA THR F 20 29.76 -2.85 -41.85
C THR F 20 30.32 -1.46 -42.07
N ASP F 21 29.47 -0.55 -42.54
CA ASP F 21 29.86 0.84 -42.76
C ASP F 21 29.69 1.63 -41.47
N ILE F 22 30.73 2.36 -41.09
CA ILE F 22 30.73 3.18 -39.89
C ILE F 22 30.62 4.63 -40.30
N PHE F 23 29.58 5.32 -39.83
CA PHE F 23 29.41 6.74 -40.07
C PHE F 23 29.40 7.48 -38.75
N ILE F 24 30.20 8.55 -38.68
CA ILE F 24 30.19 9.46 -37.53
C ILE F 24 29.99 10.87 -38.07
N PRO F 25 29.05 11.64 -37.54
CA PRO F 25 28.85 13.00 -38.03
C PRO F 25 30.10 13.85 -37.86
N GLY F 26 30.45 14.59 -38.91
CA GLY F 26 31.62 15.44 -38.89
C GLY F 26 32.92 14.71 -39.19
N GLU F 27 33.01 13.46 -38.76
CA GLU F 27 34.24 12.69 -38.92
C GLU F 27 34.24 11.86 -40.22
N THR F 28 33.25 10.98 -40.37
CA THR F 28 33.18 10.15 -41.57
C THR F 28 33.01 11.00 -42.82
N VAL F 29 32.12 11.99 -42.77
CA VAL F 29 31.96 12.98 -43.82
C VAL F 29 32.20 14.35 -43.21
N ALA F 30 33.12 15.10 -43.80
CA ALA F 30 33.50 16.39 -43.22
C ALA F 30 32.35 17.39 -43.31
N ASP F 31 32.03 18.01 -42.19
CA ASP F 31 31.06 19.07 -42.16
C ASP F 31 31.65 20.32 -42.80
N PRO F 32 30.81 21.29 -43.19
CA PRO F 32 31.33 22.57 -43.67
C PRO F 32 32.27 23.18 -42.64
N GLU F 33 33.34 23.78 -43.12
CA GLU F 33 34.42 24.25 -42.24
C GLU F 33 33.88 25.28 -41.27
N CYS F 34 34.05 24.99 -39.98
CA CYS F 34 33.57 25.91 -38.94
C CYS F 34 34.39 27.20 -38.94
N LEU F 35 33.76 28.27 -38.49
CA LEU F 35 34.42 29.56 -38.45
C LEU F 35 35.57 29.51 -37.43
N PRO F 36 36.73 30.09 -37.74
CA PRO F 36 37.82 30.11 -36.77
C PRO F 36 37.43 30.85 -35.50
N GLU F 37 38.00 30.43 -34.38
CA GLU F 37 37.63 30.97 -33.08
C GLU F 37 37.88 32.47 -33.02
N ASP F 38 39.03 32.93 -33.52
CA ASP F 38 39.31 34.36 -33.57
C ASP F 38 38.44 35.10 -34.56
N GLN F 39 37.72 34.38 -35.43
CA GLN F 39 36.85 34.99 -36.43
C GLN F 39 35.36 34.83 -36.09
N ILE F 40 35.02 33.98 -35.13
CA ILE F 40 33.62 33.73 -34.80
C ILE F 40 32.95 35.00 -34.30
N GLU F 41 33.60 35.72 -33.38
CA GLU F 41 33.02 36.94 -32.84
C GLU F 41 32.86 38.01 -33.92
N ALA F 42 33.88 38.18 -34.77
CA ALA F 42 33.79 39.16 -35.84
C ALA F 42 32.66 38.82 -36.80
N ALA F 43 32.52 37.54 -37.16
CA ALA F 43 31.46 37.14 -38.08
C ALA F 43 30.09 37.32 -37.44
N THR F 44 29.96 37.02 -36.15
CA THR F 44 28.68 37.24 -35.48
C THR F 44 28.32 38.72 -35.44
N LEU F 45 29.31 39.58 -35.15
CA LEU F 45 29.05 41.01 -35.14
C LEU F 45 28.67 41.51 -36.54
N ASP F 46 29.34 41.00 -37.57
CA ASP F 46 28.99 41.37 -38.93
C ASP F 46 27.58 40.94 -39.28
N SER F 47 27.20 39.72 -38.89
CA SER F 47 25.85 39.23 -39.15
C SER F 47 24.81 40.09 -38.43
N ILE F 48 25.08 40.47 -37.18
CA ILE F 48 24.14 41.30 -36.44
C ILE F 48 24.01 42.68 -37.10
N ARG F 49 25.14 43.26 -37.51
CA ARG F 49 25.11 44.62 -38.04
C ARG F 49 24.56 44.72 -39.46
N ASN F 50 24.48 43.60 -40.18
CA ASN F 50 23.84 43.56 -41.50
C ASN F 50 22.81 42.44 -41.53
N PRO F 51 21.62 42.69 -40.99
CA PRO F 51 20.59 41.66 -40.96
C PRO F 51 19.89 41.52 -42.31
N LEU F 52 19.07 40.48 -42.40
CA LEU F 52 18.31 40.18 -43.61
C LEU F 52 16.83 40.34 -43.33
N GLY F 53 16.15 41.14 -44.17
CA GLY F 53 14.71 41.31 -44.09
C GLY F 53 14.22 42.32 -43.07
N MET F 54 15.12 43.02 -42.38
CA MET F 54 14.72 44.04 -41.41
C MET F 54 15.89 44.97 -41.18
N PRO F 55 15.64 46.17 -40.66
CA PRO F 55 16.74 47.05 -40.29
C PRO F 55 17.52 46.49 -39.12
N PRO F 56 18.77 46.94 -38.90
CA PRO F 56 19.58 46.41 -37.80
C PRO F 56 18.99 46.72 -36.43
N LEU F 57 19.63 46.18 -35.38
CA LEU F 57 19.14 46.41 -34.03
C LEU F 57 19.22 47.88 -33.65
N THR F 58 20.14 48.63 -34.26
CA THR F 58 20.23 50.07 -33.99
C THR F 58 18.95 50.78 -34.42
N GLU F 59 18.45 50.45 -35.61
CA GLU F 59 17.22 51.08 -36.09
C GLU F 59 15.98 50.50 -35.41
N LEU F 60 16.02 49.21 -35.06
CA LEU F 60 14.87 48.58 -34.43
C LEU F 60 14.71 48.98 -32.97
N ALA F 61 15.82 49.19 -32.26
CA ALA F 61 15.79 49.47 -30.83
C ALA F 61 16.09 50.94 -30.59
N LYS F 62 15.22 51.60 -29.83
CA LYS F 62 15.37 52.98 -29.41
C LYS F 62 15.86 53.03 -27.97
N PRO F 63 16.46 54.15 -27.55
CA PRO F 63 16.84 54.28 -26.13
C PRO F 63 15.65 54.09 -25.22
N GLY F 64 15.81 53.21 -24.23
CA GLY F 64 14.74 52.90 -23.31
C GLY F 64 13.76 51.85 -23.77
N SER F 65 13.92 51.33 -24.98
CA SER F 65 13.00 50.32 -25.49
C SER F 65 13.21 48.98 -24.78
N LYS F 66 12.11 48.29 -24.50
CA LYS F 66 12.18 46.98 -23.87
C LYS F 66 12.61 45.93 -24.89
N VAL F 67 13.64 45.18 -24.54
CA VAL F 67 14.24 44.18 -25.44
C VAL F 67 14.21 42.83 -24.75
N THR F 68 13.73 41.81 -25.45
CA THR F 68 13.77 40.44 -24.98
C THR F 68 14.69 39.63 -25.88
N ILE F 69 15.79 39.16 -25.32
CA ILE F 69 16.73 38.27 -26.01
C ILE F 69 16.34 36.85 -25.65
N VAL F 70 15.72 36.15 -26.59
CA VAL F 70 15.24 34.79 -26.38
C VAL F 70 16.32 33.83 -26.89
N PHE F 71 16.92 33.09 -25.98
CA PHE F 71 17.98 32.14 -26.30
C PHE F 71 17.53 30.72 -26.03
N PRO F 72 18.07 29.75 -26.77
CA PRO F 72 17.66 28.35 -26.56
C PRO F 72 18.29 27.75 -25.31
N ASP F 73 17.74 26.61 -24.90
CA ASP F 73 18.14 25.96 -23.67
C ASP F 73 19.42 25.15 -23.89
N ARG F 74 19.75 24.30 -22.91
CA ARG F 74 21.01 23.56 -22.93
C ARG F 74 20.97 22.33 -23.83
N VAL F 75 19.82 22.03 -24.44
CA VAL F 75 19.71 20.82 -25.25
C VAL F 75 20.66 20.88 -26.45
N LYS F 76 20.68 22.03 -27.12
CA LYS F 76 21.50 22.21 -28.32
C LYS F 76 22.20 23.56 -28.26
N GLY F 77 23.16 23.75 -29.16
CA GLY F 77 23.88 24.99 -29.29
C GLY F 77 25.29 24.99 -28.73
N GLY F 78 25.62 24.01 -27.88
CA GLY F 78 26.94 23.95 -27.29
C GLY F 78 27.17 24.97 -26.20
N GLU F 79 28.13 24.69 -25.32
CA GLU F 79 28.43 25.56 -24.19
C GLU F 79 29.91 25.92 -24.11
N GLN F 80 30.57 25.96 -25.27
CA GLN F 80 31.97 26.34 -25.30
C GLN F 80 32.12 27.84 -25.04
N ALA F 81 33.37 28.26 -24.78
CA ALA F 81 33.63 29.65 -24.47
C ALA F 81 33.26 30.57 -25.62
N THR F 82 33.30 30.07 -26.85
CA THR F 82 32.94 30.84 -28.03
C THR F 82 31.66 30.31 -28.67
N ALA F 83 30.72 29.83 -27.85
CA ALA F 83 29.47 29.31 -28.37
C ALA F 83 28.62 30.43 -28.97
N HIS F 84 27.70 30.04 -29.86
CA HIS F 84 26.90 31.03 -30.57
C HIS F 84 26.05 31.84 -29.60
N ARG F 85 25.46 31.20 -28.60
CA ARG F 85 24.60 31.91 -27.66
C ARG F 85 25.37 33.00 -26.94
N LYS F 86 26.50 32.63 -26.33
CA LYS F 86 27.26 33.60 -25.52
C LYS F 86 27.75 34.77 -26.37
N VAL F 87 28.43 34.47 -27.47
CA VAL F 87 29.02 35.52 -28.30
C VAL F 87 27.93 36.39 -28.92
N SER F 88 26.90 35.75 -29.47
CA SER F 88 25.83 36.49 -30.13
C SER F 88 25.10 37.40 -29.15
N ILE F 89 24.78 36.89 -27.96
CA ILE F 89 24.08 37.71 -26.98
C ILE F 89 24.99 38.83 -26.49
N LYS F 90 26.28 38.55 -26.32
CA LYS F 90 27.21 39.59 -25.88
C LYS F 90 27.25 40.74 -26.89
N LEU F 91 27.48 40.43 -28.17
CA LEU F 91 27.56 41.48 -29.18
C LEU F 91 26.22 42.18 -29.36
N ILE F 92 25.11 41.45 -29.26
CA ILE F 92 23.80 42.07 -29.38
C ILE F 92 23.57 43.05 -28.23
N LEU F 93 23.98 42.66 -27.02
CA LEU F 93 23.89 43.57 -25.87
C LEU F 93 24.76 44.80 -26.07
N GLN F 94 25.96 44.61 -26.63
CA GLN F 94 26.82 45.76 -26.92
C GLN F 94 26.15 46.71 -27.90
N GLU F 95 25.53 46.16 -28.95
CA GLU F 95 24.83 47.01 -29.92
C GLU F 95 23.66 47.73 -29.27
N LEU F 96 22.90 47.04 -28.43
CA LEU F 96 21.76 47.67 -27.76
C LEU F 96 22.21 48.78 -26.81
N TYR F 97 23.31 48.56 -26.08
CA TYR F 97 23.84 49.60 -25.22
C TYR F 97 24.36 50.77 -26.04
N SER F 98 24.95 50.50 -27.19
CA SER F 98 25.41 51.58 -28.07
C SER F 98 24.24 52.43 -28.56
N VAL F 99 23.13 51.78 -28.92
CA VAL F 99 21.96 52.53 -29.38
C VAL F 99 21.18 53.18 -28.25
N GLY F 100 21.53 52.87 -27.00
CA GLY F 100 20.91 53.50 -25.86
C GLY F 100 19.92 52.65 -25.09
N VAL F 101 19.78 51.37 -25.40
CA VAL F 101 18.87 50.51 -24.67
C VAL F 101 19.45 50.25 -23.28
N LYS F 102 18.64 50.50 -22.25
CA LYS F 102 19.10 50.31 -20.88
C LYS F 102 19.31 48.84 -20.58
N LYS F 103 20.32 48.55 -19.76
CA LYS F 103 20.59 47.18 -19.36
C LYS F 103 19.43 46.60 -18.55
N GLU F 104 18.83 47.42 -17.68
CA GLU F 104 17.70 46.98 -16.87
C GLU F 104 16.44 46.72 -17.70
N ASP F 105 16.42 47.13 -18.97
CA ASP F 105 15.26 46.93 -19.84
C ASP F 105 15.46 45.74 -20.78
N ILE F 106 16.43 44.88 -20.52
CA ILE F 106 16.74 43.74 -21.37
C ILE F 106 16.48 42.46 -20.58
N LEU F 107 15.71 41.55 -21.17
CA LEU F 107 15.29 40.32 -20.52
C LEU F 107 15.82 39.13 -21.30
N LEU F 108 16.64 38.31 -20.66
CA LEU F 108 17.17 37.09 -21.27
C LEU F 108 16.19 35.95 -20.99
N ILE F 109 15.47 35.52 -22.02
CA ILE F 109 14.43 34.52 -21.88
C ILE F 109 14.95 33.21 -22.46
N CYS F 110 15.06 32.19 -21.62
CA CYS F 110 15.38 30.85 -22.11
C CYS F 110 14.13 30.23 -22.72
N SER F 111 14.24 29.79 -23.98
CA SER F 111 13.07 29.29 -24.72
C SER F 111 12.97 27.77 -24.63
N ASN F 112 12.72 27.28 -23.42
CA ASN F 112 12.46 25.85 -23.25
C ASN F 112 11.18 25.45 -23.94
N GLY F 113 10.11 26.23 -23.77
CA GLY F 113 8.84 26.00 -24.43
C GLY F 113 8.02 24.94 -23.75
N LEU F 114 8.33 23.68 -24.02
CA LEU F 114 7.80 22.55 -23.27
C LEU F 114 8.90 21.72 -22.64
N HIS F 115 10.15 21.96 -23.00
CA HIS F 115 11.25 21.34 -22.31
C HIS F 115 11.37 21.90 -20.90
N ARG F 116 12.14 21.22 -20.06
CA ARG F 116 12.31 21.66 -18.69
C ARG F 116 12.88 23.07 -18.67
N LYS F 117 12.39 23.88 -17.74
CA LYS F 117 13.04 25.15 -17.46
C LYS F 117 14.47 24.89 -17.02
N ASN F 118 15.42 25.54 -17.67
CA ASN F 118 16.81 25.39 -17.30
C ASN F 118 17.05 25.93 -15.90
N THR F 119 17.77 25.15 -15.10
CA THR F 119 18.08 25.59 -13.75
C THR F 119 19.09 26.75 -13.80
N GLU F 120 19.42 27.26 -12.62
CA GLU F 120 20.37 28.36 -12.55
C GLU F 120 21.73 27.93 -13.08
N LYS F 121 22.19 26.73 -12.74
CA LYS F 121 23.47 26.25 -13.22
C LYS F 121 23.43 25.98 -14.73
N GLU F 122 22.32 25.45 -15.23
CA GLU F 122 22.19 25.22 -16.67
C GLU F 122 22.17 26.53 -17.44
N ILE F 123 21.44 27.53 -16.91
CA ILE F 123 21.41 28.83 -17.55
C ILE F 123 22.79 29.47 -17.53
N LEU F 124 23.51 29.35 -16.41
CA LEU F 124 24.88 29.84 -16.35
C LEU F 124 25.76 29.17 -17.40
N GLY F 125 25.68 27.85 -17.52
CA GLY F 125 26.48 27.15 -18.51
C GLY F 125 26.14 27.56 -19.93
N VAL F 126 24.85 27.80 -20.19
CA VAL F 126 24.43 28.19 -21.53
C VAL F 126 24.90 29.60 -21.87
N LEU F 127 24.78 30.52 -20.92
CA LEU F 127 24.99 31.93 -21.22
C LEU F 127 26.40 32.42 -20.98
N GLY F 128 27.23 31.66 -20.25
CA GLY F 128 28.55 32.14 -19.90
C GLY F 128 28.50 32.88 -18.58
N PRO F 129 29.59 32.79 -17.80
CA PRO F 129 29.61 33.48 -16.51
C PRO F 129 29.40 34.97 -16.61
N ASP F 130 29.95 35.62 -17.63
CA ASP F 130 29.82 37.07 -17.77
C ASP F 130 28.36 37.47 -17.94
N LEU F 131 27.67 36.87 -18.91
CA LEU F 131 26.28 37.21 -19.16
C LEU F 131 25.40 36.82 -17.97
N TYR F 132 25.65 35.64 -17.38
CA TYR F 132 24.85 35.21 -16.25
C TYR F 132 24.96 36.19 -15.09
N HIS F 133 26.18 36.48 -14.65
CA HIS F 133 26.37 37.40 -13.55
C HIS F 133 25.97 38.82 -13.93
N GLN F 134 25.88 39.13 -15.23
CA GLN F 134 25.36 40.42 -15.64
C GLN F 134 23.86 40.50 -15.40
N PHE F 135 23.11 39.43 -15.71
CA PHE F 135 21.66 39.53 -15.72
C PHE F 135 20.95 38.67 -14.67
N ALA F 136 21.58 37.60 -14.18
CA ALA F 136 20.92 36.76 -13.17
C ALA F 136 20.64 37.51 -11.86
N PRO F 137 21.59 38.25 -11.26
CA PRO F 137 21.29 38.87 -9.95
C PRO F 137 20.09 39.81 -9.98
N THR F 138 19.83 40.48 -11.09
CA THR F 138 18.69 41.37 -11.21
C THR F 138 17.42 40.64 -11.63
N GLY F 139 17.47 39.31 -11.76
CA GLY F 139 16.31 38.57 -12.24
C GLY F 139 16.01 38.79 -13.70
N GLN F 140 17.00 39.19 -14.48
CA GLN F 140 16.80 39.50 -15.89
C GLN F 140 17.00 38.29 -16.80
N ILE F 141 17.25 37.12 -16.23
CA ILE F 141 17.21 35.87 -16.97
C ILE F 141 16.04 35.06 -16.42
N ILE F 142 15.05 34.82 -17.27
CA ILE F 142 13.86 34.07 -16.90
C ILE F 142 13.69 32.92 -17.88
N ASN F 143 13.30 31.76 -17.36
CA ASN F 143 12.90 30.66 -18.22
C ASN F 143 11.49 30.92 -18.74
N HIS F 144 11.26 30.60 -20.01
CA HIS F 144 9.91 30.69 -20.53
C HIS F 144 9.00 29.72 -19.80
N ASP F 145 7.83 30.19 -19.40
CA ASP F 145 6.85 29.38 -18.70
C ASP F 145 5.61 29.30 -19.59
N SER F 146 5.43 28.15 -20.24
CA SER F 146 4.24 27.93 -21.07
C SER F 146 3.00 27.66 -20.23
N GLU F 147 3.11 27.68 -18.90
CA GLU F 147 1.96 27.47 -18.03
C GLU F 147 1.76 28.63 -17.05
N ASP F 148 2.50 29.73 -17.23
CA ASP F 148 2.32 30.93 -16.42
C ASP F 148 1.49 31.91 -17.26
N TYR F 149 0.17 31.81 -17.13
CA TYR F 149 -0.72 32.63 -17.95
C TYR F 149 -0.67 34.10 -17.56
N GLU F 150 -0.12 34.43 -16.39
CA GLU F 150 0.14 35.83 -16.06
C GLU F 150 1.16 36.42 -17.03
N HIS F 151 2.16 35.64 -17.41
CA HIS F 151 3.18 36.05 -18.37
C HIS F 151 3.01 35.31 -19.70
N LEU F 152 1.76 35.12 -20.11
CA LEU F 152 1.43 34.58 -21.43
C LEU F 152 0.31 35.42 -22.03
N VAL F 153 0.37 35.60 -23.35
CA VAL F 153 -0.62 36.35 -24.10
C VAL F 153 -1.26 35.41 -25.10
N ASP F 154 -2.59 35.32 -25.07
CA ASP F 154 -3.33 34.51 -26.03
C ASP F 154 -3.57 35.35 -27.28
N LEU F 155 -2.95 34.95 -28.39
CA LEU F 155 -3.04 35.66 -29.64
C LEU F 155 -4.13 35.13 -30.55
N GLY F 156 -4.93 34.18 -30.08
CA GLY F 156 -5.95 33.58 -30.90
C GLY F 156 -5.37 32.55 -31.85
N LYS F 157 -6.24 32.05 -32.72
CA LYS F 157 -5.86 31.03 -33.68
C LYS F 157 -5.38 31.66 -34.98
N THR F 158 -4.58 30.89 -35.71
CA THR F 158 -4.07 31.34 -37.01
C THR F 158 -5.17 31.14 -38.07
N LYS F 159 -4.81 31.36 -39.33
CA LYS F 159 -5.76 31.10 -40.42
C LYS F 159 -6.09 29.62 -40.56
N GLN F 160 -5.24 28.74 -40.04
CA GLN F 160 -5.45 27.30 -40.10
C GLN F 160 -6.00 26.74 -38.79
N GLY F 161 -6.43 27.60 -37.87
CA GLY F 161 -6.98 27.15 -36.61
C GLY F 161 -5.98 26.80 -35.54
N ASP F 162 -4.70 27.08 -35.76
CA ASP F 162 -3.68 26.76 -34.77
C ASP F 162 -3.69 27.80 -33.66
N PRO F 163 -3.95 27.42 -32.41
CA PRO F 163 -3.92 28.41 -31.32
C PRO F 163 -2.51 28.95 -31.12
N VAL F 164 -2.44 30.20 -30.68
CA VAL F 164 -1.15 30.87 -30.48
C VAL F 164 -1.21 31.59 -29.13
N ILE F 165 -0.55 31.01 -28.14
CA ILE F 165 -0.30 31.67 -26.86
C ILE F 165 1.20 31.80 -26.71
N MET F 166 1.67 33.03 -26.50
CA MET F 166 3.09 33.34 -26.59
C MET F 166 3.57 34.02 -25.32
N ASN F 167 4.89 34.01 -25.13
CA ASN F 167 5.49 34.64 -23.96
C ASN F 167 5.13 36.13 -23.90
N LYS F 168 4.68 36.57 -22.73
CA LYS F 168 4.22 37.95 -22.59
C LYS F 168 5.38 38.94 -22.70
N TYR F 169 6.53 38.61 -22.11
CA TYR F 169 7.66 39.52 -22.18
C TYR F 169 8.08 39.76 -23.61
N VAL F 170 8.12 38.70 -24.43
CA VAL F 170 8.45 38.84 -25.84
C VAL F 170 7.35 39.62 -26.56
N TYR F 171 6.09 39.42 -26.16
CA TYR F 171 4.99 40.14 -26.79
C TYR F 171 5.10 41.64 -26.58
N GLU F 172 5.25 42.07 -25.32
CA GLU F 172 5.27 43.49 -25.01
C GLU F 172 6.61 44.15 -25.25
N SER F 173 7.67 43.37 -25.48
CA SER F 173 8.97 43.95 -25.75
C SER F 173 8.96 44.68 -27.09
N ASP F 174 9.72 45.77 -27.17
CA ASP F 174 9.83 46.51 -28.41
C ASP F 174 10.70 45.80 -29.43
N VAL F 175 11.73 45.08 -28.97
CA VAL F 175 12.62 44.34 -29.85
C VAL F 175 12.77 42.92 -29.30
N ALA F 176 12.38 41.94 -30.09
CA ALA F 176 12.54 40.53 -29.74
C ALA F 176 13.65 39.93 -30.59
N ILE F 177 14.74 39.53 -29.95
CA ILE F 177 15.91 39.00 -30.62
C ILE F 177 16.02 37.52 -30.31
N LEU F 178 15.80 36.68 -31.31
CA LEU F 178 15.86 35.23 -31.16
C LEU F 178 17.27 34.76 -31.51
N ILE F 179 18.02 34.31 -30.53
CA ILE F 179 19.28 33.62 -30.79
C ILE F 179 18.95 32.18 -31.12
N GLY F 180 19.43 31.71 -32.28
CA GLY F 180 19.04 30.41 -32.78
C GLY F 180 20.20 29.64 -33.37
N HIS F 181 20.04 28.33 -33.38
CA HIS F 181 21.00 27.41 -33.97
C HIS F 181 20.33 26.67 -35.12
N THR F 182 20.86 26.84 -36.33
CA THR F 182 20.34 26.15 -37.51
C THR F 182 21.00 24.77 -37.57
N GLN F 183 20.62 23.93 -36.61
CA GLN F 183 21.13 22.57 -36.50
C GLN F 183 20.11 21.58 -37.04
N GLY F 184 20.61 20.42 -37.45
CA GLY F 184 19.73 19.37 -37.93
C GLY F 184 18.75 18.93 -36.87
N ASN F 185 17.46 18.93 -37.22
CA ASN F 185 16.40 18.60 -36.28
C ASN F 185 15.34 17.78 -37.00
N PRO F 186 14.98 16.61 -36.45
CA PRO F 186 13.85 15.86 -37.04
C PRO F 186 12.55 16.65 -37.02
N TYR F 187 12.41 17.58 -36.07
CA TYR F 187 11.20 18.40 -35.96
C TYR F 187 11.35 19.61 -36.87
N GLY F 188 10.67 19.58 -38.01
CA GLY F 188 10.64 20.72 -38.90
C GLY F 188 11.88 20.91 -39.75
N GLY F 189 12.83 19.98 -39.72
CA GLY F 189 14.02 20.11 -40.51
C GLY F 189 15.19 20.76 -39.79
N TYR F 190 14.99 21.97 -39.27
CA TYR F 190 16.08 22.71 -38.65
C TYR F 190 15.57 23.50 -37.46
N SER F 191 16.41 23.61 -36.43
CA SER F 191 16.10 24.43 -35.28
C SER F 191 16.33 25.90 -35.59
N GLY F 192 15.84 26.76 -34.69
CA GLY F 192 16.00 28.19 -34.85
C GLY F 192 15.02 28.76 -35.86
N GLY F 193 15.19 30.05 -36.12
CA GLY F 193 14.31 30.76 -37.03
C GLY F 193 12.87 30.80 -36.54
N TYR F 194 11.93 30.38 -37.39
CA TYR F 194 10.53 30.39 -36.99
C TYR F 194 10.20 29.26 -36.01
N LYS F 195 10.96 28.16 -36.05
CA LYS F 195 10.76 27.09 -35.08
C LYS F 195 11.05 27.57 -33.67
N HIS F 196 12.12 28.37 -33.51
CA HIS F 196 12.53 28.85 -32.19
C HIS F 196 11.40 29.61 -31.51
N CYS F 197 10.81 30.59 -32.22
CA CYS F 197 9.70 31.35 -31.64
C CYS F 197 8.45 30.49 -31.53
N SER F 198 8.17 29.67 -32.55
CA SER F 198 6.94 28.90 -32.58
C SER F 198 6.89 27.84 -31.48
N THR F 199 8.04 27.43 -30.95
CA THR F 199 8.05 26.37 -29.94
C THR F 199 8.57 26.82 -28.58
N GLY F 200 9.69 27.55 -28.54
CA GLY F 200 10.34 27.80 -27.26
C GLY F 200 9.67 28.85 -26.40
N ILE F 201 8.85 29.72 -26.99
CA ILE F 201 8.19 30.77 -26.21
C ILE F 201 6.69 30.74 -26.45
N THR F 202 6.16 29.55 -26.75
CA THR F 202 4.74 29.41 -27.01
C THR F 202 4.11 28.47 -25.97
N HIS F 203 2.83 28.17 -26.17
CA HIS F 203 2.06 27.30 -25.32
C HIS F 203 2.16 25.87 -25.81
N TRP F 204 1.75 24.93 -24.95
CA TRP F 204 1.60 23.56 -25.40
C TRP F 204 0.47 23.45 -26.42
N LYS F 205 -0.55 24.31 -26.31
CA LYS F 205 -1.64 24.30 -27.28
C LYS F 205 -1.16 24.73 -28.66
N SER F 206 -0.27 25.72 -28.72
CA SER F 206 0.33 26.11 -29.99
C SER F 206 1.17 24.99 -30.56
N ILE F 207 1.93 24.31 -29.71
CA ILE F 207 2.80 23.22 -30.16
C ILE F 207 1.97 22.03 -30.62
N ALA F 208 0.79 21.83 -30.03
CA ALA F 208 -0.07 20.72 -30.41
C ALA F 208 -0.55 20.81 -31.85
N SER F 209 -0.45 21.99 -32.47
CA SER F 209 -0.86 22.14 -33.85
C SER F 209 0.00 21.29 -34.78
N HIS F 210 1.32 21.25 -34.52
CA HIS F 210 2.24 20.48 -35.35
C HIS F 210 2.78 19.23 -34.65
N HIS F 211 2.94 19.26 -33.34
CA HIS F 211 3.51 18.09 -32.65
C HIS F 211 2.51 16.96 -32.49
N VAL F 212 1.33 17.06 -33.09
CA VAL F 212 0.34 15.98 -33.09
C VAL F 212 0.75 14.97 -34.15
N PRO F 213 0.44 13.68 -34.01
CA PRO F 213 0.73 12.73 -35.08
C PRO F 213 0.06 13.07 -36.40
N LYS F 214 -0.96 13.91 -36.40
CA LYS F 214 -1.60 14.32 -37.65
C LYS F 214 -0.64 15.10 -38.55
N VAL F 215 0.46 15.60 -38.01
CA VAL F 215 1.43 16.34 -38.79
C VAL F 215 2.77 15.62 -38.93
N MET F 216 3.16 14.80 -37.95
CA MET F 216 4.46 14.13 -38.01
C MET F 216 4.37 12.67 -38.39
N HIS F 217 3.19 12.17 -38.77
CA HIS F 217 3.05 10.80 -39.26
C HIS F 217 2.56 10.77 -40.70
N ARG F 218 2.71 11.86 -41.44
CA ARG F 218 2.39 11.90 -42.86
C ARG F 218 3.64 11.61 -43.67
N LYS F 219 3.50 11.67 -45.00
CA LYS F 219 4.62 11.33 -45.88
C LYS F 219 5.72 12.39 -45.80
N ASP F 220 5.35 13.66 -45.63
CA ASP F 220 6.33 14.73 -45.69
C ASP F 220 7.21 14.83 -44.44
N PHE F 221 6.88 14.09 -43.38
CA PHE F 221 7.68 14.17 -42.16
C PHE F 221 8.75 13.09 -42.07
N VAL F 222 8.52 11.93 -42.67
CA VAL F 222 9.50 10.85 -42.62
C VAL F 222 9.90 10.46 -44.03
N PRO F 223 11.12 10.82 -44.48
CA PRO F 223 12.12 11.62 -43.78
C PRO F 223 11.77 13.10 -43.81
N VAL F 224 12.18 13.87 -42.81
CA VAL F 224 11.83 15.29 -42.76
C VAL F 224 12.69 16.07 -43.74
N ASN F 225 12.13 17.15 -44.27
CA ASN F 225 12.82 18.05 -45.19
C ASN F 225 12.56 19.48 -44.73
N ASN F 226 13.00 20.43 -45.56
CA ASN F 226 12.78 21.84 -45.26
C ASN F 226 11.36 22.30 -45.56
N ASN F 227 10.58 21.48 -46.28
CA ASN F 227 9.22 21.83 -46.66
C ASN F 227 8.19 20.87 -46.06
N SER F 228 8.45 20.40 -44.84
CA SER F 228 7.50 19.56 -44.15
C SER F 228 6.36 20.40 -43.57
N LEU F 229 5.23 19.75 -43.32
CA LEU F 229 4.08 20.46 -42.77
C LEU F 229 4.35 21.01 -41.38
N MET F 230 5.19 20.32 -40.60
CA MET F 230 5.53 20.81 -39.27
C MET F 230 6.26 22.14 -39.34
N ARG F 231 7.23 22.26 -40.25
CA ARG F 231 7.90 23.53 -40.46
C ARG F 231 6.96 24.57 -41.02
N HIS F 232 6.00 24.16 -41.85
CA HIS F 232 4.99 25.10 -42.34
C HIS F 232 4.21 25.70 -41.17
N LYS F 233 3.75 24.86 -40.24
CA LYS F 233 3.03 25.37 -39.08
C LYS F 233 3.93 26.21 -38.19
N PHE F 234 5.21 25.85 -38.08
CA PHE F 234 6.17 26.70 -37.37
C PHE F 234 6.17 28.11 -37.96
N ASP F 235 6.30 28.21 -39.29
CA ASP F 235 6.33 29.52 -39.93
C ASP F 235 5.01 30.26 -39.73
N GLU F 236 3.88 29.54 -39.86
CA GLU F 236 2.58 30.19 -39.68
C GLU F 236 2.46 30.80 -38.30
N ILE F 237 2.80 30.03 -37.26
CA ILE F 237 2.72 30.56 -35.90
C ILE F 237 3.68 31.73 -35.73
N GLY F 238 4.87 31.63 -36.30
CA GLY F 238 5.83 32.70 -36.17
C GLY F 238 5.34 34.02 -36.76
N MET F 239 4.82 33.97 -37.98
CA MET F 239 4.32 35.22 -38.57
C MET F 239 3.03 35.67 -37.91
N HIS F 240 2.23 34.75 -37.35
CA HIS F 240 1.05 35.17 -36.62
C HIS F 240 1.43 36.00 -35.40
N MET F 241 2.40 35.52 -34.62
CA MET F 241 2.87 36.31 -33.49
C MET F 241 3.53 37.60 -33.94
N GLU F 242 4.28 37.56 -35.05
CA GLU F 242 4.92 38.77 -35.55
C GLU F 242 3.88 39.82 -35.92
N GLU F 243 2.78 39.41 -36.55
CA GLU F 243 1.70 40.33 -36.83
C GLU F 243 1.03 40.82 -35.56
N LYS F 244 0.88 39.93 -34.57
CA LYS F 244 0.20 40.30 -33.33
C LYS F 244 0.97 41.36 -32.56
N MET F 245 2.29 41.22 -32.45
CA MET F 245 3.05 42.26 -31.73
C MET F 245 3.32 43.49 -32.58
N GLY F 246 3.08 43.43 -33.88
CA GLY F 246 3.42 44.55 -34.75
C GLY F 246 4.89 44.68 -35.05
N LYS F 247 5.70 43.71 -34.63
CA LYS F 247 7.13 43.72 -34.88
C LYS F 247 7.54 42.31 -35.30
N LYS F 248 8.74 42.21 -35.89
CA LYS F 248 9.25 40.95 -36.40
C LYS F 248 10.46 40.51 -35.59
N PHE F 249 10.61 39.20 -35.46
CA PHE F 249 11.72 38.64 -34.69
C PHE F 249 13.05 38.88 -35.38
N PHE F 250 14.00 39.45 -34.65
CA PHE F 250 15.37 39.58 -35.12
C PHE F 250 16.07 38.26 -34.85
N CYS F 251 16.13 37.39 -35.86
CA CYS F 251 16.61 36.03 -35.68
C CYS F 251 18.11 35.97 -35.96
N CYS F 252 18.92 36.13 -34.91
CA CYS F 252 20.36 35.93 -35.00
C CYS F 252 20.60 34.43 -34.91
N ASP F 253 20.72 33.77 -36.06
CA ASP F 253 20.83 32.33 -36.13
C ASP F 253 22.18 31.94 -36.71
N ALA F 254 22.86 31.01 -36.05
CA ALA F 254 24.14 30.49 -36.50
C ALA F 254 23.98 29.02 -36.86
N VAL F 255 24.54 28.64 -38.01
CA VAL F 255 24.59 27.24 -38.39
C VAL F 255 25.73 26.59 -37.62
N LEU F 256 25.48 25.40 -37.08
CA LEU F 256 26.46 24.72 -36.24
C LEU F 256 26.86 23.38 -36.85
N ASP F 257 28.12 23.00 -36.60
CA ASP F 257 28.66 21.73 -37.06
C ASP F 257 28.40 20.66 -36.00
N THR F 258 29.10 19.52 -36.12
CA THR F 258 28.95 18.44 -35.15
C THR F 258 29.36 18.90 -33.76
N LYS F 259 30.45 19.65 -33.65
CA LYS F 259 30.95 20.13 -32.37
C LYS F 259 30.26 21.41 -31.91
N SER F 260 29.10 21.74 -32.49
CA SER F 260 28.34 22.95 -32.17
C SER F 260 29.12 24.23 -32.44
N ARG F 261 30.15 24.15 -33.28
CA ARG F 261 30.91 25.33 -33.66
C ARG F 261 30.25 26.03 -34.82
N GLN F 262 30.30 27.36 -34.82
CA GLN F 262 29.61 28.14 -35.84
C GLN F 262 30.31 28.01 -37.19
N ILE F 263 29.52 27.74 -38.22
CA ILE F 263 30.00 27.75 -39.60
C ILE F 263 29.64 29.06 -40.28
N GLU F 264 28.44 29.56 -40.03
CA GLU F 264 27.99 30.86 -40.52
C GLU F 264 26.91 31.37 -39.59
N ILE F 265 26.83 32.70 -39.47
CA ILE F 265 25.87 33.36 -38.60
C ILE F 265 24.98 34.25 -39.46
N ASN F 266 23.68 34.15 -39.25
CA ASN F 266 22.71 34.94 -40.00
C ASN F 266 21.76 35.63 -39.05
N SER F 267 21.46 36.89 -39.32
CA SER F 267 20.57 37.68 -38.47
C SER F 267 19.56 38.41 -39.34
N GLY F 268 18.42 38.75 -38.73
CA GLY F 268 17.38 39.49 -39.40
C GLY F 268 16.04 38.78 -39.33
N ALA F 269 15.26 38.92 -40.40
CA ALA F 269 13.93 38.34 -40.45
C ALA F 269 14.02 36.82 -40.38
N ALA F 270 13.03 36.21 -39.71
CA ALA F 270 13.07 34.77 -39.48
C ALA F 270 13.06 33.99 -40.79
N ASP F 271 12.19 34.38 -41.72
CA ASP F 271 12.10 33.63 -42.97
C ASP F 271 13.31 33.87 -43.87
N GLU F 272 13.78 35.12 -43.94
CA GLU F 272 15.02 35.39 -44.68
C GLU F 272 16.20 34.66 -44.06
N VAL F 273 16.28 34.66 -42.73
CA VAL F 273 17.38 33.96 -42.05
C VAL F 273 17.32 32.47 -42.33
N GLN F 274 16.13 31.89 -42.26
CA GLN F 274 15.99 30.47 -42.54
C GLN F 274 16.40 30.15 -43.98
N LYS F 275 15.91 30.95 -44.93
CA LYS F 275 16.23 30.69 -46.33
C LYS F 275 17.73 30.80 -46.60
N LYS F 276 18.38 31.81 -46.02
CA LYS F 276 19.80 32.00 -46.28
C LYS F 276 20.65 30.95 -45.57
N ALA F 277 20.28 30.60 -44.33
CA ALA F 277 21.07 29.66 -43.56
C ALA F 277 20.87 28.22 -44.02
N TRP F 278 19.72 27.89 -44.61
CA TRP F 278 19.48 26.52 -45.02
C TRP F 278 20.42 26.05 -46.11
N LYS F 279 21.02 26.98 -46.88
CA LYS F 279 21.98 26.58 -47.90
C LYS F 279 23.17 25.83 -47.30
N LEU F 280 23.70 26.34 -46.18
CA LEU F 280 24.78 25.65 -45.47
C LEU F 280 24.25 24.60 -44.51
N GLY F 281 23.04 24.79 -43.98
CA GLY F 281 22.46 23.79 -43.10
C GLY F 281 22.20 22.48 -43.80
N ASN F 282 21.85 22.52 -45.10
CA ASN F 282 21.64 21.31 -45.86
C ASN F 282 22.96 20.60 -46.16
N ALA F 283 24.03 21.36 -46.40
CA ALA F 283 25.34 20.75 -46.58
C ALA F 283 25.81 20.09 -45.29
N ARG F 284 25.56 20.72 -44.14
CA ARG F 284 25.97 20.15 -42.87
C ARG F 284 25.12 18.95 -42.48
N THR F 285 23.79 19.07 -42.62
CA THR F 285 22.87 18.08 -42.06
C THR F 285 22.54 16.97 -43.04
N TYR F 286 22.19 17.31 -44.28
CA TYR F 286 21.83 16.31 -45.29
C TYR F 286 23.11 15.86 -45.96
N VAL F 287 23.63 14.71 -45.52
CA VAL F 287 24.93 14.20 -45.94
C VAL F 287 24.70 13.09 -46.95
N PRO F 288 25.12 13.25 -48.21
CA PRO F 288 25.02 12.14 -49.17
C PRO F 288 26.15 11.13 -48.97
N PHE F 289 25.96 10.21 -48.04
CA PHE F 289 27.02 9.28 -47.66
C PHE F 289 26.79 7.85 -48.11
N ALA F 290 25.55 7.37 -48.10
CA ALA F 290 25.27 5.96 -48.34
C ALA F 290 25.38 5.65 -49.83
N GLU F 291 26.19 4.64 -50.16
CA GLU F 291 26.23 4.13 -51.52
C GLU F 291 25.18 3.05 -51.76
N LYS F 292 24.61 2.50 -50.70
CA LYS F 292 23.58 1.48 -50.80
C LYS F 292 22.65 1.61 -49.59
N LYS F 293 21.42 1.12 -49.76
CA LYS F 293 20.47 1.13 -48.66
C LYS F 293 20.90 0.13 -47.59
N TYR F 294 20.78 0.54 -46.33
CA TYR F 294 21.26 -0.26 -45.21
C TYR F 294 20.11 -1.04 -44.59
N ASP F 295 20.25 -2.36 -44.53
CA ASP F 295 19.23 -3.21 -43.94
C ASP F 295 19.23 -3.11 -42.42
N ILE F 296 20.40 -2.98 -41.81
CA ILE F 296 20.53 -2.86 -40.37
C ILE F 296 21.28 -1.56 -40.07
N ILE F 297 20.72 -0.76 -39.17
CA ILE F 297 21.40 0.40 -38.62
C ILE F 297 21.70 0.11 -37.16
N VAL F 298 22.98 0.06 -36.82
CA VAL F 298 23.43 -0.28 -35.48
C VAL F 298 23.96 0.98 -34.82
N PHE F 299 23.41 1.32 -33.66
CA PHE F 299 23.90 2.44 -32.87
C PHE F 299 23.71 2.09 -31.40
N GLY F 300 23.90 3.07 -30.54
CA GLY F 300 23.74 2.85 -29.11
C GLY F 300 23.31 4.09 -28.38
N MET F 301 22.49 3.91 -27.35
CA MET F 301 21.94 5.05 -26.62
C MET F 301 22.73 5.28 -25.34
N PRO F 302 23.32 6.45 -25.16
CA PRO F 302 23.82 6.82 -23.82
C PRO F 302 22.65 7.15 -22.90
N GLN F 303 22.92 7.04 -21.60
CA GLN F 303 21.90 7.42 -20.63
C GLN F 303 21.55 8.89 -20.74
N PHE F 304 22.56 9.74 -20.89
CA PHE F 304 22.37 11.18 -21.00
C PHE F 304 22.66 11.60 -22.44
N PHE F 305 21.66 12.18 -23.09
CA PHE F 305 21.83 12.84 -24.38
C PHE F 305 20.53 13.57 -24.69
N HIS F 306 20.61 14.48 -25.67
CA HIS F 306 19.45 15.24 -26.13
C HIS F 306 18.76 15.97 -24.98
N TYR F 307 17.66 15.41 -24.48
CA TYR F 307 16.82 16.08 -23.51
C TYR F 307 17.28 15.92 -22.06
N GLY F 308 18.31 15.11 -21.81
CA GLY F 308 18.89 15.06 -20.48
C GLY F 308 19.07 13.63 -20.01
N ASP F 309 19.23 13.49 -18.70
CA ASP F 309 19.47 12.19 -18.09
C ASP F 309 18.25 11.28 -18.24
N GLY F 310 18.50 10.00 -18.49
CA GLY F 310 17.44 9.05 -18.70
C GLY F 310 16.88 9.02 -20.10
N MET F 311 17.37 9.87 -20.99
CA MET F 311 16.87 9.89 -22.36
C MET F 311 17.11 8.56 -23.07
N GLY F 312 18.21 7.89 -22.75
CA GLY F 312 18.50 6.59 -23.31
C GLY F 312 18.03 5.44 -22.44
N THR F 313 17.40 5.76 -21.32
CA THR F 313 16.87 4.72 -20.44
C THR F 313 15.36 4.80 -20.29
N ASN F 314 14.79 6.01 -20.33
CA ASN F 314 13.33 6.14 -20.29
C ASN F 314 12.74 5.47 -21.52
N PRO F 315 11.82 4.52 -21.36
CA PRO F 315 11.33 3.77 -22.53
C PRO F 315 10.71 4.65 -23.60
N ILE F 316 9.91 5.63 -23.20
CA ILE F 316 9.31 6.54 -24.18
C ILE F 316 10.37 7.44 -24.79
N MET F 317 11.29 7.96 -23.96
CA MET F 317 12.36 8.80 -24.49
C MET F 317 13.28 7.98 -25.40
N LEU F 318 13.55 6.73 -25.00
CA LEU F 318 14.32 5.82 -25.83
C LEU F 318 13.67 5.62 -27.20
N MET F 319 12.36 5.35 -27.20
CA MET F 319 11.66 5.12 -28.46
C MET F 319 11.62 6.38 -29.31
N GLN F 320 11.52 7.56 -28.68
CA GLN F 320 11.56 8.80 -29.44
C GLN F 320 12.93 9.02 -30.06
N ALA F 321 14.01 8.67 -29.34
CA ALA F 321 15.34 8.76 -29.94
C ALA F 321 15.48 7.79 -31.12
N LEU F 322 14.91 6.60 -30.98
CA LEU F 322 14.88 5.67 -32.12
C LEU F 322 14.14 6.27 -33.30
N SER F 323 13.00 6.93 -33.05
CA SER F 323 12.25 7.57 -34.12
C SER F 323 13.03 8.72 -34.74
N ALA F 324 13.77 9.47 -33.92
CA ALA F 324 14.62 10.52 -34.47
C ALA F 324 15.67 9.94 -35.41
N GLN F 325 16.25 8.80 -35.03
CA GLN F 325 17.15 8.10 -35.94
C GLN F 325 16.41 7.69 -37.21
N VAL F 326 15.17 7.23 -37.09
CA VAL F 326 14.38 6.84 -38.25
C VAL F 326 14.22 8.01 -39.20
N ILE F 327 13.81 9.16 -38.67
CA ILE F 327 13.59 10.34 -39.51
C ILE F 327 14.90 10.81 -40.12
N ARG F 328 16.00 10.69 -39.37
CA ARG F 328 17.28 11.17 -39.89
C ARG F 328 17.81 10.30 -41.01
N HIS F 329 17.64 8.97 -40.90
CA HIS F 329 18.28 8.05 -41.83
C HIS F 329 17.31 7.26 -42.68
N LYS F 330 16.05 7.70 -42.79
CA LYS F 330 15.08 6.99 -43.62
C LYS F 330 15.52 6.92 -45.07
N ARG F 331 16.25 7.92 -45.56
CA ARG F 331 16.65 7.93 -46.96
C ARG F 331 17.64 6.83 -47.29
N ILE F 332 18.32 6.27 -46.29
CA ILE F 332 19.31 5.23 -46.50
C ILE F 332 18.85 3.89 -45.94
N MET F 333 17.64 3.81 -45.41
CA MET F 333 17.13 2.59 -44.81
C MET F 333 16.30 1.82 -45.82
N SER F 334 16.49 0.50 -45.88
CA SER F 334 15.64 -0.36 -46.68
C SER F 334 14.24 -0.42 -46.08
N ASP F 335 13.31 -0.99 -46.85
CA ASP F 335 11.94 -1.12 -46.37
C ASP F 335 11.88 -1.98 -45.11
N ASN F 336 12.58 -3.11 -45.11
CA ASN F 336 12.65 -3.99 -43.95
C ASN F 336 13.85 -3.70 -43.04
N CYS F 337 14.05 -2.42 -42.75
CA CYS F 337 15.19 -2.01 -41.95
C CYS F 337 15.04 -2.44 -40.50
N VAL F 338 16.17 -2.75 -39.88
CA VAL F 338 16.23 -3.20 -38.49
C VAL F 338 17.15 -2.26 -37.72
N PHE F 339 16.68 -1.79 -36.57
CA PHE F 339 17.48 -0.98 -35.67
C PHE F 339 17.97 -1.84 -34.51
N ILE F 340 19.28 -1.82 -34.28
CA ILE F 340 19.88 -2.51 -33.14
C ILE F 340 20.56 -1.45 -32.29
N CYS F 341 19.94 -1.11 -31.17
CA CYS F 341 20.41 -0.03 -30.31
C CYS F 341 20.85 -0.59 -28.97
N ALA F 342 22.00 -0.12 -28.48
CA ALA F 342 22.46 -0.45 -27.14
C ALA F 342 21.95 0.61 -26.17
N SER F 343 21.09 0.20 -25.26
CA SER F 343 20.59 1.10 -24.23
C SER F 343 20.45 0.33 -22.92
N THR F 344 20.77 1.02 -21.82
CA THR F 344 20.53 0.48 -20.49
C THR F 344 19.09 0.78 -20.07
N CYS F 345 18.17 0.04 -20.68
CA CYS F 345 16.76 0.21 -20.36
C CYS F 345 16.50 -0.39 -18.98
N ASN F 346 16.94 0.31 -17.95
CA ASN F 346 16.91 -0.17 -16.57
C ASN F 346 15.70 0.33 -15.80
N GLY F 347 14.70 0.86 -16.50
CA GLY F 347 13.53 1.40 -15.84
C GLY F 347 13.71 2.78 -15.26
N TYR F 348 14.86 3.42 -15.48
CA TYR F 348 15.09 4.78 -15.00
C TYR F 348 14.28 5.73 -15.87
N PHE F 349 13.07 6.05 -15.43
CA PHE F 349 12.21 6.97 -16.17
C PHE F 349 12.65 8.42 -16.03
N ASN F 350 13.46 8.74 -15.02
CA ASN F 350 13.82 10.11 -14.67
C ASN F 350 12.56 10.95 -14.43
N GLU F 351 11.85 10.56 -13.36
CA GLU F 351 10.62 11.26 -12.99
C GLU F 351 10.87 12.74 -12.70
N SER F 352 12.09 13.08 -12.26
CA SER F 352 12.42 14.49 -12.08
C SER F 352 12.36 15.25 -13.40
N LEU F 353 12.83 14.63 -14.47
CA LEU F 353 12.77 15.25 -15.79
C LEU F 353 11.41 15.07 -16.43
N TRP F 354 10.87 13.85 -16.38
CA TRP F 354 9.60 13.51 -17.02
C TRP F 354 8.71 12.79 -16.02
N PRO F 355 8.06 13.53 -15.13
CA PRO F 355 7.17 12.87 -14.14
C PRO F 355 5.93 12.26 -14.77
N TYR F 356 5.53 12.74 -15.93
CA TYR F 356 4.34 12.25 -16.62
C TYR F 356 4.61 10.98 -17.42
N LEU F 357 5.88 10.68 -17.71
CA LEU F 357 6.23 9.58 -18.59
C LEU F 357 5.99 8.21 -17.97
N PRO F 358 6.16 8.01 -16.66
CA PRO F 358 5.68 6.74 -16.08
C PRO F 358 4.20 6.51 -16.29
N GLU F 359 3.37 7.53 -16.06
CA GLU F 359 1.94 7.36 -16.26
C GLU F 359 1.59 7.27 -17.73
N LEU F 360 2.31 7.99 -18.60
CA LEU F 360 2.12 7.86 -20.03
C LEU F 360 2.46 6.45 -20.51
N TYR F 361 3.55 5.88 -20.00
CA TYR F 361 3.93 4.52 -20.35
C TYR F 361 2.90 3.52 -19.85
N ASP F 362 2.40 3.71 -18.63
CA ASP F 362 1.36 2.83 -18.11
C ASP F 362 0.10 2.93 -18.97
N LEU F 363 -0.25 4.13 -19.41
CA LEU F 363 -1.40 4.32 -20.29
C LEU F 363 -1.17 3.60 -21.63
N PHE F 364 0.05 3.67 -22.15
CA PHE F 364 0.37 2.95 -23.38
C PHE F 364 0.21 1.44 -23.18
N GLN F 365 0.69 0.92 -22.06
CA GLN F 365 0.58 -0.51 -21.81
C GLN F 365 -0.88 -0.92 -21.65
N LYS F 366 -1.70 -0.09 -20.99
CA LYS F 366 -3.04 -0.53 -20.64
C LYS F 366 -4.03 -0.28 -21.77
N GLU F 367 -3.75 0.67 -22.66
CA GLU F 367 -4.63 0.95 -23.79
C GLU F 367 -3.97 0.81 -25.15
N GLY F 368 -2.76 1.35 -25.33
CA GLY F 368 -2.23 1.56 -26.64
C GLY F 368 -1.65 0.37 -27.36
N ASN F 369 -2.26 -0.04 -28.47
CA ASN F 369 -1.60 -0.95 -29.39
C ASN F 369 -0.39 -0.28 -30.03
N THR F 370 -0.57 0.96 -30.47
CA THR F 370 0.53 1.80 -30.93
C THR F 370 0.48 3.11 -30.15
N LEU F 371 1.52 3.92 -30.31
CA LEU F 371 1.63 5.14 -29.52
C LEU F 371 0.64 6.21 -29.95
N VAL F 372 0.17 6.18 -31.21
CA VAL F 372 -0.82 7.15 -31.65
C VAL F 372 -2.09 7.06 -30.83
N ASP F 373 -2.44 5.88 -30.34
CA ASP F 373 -3.62 5.70 -29.50
C ASP F 373 -3.54 6.53 -28.23
N LEU F 374 -2.35 6.97 -27.83
CA LEU F 374 -2.21 7.82 -26.66
C LEU F 374 -2.51 9.28 -26.94
N ASN F 375 -2.44 9.74 -28.20
CA ASN F 375 -2.50 11.17 -28.47
C ASN F 375 -3.79 11.82 -27.98
N GLN F 376 -4.89 11.08 -27.95
CA GLN F 376 -6.16 11.63 -27.46
C GLN F 376 -6.05 12.14 -26.02
N TYR F 377 -5.07 11.64 -25.26
CA TYR F 377 -4.87 12.02 -23.88
C TYR F 377 -3.87 13.16 -23.72
N GLY F 378 -3.38 13.73 -24.82
CA GLY F 378 -2.38 14.78 -24.72
C GLY F 378 -2.79 15.90 -23.79
N GLU F 379 -3.92 16.56 -24.11
CA GLU F 379 -4.43 17.60 -23.24
C GLU F 379 -4.60 17.11 -21.81
N TYR F 380 -5.03 15.86 -21.64
CA TYR F 380 -5.21 15.31 -20.29
C TYR F 380 -3.91 15.40 -19.48
N PHE F 381 -2.78 15.09 -20.12
CA PHE F 381 -1.51 15.30 -19.43
C PHE F 381 -1.16 16.78 -19.42
N ALA F 382 -1.41 17.48 -20.53
CA ALA F 382 -0.97 18.85 -20.66
C ALA F 382 -1.68 19.79 -19.69
N THR F 383 -2.85 19.40 -19.20
CA THR F 383 -3.58 20.16 -18.20
C THR F 383 -3.47 19.58 -16.81
N ASN F 384 -2.68 18.51 -16.64
CA ASN F 384 -2.50 17.90 -15.32
C ASN F 384 -1.80 18.89 -14.40
N GLU F 385 -2.45 19.23 -13.30
CA GLU F 385 -1.94 20.29 -12.43
C GLU F 385 -0.61 19.91 -11.81
N GLU F 386 -0.45 18.63 -11.42
CA GLU F 386 0.80 18.22 -10.80
C GLU F 386 1.96 18.25 -11.80
N TYR F 387 1.75 17.73 -13.00
CA TYR F 387 2.80 17.78 -14.01
C TYR F 387 3.10 19.21 -14.43
N ILE F 388 2.06 20.05 -14.51
CA ILE F 388 2.28 21.47 -14.81
C ILE F 388 3.10 22.13 -13.72
N ARG F 389 2.82 21.82 -12.45
CA ARG F 389 3.58 22.37 -11.35
C ARG F 389 5.04 21.91 -11.40
N LYS F 390 5.26 20.63 -11.74
CA LYS F 390 6.62 20.14 -11.85
C LYS F 390 7.37 20.81 -12.99
N TYR F 391 6.68 21.06 -14.10
CA TYR F 391 7.30 21.80 -15.20
C TYR F 391 7.63 23.23 -14.80
N ARG F 392 6.71 23.88 -14.07
CA ARG F 392 6.87 25.30 -13.75
C ARG F 392 7.89 25.55 -12.66
N TYR F 393 8.01 24.63 -11.69
CA TYR F 393 8.78 24.92 -10.50
C TYR F 393 9.84 23.86 -10.21
N ALA F 394 9.57 22.60 -10.58
CA ALA F 394 10.48 21.50 -10.32
C ALA F 394 11.40 21.23 -11.50
N HIS F 395 11.44 22.13 -12.48
CA HIS F 395 12.34 22.01 -13.63
C HIS F 395 12.15 20.69 -14.37
N ALA F 396 10.89 20.27 -14.48
CA ALA F 396 10.55 19.10 -15.27
C ALA F 396 10.09 19.52 -16.66
N PHE F 397 10.11 18.56 -17.58
CA PHE F 397 9.55 18.80 -18.90
C PHE F 397 8.04 19.02 -18.79
N HIS F 398 7.51 19.84 -19.68
CA HIS F 398 6.07 20.01 -19.73
C HIS F 398 5.42 18.68 -20.12
N PRO F 399 4.27 18.35 -19.55
CA PRO F 399 3.64 17.05 -19.85
C PRO F 399 3.42 16.81 -21.33
N PHE F 400 2.89 17.79 -22.06
CA PHE F 400 2.56 17.58 -23.45
C PHE F 400 3.79 17.27 -24.30
N HIS F 401 4.97 17.72 -23.87
CA HIS F 401 6.19 17.34 -24.58
C HIS F 401 6.29 15.84 -24.76
N GLY F 402 5.96 15.07 -23.71
CA GLY F 402 6.01 13.63 -23.85
C GLY F 402 5.13 13.12 -24.96
N PHE F 403 3.95 13.71 -25.14
CA PHE F 403 3.12 13.33 -26.26
C PHE F 403 3.78 13.66 -27.59
N SER F 404 4.36 14.85 -27.71
CA SER F 404 5.21 15.11 -28.87
C SER F 404 6.23 14.00 -29.01
N MET F 405 6.86 13.61 -27.90
CA MET F 405 7.79 12.51 -27.89
C MET F 405 7.15 11.25 -28.48
N ILE F 406 5.99 10.86 -27.94
CA ILE F 406 5.36 9.65 -28.46
C ILE F 406 4.85 9.91 -29.86
N SER F 407 4.46 11.15 -30.18
CA SER F 407 4.08 11.47 -31.54
C SER F 407 5.25 11.24 -32.48
N CYS F 408 6.46 11.54 -32.01
CA CYS F 408 7.65 11.10 -32.74
C CYS F 408 7.84 9.60 -32.59
N ALA F 409 7.71 9.10 -31.35
CA ALA F 409 8.17 7.75 -31.03
C ALA F 409 7.47 6.67 -31.84
N HIS F 410 6.19 6.87 -32.20
CA HIS F 410 5.48 5.88 -32.98
C HIS F 410 6.19 5.57 -34.30
N LEU F 411 6.89 6.56 -34.85
CA LEU F 411 7.62 6.34 -36.10
C LEU F 411 8.60 5.19 -35.97
N ALA F 412 9.22 5.02 -34.80
CA ALA F 412 10.13 3.90 -34.59
C ALA F 412 9.41 2.57 -34.81
N GLU F 413 8.18 2.47 -34.32
CA GLU F 413 7.39 1.27 -34.57
C GLU F 413 6.94 1.20 -36.03
N LYS F 414 6.76 2.35 -36.67
CA LYS F 414 6.11 2.37 -37.98
C LYS F 414 7.08 2.11 -39.11
N HIS F 415 8.25 2.74 -39.10
CA HIS F 415 9.13 2.77 -40.25
C HIS F 415 10.29 1.77 -40.15
N THR F 416 10.26 0.88 -39.18
CA THR F 416 11.28 -0.16 -39.05
C THR F 416 10.59 -1.52 -38.96
N ALA F 417 11.17 -2.51 -39.63
CA ALA F 417 10.65 -3.87 -39.52
C ALA F 417 10.70 -4.35 -38.08
N ALA F 418 11.83 -4.13 -37.42
CA ALA F 418 11.96 -4.44 -36.00
C ALA F 418 13.10 -3.60 -35.44
N ILE F 419 13.00 -3.31 -34.14
CA ILE F 419 14.04 -2.58 -33.43
C ILE F 419 14.52 -3.48 -32.30
N TYR F 420 15.83 -3.73 -32.26
CA TYR F 420 16.43 -4.57 -31.24
C TYR F 420 17.09 -3.67 -30.20
N LEU F 421 16.72 -3.84 -28.95
CA LEU F 421 17.33 -3.12 -27.83
C LEU F 421 18.21 -4.11 -27.08
N VAL F 422 19.52 -3.91 -27.15
CA VAL F 422 20.47 -4.81 -26.55
C VAL F 422 20.99 -4.22 -25.25
N GLY F 423 21.32 -5.10 -24.30
CA GLY F 423 21.85 -4.67 -23.03
C GLY F 423 20.84 -4.06 -22.07
N ALA F 424 19.54 -4.24 -22.32
CA ALA F 424 18.54 -3.68 -21.44
C ALA F 424 18.58 -4.37 -20.08
N GLU F 425 18.76 -3.57 -19.03
CA GLU F 425 18.74 -4.12 -17.67
C GLU F 425 17.33 -4.54 -17.27
N LYS F 426 16.31 -3.84 -17.76
CA LYS F 426 14.91 -4.21 -17.57
C LYS F 426 14.28 -4.30 -18.96
N PRO F 427 14.46 -5.43 -19.64
CA PRO F 427 14.00 -5.53 -21.03
C PRO F 427 12.49 -5.40 -21.17
N GLY F 428 11.74 -5.55 -20.09
CA GLY F 428 10.29 -5.42 -20.16
C GLY F 428 9.83 -4.06 -20.64
N TYR F 429 10.54 -2.99 -20.26
CA TYR F 429 10.15 -1.67 -20.71
C TYR F 429 10.35 -1.50 -22.22
N ALA F 430 11.51 -1.94 -22.72
CA ALA F 430 11.76 -1.89 -24.15
C ALA F 430 10.75 -2.74 -24.91
N ARG F 431 10.42 -3.91 -24.39
CA ARG F 431 9.39 -4.74 -25.03
C ARG F 431 8.04 -4.05 -24.99
N GLY F 432 7.72 -3.36 -23.89
CA GLY F 432 6.49 -2.60 -23.80
C GLY F 432 6.42 -1.44 -24.78
N MET F 433 7.57 -0.93 -25.21
CA MET F 433 7.61 0.00 -26.33
C MET F 433 7.65 -0.70 -27.69
N GLY F 434 7.36 -1.99 -27.74
CA GLY F 434 7.35 -2.71 -28.99
C GLY F 434 8.71 -3.07 -29.54
N LEU F 435 9.76 -3.00 -28.72
CA LEU F 435 11.11 -3.30 -29.17
C LEU F 435 11.50 -4.72 -28.79
N LYS F 436 12.17 -5.41 -29.71
CA LYS F 436 12.73 -6.72 -29.43
C LYS F 436 13.95 -6.56 -28.54
N THR F 437 14.06 -7.43 -27.53
CA THR F 437 15.11 -7.33 -26.53
C THR F 437 16.05 -8.52 -26.64
N ARG F 438 17.33 -8.24 -26.78
CA ARG F 438 18.38 -9.25 -26.75
C ARG F 438 19.45 -8.81 -25.77
N ALA F 439 20.16 -9.78 -25.20
CA ALA F 439 21.14 -9.47 -24.17
C ALA F 439 22.33 -8.69 -24.73
N THR F 440 22.85 -9.11 -25.88
CA THR F 440 24.04 -8.52 -26.46
C THR F 440 23.78 -8.13 -27.92
N PHE F 441 24.74 -7.43 -28.49
CA PHE F 441 24.65 -7.04 -29.90
C PHE F 441 24.64 -8.24 -30.82
N GLU F 442 25.42 -9.28 -30.49
CA GLU F 442 25.58 -10.41 -31.40
C GLU F 442 24.27 -11.18 -31.58
N GLU F 443 23.56 -11.44 -30.48
CA GLU F 443 22.30 -12.17 -30.58
C GLU F 443 21.26 -11.39 -31.36
N ALA F 444 21.17 -10.07 -31.14
CA ALA F 444 20.26 -9.26 -31.92
C ALA F 444 20.64 -9.24 -33.39
N LEU F 445 21.93 -9.18 -33.68
CA LEU F 445 22.39 -9.21 -35.07
C LEU F 445 21.98 -10.51 -35.75
N GLU F 446 22.22 -11.64 -35.08
CA GLU F 446 21.83 -12.93 -35.66
C GLU F 446 20.32 -13.04 -35.82
N ASP F 447 19.57 -12.56 -34.83
CA ASP F 447 18.11 -12.61 -34.93
C ASP F 447 17.61 -11.76 -36.09
N ALA F 448 18.17 -10.56 -36.27
CA ALA F 448 17.77 -9.70 -37.38
C ALA F 448 18.13 -10.34 -38.72
N LYS F 449 19.31 -10.95 -38.80
CA LYS F 449 19.71 -11.62 -40.04
C LYS F 449 18.77 -12.78 -40.34
N LYS F 450 18.39 -13.55 -39.33
CA LYS F 450 17.54 -14.71 -39.55
C LYS F 450 16.11 -14.29 -39.92
N LYS F 451 15.62 -13.19 -39.36
CA LYS F 451 14.20 -12.86 -39.46
C LYS F 451 13.87 -11.84 -40.54
N PHE F 452 14.67 -10.79 -40.70
CA PHE F 452 14.25 -9.67 -41.52
C PHE F 452 15.17 -9.34 -42.68
N VAL F 453 16.49 -9.37 -42.48
CA VAL F 453 17.42 -8.74 -43.40
C VAL F 453 18.28 -9.74 -44.16
N GLY F 454 18.24 -11.03 -43.81
CA GLY F 454 19.06 -12.01 -44.48
C GLY F 454 20.45 -12.11 -43.87
N GLN F 455 21.19 -13.12 -44.32
CA GLN F 455 22.49 -13.44 -43.75
C GLN F 455 23.61 -12.51 -44.20
N GLU F 456 23.37 -11.69 -45.23
CA GLU F 456 24.38 -10.73 -45.70
C GLU F 456 23.74 -9.35 -45.85
N PRO F 457 23.41 -8.70 -44.73
CA PRO F 457 22.76 -7.40 -44.81
C PRO F 457 23.76 -6.26 -44.90
N ASN F 458 23.28 -5.13 -45.42
CA ASN F 458 24.05 -3.89 -45.41
C ASN F 458 23.88 -3.24 -44.04
N ILE F 459 24.94 -3.29 -43.22
CA ILE F 459 24.89 -2.85 -41.84
C ILE F 459 25.57 -1.50 -41.73
N LEU F 460 24.89 -0.53 -41.14
CA LEU F 460 25.45 0.80 -40.88
C LEU F 460 25.67 0.94 -39.38
N ALA F 461 26.89 1.35 -39.01
CA ALA F 461 27.24 1.59 -37.63
C ALA F 461 27.23 3.09 -37.34
N LEU F 462 26.63 3.47 -36.22
CA LEU F 462 26.59 4.86 -35.77
C LEU F 462 27.10 4.89 -34.34
N PRO F 463 28.42 4.80 -34.16
CA PRO F 463 28.97 4.74 -32.80
C PRO F 463 28.71 5.99 -31.97
N LYS F 464 28.47 7.13 -32.60
CA LYS F 464 28.21 8.39 -31.90
C LYS F 464 26.93 9.02 -32.44
N ALA F 465 25.87 8.22 -32.55
CA ALA F 465 24.61 8.70 -33.11
C ALA F 465 23.99 9.76 -32.22
N PHE F 466 24.07 9.58 -30.89
CA PHE F 466 23.39 10.48 -29.96
C PHE F 466 24.33 11.39 -29.18
N LYS F 467 25.61 11.05 -29.08
CA LYS F 467 26.56 11.90 -28.38
C LYS F 467 27.04 13.07 -29.23
N THR F 468 26.65 13.12 -30.51
CA THR F 468 27.01 14.19 -31.41
C THR F 468 25.75 14.70 -32.10
N ALA F 469 25.88 15.84 -32.77
CA ALA F 469 24.77 16.39 -33.56
C ALA F 469 24.57 15.52 -34.78
N ALA F 470 23.60 14.62 -34.71
CA ALA F 470 23.41 13.64 -35.77
C ALA F 470 22.88 14.31 -37.03
N VAL F 471 23.51 13.99 -38.16
CA VAL F 471 23.12 14.55 -39.46
C VAL F 471 22.04 13.66 -40.07
N HIS F 472 21.38 14.17 -41.11
CA HIS F 472 20.40 13.40 -41.86
C HIS F 472 21.11 12.73 -43.03
N LEU F 473 21.15 11.40 -43.03
CA LEU F 473 21.87 10.66 -44.05
C LEU F 473 20.98 10.38 -45.25
N MET F 474 21.51 10.63 -46.44
CA MET F 474 20.83 10.30 -47.69
C MET F 474 21.78 9.47 -48.56
N MET F 475 21.27 9.04 -49.71
CA MET F 475 22.10 8.33 -50.67
C MET F 475 23.16 9.27 -51.25
N LYS F 476 24.26 8.68 -51.72
CA LYS F 476 25.36 9.47 -52.26
C LYS F 476 24.91 10.31 -53.46
N ASN F 477 23.98 9.79 -54.26
CA ASN F 477 23.45 10.53 -55.39
C ASN F 477 22.32 11.48 -55.02
N ASP F 478 21.81 11.39 -53.79
CA ASP F 478 20.73 12.27 -53.36
C ASP F 478 21.25 13.70 -53.15
N LEU F 479 20.41 14.67 -53.48
CA LEU F 479 20.71 16.07 -53.25
C LEU F 479 19.98 16.57 -52.01
N PRO F 480 20.58 17.49 -51.25
CA PRO F 480 19.92 18.00 -50.04
C PRO F 480 18.69 18.83 -50.40
N PRO F 481 17.51 18.46 -49.88
CA PRO F 481 16.23 19.13 -50.14
C PRO F 481 16.29 20.64 -49.99
N LYS G 2 -13.17 -12.19 -45.65
CA LYS G 2 -13.71 -11.99 -44.30
C LYS G 2 -13.80 -13.32 -43.57
N ILE G 3 -12.83 -13.58 -42.70
CA ILE G 3 -12.72 -14.84 -41.98
C ILE G 3 -12.80 -14.55 -40.49
N ASP G 4 -13.61 -15.32 -39.78
CA ASP G 4 -13.79 -15.16 -38.35
C ASP G 4 -12.75 -15.97 -37.59
N PHE G 5 -12.04 -15.31 -36.67
CA PHE G 5 -11.02 -15.95 -35.86
C PHE G 5 -11.36 -15.81 -34.40
N GLU G 6 -10.94 -16.80 -33.59
CA GLU G 6 -11.31 -16.83 -32.19
C GLU G 6 -10.78 -15.60 -31.45
N TYR G 7 -11.65 -14.97 -30.68
CA TYR G 7 -11.34 -13.73 -29.96
C TYR G 7 -12.05 -13.78 -28.62
N GLY G 8 -11.36 -14.28 -27.61
CA GLY G 8 -11.82 -14.22 -26.23
C GLY G 8 -12.94 -15.20 -25.95
N HIS G 9 -14.13 -14.85 -26.41
CA HIS G 9 -15.29 -15.73 -26.31
C HIS G 9 -16.00 -15.91 -27.64
N GLY G 10 -15.60 -15.18 -28.68
CA GLY G 10 -16.27 -15.28 -29.96
C GLY G 10 -15.35 -15.15 -31.14
N THR G 11 -15.70 -14.28 -32.09
CA THR G 11 -14.94 -14.15 -33.31
C THR G 11 -14.72 -12.69 -33.65
N MET G 12 -13.50 -12.40 -34.11
CA MET G 12 -13.17 -11.14 -34.76
C MET G 12 -12.96 -11.43 -36.25
N THR G 13 -13.50 -10.56 -37.10
CA THR G 13 -13.46 -10.78 -38.53
C THR G 13 -12.24 -10.09 -39.14
N ALA G 14 -11.48 -10.84 -39.94
CA ALA G 14 -10.35 -10.31 -40.69
C ALA G 14 -10.74 -10.20 -42.15
N ASP G 15 -10.53 -9.01 -42.73
CA ASP G 15 -10.80 -8.79 -44.15
C ASP G 15 -9.56 -9.21 -44.96
N LEU G 16 -9.25 -10.50 -44.85
CA LEU G 16 -8.08 -11.04 -45.52
C LEU G 16 -8.31 -11.09 -47.03
N PRO G 17 -7.22 -11.10 -47.82
CA PRO G 17 -7.37 -11.20 -49.27
C PRO G 17 -8.04 -12.50 -49.67
N ASP G 18 -8.73 -12.46 -50.82
CA ASP G 18 -9.44 -13.64 -51.31
C ASP G 18 -8.50 -14.79 -51.61
N THR G 19 -7.20 -14.52 -51.79
CA THR G 19 -6.22 -15.56 -52.02
C THR G 19 -5.80 -16.28 -50.76
N THR G 20 -6.26 -15.84 -49.59
CA THR G 20 -5.90 -16.48 -48.33
C THR G 20 -6.45 -17.90 -48.29
N ASP G 21 -5.58 -18.85 -47.94
CA ASP G 21 -5.97 -20.24 -47.81
C ASP G 21 -6.44 -20.51 -46.38
N ILE G 22 -7.63 -21.09 -46.26
CA ILE G 22 -8.23 -21.38 -44.97
C ILE G 22 -8.07 -22.87 -44.67
N PHE G 23 -7.47 -23.18 -43.53
CA PHE G 23 -7.36 -24.56 -43.07
C PHE G 23 -8.09 -24.70 -41.74
N ILE G 24 -9.01 -25.65 -41.67
CA ILE G 24 -9.69 -26.04 -40.45
C ILE G 24 -9.33 -27.50 -40.19
N PRO G 25 -8.74 -27.84 -39.05
CA PRO G 25 -8.36 -29.23 -38.80
C PRO G 25 -9.59 -30.13 -38.75
N GLY G 26 -9.58 -31.18 -39.58
CA GLY G 26 -10.67 -32.11 -39.68
C GLY G 26 -11.72 -31.77 -40.71
N GLU G 27 -11.66 -30.56 -41.29
CA GLU G 27 -12.61 -30.14 -42.32
C GLU G 27 -11.94 -29.87 -43.65
N THR G 28 -10.88 -29.06 -43.67
CA THR G 28 -10.15 -28.82 -44.92
C THR G 28 -9.52 -30.10 -45.44
N VAL G 29 -8.92 -30.89 -44.55
CA VAL G 29 -8.40 -32.21 -44.87
C VAL G 29 -9.07 -33.21 -43.93
N ALA G 30 -9.70 -34.23 -44.51
CA ALA G 30 -10.45 -35.18 -43.72
C ALA G 30 -9.54 -36.01 -42.83
N ASP G 31 -9.95 -36.19 -41.59
CA ASP G 31 -9.24 -37.06 -40.67
C ASP G 31 -9.48 -38.52 -41.05
N PRO G 32 -8.63 -39.43 -40.56
CA PRO G 32 -8.95 -40.86 -40.69
C PRO G 32 -10.32 -41.16 -40.10
N GLU G 33 -11.06 -42.05 -40.76
CA GLU G 33 -12.45 -42.29 -40.40
C GLU G 33 -12.57 -42.71 -38.95
N CYS G 34 -13.25 -41.88 -38.15
CA CYS G 34 -13.46 -42.18 -36.75
C CYS G 34 -14.41 -43.37 -36.60
N LEU G 35 -14.20 -44.14 -35.53
CA LEU G 35 -15.04 -45.30 -35.29
C LEU G 35 -16.46 -44.86 -34.95
N PRO G 36 -17.47 -45.56 -35.46
CA PRO G 36 -18.86 -45.23 -35.09
C PRO G 36 -19.11 -45.54 -33.62
N GLU G 37 -20.13 -44.88 -33.07
CA GLU G 37 -20.42 -45.01 -31.65
C GLU G 37 -20.71 -46.46 -31.27
N ASP G 38 -21.46 -47.18 -32.11
CA ASP G 38 -21.74 -48.58 -31.84
C ASP G 38 -20.46 -49.42 -31.88
N GLN G 39 -19.58 -49.13 -32.82
CA GLN G 39 -18.35 -49.90 -33.01
C GLN G 39 -17.24 -49.49 -32.04
N ILE G 40 -17.36 -48.34 -31.39
CA ILE G 40 -16.29 -47.86 -30.51
C ILE G 40 -16.08 -48.82 -29.35
N GLU G 41 -17.17 -49.25 -28.70
CA GLU G 41 -17.06 -50.16 -27.57
C GLU G 41 -16.45 -51.49 -27.99
N ALA G 42 -16.90 -52.03 -29.12
CA ALA G 42 -16.36 -53.30 -29.60
C ALA G 42 -14.87 -53.19 -29.92
N ALA G 43 -14.48 -52.10 -30.58
CA ALA G 43 -13.07 -51.91 -30.93
C ALA G 43 -12.21 -51.76 -29.68
N THR G 44 -12.68 -50.99 -28.69
CA THR G 44 -11.92 -50.83 -27.46
C THR G 44 -11.81 -52.16 -26.71
N LEU G 45 -12.89 -52.94 -26.65
CA LEU G 45 -12.84 -54.24 -26.00
C LEU G 45 -11.88 -55.18 -26.72
N ASP G 46 -11.89 -55.17 -28.06
CA ASP G 46 -10.97 -56.02 -28.80
C ASP G 46 -9.52 -55.61 -28.58
N SER G 47 -9.25 -54.30 -28.53
CA SER G 47 -7.90 -53.83 -28.28
C SER G 47 -7.43 -54.22 -26.88
N ILE G 48 -8.29 -54.04 -25.88
CA ILE G 48 -7.91 -54.38 -24.51
C ILE G 48 -7.68 -55.88 -24.37
N ARG G 49 -8.57 -56.69 -24.94
CA ARG G 49 -8.44 -58.14 -24.84
C ARG G 49 -7.31 -58.69 -25.72
N ASN G 50 -6.84 -57.92 -26.69
CA ASN G 50 -5.75 -58.32 -27.58
C ASN G 50 -4.69 -57.23 -27.59
N PRO G 51 -3.91 -57.11 -26.53
CA PRO G 51 -2.89 -56.06 -26.46
C PRO G 51 -1.67 -56.41 -27.29
N LEU G 52 -0.83 -55.40 -27.50
CA LEU G 52 0.35 -55.51 -28.37
C LEU G 52 1.60 -55.68 -27.53
N GLY G 53 2.30 -56.80 -27.73
CA GLY G 53 3.59 -57.01 -27.10
C GLY G 53 3.55 -57.04 -25.59
N MET G 54 2.44 -57.46 -24.99
CA MET G 54 2.29 -57.44 -23.54
C MET G 54 1.07 -58.29 -23.19
N PRO G 55 1.10 -59.06 -22.10
CA PRO G 55 -0.01 -59.97 -21.80
C PRO G 55 -1.30 -59.22 -21.52
N PRO G 56 -2.45 -59.85 -21.74
CA PRO G 56 -3.73 -59.17 -21.49
C PRO G 56 -3.94 -58.88 -20.02
N LEU G 57 -4.89 -57.97 -19.76
CA LEU G 57 -5.20 -57.60 -18.38
C LEU G 57 -5.73 -58.78 -17.58
N THR G 58 -6.42 -59.72 -18.24
CA THR G 58 -6.95 -60.88 -17.53
C THR G 58 -5.83 -61.74 -16.95
N GLU G 59 -4.67 -61.76 -17.60
CA GLU G 59 -3.54 -62.53 -17.11
C GLU G 59 -2.74 -61.79 -16.04
N LEU G 60 -2.50 -60.49 -16.26
CA LEU G 60 -1.73 -59.71 -15.29
C LEU G 60 -2.47 -59.58 -13.96
N ALA G 61 -3.78 -59.37 -14.02
CA ALA G 61 -4.55 -59.08 -12.82
C ALA G 61 -4.74 -60.34 -11.98
N LYS G 62 -4.94 -60.11 -10.68
CA LYS G 62 -5.20 -61.14 -9.70
C LYS G 62 -6.42 -60.77 -8.88
N PRO G 63 -7.09 -61.74 -8.26
CA PRO G 63 -8.29 -61.41 -7.46
C PRO G 63 -8.03 -60.39 -6.37
N GLY G 64 -6.87 -60.42 -5.73
CA GLY G 64 -6.50 -59.41 -4.76
C GLY G 64 -5.51 -58.38 -5.25
N SER G 65 -5.27 -58.29 -6.55
CA SER G 65 -4.26 -57.37 -7.08
C SER G 65 -4.74 -55.93 -6.96
N LYS G 66 -3.81 -55.03 -6.63
CA LYS G 66 -4.09 -53.60 -6.63
C LYS G 66 -3.89 -53.04 -8.02
N VAL G 67 -4.90 -52.34 -8.54
CA VAL G 67 -4.90 -51.82 -9.90
C VAL G 67 -5.05 -50.31 -9.84
N THR G 68 -4.20 -49.60 -10.59
CA THR G 68 -4.30 -48.16 -10.74
C THR G 68 -4.57 -47.84 -12.21
N ILE G 69 -5.73 -47.26 -12.48
CA ILE G 69 -6.10 -46.81 -13.81
C ILE G 69 -5.83 -45.32 -13.88
N VAL G 70 -4.77 -44.93 -14.58
CA VAL G 70 -4.37 -43.54 -14.72
C VAL G 70 -4.93 -43.00 -16.02
N PHE G 71 -5.84 -42.04 -15.92
CA PHE G 71 -6.49 -41.44 -17.07
C PHE G 71 -6.07 -39.99 -17.21
N PRO G 72 -6.06 -39.45 -18.43
CA PRO G 72 -5.66 -38.06 -18.64
C PRO G 72 -6.71 -37.09 -18.11
N ASP G 73 -6.26 -35.85 -17.88
CA ASP G 73 -7.14 -34.82 -17.36
C ASP G 73 -8.01 -34.23 -18.48
N ARG G 74 -8.68 -33.13 -18.14
CA ARG G 74 -9.69 -32.54 -19.01
C ARG G 74 -9.09 -31.80 -20.21
N VAL G 75 -7.78 -31.58 -20.20
CA VAL G 75 -7.16 -30.76 -21.24
C VAL G 75 -7.37 -31.39 -22.61
N LYS G 76 -7.13 -32.69 -22.72
CA LYS G 76 -7.35 -33.43 -23.95
C LYS G 76 -8.29 -34.61 -23.68
N GLY G 77 -8.50 -35.44 -24.68
CA GLY G 77 -9.38 -36.58 -24.55
C GLY G 77 -10.74 -36.37 -25.19
N GLY G 78 -11.75 -36.10 -24.39
CA GLY G 78 -13.09 -35.89 -24.86
C GLY G 78 -14.08 -36.13 -23.73
N GLU G 79 -15.20 -35.41 -23.78
CA GLU G 79 -16.24 -35.50 -22.76
C GLU G 79 -17.55 -36.02 -23.31
N GLN G 80 -17.54 -36.61 -24.51
CA GLN G 80 -18.75 -37.18 -25.07
C GLN G 80 -19.07 -38.50 -24.38
N ALA G 81 -20.27 -39.04 -24.68
CA ALA G 81 -20.68 -40.30 -24.07
C ALA G 81 -19.75 -41.44 -24.48
N THR G 82 -19.36 -41.47 -25.75
CA THR G 82 -18.45 -42.49 -26.27
C THR G 82 -16.99 -42.06 -26.24
N ALA G 83 -16.62 -41.19 -25.31
CA ALA G 83 -15.24 -40.74 -25.20
C ALA G 83 -14.32 -41.90 -24.82
N HIS G 84 -13.06 -41.80 -25.22
CA HIS G 84 -12.12 -42.90 -25.02
C HIS G 84 -11.93 -43.20 -23.54
N ARG G 85 -11.81 -42.17 -22.71
CA ARG G 85 -11.52 -42.40 -21.29
C ARG G 85 -12.64 -43.19 -20.63
N LYS G 86 -13.89 -42.73 -20.76
CA LYS G 86 -15.00 -43.38 -20.09
C LYS G 86 -15.19 -44.81 -20.57
N VAL G 87 -15.25 -45.00 -21.89
CA VAL G 87 -15.50 -46.33 -22.44
C VAL G 87 -14.36 -47.27 -22.12
N SER G 88 -13.12 -46.81 -22.29
CA SER G 88 -11.96 -47.66 -22.04
C SER G 88 -11.88 -48.06 -20.57
N ILE G 89 -12.10 -47.11 -19.67
CA ILE G 89 -12.04 -47.44 -18.24
C ILE G 89 -13.17 -48.38 -17.86
N LYS G 90 -14.37 -48.17 -18.42
CA LYS G 90 -15.48 -49.05 -18.11
C LYS G 90 -15.20 -50.48 -18.58
N LEU G 91 -14.69 -50.63 -19.81
CA LEU G 91 -14.39 -51.97 -20.32
C LEU G 91 -13.25 -52.61 -19.54
N ILE G 92 -12.24 -51.83 -19.16
CA ILE G 92 -11.12 -52.36 -18.39
C ILE G 92 -11.60 -52.81 -17.01
N LEU G 93 -12.48 -52.03 -16.39
CA LEU G 93 -13.04 -52.43 -15.11
C LEU G 93 -13.88 -53.70 -15.24
N GLN G 94 -14.64 -53.82 -16.33
CA GLN G 94 -15.39 -55.05 -16.56
C GLN G 94 -14.46 -56.25 -16.69
N GLU G 95 -13.36 -56.08 -17.43
CA GLU G 95 -12.38 -57.16 -17.57
C GLU G 95 -11.76 -57.51 -16.22
N LEU G 96 -11.44 -56.51 -15.41
CA LEU G 96 -10.85 -56.75 -14.10
C LEU G 96 -11.83 -57.49 -13.20
N TYR G 97 -13.11 -57.10 -13.23
CA TYR G 97 -14.12 -57.81 -12.44
C TYR G 97 -14.36 -59.21 -12.96
N SER G 98 -14.08 -59.44 -14.24
CA SER G 98 -14.18 -60.80 -14.78
C SER G 98 -13.14 -61.73 -14.17
N VAL G 99 -11.96 -61.21 -13.84
CA VAL G 99 -10.92 -62.02 -13.20
C VAL G 99 -10.97 -61.80 -11.69
N GLY G 100 -12.07 -61.22 -11.21
CA GLY G 100 -12.28 -61.10 -9.78
C GLY G 100 -11.51 -60.02 -9.07
N VAL G 101 -11.04 -59.00 -9.79
CA VAL G 101 -10.33 -57.90 -9.15
C VAL G 101 -11.32 -57.11 -8.29
N LYS G 102 -10.95 -56.88 -7.03
CA LYS G 102 -11.82 -56.19 -6.10
C LYS G 102 -12.04 -54.75 -6.54
N LYS G 103 -13.29 -54.28 -6.42
CA LYS G 103 -13.60 -52.90 -6.78
C LYS G 103 -12.87 -51.92 -5.88
N GLU G 104 -12.79 -52.22 -4.58
CA GLU G 104 -12.11 -51.34 -3.64
C GLU G 104 -10.60 -51.29 -3.87
N ASP G 105 -10.05 -52.26 -4.61
CA ASP G 105 -8.62 -52.32 -4.88
C ASP G 105 -8.23 -51.61 -6.17
N ILE G 106 -9.16 -50.87 -6.77
CA ILE G 106 -8.91 -50.17 -8.03
C ILE G 106 -8.97 -48.67 -7.75
N LEU G 107 -7.91 -47.96 -8.12
CA LEU G 107 -7.77 -46.53 -7.88
C LEU G 107 -7.71 -45.80 -9.21
N LEU G 108 -8.59 -44.83 -9.38
CA LEU G 108 -8.62 -44.01 -10.60
C LEU G 108 -7.73 -42.79 -10.38
N ILE G 109 -6.54 -42.81 -10.98
CA ILE G 109 -5.57 -41.74 -10.88
C ILE G 109 -5.81 -40.77 -12.02
N CYS G 110 -5.85 -39.48 -11.71
CA CYS G 110 -5.87 -38.48 -12.76
C CYS G 110 -4.44 -38.07 -13.10
N SER G 111 -4.17 -37.93 -14.40
CA SER G 111 -2.82 -37.73 -14.90
C SER G 111 -2.49 -36.27 -15.13
N ASN G 112 -2.97 -35.38 -14.26
CA ASN G 112 -2.69 -33.95 -14.41
C ASN G 112 -1.20 -33.66 -14.47
N GLY G 113 -0.41 -34.33 -13.64
CA GLY G 113 1.02 -34.06 -13.61
C GLY G 113 1.26 -32.66 -13.06
N LEU G 114 1.94 -31.83 -13.84
CA LEU G 114 2.11 -30.43 -13.48
C LEU G 114 0.89 -29.59 -13.82
N HIS G 115 -0.05 -30.13 -14.58
CA HIS G 115 -1.29 -29.42 -14.82
C HIS G 115 -2.13 -29.41 -13.55
N ARG G 116 -3.12 -28.51 -13.52
CA ARG G 116 -3.97 -28.37 -12.35
C ARG G 116 -4.66 -29.69 -12.02
N LYS G 117 -4.73 -30.00 -10.73
CA LYS G 117 -5.55 -31.12 -10.29
C LYS G 117 -6.99 -30.89 -10.73
N ASN G 118 -7.54 -31.84 -11.47
CA ASN G 118 -8.91 -31.70 -11.95
C ASN G 118 -9.87 -31.67 -10.77
N THR G 119 -10.80 -30.71 -10.80
CA THR G 119 -11.80 -30.61 -9.75
C THR G 119 -12.75 -31.80 -9.82
N GLU G 120 -13.58 -31.93 -8.78
CA GLU G 120 -14.53 -33.02 -8.73
C GLU G 120 -15.52 -32.94 -9.89
N LYS G 121 -15.98 -31.72 -10.22
CA LYS G 121 -16.83 -31.55 -11.38
C LYS G 121 -16.09 -31.88 -12.68
N GLU G 122 -14.83 -31.45 -12.78
CA GLU G 122 -14.04 -31.76 -13.97
C GLU G 122 -13.79 -33.27 -14.08
N ILE G 123 -13.49 -33.92 -12.96
CA ILE G 123 -13.29 -35.36 -12.98
C ILE G 123 -14.59 -36.07 -13.37
N LEU G 124 -15.72 -35.58 -12.86
CA LEU G 124 -17.01 -36.14 -13.25
C LEU G 124 -17.24 -36.01 -14.75
N GLY G 125 -16.98 -34.83 -15.31
CA GLY G 125 -17.15 -34.63 -16.74
C GLY G 125 -16.22 -35.51 -17.56
N VAL G 126 -14.99 -35.69 -17.07
CA VAL G 126 -14.03 -36.52 -17.79
C VAL G 126 -14.44 -37.99 -17.78
N LEU G 127 -14.86 -38.49 -16.62
CA LEU G 127 -15.06 -39.93 -16.45
C LEU G 127 -16.48 -40.39 -16.75
N GLY G 128 -17.45 -39.48 -16.83
CA GLY G 128 -18.82 -39.89 -16.98
C GLY G 128 -19.48 -40.09 -15.63
N PRO G 129 -20.79 -39.85 -15.56
CA PRO G 129 -21.48 -40.04 -14.27
C PRO G 129 -21.35 -41.45 -13.73
N ASP G 130 -21.38 -42.46 -14.60
CA ASP G 130 -21.27 -43.84 -14.16
C ASP G 130 -19.96 -44.05 -13.41
N LEU G 131 -18.83 -43.79 -14.07
CA LEU G 131 -17.53 -44.01 -13.43
C LEU G 131 -17.35 -43.12 -12.21
N TYR G 132 -17.75 -41.86 -12.30
CA TYR G 132 -17.60 -40.94 -11.19
C TYR G 132 -18.35 -41.44 -9.96
N HIS G 133 -19.67 -41.56 -10.05
CA HIS G 133 -20.46 -42.02 -8.92
C HIS G 133 -20.13 -43.44 -8.52
N GLN G 134 -19.46 -44.22 -9.39
CA GLN G 134 -18.98 -45.54 -8.98
C GLN G 134 -17.77 -45.45 -8.07
N PHE G 135 -16.82 -44.56 -8.38
CA PHE G 135 -15.56 -44.53 -7.65
C PHE G 135 -15.32 -43.27 -6.83
N ALA G 136 -15.92 -42.14 -7.18
CA ALA G 136 -15.70 -40.92 -6.41
C ALA G 136 -16.19 -41.00 -4.97
N PRO G 137 -17.42 -41.47 -4.67
CA PRO G 137 -17.87 -41.44 -3.27
C PRO G 137 -17.01 -42.26 -2.32
N THR G 138 -16.37 -43.31 -2.82
CA THR G 138 -15.46 -44.10 -2.00
C THR G 138 -14.06 -43.52 -1.95
N GLY G 139 -13.81 -42.40 -2.63
CA GLY G 139 -12.49 -41.80 -2.64
C GLY G 139 -11.49 -42.53 -3.49
N GLN G 140 -11.95 -43.34 -4.44
CA GLN G 140 -11.05 -44.12 -5.29
C GLN G 140 -10.59 -43.36 -6.53
N ILE G 141 -11.09 -42.15 -6.76
CA ILE G 141 -10.58 -41.26 -7.79
C ILE G 141 -9.79 -40.16 -7.11
N ILE G 142 -8.49 -40.09 -7.39
CA ILE G 142 -7.63 -39.06 -6.83
C ILE G 142 -6.81 -38.43 -7.95
N ASN G 143 -6.62 -37.12 -7.87
CA ASN G 143 -5.71 -36.45 -8.78
C ASN G 143 -4.28 -36.78 -8.39
N HIS G 144 -3.43 -36.98 -9.40
CA HIS G 144 -2.01 -37.15 -9.11
C HIS G 144 -1.46 -35.86 -8.52
N ASP G 145 -0.73 -35.99 -7.42
CA ASP G 145 -0.12 -34.85 -6.75
C ASP G 145 1.39 -34.97 -6.92
N SER G 146 1.96 -34.14 -7.79
CA SER G 146 3.40 -34.11 -7.97
C SER G 146 4.12 -33.45 -6.80
N GLU G 147 3.39 -33.02 -5.77
CA GLU G 147 4.00 -32.41 -4.59
C GLU G 147 3.57 -33.08 -3.30
N ASP G 148 2.86 -34.20 -3.36
CA ASP G 148 2.52 -35.01 -2.19
C ASP G 148 3.58 -36.09 -2.07
N TYR G 149 4.70 -35.75 -1.43
CA TYR G 149 5.81 -36.69 -1.32
C TYR G 149 5.47 -37.89 -0.46
N GLU G 150 4.44 -37.80 0.38
CA GLU G 150 3.91 -38.98 1.05
C GLU G 150 3.30 -39.95 0.04
N HIS G 151 2.89 -39.46 -1.13
CA HIS G 151 2.36 -40.29 -2.20
C HIS G 151 3.22 -40.20 -3.45
N LEU G 152 4.53 -40.07 -3.26
CA LEU G 152 5.49 -40.07 -4.37
C LEU G 152 6.65 -40.99 -4.03
N VAL G 153 7.15 -41.69 -5.04
CA VAL G 153 8.27 -42.61 -4.90
C VAL G 153 9.38 -42.13 -5.83
N ASP G 154 10.57 -41.92 -5.26
CA ASP G 154 11.74 -41.50 -6.02
C ASP G 154 12.45 -42.74 -6.56
N LEU G 155 12.54 -42.85 -7.87
CA LEU G 155 13.20 -43.98 -8.52
C LEU G 155 14.64 -43.67 -8.89
N GLY G 156 15.15 -42.49 -8.54
CA GLY G 156 16.52 -42.14 -8.85
C GLY G 156 16.70 -41.69 -10.28
N LYS G 157 17.96 -41.45 -10.63
CA LYS G 157 18.31 -40.99 -11.96
C LYS G 157 18.27 -42.14 -12.95
N THR G 158 18.02 -41.81 -14.22
CA THR G 158 17.99 -42.80 -15.28
C THR G 158 19.42 -43.09 -15.75
N LYS G 159 19.55 -43.81 -16.86
CA LYS G 159 20.86 -44.10 -17.41
C LYS G 159 21.54 -42.81 -17.89
N GLN G 160 20.78 -41.84 -18.37
CA GLN G 160 21.32 -40.56 -18.80
C GLN G 160 21.34 -39.54 -17.67
N GLY G 161 20.95 -39.92 -16.46
CA GLY G 161 20.96 -39.01 -15.34
C GLY G 161 19.74 -38.13 -15.24
N ASP G 162 18.55 -38.71 -15.30
CA ASP G 162 17.31 -37.94 -15.23
C ASP G 162 16.49 -38.42 -14.04
N PRO G 163 16.15 -37.55 -13.08
CA PRO G 163 15.44 -38.01 -11.88
C PRO G 163 14.03 -38.48 -12.24
N VAL G 164 13.59 -39.55 -11.58
CA VAL G 164 12.27 -40.11 -11.78
C VAL G 164 11.58 -40.23 -10.43
N ILE G 165 10.64 -39.34 -10.16
CA ILE G 165 9.76 -39.43 -9.00
C ILE G 165 8.34 -39.59 -9.53
N MET G 166 7.72 -40.72 -9.21
CA MET G 166 6.43 -41.07 -9.78
C MET G 166 5.38 -41.23 -8.68
N ASN G 167 4.13 -41.36 -9.12
CA ASN G 167 3.02 -41.51 -8.20
C ASN G 167 3.16 -42.81 -7.40
N LYS G 168 2.92 -42.72 -6.09
CA LYS G 168 3.10 -43.88 -5.22
C LYS G 168 2.05 -44.96 -5.48
N TYR G 169 0.81 -44.56 -5.76
CA TYR G 169 -0.23 -45.55 -6.02
C TYR G 169 0.10 -46.35 -7.27
N VAL G 170 0.57 -45.68 -8.33
CA VAL G 170 0.94 -46.37 -9.56
C VAL G 170 2.16 -47.26 -9.32
N TYR G 171 3.13 -46.77 -8.57
CA TYR G 171 4.34 -47.55 -8.31
C TYR G 171 4.04 -48.81 -7.49
N GLU G 172 3.23 -48.67 -6.45
CA GLU G 172 2.94 -49.77 -5.54
C GLU G 172 1.85 -50.71 -6.04
N SER G 173 1.11 -50.32 -7.07
CA SER G 173 0.09 -51.19 -7.62
C SER G 173 0.72 -52.35 -8.37
N ASP G 174 -0.09 -53.37 -8.64
CA ASP G 174 0.35 -54.52 -9.40
C ASP G 174 -0.03 -54.45 -10.87
N VAL G 175 -1.07 -53.68 -11.22
CA VAL G 175 -1.48 -53.47 -12.60
C VAL G 175 -1.70 -51.98 -12.79
N ALA G 176 -0.82 -51.34 -13.55
CA ALA G 176 -0.93 -49.93 -13.88
C ALA G 176 -1.40 -49.79 -15.32
N ILE G 177 -2.60 -49.24 -15.50
CA ILE G 177 -3.23 -49.13 -16.81
C ILE G 177 -3.32 -47.66 -17.18
N LEU G 178 -2.60 -47.27 -18.22
CA LEU G 178 -2.56 -45.88 -18.67
C LEU G 178 -3.55 -45.69 -19.80
N ILE G 179 -4.65 -44.99 -19.52
CA ILE G 179 -5.55 -44.54 -20.58
C ILE G 179 -4.89 -43.37 -21.28
N GLY G 180 -4.83 -43.43 -22.61
CA GLY G 180 -4.10 -42.44 -23.37
C GLY G 180 -4.81 -42.08 -24.66
N HIS G 181 -4.52 -40.87 -25.13
CA HIS G 181 -5.05 -40.35 -26.38
C HIS G 181 -3.89 -40.00 -27.30
N THR G 182 -3.87 -40.61 -28.48
CA THR G 182 -2.88 -40.29 -29.51
C THR G 182 -3.44 -39.13 -30.32
N GLN G 183 -2.86 -37.96 -30.10
CA GLN G 183 -3.28 -36.73 -30.74
C GLN G 183 -2.06 -35.92 -31.15
N GLY G 184 -2.30 -34.78 -31.80
CA GLY G 184 -1.23 -33.92 -32.24
C GLY G 184 -0.64 -33.08 -31.12
N ASN G 185 0.04 -33.73 -30.18
CA ASN G 185 0.62 -33.00 -29.06
C ASN G 185 1.85 -32.22 -29.50
N PRO G 186 1.95 -30.93 -29.17
CA PRO G 186 3.19 -30.20 -29.47
C PRO G 186 4.40 -30.73 -28.72
N TYR G 187 4.19 -31.50 -27.66
CA TYR G 187 5.28 -32.06 -26.86
C TYR G 187 5.45 -33.54 -27.19
N GLY G 188 6.61 -33.90 -27.72
CA GLY G 188 6.91 -35.30 -27.95
C GLY G 188 6.21 -35.93 -29.13
N GLY G 189 5.53 -35.15 -29.96
CA GLY G 189 4.84 -35.69 -31.11
C GLY G 189 3.38 -36.04 -30.83
N TYR G 190 3.15 -36.95 -29.90
CA TYR G 190 1.79 -37.41 -29.61
C TYR G 190 1.60 -37.49 -28.10
N SER G 191 0.34 -37.34 -27.68
CA SER G 191 0.00 -37.52 -26.28
C SER G 191 -0.09 -39.00 -25.95
N GLY G 192 -0.11 -39.31 -24.66
CA GLY G 192 -0.19 -40.68 -24.21
C GLY G 192 1.10 -41.44 -24.43
N GLY G 193 0.97 -42.76 -24.44
CA GLY G 193 2.13 -43.61 -24.60
C GLY G 193 3.07 -43.44 -23.41
N TYR G 194 4.36 -43.29 -23.71
CA TYR G 194 5.34 -43.05 -22.64
C TYR G 194 5.25 -41.64 -22.10
N LYS G 195 4.72 -40.70 -22.88
CA LYS G 195 4.52 -39.34 -22.39
C LYS G 195 3.52 -39.33 -21.24
N HIS G 196 2.48 -40.15 -21.33
CA HIS G 196 1.45 -40.19 -20.31
C HIS G 196 2.05 -40.46 -18.93
N CYS G 197 2.85 -41.52 -18.82
CA CYS G 197 3.48 -41.80 -17.53
C CYS G 197 4.58 -40.79 -17.22
N SER G 198 5.40 -40.44 -18.21
CA SER G 198 6.56 -39.60 -17.96
C SER G 198 6.20 -38.16 -17.60
N THR G 199 4.95 -37.75 -17.80
CA THR G 199 4.54 -36.39 -17.47
C THR G 199 3.34 -36.31 -16.52
N GLY G 200 2.38 -37.22 -16.62
CA GLY G 200 1.15 -37.08 -15.87
C GLY G 200 1.18 -37.61 -14.45
N ILE G 201 2.14 -38.47 -14.13
CA ILE G 201 2.23 -39.03 -12.79
C ILE G 201 3.65 -38.86 -12.27
N THR G 202 4.37 -37.87 -12.79
CA THR G 202 5.75 -37.65 -12.41
C THR G 202 5.87 -36.47 -11.45
N HIS G 203 7.11 -36.14 -11.11
CA HIS G 203 7.48 -34.92 -10.42
C HIS G 203 7.82 -33.85 -11.43
N TRP G 204 7.86 -32.59 -10.97
CA TRP G 204 8.35 -31.54 -11.84
C TRP G 204 9.82 -31.76 -12.19
N LYS G 205 10.58 -32.36 -11.27
CA LYS G 205 11.99 -32.65 -11.52
C LYS G 205 12.16 -33.62 -12.69
N SER G 206 11.32 -34.66 -12.75
CA SER G 206 11.32 -35.53 -13.92
C SER G 206 10.94 -34.78 -15.17
N ILE G 207 9.92 -33.92 -15.08
CA ILE G 207 9.51 -33.11 -16.22
C ILE G 207 10.56 -32.05 -16.55
N ALA G 208 11.29 -31.58 -15.54
CA ALA G 208 12.37 -30.62 -15.79
C ALA G 208 13.44 -31.17 -16.70
N SER G 209 13.52 -32.49 -16.84
CA SER G 209 14.51 -33.09 -17.73
C SER G 209 14.30 -32.67 -19.18
N HIS G 210 13.04 -32.64 -19.63
CA HIS G 210 12.73 -32.41 -21.03
C HIS G 210 12.01 -31.09 -21.30
N HIS G 211 11.30 -30.54 -20.31
CA HIS G 211 10.49 -29.35 -20.51
C HIS G 211 11.30 -28.06 -20.35
N VAL G 212 12.61 -28.12 -20.53
CA VAL G 212 13.47 -26.94 -20.45
C VAL G 212 13.96 -26.59 -21.85
N PRO G 213 14.46 -25.37 -22.09
CA PRO G 213 15.00 -25.05 -23.41
C PRO G 213 16.11 -25.97 -23.87
N LYS G 214 16.81 -26.62 -22.93
CA LYS G 214 17.89 -27.53 -23.32
C LYS G 214 17.40 -28.68 -24.19
N VAL G 215 16.11 -29.00 -24.13
CA VAL G 215 15.51 -30.04 -24.96
C VAL G 215 14.49 -29.46 -25.94
N MET G 216 13.73 -28.46 -25.52
CA MET G 216 12.66 -27.92 -26.35
C MET G 216 13.17 -26.97 -27.44
N HIS G 217 14.38 -26.43 -27.31
CA HIS G 217 14.87 -25.43 -28.24
C HIS G 217 15.93 -25.94 -29.19
N ARG G 218 16.23 -27.24 -29.17
CA ARG G 218 17.15 -27.79 -30.16
C ARG G 218 16.48 -27.87 -31.53
N LYS G 219 17.31 -27.99 -32.56
CA LYS G 219 16.80 -28.04 -33.93
C LYS G 219 15.93 -29.28 -34.17
N ASP G 220 16.09 -30.33 -33.36
CA ASP G 220 15.30 -31.54 -33.52
C ASP G 220 13.87 -31.39 -33.01
N PHE G 221 13.56 -30.34 -32.26
CA PHE G 221 12.23 -30.17 -31.71
C PHE G 221 11.30 -29.38 -32.60
N VAL G 222 11.83 -28.51 -33.45
CA VAL G 222 11.02 -27.64 -34.29
C VAL G 222 11.32 -27.96 -35.76
N PRO G 223 10.32 -28.40 -36.55
CA PRO G 223 8.96 -28.78 -36.13
C PRO G 223 8.97 -30.10 -35.38
N VAL G 224 7.96 -30.39 -34.56
CA VAL G 224 7.99 -31.59 -33.74
C VAL G 224 7.82 -32.83 -34.62
N ASN G 225 8.62 -33.85 -34.32
CA ASN G 225 8.59 -35.12 -35.03
C ASN G 225 8.41 -36.25 -34.01
N ASN G 226 8.56 -37.48 -34.49
CA ASN G 226 8.43 -38.66 -33.64
C ASN G 226 9.78 -39.17 -33.13
N ASN G 227 10.87 -38.50 -33.48
CA ASN G 227 12.21 -38.90 -33.06
C ASN G 227 12.98 -37.72 -32.49
N SER G 228 12.32 -36.92 -31.67
CA SER G 228 12.97 -35.80 -31.01
C SER G 228 13.51 -36.22 -29.63
N LEU G 229 14.39 -35.39 -29.09
CA LEU G 229 14.95 -35.67 -27.76
C LEU G 229 13.87 -35.67 -26.69
N MET G 230 12.82 -34.88 -26.88
CA MET G 230 11.70 -34.87 -25.95
C MET G 230 11.04 -36.24 -25.88
N ARG G 231 10.75 -36.83 -27.04
CA ARG G 231 10.15 -38.17 -27.09
C ARG G 231 11.11 -39.21 -26.54
N HIS G 232 12.39 -39.10 -26.86
CA HIS G 232 13.38 -40.04 -26.33
C HIS G 232 13.43 -40.01 -24.82
N LYS G 233 13.42 -38.80 -24.23
CA LYS G 233 13.43 -38.69 -22.78
C LYS G 233 12.13 -39.20 -22.16
N PHE G 234 10.99 -38.95 -22.81
CA PHE G 234 9.74 -39.56 -22.38
C PHE G 234 9.89 -41.09 -22.30
N ASP G 235 10.42 -41.68 -23.36
CA ASP G 235 10.58 -43.14 -23.40
C ASP G 235 11.56 -43.61 -22.32
N GLU G 236 12.66 -42.89 -22.12
CA GLU G 236 13.64 -43.28 -21.11
C GLU G 236 13.01 -43.29 -19.72
N ILE G 237 12.26 -42.24 -19.38
CA ILE G 237 11.60 -42.20 -18.08
C ILE G 237 10.56 -43.30 -17.97
N GLY G 238 9.85 -43.58 -19.07
CA GLY G 238 8.85 -44.64 -19.03
C GLY G 238 9.43 -46.01 -18.75
N MET G 239 10.52 -46.36 -19.45
CA MET G 239 11.15 -47.65 -19.17
C MET G 239 11.87 -47.65 -17.82
N HIS G 240 12.30 -46.49 -17.33
CA HIS G 240 12.81 -46.43 -15.96
C HIS G 240 11.73 -46.79 -14.96
N MET G 241 10.52 -46.24 -15.15
CA MET G 241 9.40 -46.64 -14.30
C MET G 241 9.11 -48.12 -14.43
N GLU G 242 9.11 -48.64 -15.66
CA GLU G 242 8.81 -50.04 -15.85
C GLU G 242 9.83 -50.94 -15.17
N GLU G 243 11.12 -50.54 -15.22
CA GLU G 243 12.17 -51.32 -14.59
C GLU G 243 12.08 -51.27 -13.07
N LYS G 244 11.90 -50.07 -12.51
CA LYS G 244 11.88 -49.95 -11.05
C LYS G 244 10.60 -50.52 -10.46
N MET G 245 9.49 -50.46 -11.18
CA MET G 245 8.22 -50.95 -10.65
C MET G 245 8.16 -52.47 -10.65
N GLY G 246 8.84 -53.11 -11.59
CA GLY G 246 8.70 -54.54 -11.79
C GLY G 246 7.51 -54.94 -12.64
N LYS G 247 6.86 -53.98 -13.29
CA LYS G 247 5.70 -54.26 -14.13
C LYS G 247 5.70 -53.31 -15.31
N LYS G 248 4.94 -53.67 -16.34
CA LYS G 248 4.82 -52.87 -17.55
C LYS G 248 3.47 -52.16 -17.58
N PHE G 249 3.48 -50.91 -18.03
CA PHE G 249 2.24 -50.15 -18.17
C PHE G 249 1.36 -50.78 -19.25
N PHE G 250 0.10 -50.99 -18.92
CA PHE G 250 -0.91 -51.40 -19.91
C PHE G 250 -1.43 -50.13 -20.56
N CYS G 251 -0.84 -49.77 -21.70
CA CYS G 251 -1.12 -48.49 -22.35
C CYS G 251 -2.33 -48.65 -23.26
N CYS G 252 -3.52 -48.45 -22.70
CA CYS G 252 -4.75 -48.47 -23.48
C CYS G 252 -4.91 -47.09 -24.10
N ASP G 253 -4.49 -46.95 -25.35
CA ASP G 253 -4.48 -45.67 -26.04
C ASP G 253 -5.40 -45.72 -27.25
N ALA G 254 -6.06 -44.60 -27.51
CA ALA G 254 -6.91 -44.45 -28.68
C ALA G 254 -6.44 -43.26 -29.49
N VAL G 255 -6.25 -43.47 -30.80
CA VAL G 255 -5.97 -42.36 -31.70
C VAL G 255 -7.23 -41.53 -31.85
N LEU G 256 -7.09 -40.20 -31.72
CA LEU G 256 -8.23 -39.31 -31.75
C LEU G 256 -8.14 -38.37 -32.93
N ASP G 257 -9.29 -38.09 -33.55
CA ASP G 257 -9.37 -37.14 -34.64
C ASP G 257 -9.45 -35.72 -34.06
N THR G 258 -9.77 -34.74 -34.92
CA THR G 258 -9.89 -33.37 -34.44
C THR G 258 -11.12 -33.15 -33.58
N LYS G 259 -12.13 -34.03 -33.69
CA LYS G 259 -13.35 -33.92 -32.91
C LYS G 259 -13.37 -34.86 -31.71
N SER G 260 -12.19 -35.28 -31.25
CA SER G 260 -12.04 -36.12 -30.06
C SER G 260 -12.74 -37.46 -30.19
N ARG G 261 -12.86 -37.99 -31.41
CA ARG G 261 -13.50 -39.27 -31.66
C ARG G 261 -12.43 -40.33 -31.95
N GLN G 262 -12.66 -41.53 -31.45
CA GLN G 262 -11.67 -42.60 -31.60
C GLN G 262 -11.66 -43.13 -33.03
N ILE G 263 -10.46 -43.27 -33.58
CA ILE G 263 -10.25 -43.89 -34.88
C ILE G 263 -9.79 -45.34 -34.73
N GLU G 264 -8.85 -45.58 -33.81
CA GLU G 264 -8.45 -46.91 -33.42
C GLU G 264 -8.01 -46.88 -31.96
N ILE G 265 -8.09 -48.03 -31.30
CA ILE G 265 -7.70 -48.16 -29.90
C ILE G 265 -6.52 -49.11 -29.83
N ASN G 266 -5.48 -48.71 -29.10
CA ASN G 266 -4.26 -49.48 -28.94
C ASN G 266 -4.06 -49.80 -27.47
N SER G 267 -3.82 -51.07 -27.16
CA SER G 267 -3.58 -51.51 -25.79
C SER G 267 -2.34 -52.37 -25.74
N GLY G 268 -1.69 -52.39 -24.56
CA GLY G 268 -0.50 -53.17 -24.35
C GLY G 268 0.66 -52.31 -23.87
N ALA G 269 1.87 -52.75 -24.19
CA ALA G 269 3.07 -52.01 -23.80
C ALA G 269 3.09 -50.66 -24.49
N ALA G 270 3.64 -49.66 -23.79
CA ALA G 270 3.67 -48.30 -24.32
C ALA G 270 4.46 -48.23 -25.62
N ASP G 271 5.61 -48.93 -25.69
CA ASP G 271 6.42 -48.89 -26.90
C ASP G 271 5.68 -49.51 -28.08
N GLU G 272 5.10 -50.70 -27.89
CA GLU G 272 4.39 -51.35 -28.97
C GLU G 272 3.15 -50.58 -29.38
N VAL G 273 2.43 -50.01 -28.40
CA VAL G 273 1.28 -49.17 -28.71
C VAL G 273 1.70 -47.97 -29.54
N GLN G 274 2.81 -47.34 -29.17
CA GLN G 274 3.32 -46.20 -29.94
C GLN G 274 3.67 -46.63 -31.36
N LYS G 275 4.37 -47.76 -31.51
CA LYS G 275 4.77 -48.21 -32.83
C LYS G 275 3.57 -48.49 -33.71
N LYS G 276 2.54 -49.13 -33.16
CA LYS G 276 1.38 -49.49 -33.97
C LYS G 276 0.49 -48.29 -34.27
N ALA G 277 0.37 -47.35 -33.34
CA ALA G 277 -0.52 -46.20 -33.52
C ALA G 277 0.17 -45.01 -34.19
N TRP G 278 1.49 -45.06 -34.40
CA TRP G 278 2.18 -43.92 -34.98
C TRP G 278 1.74 -43.66 -36.41
N LYS G 279 1.44 -44.71 -37.17
CA LYS G 279 1.00 -44.52 -38.55
C LYS G 279 -0.28 -43.70 -38.63
N LEU G 280 -1.30 -44.09 -37.86
CA LEU G 280 -2.55 -43.35 -37.89
C LEU G 280 -2.43 -42.00 -37.19
N GLY G 281 -1.54 -41.90 -36.18
CA GLY G 281 -1.28 -40.60 -35.59
C GLY G 281 -0.69 -39.62 -36.56
N ASN G 282 0.21 -40.09 -37.43
CA ASN G 282 0.77 -39.24 -38.47
C ASN G 282 -0.25 -38.96 -39.56
N ALA G 283 -1.12 -39.92 -39.87
CA ALA G 283 -2.19 -39.69 -40.84
C ALA G 283 -3.15 -38.62 -40.36
N ARG G 284 -3.43 -38.58 -39.05
CA ARG G 284 -4.35 -37.58 -38.52
C ARG G 284 -3.67 -36.23 -38.29
N THR G 285 -2.48 -36.23 -37.69
CA THR G 285 -1.82 -35.01 -37.26
C THR G 285 -0.95 -34.40 -38.36
N TYR G 286 0.02 -35.16 -38.87
CA TYR G 286 0.95 -34.64 -39.87
C TYR G 286 0.23 -34.61 -41.21
N VAL G 287 -0.43 -33.50 -41.48
CA VAL G 287 -1.28 -33.33 -42.65
C VAL G 287 -0.47 -32.66 -43.75
N PRO G 288 -0.27 -33.31 -44.90
CA PRO G 288 0.41 -32.64 -46.02
C PRO G 288 -0.55 -31.77 -46.83
N PHE G 289 -0.78 -30.54 -46.36
CA PHE G 289 -1.82 -29.67 -46.92
C PHE G 289 -1.27 -28.54 -47.80
N ALA G 290 -0.16 -27.92 -47.41
CA ALA G 290 0.28 -26.69 -48.06
C ALA G 290 0.93 -27.01 -49.40
N GLU G 291 0.48 -26.30 -50.44
CA GLU G 291 1.15 -26.35 -51.74
C GLU G 291 2.28 -25.34 -51.86
N LYS G 292 2.40 -24.42 -50.92
CA LYS G 292 3.44 -23.39 -50.95
C LYS G 292 3.72 -22.93 -49.53
N LYS G 293 4.88 -22.32 -49.36
CA LYS G 293 5.24 -21.75 -48.07
C LYS G 293 4.37 -20.55 -47.75
N TYR G 294 3.95 -20.44 -46.50
CA TYR G 294 3.07 -19.36 -46.06
C TYR G 294 3.87 -18.30 -45.31
N ASP G 295 3.74 -17.06 -45.76
CA ASP G 295 4.46 -15.94 -45.16
C ASP G 295 3.71 -15.36 -43.95
N ILE G 296 2.38 -15.36 -44.01
CA ILE G 296 1.54 -14.90 -42.89
C ILE G 296 0.64 -16.04 -42.49
N ILE G 297 0.61 -16.34 -41.19
CA ILE G 297 -0.33 -17.29 -40.61
C ILE G 297 -1.27 -16.52 -39.70
N VAL G 298 -2.56 -16.54 -40.04
CA VAL G 298 -3.57 -15.79 -39.30
C VAL G 298 -4.46 -16.79 -38.56
N PHE G 299 -4.59 -16.60 -37.25
CA PHE G 299 -5.48 -17.41 -36.44
C PHE G 299 -6.01 -16.55 -35.31
N GLY G 300 -6.91 -17.12 -34.52
CA GLY G 300 -7.50 -16.43 -33.41
C GLY G 300 -7.34 -17.22 -32.12
N MET G 301 -7.30 -16.49 -31.01
CA MET G 301 -7.15 -17.09 -29.70
C MET G 301 -8.37 -16.81 -28.85
N PRO G 302 -9.13 -17.84 -28.43
CA PRO G 302 -10.18 -17.62 -27.45
C PRO G 302 -9.56 -17.51 -26.05
N GLN G 303 -10.35 -16.95 -25.13
CA GLN G 303 -9.90 -16.89 -23.74
C GLN G 303 -9.74 -18.30 -23.16
N PHE G 304 -10.67 -19.18 -23.47
CA PHE G 304 -10.67 -20.55 -22.97
C PHE G 304 -10.27 -21.50 -24.09
N PHE G 305 -9.16 -22.21 -23.90
CA PHE G 305 -8.76 -23.32 -24.74
C PHE G 305 -7.55 -23.99 -24.10
N HIS G 306 -7.26 -25.20 -24.55
CA HIS G 306 -6.12 -25.98 -24.06
C HIS G 306 -6.16 -26.15 -22.55
N TYR G 307 -5.35 -25.37 -21.83
CA TYR G 307 -5.17 -25.57 -20.40
C TYR G 307 -6.29 -24.98 -19.56
N GLY G 308 -7.12 -24.11 -20.11
CA GLY G 308 -8.26 -23.61 -19.39
C GLY G 308 -8.49 -22.14 -19.63
N ASP G 309 -9.21 -21.52 -18.70
CA ASP G 309 -9.59 -20.12 -18.84
C ASP G 309 -8.36 -19.21 -18.76
N GLY G 310 -8.39 -18.15 -19.55
CA GLY G 310 -7.29 -17.21 -19.59
C GLY G 310 -6.11 -17.65 -20.41
N MET G 311 -6.19 -18.82 -21.07
CA MET G 311 -5.07 -19.30 -21.86
C MET G 311 -4.77 -18.36 -23.03
N GLY G 312 -5.80 -17.81 -23.66
CA GLY G 312 -5.64 -16.82 -24.69
C GLY G 312 -5.55 -15.39 -24.22
N THR G 313 -5.58 -15.17 -22.91
CA THR G 313 -5.43 -13.83 -22.34
C THR G 313 -4.20 -13.70 -21.46
N ASN G 314 -3.84 -14.74 -20.72
CA ASN G 314 -2.61 -14.73 -19.95
C ASN G 314 -1.43 -14.62 -20.91
N PRO G 315 -0.54 -13.64 -20.73
CA PRO G 315 0.53 -13.44 -21.72
C PRO G 315 1.41 -14.66 -21.94
N ILE G 316 1.69 -15.42 -20.89
CA ILE G 316 2.61 -16.55 -21.00
C ILE G 316 1.93 -17.74 -21.66
N MET G 317 0.70 -18.07 -21.24
CA MET G 317 -0.06 -19.09 -21.96
C MET G 317 -0.34 -18.68 -23.40
N LEU G 318 -0.58 -17.38 -23.63
CA LEU G 318 -0.81 -16.90 -24.99
C LEU G 318 0.43 -17.11 -25.86
N MET G 319 1.61 -16.77 -25.32
CA MET G 319 2.85 -17.01 -26.06
C MET G 319 3.12 -18.50 -26.24
N GLN G 320 2.75 -19.31 -25.25
CA GLN G 320 2.91 -20.75 -25.41
C GLN G 320 2.01 -21.29 -26.51
N ALA G 321 0.79 -20.78 -26.62
CA ALA G 321 -0.09 -21.18 -27.71
C ALA G 321 0.48 -20.74 -29.06
N LEU G 322 1.04 -19.53 -29.12
CA LEU G 322 1.68 -19.08 -30.35
C LEU G 322 2.84 -19.99 -30.73
N SER G 323 3.64 -20.39 -29.74
CA SER G 323 4.77 -21.26 -29.99
C SER G 323 4.32 -22.68 -30.37
N ALA G 324 3.20 -23.14 -29.81
CA ALA G 324 2.64 -24.42 -30.23
C ALA G 324 2.21 -24.35 -31.70
N GLN G 325 1.62 -23.23 -32.10
CA GLN G 325 1.31 -23.04 -33.51
C GLN G 325 2.58 -23.05 -34.36
N VAL G 326 3.63 -22.40 -33.86
CA VAL G 326 4.92 -22.41 -34.56
C VAL G 326 5.41 -23.84 -34.75
N ILE G 327 5.37 -24.62 -33.67
CA ILE G 327 5.85 -26.00 -33.72
C ILE G 327 5.03 -26.81 -34.71
N ARG G 328 3.71 -26.62 -34.71
CA ARG G 328 2.84 -27.43 -35.56
C ARG G 328 2.99 -27.06 -37.02
N HIS G 329 3.12 -25.78 -37.35
CA HIS G 329 3.07 -25.33 -38.73
C HIS G 329 4.42 -24.86 -39.27
N LYS G 330 5.52 -25.15 -38.58
CA LYS G 330 6.83 -24.71 -39.05
C LYS G 330 7.16 -25.22 -40.45
N ARG G 331 6.63 -26.40 -40.82
CA ARG G 331 6.96 -26.97 -42.12
C ARG G 331 6.43 -26.10 -43.26
N ILE G 332 5.24 -25.52 -43.10
CA ILE G 332 4.60 -24.76 -44.17
C ILE G 332 4.97 -23.29 -44.06
N MET G 333 5.88 -22.97 -43.16
CA MET G 333 6.22 -21.58 -42.85
C MET G 333 7.47 -21.16 -43.62
N SER G 334 7.41 -19.96 -44.18
CA SER G 334 8.62 -19.33 -44.70
C SER G 334 9.50 -18.90 -43.54
N ASP G 335 10.76 -18.59 -43.86
CA ASP G 335 11.71 -18.20 -42.82
C ASP G 335 11.26 -16.94 -42.10
N ASN G 336 10.80 -15.94 -42.85
CA ASN G 336 10.30 -14.69 -42.29
C ASN G 336 8.78 -14.73 -42.06
N CYS G 337 8.32 -15.80 -41.43
CA CYS G 337 6.89 -15.97 -41.19
CA CYS G 337 6.90 -15.98 -41.18
C CYS G 337 6.39 -14.96 -40.16
N VAL G 338 5.16 -14.53 -40.35
CA VAL G 338 4.51 -13.55 -39.47
C VAL G 338 3.24 -14.18 -38.91
N PHE G 339 3.08 -14.11 -37.60
CA PHE G 339 1.85 -14.53 -36.94
C PHE G 339 0.97 -13.32 -36.68
N ILE G 340 -0.30 -13.41 -37.06
CA ILE G 340 -1.30 -12.41 -36.73
C ILE G 340 -2.41 -13.13 -35.97
N CYS G 341 -2.44 -12.95 -34.66
CA CYS G 341 -3.35 -13.67 -33.79
C CYS G 341 -4.32 -12.69 -33.12
N ALA G 342 -5.60 -13.04 -33.12
CA ALA G 342 -6.59 -12.28 -32.38
C ALA G 342 -6.66 -12.83 -30.95
N SER G 343 -6.52 -11.94 -29.97
CA SER G 343 -6.60 -12.34 -28.59
C SER G 343 -7.07 -11.15 -27.75
N THR G 344 -7.92 -11.43 -26.77
CA THR G 344 -8.33 -10.43 -25.78
C THR G 344 -7.29 -10.40 -24.66
N CYS G 345 -6.10 -9.90 -25.01
CA CYS G 345 -5.01 -9.81 -24.06
C CYS G 345 -5.33 -8.69 -23.08
N ASN G 346 -6.26 -8.98 -22.18
CA ASN G 346 -6.81 -8.01 -21.25
C ASN G 346 -6.16 -8.07 -19.88
N GLY G 347 -5.01 -8.73 -19.77
CA GLY G 347 -4.36 -8.86 -18.49
C GLY G 347 -4.96 -9.86 -17.55
N TYR G 348 -5.92 -10.66 -18.02
CA TYR G 348 -6.50 -11.72 -17.20
C TYR G 348 -5.49 -12.84 -17.09
N PHE G 349 -4.67 -12.81 -16.04
CA PHE G 349 -3.65 -13.83 -15.85
C PHE G 349 -4.24 -15.15 -15.38
N ASN G 350 -5.48 -15.14 -14.86
CA ASN G 350 -6.10 -16.31 -14.24
C ASN G 350 -5.22 -16.84 -13.11
N GLU G 351 -5.09 -16.01 -12.08
CA GLU G 351 -4.30 -16.37 -10.91
C GLU G 351 -4.77 -17.67 -10.28
N SER G 352 -6.06 -17.97 -10.36
CA SER G 352 -6.56 -19.24 -9.83
C SER G 352 -5.94 -20.41 -10.57
N LEU G 353 -5.83 -20.31 -11.89
CA LEU G 353 -5.22 -21.37 -12.69
C LEU G 353 -3.71 -21.32 -12.61
N TRP G 354 -3.14 -20.12 -12.79
CA TRP G 354 -1.69 -19.92 -12.83
C TRP G 354 -1.32 -18.78 -11.89
N PRO G 355 -1.21 -19.06 -10.58
CA PRO G 355 -0.84 -17.99 -9.65
C PRO G 355 0.61 -17.56 -9.78
N TYR G 356 1.47 -18.46 -10.22
CA TYR G 356 2.89 -18.17 -10.40
C TYR G 356 3.16 -17.32 -11.63
N LEU G 357 2.21 -17.24 -12.55
CA LEU G 357 2.44 -16.63 -13.85
C LEU G 357 2.54 -15.10 -13.80
N PRO G 358 1.77 -14.40 -12.96
CA PRO G 358 2.05 -12.96 -12.82
C PRO G 358 3.47 -12.67 -12.38
N GLU G 359 3.99 -13.44 -11.42
CA GLU G 359 5.37 -13.23 -10.97
C GLU G 359 6.37 -13.66 -12.04
N LEU G 360 6.06 -14.72 -12.79
CA LEU G 360 6.92 -15.13 -13.88
C LEU G 360 6.99 -14.07 -14.98
N TYR G 361 5.84 -13.49 -15.32
CA TYR G 361 5.80 -12.41 -16.30
C TYR G 361 6.57 -11.20 -15.80
N ASP G 362 6.40 -10.85 -14.52
CA ASP G 362 7.14 -9.72 -13.96
C ASP G 362 8.65 -9.99 -14.00
N LEU G 363 9.05 -11.22 -13.68
CA LEU G 363 10.46 -11.59 -13.74
C LEU G 363 10.99 -11.49 -15.16
N PHE G 364 10.18 -11.90 -16.14
CA PHE G 364 10.55 -11.74 -17.53
C PHE G 364 10.76 -10.27 -17.88
N GLN G 365 9.88 -9.40 -17.38
CA GLN G 365 10.00 -7.98 -17.69
C GLN G 365 11.24 -7.36 -17.07
N LYS G 366 11.52 -7.67 -15.80
CA LYS G 366 12.70 -7.06 -15.17
C LYS G 366 14.01 -7.67 -15.64
N GLU G 367 14.05 -8.96 -15.98
CA GLU G 367 15.31 -9.62 -16.26
C GLU G 367 15.40 -10.22 -17.66
N GLY G 368 14.31 -10.76 -18.20
CA GLY G 368 14.40 -11.54 -19.41
C GLY G 368 14.38 -10.77 -20.71
N ASN G 369 15.49 -10.80 -21.45
CA ASN G 369 15.46 -10.36 -22.84
C ASN G 369 14.64 -11.33 -23.68
N THR G 370 14.88 -12.63 -23.49
CA THR G 370 14.07 -13.69 -24.06
C THR G 370 13.59 -14.58 -22.93
N LEU G 371 12.64 -15.46 -23.24
CA LEU G 371 12.05 -16.31 -22.20
C LEU G 371 13.04 -17.35 -21.67
N VAL G 372 14.06 -17.71 -22.45
CA VAL G 372 15.06 -18.65 -21.97
C VAL G 372 15.79 -18.09 -20.76
N ASP G 373 15.93 -16.77 -20.67
CA ASP G 373 16.55 -16.16 -19.50
C ASP G 373 15.80 -16.50 -18.22
N LEU G 374 14.53 -16.87 -18.33
CA LEU G 374 13.75 -17.24 -17.16
C LEU G 374 14.04 -18.65 -16.69
N ASN G 375 14.57 -19.52 -17.55
CA ASN G 375 14.66 -20.95 -17.22
C ASN G 375 15.43 -21.21 -15.93
N GLN G 376 16.45 -20.38 -15.64
CA GLN G 376 17.26 -20.57 -14.45
C GLN G 376 16.45 -20.46 -13.17
N TYR G 377 15.27 -19.85 -13.22
CA TYR G 377 14.40 -19.69 -12.06
C TYR G 377 13.37 -20.79 -11.93
N GLY G 378 13.42 -21.81 -12.80
CA GLY G 378 12.40 -22.85 -12.78
C GLY G 378 12.22 -23.47 -11.41
N GLU G 379 13.29 -24.07 -10.87
CA GLU G 379 13.23 -24.63 -9.53
C GLU G 379 12.73 -23.62 -8.51
N TYR G 380 13.12 -22.35 -8.67
CA TYR G 380 12.69 -21.32 -7.72
C TYR G 380 11.18 -21.23 -7.67
N PHE G 381 10.52 -21.30 -8.82
CA PHE G 381 9.06 -21.37 -8.81
C PHE G 381 8.60 -22.76 -8.42
N ALA G 382 9.29 -23.80 -8.88
CA ALA G 382 8.85 -25.15 -8.66
C ALA G 382 8.91 -25.56 -7.20
N THR G 383 9.75 -24.90 -6.41
CA THR G 383 9.83 -25.13 -4.98
C THR G 383 9.13 -24.07 -4.17
N ASN G 384 8.43 -23.13 -4.81
CA ASN G 384 7.73 -22.07 -4.10
C ASN G 384 6.59 -22.67 -3.29
N GLU G 385 6.58 -22.38 -1.99
CA GLU G 385 5.66 -23.05 -1.08
C GLU G 385 4.21 -22.69 -1.39
N GLU G 386 3.93 -21.40 -1.62
CA GLU G 386 2.54 -20.98 -1.84
C GLU G 386 2.02 -21.50 -3.17
N TYR G 387 2.84 -21.44 -4.22
CA TYR G 387 2.40 -21.97 -5.52
C TYR G 387 2.21 -23.48 -5.46
N ILE G 388 3.08 -24.18 -4.74
CA ILE G 388 2.90 -25.61 -4.53
C ILE G 388 1.59 -25.90 -3.81
N ARG G 389 1.29 -25.09 -2.78
CA ARG G 389 0.05 -25.27 -2.04
C ARG G 389 -1.15 -25.03 -2.94
N LYS G 390 -1.10 -24.00 -3.79
CA LYS G 390 -2.20 -23.74 -4.70
C LYS G 390 -2.37 -24.85 -5.72
N TYR G 391 -1.26 -25.43 -6.19
CA TYR G 391 -1.35 -26.58 -7.08
C TYR G 391 -1.97 -27.78 -6.37
N ARG G 392 -1.58 -28.00 -5.12
CA ARG G 392 -2.01 -29.19 -4.38
C ARG G 392 -3.47 -29.10 -3.94
N TYR G 393 -3.94 -27.91 -3.58
CA TYR G 393 -5.25 -27.80 -2.93
C TYR G 393 -6.18 -26.84 -3.65
N ALA G 394 -5.63 -25.75 -4.20
CA ALA G 394 -6.43 -24.74 -4.87
C ALA G 394 -6.65 -25.04 -6.35
N HIS G 395 -6.30 -26.25 -6.80
CA HIS G 395 -6.52 -26.69 -8.17
C HIS G 395 -5.85 -25.76 -9.18
N ALA G 396 -4.66 -25.27 -8.82
CA ALA G 396 -3.85 -24.48 -9.73
C ALA G 396 -2.85 -25.36 -10.45
N PHE G 397 -2.32 -24.84 -11.56
CA PHE G 397 -1.24 -25.53 -12.23
C PHE G 397 0.01 -25.53 -11.36
N HIS G 398 0.82 -26.57 -11.51
CA HIS G 398 2.10 -26.59 -10.82
C HIS G 398 2.97 -25.45 -11.34
N PRO G 399 3.74 -24.80 -10.47
CA PRO G 399 4.54 -23.64 -10.93
C PRO G 399 5.46 -23.96 -12.08
N PHE G 400 6.20 -25.07 -12.02
CA PHE G 400 7.16 -25.38 -13.05
C PHE G 400 6.51 -25.58 -14.41
N HIS G 401 5.23 -25.97 -14.44
CA HIS G 401 4.53 -26.06 -15.72
C HIS G 401 4.62 -24.75 -16.50
N GLY G 402 4.48 -23.62 -15.82
CA GLY G 402 4.62 -22.35 -16.50
C GLY G 402 5.97 -22.20 -17.19
N PHE G 403 7.02 -22.67 -16.53
CA PHE G 403 8.33 -22.67 -17.18
C PHE G 403 8.34 -23.53 -18.42
N SER G 404 7.73 -24.72 -18.36
CA SER G 404 7.52 -25.49 -19.58
C SER G 404 6.90 -24.61 -20.65
N MET G 405 5.86 -23.86 -20.29
CA MET G 405 5.24 -22.94 -21.23
C MET G 405 6.26 -21.97 -21.80
N ILE G 406 7.02 -21.29 -20.95
CA ILE G 406 7.98 -20.34 -21.51
C ILE G 406 9.05 -21.09 -22.27
N SER G 407 9.39 -22.30 -21.83
CA SER G 407 10.31 -23.13 -22.59
C SER G 407 9.77 -23.39 -23.99
N CYS G 408 8.46 -23.63 -24.09
CA CYS G 408 7.82 -23.64 -25.41
C CYS G 408 7.75 -22.23 -25.98
N ALA G 409 7.32 -21.26 -25.15
CA ALA G 409 6.87 -19.98 -25.66
C ALA G 409 7.98 -19.21 -26.36
N HIS G 410 9.23 -19.34 -25.92
CA HIS G 410 10.32 -18.64 -26.57
C HIS G 410 10.40 -18.97 -28.05
N LEU G 411 10.02 -20.20 -28.44
CA LEU G 411 10.04 -20.57 -29.84
C LEU G 411 9.19 -19.63 -30.69
N ALA G 412 8.04 -19.18 -30.16
CA ALA G 412 7.22 -18.22 -30.88
C ALA G 412 8.02 -16.96 -31.20
N GLU G 413 8.79 -16.49 -30.23
CA GLU G 413 9.66 -15.35 -30.49
C GLU G 413 10.82 -15.74 -31.40
N LYS G 414 11.33 -16.98 -31.27
CA LYS G 414 12.57 -17.33 -31.93
C LYS G 414 12.37 -17.58 -33.42
N HIS G 415 11.25 -18.19 -33.81
CA HIS G 415 11.10 -18.71 -35.16
C HIS G 415 10.25 -17.82 -36.07
N THR G 416 9.39 -16.99 -35.52
CA THR G 416 8.61 -16.06 -36.32
C THR G 416 9.35 -14.73 -36.45
N ALA G 417 9.28 -14.14 -37.64
CA ALA G 417 9.83 -12.80 -37.81
C ALA G 417 9.13 -11.80 -36.90
N ALA G 418 7.81 -11.89 -36.82
CA ALA G 418 7.03 -11.06 -35.91
C ALA G 418 5.69 -11.72 -35.67
N ILE G 419 5.17 -11.51 -34.47
CA ILE G 419 3.84 -11.99 -34.09
C ILE G 419 2.98 -10.77 -33.80
N TYR G 420 1.87 -10.62 -34.53
CA TYR G 420 0.95 -9.52 -34.34
C TYR G 420 -0.23 -10.00 -33.50
N LEU G 421 -0.49 -9.30 -32.41
CA LEU G 421 -1.66 -9.55 -31.59
C LEU G 421 -2.66 -8.43 -31.83
N VAL G 422 -3.87 -8.80 -32.25
CA VAL G 422 -4.91 -7.83 -32.58
C VAL G 422 -6.04 -7.97 -31.58
N GLY G 423 -6.67 -6.85 -31.25
CA GLY G 423 -7.77 -6.83 -30.31
C GLY G 423 -7.37 -6.92 -28.85
N ALA G 424 -6.10 -6.74 -28.52
CA ALA G 424 -5.67 -6.77 -27.14
C ALA G 424 -6.29 -5.61 -26.37
N GLU G 425 -7.05 -5.94 -25.31
CA GLU G 425 -7.58 -4.90 -24.44
C GLU G 425 -6.46 -4.20 -23.69
N LYS G 426 -5.45 -4.95 -23.24
CA LYS G 426 -4.25 -4.41 -22.64
C LYS G 426 -3.07 -4.84 -23.48
N PRO G 427 -2.72 -4.07 -24.53
CA PRO G 427 -1.61 -4.47 -25.41
C PRO G 427 -0.26 -4.48 -24.73
N GLY G 428 -0.15 -3.89 -23.54
CA GLY G 428 1.13 -3.88 -22.85
C GLY G 428 1.65 -5.25 -22.50
N TYR G 429 0.76 -6.16 -22.09
CA TYR G 429 1.19 -7.52 -21.78
C TYR G 429 1.69 -8.25 -23.02
N ALA G 430 0.97 -8.09 -24.14
CA ALA G 430 1.41 -8.71 -25.38
C ALA G 430 2.75 -8.14 -25.83
N ARG G 431 2.94 -6.83 -25.70
CA ARG G 431 4.22 -6.23 -26.06
C ARG G 431 5.33 -6.70 -25.13
N GLY G 432 5.03 -6.84 -23.83
CA GLY G 432 5.99 -7.37 -22.90
C GLY G 432 6.32 -8.83 -23.12
N MET G 433 5.46 -9.54 -23.86
CA MET G 433 5.83 -10.86 -24.35
C MET G 433 6.64 -10.80 -25.64
N GLY G 434 6.91 -9.60 -26.15
CA GLY G 434 7.64 -9.46 -27.40
C GLY G 434 6.80 -9.44 -28.64
N LEU G 435 5.50 -9.19 -28.52
CA LEU G 435 4.59 -9.21 -29.65
C LEU G 435 4.25 -7.80 -30.11
N LYS G 436 4.04 -7.67 -31.41
CA LYS G 436 3.54 -6.42 -31.97
C LYS G 436 2.03 -6.37 -31.80
N THR G 437 1.52 -5.20 -31.41
CA THR G 437 0.12 -5.03 -31.07
C THR G 437 -0.54 -4.05 -32.05
N ARG G 438 -1.66 -4.47 -32.61
CA ARG G 438 -2.49 -3.61 -33.45
C ARG G 438 -3.95 -3.76 -33.02
N ALA G 439 -4.74 -2.71 -33.27
CA ALA G 439 -6.12 -2.74 -32.83
C ALA G 439 -6.93 -3.79 -33.57
N THR G 440 -6.75 -3.90 -34.88
CA THR G 440 -7.56 -4.77 -35.71
C THR G 440 -6.67 -5.66 -36.57
N PHE G 441 -7.31 -6.64 -37.22
CA PHE G 441 -6.60 -7.54 -38.12
C PHE G 441 -6.02 -6.79 -39.32
N GLU G 442 -6.75 -5.81 -39.85
CA GLU G 442 -6.32 -5.13 -41.06
C GLU G 442 -5.03 -4.34 -40.83
N GLU G 443 -4.93 -3.64 -39.70
CA GLU G 443 -3.71 -2.89 -39.42
C GLU G 443 -2.51 -3.81 -39.28
N ALA G 444 -2.68 -4.94 -38.58
CA ALA G 444 -1.58 -5.89 -38.43
C ALA G 444 -1.19 -6.49 -39.78
N LEU G 445 -2.17 -6.80 -40.63
CA LEU G 445 -1.87 -7.34 -41.95
C LEU G 445 -1.10 -6.32 -42.79
N GLU G 446 -1.53 -5.07 -42.77
CA GLU G 446 -0.82 -4.03 -43.52
C GLU G 446 0.59 -3.84 -42.98
N ASP G 447 0.76 -3.85 -41.66
CA ASP G 447 2.08 -3.70 -41.06
C ASP G 447 2.99 -4.85 -41.44
N ALA G 448 2.48 -6.08 -41.40
CA ALA G 448 3.27 -7.24 -41.76
C ALA G 448 3.65 -7.21 -43.23
N LYS G 449 2.71 -6.81 -44.10
CA LYS G 449 3.01 -6.71 -45.52
C LYS G 449 4.07 -5.65 -45.79
N LYS G 450 3.98 -4.52 -45.10
CA LYS G 450 4.95 -3.45 -45.33
C LYS G 450 6.33 -3.83 -44.81
N LYS G 451 6.39 -4.54 -43.68
CA LYS G 451 7.65 -4.74 -42.97
C LYS G 451 8.35 -6.05 -43.32
N PHE G 452 7.63 -7.17 -43.37
CA PHE G 452 8.28 -8.47 -43.42
C PHE G 452 7.98 -9.25 -44.69
N VAL G 453 6.72 -9.39 -45.06
CA VAL G 453 6.31 -10.40 -46.03
C VAL G 453 6.05 -9.85 -47.42
N GLY G 454 6.02 -8.53 -47.59
CA GLY G 454 5.73 -7.94 -48.88
C GLY G 454 4.25 -7.77 -49.12
N GLN G 455 3.92 -7.11 -50.24
CA GLN G 455 2.54 -6.75 -50.54
C GLN G 455 1.74 -7.90 -51.14
N GLU G 456 2.38 -9.03 -51.46
CA GLU G 456 1.68 -10.20 -51.99
C GLU G 456 2.12 -11.43 -51.19
N PRO G 457 1.70 -11.54 -49.94
CA PRO G 457 2.13 -12.67 -49.12
C PRO G 457 1.19 -13.86 -49.26
N ASN G 458 1.74 -15.04 -48.95
CA ASN G 458 0.93 -16.26 -48.87
C ASN G 458 0.35 -16.34 -47.46
N ILE G 459 -0.93 -16.05 -47.33
CA ILE G 459 -1.59 -15.95 -46.03
C ILE G 459 -2.40 -17.21 -45.78
N LEU G 460 -2.16 -17.84 -44.63
CA LEU G 460 -2.92 -19.00 -44.19
C LEU G 460 -3.84 -18.60 -43.05
N ALA G 461 -5.11 -18.95 -43.18
CA ALA G 461 -6.11 -18.67 -42.15
C ALA G 461 -6.40 -19.94 -41.36
N LEU G 462 -6.42 -19.80 -40.03
CA LEU G 462 -6.72 -20.91 -39.12
C LEU G 462 -7.86 -20.43 -38.21
N PRO G 463 -9.10 -20.47 -38.69
CA PRO G 463 -10.22 -19.94 -37.90
C PRO G 463 -10.57 -20.78 -36.69
N LYS G 464 -10.01 -21.98 -36.55
CA LYS G 464 -10.25 -22.83 -35.39
C LYS G 464 -8.95 -23.47 -34.93
N ALA G 465 -7.88 -22.66 -34.88
CA ALA G 465 -6.56 -23.18 -34.52
C ALA G 465 -6.50 -23.71 -33.10
N PHE G 466 -7.40 -23.28 -32.23
CA PHE G 466 -7.40 -23.71 -30.84
C PHE G 466 -8.73 -24.30 -30.38
N LYS G 467 -9.84 -24.06 -31.08
CA LYS G 467 -11.11 -24.65 -30.69
C LYS G 467 -11.20 -26.13 -31.03
N THR G 468 -10.35 -26.62 -31.93
CA THR G 468 -10.31 -28.02 -32.31
C THR G 468 -8.92 -28.57 -32.08
N ALA G 469 -8.82 -29.89 -32.04
CA ALA G 469 -7.52 -30.55 -31.91
C ALA G 469 -6.65 -30.21 -33.11
N ALA G 470 -5.61 -29.42 -32.89
CA ALA G 470 -4.80 -28.92 -33.99
C ALA G 470 -3.97 -30.04 -34.61
N VAL G 471 -3.53 -29.80 -35.85
CA VAL G 471 -2.72 -30.75 -36.60
C VAL G 471 -1.37 -30.10 -36.89
N HIS G 472 -0.42 -30.92 -37.32
CA HIS G 472 0.90 -30.45 -37.72
C HIS G 472 0.91 -30.34 -39.24
N LEU G 473 0.71 -29.12 -39.74
CA LEU G 473 0.61 -28.90 -41.17
C LEU G 473 1.98 -29.07 -41.83
N MET G 474 2.02 -29.83 -42.91
CA MET G 474 3.21 -30.00 -43.73
C MET G 474 2.91 -29.65 -45.18
N MET G 475 3.96 -29.61 -45.99
CA MET G 475 3.80 -29.37 -47.41
C MET G 475 3.17 -30.59 -48.08
N LYS G 476 2.61 -30.36 -49.27
CA LYS G 476 1.92 -31.43 -50.00
C LYS G 476 2.85 -32.61 -50.27
N ASN G 477 4.11 -32.32 -50.63
CA ASN G 477 5.08 -33.36 -50.93
C ASN G 477 5.80 -33.89 -49.70
N ASP G 478 5.53 -33.32 -48.52
CA ASP G 478 6.17 -33.79 -47.30
C ASP G 478 5.59 -35.14 -46.88
N LEU G 479 6.45 -35.98 -46.28
CA LEU G 479 6.02 -37.27 -45.80
C LEU G 479 5.76 -37.23 -44.30
N PRO G 480 4.79 -37.99 -43.81
CA PRO G 480 4.53 -38.02 -42.36
C PRO G 480 5.66 -38.72 -41.62
N PRO G 481 6.27 -38.05 -40.64
CA PRO G 481 7.37 -38.60 -39.84
C PRO G 481 7.03 -39.95 -39.20
N LYS H 2 -30.93 -24.78 -28.39
CA LYS H 2 -29.62 -24.22 -28.72
C LYS H 2 -29.76 -22.83 -29.35
N ILE H 3 -29.73 -21.80 -28.51
CA ILE H 3 -29.81 -20.41 -28.98
C ILE H 3 -28.55 -19.69 -28.49
N ASP H 4 -27.87 -19.00 -29.41
CA ASP H 4 -26.65 -18.29 -29.08
C ASP H 4 -26.99 -16.88 -28.60
N PHE H 5 -26.48 -16.52 -27.43
CA PHE H 5 -26.68 -15.21 -26.86
C PHE H 5 -25.32 -14.54 -26.65
N GLU H 6 -25.30 -13.21 -26.71
CA GLU H 6 -24.05 -12.49 -26.60
C GLU H 6 -23.37 -12.76 -25.27
N TYR H 7 -22.05 -12.88 -25.31
CA TYR H 7 -21.25 -13.23 -24.14
C TYR H 7 -19.84 -12.69 -24.40
N GLY H 8 -19.49 -11.61 -23.71
CA GLY H 8 -18.19 -11.01 -23.91
C GLY H 8 -18.03 -10.54 -25.34
N HIS H 9 -17.06 -11.12 -26.04
CA HIS H 9 -16.78 -10.74 -27.41
C HIS H 9 -17.46 -11.65 -28.43
N GLY H 10 -18.26 -12.61 -27.99
CA GLY H 10 -18.89 -13.56 -28.91
C GLY H 10 -20.22 -14.06 -28.40
N THR H 11 -20.44 -15.37 -28.52
CA THR H 11 -21.70 -15.98 -28.15
C THR H 11 -21.49 -17.16 -27.21
N MET H 12 -22.53 -17.44 -26.43
CA MET H 12 -22.62 -18.62 -25.59
C MET H 12 -23.98 -19.26 -25.83
N THR H 13 -24.00 -20.59 -25.90
CA THR H 13 -25.21 -21.30 -26.27
C THR H 13 -26.06 -21.63 -25.04
N ALA H 14 -27.37 -21.52 -25.20
CA ALA H 14 -28.34 -21.87 -24.17
C ALA H 14 -29.23 -23.00 -24.69
N ASP H 15 -29.43 -24.02 -23.86
CA ASP H 15 -30.35 -25.10 -24.18
C ASP H 15 -31.74 -24.69 -23.70
N LEU H 16 -32.47 -23.99 -24.57
CA LEU H 16 -33.79 -23.51 -24.21
C LEU H 16 -34.87 -24.43 -24.79
N PRO H 17 -36.04 -24.50 -24.16
CA PRO H 17 -37.11 -25.35 -24.68
C PRO H 17 -37.53 -24.94 -26.08
N ASP H 18 -38.02 -25.91 -26.85
CA ASP H 18 -38.45 -25.64 -28.21
C ASP H 18 -39.62 -24.67 -28.27
N THR H 19 -40.33 -24.47 -27.16
CA THR H 19 -41.42 -23.51 -27.09
C THR H 19 -40.93 -22.09 -26.82
N THR H 20 -39.63 -21.90 -26.61
CA THR H 20 -39.09 -20.56 -26.38
C THR H 20 -39.23 -19.71 -27.64
N ASP H 21 -39.75 -18.50 -27.47
CA ASP H 21 -39.93 -17.56 -28.56
C ASP H 21 -38.67 -16.74 -28.75
N ILE H 22 -38.20 -16.65 -29.98
CA ILE H 22 -36.99 -15.90 -30.33
C ILE H 22 -37.42 -14.64 -31.06
N PHE H 23 -37.05 -13.48 -30.52
CA PHE H 23 -37.29 -12.21 -31.19
C PHE H 23 -35.95 -11.54 -31.49
N ILE H 24 -35.78 -11.13 -32.74
CA ILE H 24 -34.64 -10.34 -33.17
C ILE H 24 -35.18 -9.09 -33.85
N PRO H 25 -34.75 -7.88 -33.44
CA PRO H 25 -35.27 -6.67 -34.09
C PRO H 25 -34.98 -6.66 -35.58
N GLY H 26 -35.98 -6.26 -36.36
CA GLY H 26 -35.83 -6.20 -37.79
C GLY H 26 -36.05 -7.53 -38.49
N GLU H 27 -35.63 -8.63 -37.86
CA GLU H 27 -35.70 -9.95 -38.48
C GLU H 27 -36.98 -10.70 -38.09
N THR H 28 -37.22 -10.85 -36.78
CA THR H 28 -38.41 -11.56 -36.33
C THR H 28 -39.67 -10.83 -36.76
N VAL H 29 -39.69 -9.51 -36.59
CA VAL H 29 -40.77 -8.66 -37.07
C VAL H 29 -40.16 -7.63 -38.01
N ALA H 30 -40.72 -7.53 -39.22
CA ALA H 30 -40.14 -6.65 -40.22
C ALA H 30 -40.29 -5.19 -39.81
N ASP H 31 -39.18 -4.46 -39.84
CA ASP H 31 -39.21 -3.03 -39.60
C ASP H 31 -39.82 -2.31 -40.81
N PRO H 32 -40.24 -1.06 -40.62
CA PRO H 32 -40.66 -0.26 -41.78
C PRO H 32 -39.57 -0.23 -42.83
N GLU H 33 -39.97 -0.32 -44.10
CA GLU H 33 -39.01 -0.46 -45.19
C GLU H 33 -38.16 0.81 -45.29
N CYS H 34 -36.86 0.65 -45.08
CA CYS H 34 -35.94 1.77 -45.17
C CYS H 34 -35.81 2.24 -46.62
N LEU H 35 -35.45 3.51 -46.76
CA LEU H 35 -35.26 4.06 -48.10
C LEU H 35 -34.08 3.38 -48.78
N PRO H 36 -34.16 3.15 -50.10
CA PRO H 36 -33.02 2.59 -50.82
C PRO H 36 -31.83 3.54 -50.78
N GLU H 37 -30.63 2.97 -50.94
CA GLU H 37 -29.41 3.76 -50.83
C GLU H 37 -29.39 4.89 -51.84
N ASP H 38 -29.83 4.63 -53.08
CA ASP H 38 -29.88 5.67 -54.09
C ASP H 38 -30.93 6.74 -53.78
N GLN H 39 -31.88 6.44 -52.90
CA GLN H 39 -32.96 7.36 -52.57
C GLN H 39 -32.75 8.06 -51.24
N ILE H 40 -31.78 7.60 -50.43
CA ILE H 40 -31.56 8.19 -49.11
C ILE H 40 -31.14 9.65 -49.23
N GLU H 41 -30.20 9.93 -50.14
CA GLU H 41 -29.72 11.30 -50.29
C GLU H 41 -30.82 12.22 -50.80
N ALA H 42 -31.62 11.76 -51.77
CA ALA H 42 -32.71 12.56 -52.28
C ALA H 42 -33.76 12.83 -51.19
N ALA H 43 -34.07 11.81 -50.39
CA ALA H 43 -35.04 11.99 -49.32
C ALA H 43 -34.53 12.97 -48.27
N THR H 44 -33.24 12.88 -47.92
CA THR H 44 -32.68 13.82 -46.96
C THR H 44 -32.69 15.24 -47.50
N LEU H 45 -32.34 15.42 -48.77
CA LEU H 45 -32.37 16.75 -49.37
C LEU H 45 -33.78 17.31 -49.41
N ASP H 46 -34.77 16.46 -49.74
CA ASP H 46 -36.16 16.89 -49.73
C ASP H 46 -36.60 17.28 -48.32
N SER H 47 -36.16 16.54 -47.31
CA SER H 47 -36.51 16.85 -45.93
C SER H 47 -35.93 18.18 -45.50
N ILE H 48 -34.65 18.43 -45.79
CA ILE H 48 -34.03 19.69 -45.40
C ILE H 48 -34.67 20.86 -46.15
N ARG H 49 -34.90 20.69 -47.46
CA ARG H 49 -35.46 21.79 -48.25
C ARG H 49 -36.93 22.05 -47.93
N ASN H 50 -37.60 21.12 -47.27
CA ASN H 50 -39.01 21.28 -46.88
C ASN H 50 -39.15 20.97 -45.40
N PRO H 51 -38.71 21.89 -44.54
CA PRO H 51 -38.80 21.64 -43.10
C PRO H 51 -40.20 21.84 -42.55
N LEU H 52 -40.43 21.31 -41.36
CA LEU H 52 -41.70 21.39 -40.68
C LEU H 52 -41.60 22.35 -39.51
N GLY H 53 -42.49 23.35 -39.49
CA GLY H 53 -42.53 24.32 -38.41
C GLY H 53 -41.46 25.37 -38.45
N MET H 54 -40.60 25.37 -39.47
CA MET H 54 -39.50 26.31 -39.59
C MET H 54 -39.31 26.66 -41.06
N PRO H 55 -38.76 27.82 -41.35
CA PRO H 55 -38.38 28.15 -42.73
C PRO H 55 -37.23 27.29 -43.18
N PRO H 56 -37.02 27.14 -44.49
CA PRO H 56 -35.88 26.35 -44.98
C PRO H 56 -34.56 26.95 -44.51
N LEU H 57 -33.52 26.10 -44.55
CA LEU H 57 -32.19 26.54 -44.14
C LEU H 57 -31.69 27.70 -44.98
N THR H 58 -32.21 27.86 -46.20
CA THR H 58 -31.84 29.01 -47.02
C THR H 58 -32.30 30.32 -46.36
N GLU H 59 -33.52 30.33 -45.83
CA GLU H 59 -34.03 31.55 -45.20
C GLU H 59 -33.37 31.80 -43.85
N LEU H 60 -33.19 30.75 -43.05
CA LEU H 60 -32.61 30.90 -41.72
C LEU H 60 -31.17 31.38 -41.79
N ALA H 61 -30.40 30.87 -42.75
CA ALA H 61 -28.99 31.16 -42.85
C ALA H 61 -28.76 32.32 -43.82
N LYS H 62 -28.09 33.35 -43.35
CA LYS H 62 -27.68 34.49 -44.16
C LYS H 62 -26.19 34.44 -44.43
N PRO H 63 -25.72 35.07 -45.51
CA PRO H 63 -24.28 35.07 -45.80
C PRO H 63 -23.48 35.63 -44.64
N GLY H 64 -22.53 34.84 -44.15
CA GLY H 64 -21.70 35.22 -43.02
C GLY H 64 -22.24 34.82 -41.66
N SER H 65 -23.44 34.23 -41.60
CA SER H 65 -24.01 33.84 -40.32
C SER H 65 -23.29 32.63 -39.74
N LYS H 66 -23.11 32.63 -38.42
CA LYS H 66 -22.48 31.51 -37.73
C LYS H 66 -23.49 30.37 -37.60
N VAL H 67 -23.09 29.18 -38.04
CA VAL H 67 -23.96 28.01 -38.06
C VAL H 67 -23.29 26.90 -37.26
N THR H 68 -24.03 26.30 -36.33
CA THR H 68 -23.57 25.15 -35.58
C THR H 68 -24.41 23.94 -35.96
N ILE H 69 -23.77 22.96 -36.58
CA ILE H 69 -24.38 21.68 -36.92
C ILE H 69 -24.02 20.71 -35.80
N VAL H 70 -25.00 20.37 -34.98
CA VAL H 70 -24.80 19.50 -33.82
C VAL H 70 -25.24 18.11 -34.21
N PHE H 71 -24.29 17.17 -34.23
CA PHE H 71 -24.54 15.79 -34.62
C PHE H 71 -24.32 14.87 -33.43
N PRO H 72 -25.02 13.74 -33.38
CA PRO H 72 -24.85 12.81 -32.27
C PRO H 72 -23.54 12.05 -32.34
N ASP H 73 -23.18 11.45 -31.21
CA ASP H 73 -21.92 10.75 -31.05
C ASP H 73 -22.01 9.36 -31.68
N ARG H 74 -21.02 8.51 -31.41
CA ARG H 74 -20.93 7.20 -32.04
C ARG H 74 -21.84 6.16 -31.39
N VAL H 75 -22.52 6.51 -30.29
CA VAL H 75 -23.36 5.54 -29.59
C VAL H 75 -24.48 5.05 -30.49
N LYS H 76 -25.33 5.97 -30.95
CA LYS H 76 -26.43 5.63 -31.84
C LYS H 76 -26.14 6.16 -33.25
N GLY H 77 -27.01 5.75 -34.17
CA GLY H 77 -26.83 6.10 -35.57
C GLY H 77 -25.87 5.16 -36.28
N GLY H 78 -25.83 5.29 -37.60
CA GLY H 78 -24.98 4.45 -38.41
C GLY H 78 -23.66 5.12 -38.76
N GLU H 79 -22.70 4.29 -39.18
CA GLU H 79 -21.41 4.76 -39.66
C GLU H 79 -21.15 4.32 -41.09
N GLN H 80 -22.18 3.91 -41.82
CA GLN H 80 -22.04 3.53 -43.21
C GLN H 80 -21.83 4.77 -44.08
N ALA H 81 -21.43 4.53 -45.33
CA ALA H 81 -21.20 5.63 -46.26
C ALA H 81 -22.46 6.44 -46.51
N THR H 82 -23.64 5.84 -46.35
CA THR H 82 -24.91 6.51 -46.58
C THR H 82 -25.62 6.85 -45.27
N ALA H 83 -24.92 6.77 -44.14
CA ALA H 83 -25.53 6.99 -42.84
C ALA H 83 -26.13 8.39 -42.74
N HIS H 84 -27.08 8.53 -41.81
CA HIS H 84 -27.85 9.77 -41.73
C HIS H 84 -26.97 10.97 -41.40
N ARG H 85 -26.02 10.80 -40.48
CA ARG H 85 -25.18 11.92 -40.08
C ARG H 85 -24.39 12.46 -41.27
N LYS H 86 -23.67 11.58 -41.96
CA LYS H 86 -22.81 12.02 -43.06
C LYS H 86 -23.62 12.68 -44.17
N VAL H 87 -24.65 11.99 -44.66
CA VAL H 87 -25.43 12.50 -45.79
C VAL H 87 -26.15 13.79 -45.40
N SER H 88 -26.78 13.80 -44.23
CA SER H 88 -27.54 14.96 -43.80
C SER H 88 -26.63 16.17 -43.63
N ILE H 89 -25.48 15.99 -42.98
CA ILE H 89 -24.57 17.11 -42.79
C ILE H 89 -24.01 17.57 -44.13
N LYS H 90 -23.72 16.64 -45.03
CA LYS H 90 -23.20 17.03 -46.35
C LYS H 90 -24.18 17.91 -47.10
N LEU H 91 -25.44 17.45 -47.23
CA LEU H 91 -26.41 18.25 -47.97
C LEU H 91 -26.77 19.53 -47.24
N ILE H 92 -26.77 19.51 -45.91
CA ILE H 92 -27.01 20.73 -45.15
C ILE H 92 -25.90 21.74 -45.41
N LEU H 93 -24.65 21.27 -45.49
CA LEU H 93 -23.54 22.14 -45.81
C LEU H 93 -23.67 22.71 -47.22
N GLN H 94 -24.12 21.89 -48.17
CA GLN H 94 -24.37 22.42 -49.52
C GLN H 94 -25.44 23.51 -49.51
N GLU H 95 -26.52 23.28 -48.76
CA GLU H 95 -27.57 24.30 -48.67
C GLU H 95 -27.04 25.58 -48.01
N LEU H 96 -26.21 25.44 -46.97
CA LEU H 96 -25.64 26.61 -46.31
C LEU H 96 -24.71 27.37 -47.26
N TYR H 97 -23.88 26.65 -48.02
CA TYR H 97 -22.98 27.30 -48.97
C TYR H 97 -23.75 27.97 -50.10
N SER H 98 -24.92 27.43 -50.45
CA SER H 98 -25.71 28.01 -51.53
C SER H 98 -26.20 29.41 -51.16
N VAL H 99 -26.31 29.72 -49.88
CA VAL H 99 -26.81 31.01 -49.43
C VAL H 99 -25.69 31.89 -48.88
N GLY H 100 -24.44 31.57 -49.19
CA GLY H 100 -23.33 32.43 -48.83
C GLY H 100 -22.77 32.22 -47.43
N VAL H 101 -23.22 31.19 -46.71
CA VAL H 101 -22.66 30.91 -45.39
C VAL H 101 -21.25 30.37 -45.57
N LYS H 102 -20.29 31.01 -44.91
CA LYS H 102 -18.89 30.64 -45.06
C LYS H 102 -18.61 29.29 -44.41
N LYS H 103 -17.69 28.55 -45.03
CA LYS H 103 -17.26 27.27 -44.47
C LYS H 103 -16.56 27.48 -43.12
N GLU H 104 -15.76 28.53 -43.02
CA GLU H 104 -15.05 28.82 -41.77
C GLU H 104 -15.99 29.24 -40.65
N ASP H 105 -17.25 29.57 -40.96
CA ASP H 105 -18.23 29.99 -39.97
C ASP H 105 -19.17 28.86 -39.56
N ILE H 106 -18.80 27.61 -39.85
CA ILE H 106 -19.64 26.46 -39.56
C ILE H 106 -18.90 25.57 -38.57
N LEU H 107 -19.56 25.21 -37.48
CA LEU H 107 -18.98 24.42 -36.41
C LEU H 107 -19.72 23.10 -36.29
N LEU H 108 -19.01 21.99 -36.46
CA LEU H 108 -19.58 20.66 -36.28
C LEU H 108 -19.38 20.24 -34.83
N ILE H 109 -20.47 20.23 -34.07
CA ILE H 109 -20.43 19.97 -32.64
C ILE H 109 -20.97 18.57 -32.40
N CYS H 110 -20.13 17.70 -31.85
CA CYS H 110 -20.59 16.38 -31.45
C CYS H 110 -21.33 16.50 -30.11
N SER H 111 -22.60 16.09 -30.10
CA SER H 111 -23.44 16.22 -28.91
C SER H 111 -23.27 15.01 -27.99
N ASN H 112 -22.06 14.88 -27.42
CA ASN H 112 -21.83 13.81 -26.47
C ASN H 112 -22.59 14.03 -25.18
N GLY H 113 -22.76 15.28 -24.77
CA GLY H 113 -23.43 15.54 -23.50
C GLY H 113 -22.60 15.01 -22.35
N LEU H 114 -23.22 14.17 -21.52
CA LEU H 114 -22.50 13.49 -20.45
C LEU H 114 -21.76 12.26 -20.94
N HIS H 115 -22.01 11.83 -22.18
CA HIS H 115 -21.23 10.75 -22.74
C HIS H 115 -19.81 11.23 -23.04
N ARG H 116 -18.92 10.26 -23.25
CA ARG H 116 -17.53 10.61 -23.53
C ARG H 116 -17.44 11.46 -24.78
N LYS H 117 -16.54 12.44 -24.75
CA LYS H 117 -16.19 13.14 -25.97
C LYS H 117 -15.63 12.15 -26.96
N ASN H 118 -16.18 12.15 -28.18
CA ASN H 118 -15.69 11.25 -29.20
C ASN H 118 -14.26 11.61 -29.59
N THR H 119 -13.40 10.59 -29.67
CA THR H 119 -12.03 10.83 -30.08
C THR H 119 -11.98 11.25 -31.54
N GLU H 120 -10.77 11.57 -31.99
CA GLU H 120 -10.59 11.97 -33.39
C GLU H 120 -11.00 10.85 -34.34
N LYS H 121 -10.61 9.62 -34.02
CA LYS H 121 -10.98 8.48 -34.86
C LYS H 121 -12.49 8.24 -34.82
N GLU H 122 -13.11 8.39 -33.64
CA GLU H 122 -14.56 8.18 -33.55
C GLU H 122 -15.31 9.26 -34.31
N ILE H 123 -14.85 10.51 -34.22
CA ILE H 123 -15.47 11.60 -34.98
C ILE H 123 -15.31 11.36 -36.47
N LEU H 124 -14.12 10.91 -36.90
CA LEU H 124 -13.91 10.61 -38.31
C LEU H 124 -14.83 9.51 -38.79
N GLY H 125 -15.00 8.46 -37.98
CA GLY H 125 -15.91 7.39 -38.36
C GLY H 125 -17.35 7.84 -38.41
N VAL H 126 -17.77 8.69 -37.47
CA VAL H 126 -19.14 9.16 -37.41
C VAL H 126 -19.45 10.06 -38.61
N LEU H 127 -18.56 11.00 -38.91
CA LEU H 127 -18.82 11.99 -39.95
C LEU H 127 -18.41 11.54 -41.35
N GLY H 128 -17.55 10.52 -41.44
CA GLY H 128 -17.03 10.10 -42.72
C GLY H 128 -15.78 10.88 -43.08
N PRO H 129 -14.95 10.31 -43.96
CA PRO H 129 -13.68 10.98 -44.30
C PRO H 129 -13.86 12.37 -44.89
N ASP H 130 -14.87 12.57 -45.75
CA ASP H 130 -15.03 13.84 -46.44
C ASP H 130 -15.31 14.97 -45.46
N LEU H 131 -16.35 14.82 -44.64
CA LEU H 131 -16.72 15.87 -43.70
C LEU H 131 -15.61 16.10 -42.66
N TYR H 132 -15.03 15.01 -42.15
CA TYR H 132 -13.92 15.12 -41.21
C TYR H 132 -12.78 15.94 -41.79
N HIS H 133 -12.16 15.45 -42.87
CA HIS H 133 -11.04 16.16 -43.45
C HIS H 133 -11.43 17.53 -43.98
N GLN H 134 -12.72 17.79 -44.17
CA GLN H 134 -13.17 19.13 -44.49
C GLN H 134 -13.06 20.06 -43.29
N PHE H 135 -13.49 19.58 -42.11
CA PHE H 135 -13.59 20.47 -40.95
C PHE H 135 -12.61 20.16 -39.82
N ALA H 136 -12.08 18.95 -39.74
CA ALA H 136 -11.14 18.63 -38.67
C ALA H 136 -9.85 19.45 -38.72
N PRO H 137 -9.16 19.61 -39.86
CA PRO H 137 -7.88 20.34 -39.83
C PRO H 137 -8.01 21.77 -39.32
N THR H 138 -9.14 22.43 -39.57
CA THR H 138 -9.35 23.79 -39.10
C THR H 138 -9.87 23.85 -37.67
N GLY H 139 -10.02 22.70 -37.02
CA GLY H 139 -10.60 22.69 -35.68
C GLY H 139 -12.08 22.99 -35.65
N GLN H 140 -12.77 22.79 -36.76
CA GLN H 140 -14.19 23.12 -36.87
C GLN H 140 -15.10 21.98 -36.40
N ILE H 141 -14.53 20.85 -35.99
CA ILE H 141 -15.28 19.79 -35.32
C ILE H 141 -14.85 19.78 -33.87
N ILE H 142 -15.78 20.11 -32.99
CA ILE H 142 -15.52 20.16 -31.55
C ILE H 142 -16.49 19.22 -30.85
N ASN H 143 -15.99 18.50 -29.85
CA ASN H 143 -16.86 17.75 -28.97
C ASN H 143 -17.50 18.71 -27.97
N HIS H 144 -18.79 18.50 -27.70
CA HIS H 144 -19.44 19.29 -26.66
C HIS H 144 -18.79 19.00 -25.32
N ASP H 145 -18.48 20.06 -24.58
CA ASP H 145 -17.88 19.93 -23.26
C ASP H 145 -18.88 20.49 -22.25
N SER H 146 -19.57 19.59 -21.55
CA SER H 146 -20.50 19.99 -20.50
C SER H 146 -19.80 20.47 -19.24
N GLU H 147 -18.47 20.57 -19.26
CA GLU H 147 -17.72 21.06 -18.11
C GLU H 147 -16.76 22.19 -18.47
N ASP H 148 -16.82 22.69 -19.71
CA ASP H 148 -16.01 23.83 -20.14
C ASP H 148 -16.91 25.06 -20.07
N TYR H 149 -16.93 25.71 -18.91
CA TYR H 149 -17.83 26.83 -18.68
C TYR H 149 -17.45 28.05 -19.51
N GLU H 150 -16.23 28.09 -20.05
CA GLU H 150 -15.89 29.15 -20.99
C GLU H 150 -16.76 29.05 -22.25
N HIS H 151 -17.02 27.85 -22.71
CA HIS H 151 -17.90 27.60 -23.84
C HIS H 151 -19.23 27.00 -23.39
N LEU H 152 -19.74 27.47 -22.25
CA LEU H 152 -21.07 27.13 -21.78
C LEU H 152 -21.77 28.40 -21.35
N VAL H 153 -23.07 28.48 -21.63
CA VAL H 153 -23.91 29.63 -21.27
C VAL H 153 -24.97 29.14 -20.29
N ASP H 154 -25.04 29.78 -19.13
CA ASP H 154 -26.06 29.49 -18.13
C ASP H 154 -27.32 30.25 -18.50
N LEU H 155 -28.37 29.52 -18.87
CA LEU H 155 -29.63 30.12 -19.29
C LEU H 155 -30.63 30.21 -18.15
N GLY H 156 -30.23 29.88 -16.93
CA GLY H 156 -31.14 29.90 -15.82
C GLY H 156 -32.03 28.67 -15.79
N LYS H 157 -33.01 28.71 -14.89
CA LYS H 157 -33.94 27.60 -14.73
C LYS H 157 -35.19 27.82 -15.58
N THR H 158 -35.87 26.72 -15.86
CA THR H 158 -37.13 26.76 -16.61
C THR H 158 -38.26 27.15 -15.66
N LYS H 159 -39.50 27.07 -16.17
CA LYS H 159 -40.66 27.33 -15.31
C LYS H 159 -40.83 26.26 -14.24
N GLN H 160 -40.24 25.08 -14.43
CA GLN H 160 -40.32 24.00 -13.48
C GLN H 160 -39.06 23.88 -12.62
N GLY H 161 -38.17 24.87 -12.67
CA GLY H 161 -36.97 24.85 -11.87
C GLY H 161 -35.83 24.04 -12.44
N ASP H 162 -35.94 23.58 -13.67
CA ASP H 162 -34.88 22.78 -14.28
C ASP H 162 -33.76 23.70 -14.75
N PRO H 163 -32.54 23.57 -14.23
CA PRO H 163 -31.44 24.42 -14.70
C PRO H 163 -31.13 24.12 -16.16
N VAL H 164 -30.68 25.16 -16.87
CA VAL H 164 -30.37 25.06 -18.29
C VAL H 164 -29.03 25.74 -18.53
N ILE H 165 -27.98 24.95 -18.71
CA ILE H 165 -26.68 25.42 -19.17
C ILE H 165 -26.40 24.72 -20.49
N MET H 166 -26.14 25.49 -21.53
CA MET H 166 -26.10 24.98 -22.89
C MET H 166 -24.78 25.33 -23.56
N ASN H 167 -24.49 24.63 -24.65
CA ASN H 167 -23.25 24.88 -25.39
C ASN H 167 -23.23 26.31 -25.91
N LYS H 168 -22.11 27.01 -25.69
CA LYS H 168 -22.01 28.42 -26.06
C LYS H 168 -21.99 28.58 -27.58
N TYR H 169 -21.32 27.68 -28.29
CA TYR H 169 -21.27 27.80 -29.75
C TYR H 169 -22.67 27.72 -30.34
N VAL H 170 -23.50 26.79 -29.84
CA VAL H 170 -24.88 26.70 -30.31
C VAL H 170 -25.67 27.93 -29.90
N TYR H 171 -25.38 28.47 -28.71
CA TYR H 171 -26.10 29.65 -28.23
C TYR H 171 -25.85 30.86 -29.13
N GLU H 172 -24.58 31.17 -29.39
CA GLU H 172 -24.23 32.36 -30.16
C GLU H 172 -24.34 32.15 -31.66
N SER H 173 -24.51 30.92 -32.13
CA SER H 173 -24.67 30.69 -33.56
C SER H 173 -25.99 31.27 -34.05
N ASP H 174 -25.98 31.74 -35.29
CA ASP H 174 -27.20 32.27 -35.89
C ASP H 174 -28.16 31.16 -36.31
N VAL H 175 -27.64 30.02 -36.74
CA VAL H 175 -28.44 28.88 -37.14
C VAL H 175 -27.93 27.64 -36.41
N ALA H 176 -28.78 27.06 -35.57
CA ALA H 176 -28.46 25.82 -34.88
C ALA H 176 -29.22 24.68 -35.55
N ILE H 177 -28.48 23.77 -36.19
CA ILE H 177 -29.05 22.61 -36.88
C ILE H 177 -28.77 21.40 -36.02
N LEU H 178 -29.76 20.54 -35.84
CA LEU H 178 -29.60 19.32 -35.05
C LEU H 178 -29.79 18.11 -35.95
N ILE H 179 -28.74 17.30 -36.07
CA ILE H 179 -28.83 16.00 -36.71
C ILE H 179 -29.27 15.01 -35.64
N GLY H 180 -30.38 14.31 -35.89
CA GLY H 180 -30.93 13.40 -34.91
C GLY H 180 -31.33 12.07 -35.53
N HIS H 181 -31.46 11.08 -34.67
CA HIS H 181 -31.92 9.75 -35.05
C HIS H 181 -33.16 9.43 -34.23
N THR H 182 -34.31 9.34 -34.90
CA THR H 182 -35.56 8.99 -34.22
C THR H 182 -35.64 7.47 -34.10
N GLN H 183 -34.76 6.94 -33.26
CA GLN H 183 -34.66 5.51 -33.00
C GLN H 183 -35.17 5.21 -31.59
N GLY H 184 -35.38 3.92 -31.33
CA GLY H 184 -35.83 3.47 -30.02
C GLY H 184 -34.88 3.86 -28.90
N ASN H 185 -35.42 4.42 -27.83
CA ASN H 185 -34.60 4.86 -26.70
C ASN H 185 -35.39 4.73 -25.41
N PRO H 186 -34.89 3.99 -24.43
CA PRO H 186 -35.58 3.95 -23.13
C PRO H 186 -35.63 5.29 -22.42
N TYR H 187 -34.74 6.22 -22.79
CA TYR H 187 -34.69 7.55 -22.19
C TYR H 187 -35.60 8.47 -22.99
N GLY H 188 -36.83 8.64 -22.50
CA GLY H 188 -37.77 9.56 -23.13
C GLY H 188 -38.45 9.05 -24.37
N GLY H 189 -38.32 7.77 -24.69
CA GLY H 189 -38.99 7.21 -25.86
C GLY H 189 -38.15 7.18 -27.12
N TYR H 190 -37.65 8.33 -27.55
CA TYR H 190 -36.89 8.41 -28.79
C TYR H 190 -35.74 9.41 -28.65
N SER H 191 -34.71 9.21 -29.46
CA SER H 191 -33.62 10.15 -29.56
C SER H 191 -33.94 11.24 -30.58
N GLY H 192 -33.10 12.28 -30.61
CA GLY H 192 -33.32 13.38 -31.51
C GLY H 192 -34.41 14.31 -31.02
N GLY H 193 -34.74 15.28 -31.87
CA GLY H 193 -35.74 16.26 -31.51
C GLY H 193 -35.26 17.12 -30.36
N TYR H 194 -36.07 17.19 -29.30
CA TYR H 194 -35.70 17.99 -28.14
C TYR H 194 -34.76 17.24 -27.21
N LYS H 195 -34.74 15.90 -27.28
CA LYS H 195 -33.77 15.14 -26.47
C LYS H 195 -32.36 15.47 -26.89
N HIS H 196 -32.12 15.56 -28.20
CA HIS H 196 -30.77 15.82 -28.71
C HIS H 196 -30.20 17.11 -28.14
N CYS H 197 -30.96 18.20 -28.23
CA CYS H 197 -30.48 19.47 -27.69
C CYS H 197 -30.46 19.46 -26.17
N SER H 198 -31.50 18.90 -25.55
CA SER H 198 -31.61 18.95 -24.09
C SER H 198 -30.57 18.10 -23.38
N THR H 199 -29.95 17.15 -24.08
CA THR H 199 -28.97 16.29 -23.43
C THR H 199 -27.57 16.41 -24.02
N GLY H 200 -27.43 16.40 -25.34
CA GLY H 200 -26.10 16.31 -25.94
C GLY H 200 -25.29 17.58 -25.87
N ILE H 201 -25.94 18.74 -25.72
CA ILE H 201 -25.22 20.01 -25.68
C ILE H 201 -25.61 20.80 -24.44
N THR H 202 -25.97 20.11 -23.37
CA THR H 202 -26.34 20.75 -22.13
C THR H 202 -25.37 20.35 -21.02
N HIS H 203 -25.68 20.81 -19.81
CA HIS H 203 -24.90 20.55 -18.61
C HIS H 203 -25.42 19.31 -17.91
N TRP H 204 -24.58 18.76 -17.02
CA TRP H 204 -25.06 17.68 -16.17
C TRP H 204 -26.17 18.15 -15.26
N LYS H 205 -26.17 19.44 -14.88
CA LYS H 205 -27.24 19.97 -14.05
C LYS H 205 -28.57 19.98 -14.81
N SER H 206 -28.54 20.32 -16.10
CA SER H 206 -29.75 20.24 -16.91
C SER H 206 -30.23 18.81 -17.05
N ILE H 207 -29.30 17.88 -17.23
CA ILE H 207 -29.65 16.46 -17.36
C ILE H 207 -30.20 15.91 -16.04
N ALA H 208 -29.74 16.44 -14.91
CA ALA H 208 -30.19 16.00 -13.60
C ALA H 208 -31.66 16.26 -13.36
N SER H 209 -32.28 17.13 -14.16
CA SER H 209 -33.72 17.39 -14.00
C SER H 209 -34.55 16.15 -14.33
N HIS H 210 -34.11 15.34 -15.28
CA HIS H 210 -34.86 14.18 -15.72
C HIS H 210 -34.14 12.86 -15.55
N HIS H 211 -32.81 12.85 -15.48
CA HIS H 211 -32.06 11.60 -15.39
C HIS H 211 -31.89 11.10 -13.97
N VAL H 212 -32.78 11.48 -13.06
CA VAL H 212 -32.70 11.06 -11.66
C VAL H 212 -33.83 10.09 -11.36
N PRO H 213 -33.76 9.35 -10.24
CA PRO H 213 -34.89 8.48 -9.86
C PRO H 213 -36.22 9.22 -9.76
N LYS H 214 -36.20 10.52 -9.46
CA LYS H 214 -37.44 11.28 -9.29
C LYS H 214 -38.28 11.31 -10.56
N VAL H 215 -37.68 11.02 -11.72
CA VAL H 215 -38.40 11.03 -12.99
C VAL H 215 -38.45 9.63 -13.60
N MET H 216 -37.37 8.87 -13.53
CA MET H 216 -37.28 7.60 -14.24
C MET H 216 -37.81 6.42 -13.44
N HIS H 217 -38.26 6.64 -12.21
CA HIS H 217 -38.84 5.57 -11.40
C HIS H 217 -40.33 5.79 -11.14
N ARG H 218 -40.98 6.61 -11.95
CA ARG H 218 -42.42 6.74 -11.88
C ARG H 218 -43.09 5.67 -12.74
N LYS H 219 -44.42 5.65 -12.71
CA LYS H 219 -45.17 4.66 -13.48
C LYS H 219 -45.06 4.92 -14.99
N ASP H 220 -44.86 6.18 -15.38
CA ASP H 220 -44.83 6.52 -16.80
C ASP H 220 -43.52 6.09 -17.48
N PHE H 221 -42.41 6.09 -16.74
CA PHE H 221 -41.13 5.76 -17.37
C PHE H 221 -41.07 4.28 -17.76
N VAL H 222 -41.64 3.40 -16.95
CA VAL H 222 -41.58 1.96 -17.18
C VAL H 222 -43.01 1.44 -17.27
N PRO H 223 -43.48 1.00 -18.45
CA PRO H 223 -42.78 0.98 -19.74
C PRO H 223 -42.69 2.38 -20.36
N VAL H 224 -41.69 2.63 -21.19
CA VAL H 224 -41.49 3.96 -21.75
C VAL H 224 -42.51 4.22 -22.84
N ASN H 225 -42.96 5.47 -22.92
CA ASN H 225 -43.89 5.93 -23.95
C ASN H 225 -43.33 7.20 -24.57
N ASN H 226 -44.13 7.82 -25.43
CA ASN H 226 -43.77 9.10 -26.03
C ASN H 226 -44.21 10.28 -25.19
N ASN H 227 -44.94 10.04 -24.10
CA ASN H 227 -45.45 11.10 -23.24
C ASN H 227 -45.02 10.90 -21.79
N SER H 228 -43.82 10.37 -21.58
CA SER H 228 -43.29 10.23 -20.24
C SER H 228 -42.79 11.57 -19.72
N LEU H 229 -42.57 11.64 -18.41
CA LEU H 229 -42.10 12.89 -17.80
C LEU H 229 -40.71 13.27 -18.31
N MET H 230 -39.87 12.28 -18.62
CA MET H 230 -38.56 12.58 -19.18
C MET H 230 -38.68 13.31 -20.51
N ARG H 231 -39.57 12.85 -21.38
CA ARG H 231 -39.76 13.54 -22.65
C ARG H 231 -40.34 14.94 -22.43
N HIS H 232 -41.21 15.10 -21.43
CA HIS H 232 -41.73 16.42 -21.11
C HIS H 232 -40.60 17.37 -20.72
N LYS H 233 -39.71 16.92 -19.82
CA LYS H 233 -38.60 17.77 -19.41
C LYS H 233 -37.64 18.04 -20.56
N PHE H 234 -37.41 17.04 -21.41
CA PHE H 234 -36.62 17.26 -22.62
C PHE H 234 -37.21 18.39 -23.45
N ASP H 235 -38.52 18.33 -23.71
CA ASP H 235 -39.19 19.36 -24.49
C ASP H 235 -39.06 20.72 -23.82
N GLU H 236 -39.28 20.78 -22.50
CA GLU H 236 -39.23 22.05 -21.78
C GLU H 236 -37.83 22.68 -21.87
N ILE H 237 -36.79 21.89 -21.64
CA ILE H 237 -35.43 22.41 -21.73
C ILE H 237 -35.15 22.87 -23.15
N GLY H 238 -35.60 22.10 -24.14
CA GLY H 238 -35.37 22.49 -25.53
C GLY H 238 -35.99 23.83 -25.87
N MET H 239 -37.27 24.02 -25.52
CA MET H 239 -37.90 25.29 -25.87
C MET H 239 -37.33 26.42 -25.02
N HIS H 240 -36.88 26.13 -23.80
CA HIS H 240 -36.26 27.17 -22.98
C HIS H 240 -35.00 27.68 -23.63
N MET H 241 -34.13 26.77 -24.09
CA MET H 241 -32.95 27.22 -24.83
C MET H 241 -33.35 27.94 -26.12
N GLU H 242 -34.40 27.46 -26.79
CA GLU H 242 -34.83 28.10 -28.03
C GLU H 242 -35.23 29.55 -27.80
N GLU H 243 -36.00 29.83 -26.73
CA GLU H 243 -36.37 31.21 -26.46
C GLU H 243 -35.18 32.01 -25.94
N LYS H 244 -34.24 31.35 -25.25
CA LYS H 244 -33.07 32.07 -24.77
C LYS H 244 -32.20 32.56 -25.92
N MET H 245 -31.98 31.72 -26.94
CA MET H 245 -31.22 32.18 -28.10
C MET H 245 -32.03 33.05 -29.04
N GLY H 246 -33.36 33.06 -28.93
CA GLY H 246 -34.20 33.79 -29.86
C GLY H 246 -34.42 33.09 -31.17
N LYS H 247 -33.91 31.87 -31.35
CA LYS H 247 -34.06 31.09 -32.57
C LYS H 247 -34.47 29.68 -32.17
N LYS H 248 -34.77 28.86 -33.18
CA LYS H 248 -35.19 27.48 -32.94
C LYS H 248 -34.18 26.52 -33.56
N PHE H 249 -34.22 25.28 -33.06
CA PHE H 249 -33.33 24.25 -33.56
C PHE H 249 -33.86 23.68 -34.87
N PHE H 250 -32.98 23.59 -35.86
CA PHE H 250 -33.31 22.93 -37.14
C PHE H 250 -33.00 21.45 -36.97
N CYS H 251 -33.99 20.69 -36.53
CA CYS H 251 -33.80 19.28 -36.19
C CYS H 251 -33.92 18.44 -37.45
N CYS H 252 -32.80 18.18 -38.11
CA CYS H 252 -32.75 17.28 -39.26
C CYS H 252 -32.62 15.86 -38.72
N ASP H 253 -33.74 15.29 -38.29
CA ASP H 253 -33.79 14.00 -37.64
C ASP H 253 -34.33 12.94 -38.60
N ALA H 254 -33.66 11.79 -38.64
CA ALA H 254 -34.06 10.67 -39.48
C ALA H 254 -34.41 9.47 -38.62
N VAL H 255 -35.55 8.86 -38.93
CA VAL H 255 -35.93 7.60 -38.29
C VAL H 255 -35.04 6.50 -38.84
N LEU H 256 -34.49 5.68 -37.95
CA LEU H 256 -33.58 4.61 -38.33
C LEU H 256 -34.17 3.25 -38.01
N ASP H 257 -33.81 2.26 -38.83
CA ASP H 257 -34.25 0.89 -38.64
C ASP H 257 -33.30 0.17 -37.69
N THR H 258 -33.40 -1.16 -37.63
CA THR H 258 -32.51 -1.93 -36.78
C THR H 258 -31.05 -1.75 -37.17
N LYS H 259 -30.77 -1.71 -38.47
CA LYS H 259 -29.41 -1.53 -38.97
C LYS H 259 -29.06 -0.06 -39.18
N SER H 260 -29.75 0.85 -38.50
CA SER H 260 -29.48 2.29 -38.55
C SER H 260 -29.64 2.88 -39.95
N ARG H 261 -30.39 2.22 -40.82
CA ARG H 261 -30.67 2.76 -42.13
C ARG H 261 -31.88 3.69 -42.07
N GLN H 262 -31.82 4.78 -42.83
CA GLN H 262 -32.89 5.78 -42.79
C GLN H 262 -34.15 5.22 -43.42
N ILE H 263 -35.27 5.44 -42.73
CA ILE H 263 -36.59 5.12 -43.26
C ILE H 263 -37.35 6.38 -43.66
N GLU H 264 -37.14 7.47 -42.93
CA GLU H 264 -37.68 8.78 -43.28
C GLU H 264 -36.86 9.83 -42.56
N ILE H 265 -36.69 10.98 -43.22
CA ILE H 265 -35.90 12.09 -42.68
C ILE H 265 -36.85 13.26 -42.46
N ASN H 266 -36.72 13.92 -41.31
CA ASN H 266 -37.55 15.07 -40.97
C ASN H 266 -36.66 16.22 -40.54
N SER H 267 -37.00 17.42 -40.98
CA SER H 267 -36.24 18.63 -40.68
C SER H 267 -37.19 19.74 -40.27
N GLY H 268 -36.65 20.72 -39.53
CA GLY H 268 -37.41 21.88 -39.11
C GLY H 268 -37.48 21.98 -37.60
N ALA H 269 -38.62 22.49 -37.11
CA ALA H 269 -38.82 22.67 -35.69
C ALA H 269 -38.75 21.34 -34.96
N ALA H 270 -38.20 21.36 -33.75
CA ALA H 270 -38.00 20.12 -33.00
C ALA H 270 -39.31 19.43 -32.69
N ASP H 271 -40.33 20.19 -32.26
CA ASP H 271 -41.58 19.58 -31.87
C ASP H 271 -42.37 19.07 -33.07
N GLU H 272 -42.38 19.82 -34.18
CA GLU H 272 -43.03 19.32 -35.39
C GLU H 272 -42.33 18.08 -35.92
N VAL H 273 -41.00 18.09 -35.92
CA VAL H 273 -40.24 16.92 -36.38
C VAL H 273 -40.54 15.72 -35.51
N GLN H 274 -40.56 15.92 -34.18
CA GLN H 274 -40.86 14.82 -33.27
C GLN H 274 -42.25 14.26 -33.53
N LYS H 275 -43.26 15.15 -33.61
CA LYS H 275 -44.63 14.70 -33.79
C LYS H 275 -44.80 13.94 -35.09
N LYS H 276 -44.21 14.44 -36.17
CA LYS H 276 -44.40 13.79 -37.47
C LYS H 276 -43.60 12.49 -37.58
N ALA H 277 -42.38 12.48 -37.06
CA ALA H 277 -41.53 11.30 -37.18
C ALA H 277 -41.91 10.19 -36.23
N TRP H 278 -42.57 10.51 -35.10
CA TRP H 278 -42.95 9.48 -34.16
C TRP H 278 -43.99 8.51 -34.73
N LYS H 279 -44.74 8.93 -35.75
CA LYS H 279 -45.70 8.02 -36.37
C LYS H 279 -45.00 6.80 -36.96
N LEU H 280 -43.87 7.00 -37.63
CA LEU H 280 -43.08 5.89 -38.14
C LEU H 280 -42.13 5.32 -37.09
N GLY H 281 -41.69 6.14 -36.15
CA GLY H 281 -40.83 5.64 -35.09
C GLY H 281 -41.54 4.68 -34.16
N ASN H 282 -42.86 4.79 -34.05
CA ASN H 282 -43.63 3.85 -33.25
C ASN H 282 -43.75 2.49 -33.95
N ALA H 283 -43.94 2.50 -35.27
CA ALA H 283 -43.92 1.24 -36.01
C ALA H 283 -42.54 0.60 -35.97
N ARG H 284 -41.49 1.41 -36.05
CA ARG H 284 -40.13 0.88 -35.97
C ARG H 284 -39.81 0.33 -34.58
N THR H 285 -40.20 1.06 -33.54
CA THR H 285 -39.77 0.79 -32.17
C THR H 285 -40.75 -0.08 -31.40
N TYR H 286 -42.01 0.33 -31.32
CA TYR H 286 -43.02 -0.39 -30.56
C TYR H 286 -43.60 -1.49 -31.45
N VAL H 287 -43.16 -2.72 -31.22
CA VAL H 287 -43.52 -3.86 -32.07
C VAL H 287 -44.53 -4.72 -31.33
N PRO H 288 -45.77 -4.84 -31.83
CA PRO H 288 -46.72 -5.76 -31.20
C PRO H 288 -46.43 -7.21 -31.56
N PHE H 289 -45.50 -7.85 -30.84
CA PHE H 289 -45.02 -9.18 -31.20
C PHE H 289 -45.50 -10.27 -30.25
N ALA H 290 -45.59 -10.01 -28.96
CA ALA H 290 -45.86 -11.05 -27.97
C ALA H 290 -47.33 -11.43 -27.98
N GLU H 291 -47.62 -12.72 -28.15
CA GLU H 291 -48.96 -13.23 -27.98
C GLU H 291 -49.28 -13.58 -26.53
N LYS H 292 -48.26 -13.66 -25.67
CA LYS H 292 -48.46 -13.95 -24.26
C LYS H 292 -47.36 -13.28 -23.47
N LYS H 293 -47.64 -13.01 -22.20
CA LYS H 293 -46.63 -12.44 -21.32
C LYS H 293 -45.55 -13.47 -21.03
N TYR H 294 -44.30 -13.01 -21.01
CA TYR H 294 -43.14 -13.90 -20.93
C TYR H 294 -42.62 -13.93 -19.50
N ASP H 295 -42.55 -15.14 -18.94
CA ASP H 295 -42.06 -15.29 -17.57
C ASP H 295 -40.55 -15.16 -17.49
N ILE H 296 -39.84 -15.64 -18.51
CA ILE H 296 -38.39 -15.53 -18.57
C ILE H 296 -38.02 -14.83 -19.88
N ILE H 297 -37.17 -13.82 -19.78
CA ILE H 297 -36.55 -13.19 -20.95
C ILE H 297 -35.07 -13.53 -20.92
N VAL H 298 -34.61 -14.24 -21.95
CA VAL H 298 -33.22 -14.67 -22.05
C VAL H 298 -32.55 -13.87 -23.15
N PHE H 299 -31.45 -13.21 -22.81
CA PHE H 299 -30.64 -12.50 -23.78
C PHE H 299 -29.19 -12.61 -23.38
N GLY H 300 -28.32 -12.02 -24.18
CA GLY H 300 -26.89 -12.06 -23.91
C GLY H 300 -26.27 -10.69 -24.02
N MET H 301 -25.28 -10.46 -23.16
CA MET H 301 -24.63 -9.16 -23.08
C MET H 301 -23.26 -9.22 -23.74
N PRO H 302 -23.05 -8.52 -24.86
CA PRO H 302 -21.70 -8.41 -25.40
C PRO H 302 -20.85 -7.50 -24.52
N GLN H 303 -19.53 -7.70 -24.59
CA GLN H 303 -18.64 -6.81 -23.86
C GLN H 303 -18.74 -5.38 -24.39
N PHE H 304 -18.79 -5.23 -25.71
CA PHE H 304 -18.91 -3.93 -26.34
C PHE H 304 -20.30 -3.77 -26.94
N PHE H 305 -21.03 -2.76 -26.47
CA PHE H 305 -22.29 -2.33 -27.07
C PHE H 305 -22.70 -1.03 -26.43
N HIS H 306 -23.64 -0.34 -27.09
CA HIS H 306 -24.20 0.91 -26.58
C HIS H 306 -23.12 1.94 -26.32
N TYR H 307 -22.78 2.14 -25.04
CA TYR H 307 -21.89 3.23 -24.67
C TYR H 307 -20.42 2.91 -24.91
N GLY H 308 -20.07 1.65 -25.13
CA GLY H 308 -18.71 1.33 -25.53
C GLY H 308 -18.21 0.07 -24.85
N ASP H 309 -16.89 -0.05 -24.81
CA ASP H 309 -16.26 -1.24 -24.26
C ASP H 309 -16.50 -1.34 -22.76
N GLY H 310 -16.72 -2.56 -22.28
CA GLY H 310 -17.03 -2.80 -20.89
C GLY H 310 -18.47 -2.59 -20.52
N MET H 311 -19.32 -2.22 -21.48
CA MET H 311 -20.73 -1.97 -21.17
C MET H 311 -21.40 -3.24 -20.66
N GLY H 312 -21.06 -4.40 -21.25
CA GLY H 312 -21.56 -5.68 -20.80
C GLY H 312 -20.76 -6.32 -19.71
N THR H 313 -19.65 -5.72 -19.29
CA THR H 313 -18.83 -6.24 -18.20
C THR H 313 -18.81 -5.36 -16.97
N ASN H 314 -18.90 -4.04 -17.13
CA ASN H 314 -18.99 -3.15 -15.99
C ASN H 314 -20.27 -3.44 -15.23
N PRO H 315 -20.21 -3.69 -13.92
CA PRO H 315 -21.41 -4.09 -13.18
C PRO H 315 -22.53 -3.06 -13.26
N ILE H 316 -22.20 -1.79 -13.08
CA ILE H 316 -23.22 -0.74 -13.16
C ILE H 316 -23.71 -0.58 -14.59
N MET H 317 -22.79 -0.64 -15.56
CA MET H 317 -23.18 -0.45 -16.96
C MET H 317 -24.09 -1.59 -17.42
N LEU H 318 -23.72 -2.83 -17.07
CA LEU H 318 -24.56 -3.97 -17.42
C LEU H 318 -25.88 -3.95 -16.66
N MET H 319 -25.87 -3.47 -15.42
CA MET H 319 -27.13 -3.28 -14.69
C MET H 319 -28.04 -2.32 -15.43
N GLN H 320 -27.48 -1.23 -15.95
CA GLN H 320 -28.27 -0.29 -16.73
C GLN H 320 -28.76 -0.90 -18.02
N ALA H 321 -27.95 -1.74 -18.66
CA ALA H 321 -28.41 -2.43 -19.87
C ALA H 321 -29.59 -3.36 -19.57
N LEU H 322 -29.50 -4.10 -18.46
CA LEU H 322 -30.62 -4.94 -18.03
C LEU H 322 -31.86 -4.09 -17.76
N SER H 323 -31.68 -2.94 -17.12
CA SER H 323 -32.81 -2.06 -16.86
C SER H 323 -33.40 -1.51 -18.16
N ALA H 324 -32.55 -1.20 -19.13
CA ALA H 324 -33.05 -0.76 -20.43
C ALA H 324 -33.90 -1.84 -21.07
N GLN H 325 -33.43 -3.09 -20.99
CA GLN H 325 -34.26 -4.20 -21.46
C GLN H 325 -35.59 -4.25 -20.71
N VAL H 326 -35.56 -3.97 -19.40
CA VAL H 326 -36.78 -3.94 -18.61
C VAL H 326 -37.75 -2.90 -19.15
N ILE H 327 -37.25 -1.69 -19.40
CA ILE H 327 -38.11 -0.62 -19.90
C ILE H 327 -38.66 -0.97 -21.28
N ARG H 328 -37.84 -1.60 -22.12
CA ARG H 328 -38.31 -1.91 -23.47
C ARG H 328 -39.36 -3.02 -23.46
N HIS H 329 -39.19 -4.03 -22.61
CA HIS H 329 -40.05 -5.21 -22.67
C HIS H 329 -41.02 -5.33 -21.49
N LYS H 330 -41.23 -4.25 -20.73
CA LYS H 330 -42.19 -4.28 -19.64
C LYS H 330 -43.58 -4.72 -20.11
N ARG H 331 -43.99 -4.29 -21.31
CA ARG H 331 -45.35 -4.57 -21.75
C ARG H 331 -45.58 -6.05 -21.98
N ILE H 332 -44.51 -6.82 -22.27
CA ILE H 332 -44.63 -8.25 -22.53
C ILE H 332 -44.14 -9.09 -21.34
N MET H 333 -43.82 -8.45 -20.22
CA MET H 333 -43.20 -9.13 -19.09
C MET H 333 -44.22 -9.33 -17.97
N SER H 334 -44.30 -10.56 -17.46
CA SER H 334 -45.17 -10.86 -16.34
C SER H 334 -44.64 -10.19 -15.07
N ASP H 335 -45.47 -10.23 -14.03
CA ASP H 335 -45.09 -9.61 -12.76
C ASP H 335 -43.84 -10.25 -12.18
N ASN H 336 -43.81 -11.58 -12.16
CA ASN H 336 -42.64 -12.34 -11.67
C ASN H 336 -41.64 -12.71 -12.78
N CYS H 337 -41.35 -11.71 -13.62
CA CYS H 337 -40.44 -11.94 -14.73
CA CYS H 337 -40.44 -11.93 -14.74
C CYS H 337 -39.01 -12.16 -14.24
N VAL H 338 -38.28 -12.99 -14.97
CA VAL H 338 -36.90 -13.33 -14.66
C VAL H 338 -36.03 -13.00 -15.86
N PHE H 339 -34.94 -12.29 -15.62
CA PHE H 339 -33.93 -12.02 -16.64
C PHE H 339 -32.79 -13.02 -16.49
N ILE H 340 -32.43 -13.65 -17.60
CA ILE H 340 -31.28 -14.55 -17.65
C ILE H 340 -30.36 -14.01 -18.73
N CYS H 341 -29.28 -13.35 -18.33
CA CYS H 341 -28.39 -12.67 -19.25
C CYS H 341 -27.00 -13.28 -19.17
N ALA H 342 -26.41 -13.55 -20.33
CA ALA H 342 -25.02 -13.99 -20.39
C ALA H 342 -24.11 -12.78 -20.48
N SER H 343 -23.29 -12.57 -19.45
CA SER H 343 -22.33 -11.49 -19.42
C SER H 343 -21.03 -11.98 -18.85
N THR H 344 -19.92 -11.55 -19.45
CA THR H 344 -18.59 -11.80 -18.90
C THR H 344 -18.31 -10.73 -17.84
N CYS H 345 -19.01 -10.86 -16.71
CA CYS H 345 -18.83 -9.92 -15.62
C CYS H 345 -17.50 -10.19 -14.94
N ASN H 346 -16.40 -9.91 -15.65
CA ASN H 346 -15.06 -10.21 -15.20
C ASN H 346 -14.45 -9.08 -14.39
N GLY H 347 -15.27 -8.17 -13.87
CA GLY H 347 -14.75 -7.05 -13.11
C GLY H 347 -14.10 -5.98 -13.95
N TYR H 348 -14.24 -6.04 -15.28
CA TYR H 348 -13.62 -5.07 -16.16
C TYR H 348 -14.43 -3.77 -16.11
N PHE H 349 -14.15 -2.97 -15.08
CA PHE H 349 -14.55 -1.58 -15.11
C PHE H 349 -13.71 -0.86 -16.15
N ASN H 350 -14.38 -0.32 -17.17
CA ASN H 350 -13.68 0.46 -18.19
C ASN H 350 -13.38 1.81 -17.56
N GLU H 351 -12.30 1.85 -16.77
CA GLU H 351 -11.92 3.08 -16.08
C GLU H 351 -11.59 4.19 -17.08
N SER H 352 -11.07 3.83 -18.25
CA SER H 352 -10.88 4.83 -19.30
C SER H 352 -12.22 5.43 -19.73
N LEU H 353 -13.26 4.59 -19.83
CA LEU H 353 -14.57 5.08 -20.21
C LEU H 353 -15.31 5.66 -19.01
N TRP H 354 -15.32 4.93 -17.89
CA TRP H 354 -16.08 5.29 -16.70
C TRP H 354 -15.16 5.21 -15.48
N PRO H 355 -14.30 6.21 -15.29
CA PRO H 355 -13.41 6.20 -14.12
C PRO H 355 -14.14 6.33 -12.80
N TYR H 356 -15.33 6.92 -12.81
CA TYR H 356 -16.12 7.11 -11.60
C TYR H 356 -16.89 5.86 -11.18
N LEU H 357 -17.04 4.90 -12.09
CA LEU H 357 -17.89 3.74 -11.84
C LEU H 357 -17.29 2.76 -10.84
N PRO H 358 -15.96 2.56 -10.78
CA PRO H 358 -15.43 1.77 -9.65
C PRO H 358 -15.78 2.36 -8.30
N GLU H 359 -15.59 3.67 -8.13
CA GLU H 359 -15.91 4.29 -6.84
C GLU H 359 -17.43 4.35 -6.62
N LEU H 360 -18.21 4.54 -7.69
CA LEU H 360 -19.66 4.49 -7.56
C LEU H 360 -20.13 3.10 -7.12
N TYR H 361 -19.54 2.05 -7.70
CA TYR H 361 -19.86 0.68 -7.29
C TYR H 361 -19.47 0.44 -5.84
N ASP H 362 -18.30 0.91 -5.44
CA ASP H 362 -17.88 0.74 -4.04
C ASP H 362 -18.83 1.48 -3.11
N LEU H 363 -19.27 2.67 -3.51
CA LEU H 363 -20.24 3.42 -2.71
C LEU H 363 -21.57 2.67 -2.61
N PHE H 364 -22.01 2.05 -3.72
CA PHE H 364 -23.22 1.24 -3.68
C PHE H 364 -23.06 0.06 -2.72
N GLN H 365 -21.92 -0.61 -2.77
CA GLN H 365 -21.70 -1.77 -1.90
C GLN H 365 -21.66 -1.35 -0.43
N LYS H 366 -21.00 -0.25 -0.12
CA LYS H 366 -20.79 0.13 1.28
C LYS H 366 -21.93 0.95 1.86
N GLU H 367 -22.84 1.49 1.02
CA GLU H 367 -23.93 2.31 1.54
C GLU H 367 -25.31 1.96 1.00
N GLY H 368 -25.43 1.41 -0.21
CA GLY H 368 -26.70 1.35 -0.90
C GLY H 368 -27.35 -0.02 -0.84
N ASN H 369 -28.53 -0.05 -0.20
CA ASN H 369 -29.39 -1.22 -0.32
C ASN H 369 -29.92 -1.36 -1.74
N THR H 370 -30.36 -0.25 -2.33
CA THR H 370 -30.75 -0.16 -3.72
C THR H 370 -29.98 0.99 -4.36
N LEU H 371 -30.06 1.06 -5.69
CA LEU H 371 -29.27 2.04 -6.41
C LEU H 371 -29.77 3.47 -6.20
N VAL H 372 -31.05 3.65 -5.87
CA VAL H 372 -31.57 5.00 -5.61
C VAL H 372 -30.83 5.65 -4.44
N ASP H 373 -30.36 4.86 -3.47
CA ASP H 373 -29.60 5.39 -2.36
C ASP H 373 -28.34 6.10 -2.80
N LEU H 374 -27.85 5.82 -4.02
CA LEU H 374 -26.69 6.52 -4.54
C LEU H 374 -27.00 7.91 -5.06
N ASN H 375 -28.25 8.19 -5.47
CA ASN H 375 -28.53 9.41 -6.21
C ASN H 375 -28.14 10.68 -5.46
N GLN H 376 -28.20 10.67 -4.13
CA GLN H 376 -27.83 11.85 -3.35
C GLN H 376 -26.39 12.27 -3.60
N TYR H 377 -25.54 11.37 -4.08
CA TYR H 377 -24.14 11.63 -4.35
C TYR H 377 -23.88 12.05 -5.79
N GLY H 378 -24.94 12.21 -6.60
CA GLY H 378 -24.74 12.53 -8.01
C GLY H 378 -23.87 13.75 -8.22
N GLU H 379 -24.29 14.89 -7.65
CA GLU H 379 -23.48 16.09 -7.72
C GLU H 379 -22.07 15.85 -7.21
N TYR H 380 -21.93 15.05 -6.15
CA TYR H 380 -20.61 14.74 -5.60
C TYR H 380 -19.70 14.15 -6.67
N PHE H 381 -20.23 13.24 -7.48
CA PHE H 381 -19.44 12.75 -8.61
C PHE H 381 -19.38 13.80 -9.71
N ALA H 382 -20.51 14.47 -9.98
CA ALA H 382 -20.59 15.35 -11.12
C ALA H 382 -19.69 16.58 -10.96
N THR H 383 -19.30 16.90 -9.72
CA THR H 383 -18.37 18.00 -9.46
C THR H 383 -16.97 17.50 -9.13
N ASN H 384 -16.74 16.19 -9.19
CA ASN H 384 -15.42 15.64 -8.90
C ASN H 384 -14.43 16.11 -9.95
N GLU H 385 -13.36 16.79 -9.49
CA GLU H 385 -12.44 17.43 -10.43
C GLU H 385 -11.71 16.42 -11.29
N GLU H 386 -11.32 15.28 -10.72
CA GLU H 386 -10.59 14.28 -11.50
C GLU H 386 -11.49 13.64 -12.55
N TYR H 387 -12.71 13.27 -12.17
CA TYR H 387 -13.64 12.69 -13.13
C TYR H 387 -14.02 13.71 -14.20
N ILE H 388 -14.20 14.97 -13.81
CA ILE H 388 -14.48 16.02 -14.79
C ILE H 388 -13.32 16.17 -15.76
N ARG H 389 -12.09 16.14 -15.25
CA ARG H 389 -10.92 16.25 -16.11
C ARG H 389 -10.84 15.07 -17.07
N LYS H 390 -11.14 13.87 -16.60
CA LYS H 390 -11.11 12.71 -17.47
C LYS H 390 -12.20 12.78 -18.53
N TYR H 391 -13.36 13.31 -18.18
CA TYR H 391 -14.40 13.53 -19.18
C TYR H 391 -13.97 14.57 -20.21
N ARG H 392 -13.33 15.64 -19.75
CA ARG H 392 -12.99 16.76 -20.62
C ARG H 392 -11.81 16.46 -21.54
N TYR H 393 -10.84 15.67 -21.08
CA TYR H 393 -9.59 15.53 -21.81
C TYR H 393 -9.23 14.07 -22.07
N ALA H 394 -9.60 13.18 -21.17
CA ALA H 394 -9.27 11.77 -21.30
C ALA H 394 -10.37 10.97 -22.01
N HIS H 395 -11.35 11.66 -22.60
CA HIS H 395 -12.41 11.02 -23.38
C HIS H 395 -13.18 10.00 -22.55
N ALA H 396 -13.38 10.32 -21.27
CA ALA H 396 -14.20 9.51 -20.40
C ALA H 396 -15.63 10.04 -20.37
N PHE H 397 -16.54 9.19 -19.92
CA PHE H 397 -17.91 9.65 -19.69
C PHE H 397 -17.92 10.66 -18.55
N HIS H 398 -18.86 11.60 -18.62
CA HIS H 398 -19.04 12.53 -17.52
C HIS H 398 -19.48 11.75 -16.28
N PRO H 399 -19.02 12.14 -15.09
CA PRO H 399 -19.37 11.37 -13.89
C PRO H 399 -20.87 11.22 -13.69
N PHE H 400 -21.63 12.29 -13.89
CA PHE H 400 -23.06 12.23 -13.63
C PHE H 400 -23.79 11.26 -14.54
N HIS H 401 -23.19 10.91 -15.69
CA HIS H 401 -23.77 9.88 -16.54
C HIS H 401 -23.99 8.60 -15.75
N GLY H 402 -23.04 8.23 -14.90
CA GLY H 402 -23.23 7.05 -14.07
C GLY H 402 -24.46 7.14 -13.20
N PHE H 403 -24.76 8.35 -12.69
CA PHE H 403 -25.95 8.52 -11.88
C PHE H 403 -27.22 8.53 -12.72
N SER H 404 -27.10 8.83 -14.02
CA SER H 404 -28.18 8.45 -14.92
C SER H 404 -28.25 6.93 -15.02
N MET H 405 -27.10 6.28 -15.19
CA MET H 405 -27.06 4.84 -15.43
C MET H 405 -27.71 4.09 -14.28
N ILE H 406 -27.26 4.33 -13.05
CA ILE H 406 -27.86 3.68 -11.90
C ILE H 406 -29.33 4.09 -11.77
N SER H 407 -29.67 5.34 -12.10
CA SER H 407 -31.07 5.74 -12.06
C SER H 407 -31.90 4.88 -12.99
N CYS H 408 -31.33 4.51 -14.13
CA CYS H 408 -31.97 3.48 -14.96
C CYS H 408 -31.82 2.12 -14.31
N ALA H 409 -30.60 1.77 -13.88
CA ALA H 409 -30.31 0.40 -13.47
C ALA H 409 -31.20 -0.07 -12.33
N HIS H 410 -31.70 0.85 -11.50
CA HIS H 410 -32.56 0.46 -10.40
C HIS H 410 -33.80 -0.28 -10.87
N LEU H 411 -34.38 0.14 -12.01
CA LEU H 411 -35.55 -0.58 -12.51
C LEU H 411 -35.26 -2.04 -12.77
N ALA H 412 -34.03 -2.37 -13.19
CA ALA H 412 -33.68 -3.78 -13.35
C ALA H 412 -33.84 -4.53 -12.04
N GLU H 413 -33.40 -3.92 -10.93
CA GLU H 413 -33.61 -4.53 -9.62
C GLU H 413 -35.08 -4.46 -9.22
N LYS H 414 -35.81 -3.45 -9.72
CA LYS H 414 -37.14 -3.19 -9.19
C LYS H 414 -38.25 -3.91 -9.96
N HIS H 415 -38.16 -3.98 -11.28
CA HIS H 415 -39.25 -4.46 -12.11
C HIS H 415 -39.10 -5.93 -12.50
N THR H 416 -38.12 -6.63 -11.96
CA THR H 416 -37.95 -8.06 -12.22
C THR H 416 -37.87 -8.81 -10.89
N ALA H 417 -38.47 -10.00 -10.87
CA ALA H 417 -38.38 -10.84 -9.68
C ALA H 417 -36.94 -11.20 -9.38
N ALA H 418 -36.19 -11.59 -10.41
CA ALA H 418 -34.77 -11.89 -10.26
C ALA H 418 -34.11 -11.78 -11.62
N ILE H 419 -32.84 -11.36 -11.61
CA ILE H 419 -32.03 -11.31 -12.81
C ILE H 419 -30.87 -12.27 -12.64
N TYR H 420 -30.76 -13.22 -13.55
CA TYR H 420 -29.69 -14.20 -13.52
C TYR H 420 -28.60 -13.77 -14.50
N LEU H 421 -27.40 -13.54 -13.99
CA LEU H 421 -26.25 -13.30 -14.84
C LEU H 421 -25.51 -14.62 -15.03
N VAL H 422 -25.25 -14.96 -16.29
CA VAL H 422 -24.71 -16.27 -16.67
C VAL H 422 -23.30 -16.08 -17.20
N GLY H 423 -22.37 -16.89 -16.71
CA GLY H 423 -21.01 -16.88 -17.20
C GLY H 423 -20.15 -15.76 -16.67
N ALA H 424 -20.51 -15.15 -15.54
CA ALA H 424 -19.68 -14.11 -14.95
C ALA H 424 -18.34 -14.68 -14.52
N GLU H 425 -17.26 -14.11 -15.04
CA GLU H 425 -15.93 -14.55 -14.63
C GLU H 425 -15.61 -14.05 -13.22
N LYS H 426 -16.24 -12.96 -12.79
CA LYS H 426 -16.17 -12.46 -11.42
C LYS H 426 -17.62 -12.27 -10.95
N PRO H 427 -18.28 -13.34 -10.53
CA PRO H 427 -19.71 -13.24 -10.19
C PRO H 427 -19.99 -12.33 -9.02
N GLY H 428 -18.98 -12.00 -8.22
CA GLY H 428 -19.20 -11.11 -7.08
C GLY H 428 -19.71 -9.74 -7.47
N TYR H 429 -19.24 -9.21 -8.60
CA TYR H 429 -19.70 -7.91 -9.05
C TYR H 429 -21.17 -7.94 -9.43
N ALA H 430 -21.57 -8.95 -10.19
CA ALA H 430 -22.98 -9.11 -10.54
C ALA H 430 -23.85 -9.29 -9.30
N ARG H 431 -23.38 -10.09 -8.34
CA ARG H 431 -24.10 -10.24 -7.08
C ARG H 431 -24.17 -8.93 -6.32
N GLY H 432 -23.10 -8.13 -6.37
CA GLY H 432 -23.10 -6.82 -5.76
C GLY H 432 -24.08 -5.85 -6.39
N MET H 433 -24.42 -6.05 -7.66
CA MET H 433 -25.53 -5.33 -8.25
C MET H 433 -26.87 -6.04 -8.07
N GLY H 434 -26.96 -6.95 -7.10
CA GLY H 434 -28.21 -7.62 -6.81
C GLY H 434 -28.63 -8.68 -7.80
N LEU H 435 -27.70 -9.21 -8.58
CA LEU H 435 -28.02 -10.21 -9.59
C LEU H 435 -27.64 -11.60 -9.10
N LYS H 436 -28.53 -12.57 -9.36
CA LYS H 436 -28.20 -13.96 -9.10
C LYS H 436 -27.22 -14.45 -10.15
N THR H 437 -26.19 -15.17 -9.71
CA THR H 437 -25.11 -15.61 -10.57
C THR H 437 -25.14 -17.12 -10.73
N ARG H 438 -25.16 -17.58 -11.97
CA ARG H 438 -25.06 -18.99 -12.30
C ARG H 438 -24.02 -19.17 -13.39
N ALA H 439 -23.32 -20.30 -13.34
CA ALA H 439 -22.20 -20.52 -14.25
C ALA H 439 -22.67 -20.61 -15.70
N THR H 440 -23.74 -21.35 -15.97
CA THR H 440 -24.22 -21.56 -17.32
C THR H 440 -25.70 -21.19 -17.41
N PHE H 441 -26.17 -21.12 -18.66
CA PHE H 441 -27.58 -20.78 -18.91
C PHE H 441 -28.51 -21.82 -18.31
N GLU H 442 -28.12 -23.10 -18.34
CA GLU H 442 -29.01 -24.16 -17.86
C GLU H 442 -29.27 -24.05 -16.37
N GLU H 443 -28.23 -23.80 -15.58
CA GLU H 443 -28.42 -23.69 -14.13
C GLU H 443 -29.32 -22.51 -13.79
N ALA H 444 -29.12 -21.37 -14.45
CA ALA H 444 -29.96 -20.21 -14.22
C ALA H 444 -31.41 -20.49 -14.62
N LEU H 445 -31.59 -21.18 -15.75
CA LEU H 445 -32.95 -21.49 -16.21
C LEU H 445 -33.67 -22.41 -15.22
N GLU H 446 -32.99 -23.46 -14.76
CA GLU H 446 -33.61 -24.35 -13.78
C GLU H 446 -33.88 -23.64 -12.46
N ASP H 447 -32.97 -22.78 -12.02
CA ASP H 447 -33.18 -22.03 -10.79
C ASP H 447 -34.38 -21.11 -10.92
N ALA H 448 -34.50 -20.40 -12.05
CA ALA H 448 -35.64 -19.52 -12.27
C ALA H 448 -36.94 -20.31 -12.33
N LYS H 449 -36.93 -21.46 -12.99
CA LYS H 449 -38.13 -22.29 -13.06
C LYS H 449 -38.54 -22.77 -11.68
N LYS H 450 -37.56 -23.17 -10.85
CA LYS H 450 -37.87 -23.67 -9.52
C LYS H 450 -38.36 -22.56 -8.60
N LYS H 451 -37.82 -21.35 -8.74
CA LYS H 451 -38.05 -20.29 -7.75
C LYS H 451 -39.14 -19.30 -8.14
N PHE H 452 -39.24 -18.91 -9.40
CA PHE H 452 -40.10 -17.77 -9.69
C PHE H 452 -41.18 -18.04 -10.72
N VAL H 453 -40.89 -18.81 -11.78
CA VAL H 453 -41.74 -18.84 -12.96
C VAL H 453 -42.39 -20.19 -13.20
N GLY H 454 -42.05 -21.22 -12.43
CA GLY H 454 -42.61 -22.54 -12.64
C GLY H 454 -41.88 -23.32 -13.72
N GLN H 455 -42.25 -24.59 -13.84
CA GLN H 455 -41.56 -25.52 -14.72
C GLN H 455 -41.99 -25.40 -16.17
N GLU H 456 -43.02 -24.63 -16.48
CA GLU H 456 -43.46 -24.39 -17.85
C GLU H 456 -43.63 -22.90 -18.10
N PRO H 457 -42.53 -22.14 -18.11
CA PRO H 457 -42.65 -20.70 -18.28
C PRO H 457 -42.63 -20.29 -19.74
N ASN H 458 -43.18 -19.10 -20.01
CA ASN H 458 -43.08 -18.50 -21.33
C ASN H 458 -41.73 -17.80 -21.43
N ILE H 459 -40.83 -18.40 -22.20
CA ILE H 459 -39.45 -17.92 -22.30
C ILE H 459 -39.27 -17.17 -23.61
N LEU H 460 -38.75 -15.95 -23.51
CA LEU H 460 -38.45 -15.13 -24.68
C LEU H 460 -36.94 -15.06 -24.85
N ALA H 461 -36.47 -15.36 -26.06
CA ALA H 461 -35.05 -15.29 -26.38
C ALA H 461 -34.78 -14.03 -27.19
N LEU H 462 -33.74 -13.30 -26.80
CA LEU H 462 -33.30 -12.08 -27.49
C LEU H 462 -31.83 -12.25 -27.83
N PRO H 463 -31.51 -13.06 -28.84
CA PRO H 463 -30.08 -13.30 -29.15
C PRO H 463 -29.33 -12.05 -29.55
N LYS H 464 -29.99 -11.08 -30.19
CA LYS H 464 -29.37 -9.83 -30.63
C LYS H 464 -29.93 -8.64 -29.87
N ALA H 465 -30.09 -8.80 -28.56
CA ALA H 465 -30.72 -7.75 -27.74
C ALA H 465 -29.92 -6.46 -27.77
N PHE H 466 -28.58 -6.56 -27.70
CA PHE H 466 -27.73 -5.38 -27.60
C PHE H 466 -26.86 -5.13 -28.83
N LYS H 467 -26.60 -6.16 -29.65
CA LYS H 467 -25.81 -5.96 -30.86
C LYS H 467 -26.58 -5.25 -31.96
N THR H 468 -27.90 -5.07 -31.80
CA THR H 468 -28.73 -4.41 -32.79
C THR H 468 -29.52 -3.31 -32.11
N ALA H 469 -30.13 -2.45 -32.93
CA ALA H 469 -31.00 -1.40 -32.40
C ALA H 469 -32.19 -2.05 -31.69
N ALA H 470 -32.22 -1.91 -30.37
CA ALA H 470 -33.20 -2.61 -29.55
C ALA H 470 -34.60 -2.08 -29.82
N VAL H 471 -35.57 -2.99 -29.76
CA VAL H 471 -36.98 -2.69 -30.02
C VAL H 471 -37.76 -2.91 -28.73
N HIS H 472 -38.63 -1.96 -28.41
CA HIS H 472 -39.51 -2.07 -27.24
C HIS H 472 -40.73 -2.89 -27.65
N LEU H 473 -40.90 -4.06 -27.02
CA LEU H 473 -41.94 -5.00 -27.40
C LEU H 473 -43.21 -4.78 -26.60
N MET H 474 -44.35 -4.91 -27.27
CA MET H 474 -45.66 -4.88 -26.62
C MET H 474 -46.43 -6.13 -26.99
N MET H 475 -47.61 -6.28 -26.40
CA MET H 475 -48.50 -7.37 -26.76
C MET H 475 -48.98 -7.21 -28.20
N LYS H 476 -49.32 -8.33 -28.83
CA LYS H 476 -49.81 -8.30 -30.20
C LYS H 476 -51.08 -7.47 -30.31
N ASN H 477 -51.89 -7.44 -29.26
CA ASN H 477 -53.09 -6.61 -29.24
C ASN H 477 -52.81 -5.16 -28.87
N ASP H 478 -51.63 -4.87 -28.34
CA ASP H 478 -51.30 -3.51 -27.95
C ASP H 478 -51.05 -2.63 -29.17
N LEU H 479 -51.37 -1.36 -29.04
CA LEU H 479 -51.11 -0.36 -30.07
C LEU H 479 -49.94 0.52 -29.66
N PRO H 480 -49.14 0.99 -30.61
CA PRO H 480 -48.01 1.86 -30.28
C PRO H 480 -48.49 3.17 -29.69
N PRO H 481 -48.04 3.52 -28.48
CA PRO H 481 -48.42 4.74 -27.75
C PRO H 481 -48.31 6.01 -28.60
NI NI I . 34.43 -15.40 1.42
C2 4EY J . 35.67 -17.49 -2.21
C3 4EY J . 35.61 -16.65 -1.10
C1 4EY J . 32.18 -17.20 0.19
C4 4EY J . 34.50 -16.57 -0.36
C5 4EY J . 33.41 -17.33 -0.69
C6 4EY J . 33.45 -18.17 -1.79
O2 4EY J . 31.24 -17.93 0.02
O2P 4EY J . 38.78 -15.99 -3.68
P 4EY J . 38.01 -16.71 -4.79
O3P 4EY J . 38.77 -16.63 -6.11
O1P 4EY J . 36.65 -16.06 -4.95
O5R 4EY J . 37.82 -18.30 -4.37
C5R 4EY J . 37.64 -19.24 -5.43
C4R 4EY J . 36.33 -19.97 -5.25
O4R 4EY J . 35.91 -19.95 -3.71
C3R 4EY J . 35.36 -19.33 -5.91
O3R 4EY J . 34.38 -20.27 -6.42
C2R 4EY J . 34.64 -18.37 -4.82
O2R 4EY J . 33.31 -18.05 -5.24
C1R 4EY J . 34.61 -19.13 -3.67
N1 4EY J . 34.58 -18.24 -2.52
C7 4EY J . 36.79 -15.77 -0.66
S7 4EY J . 36.67 -15.14 0.80
S2 4EY J . 32.17 -15.93 1.50
NI NI K . -19.66 -29.95 12.18
C2 4EY L . -20.22 -30.00 16.51
C3 4EY L . -20.44 -29.96 15.13
C1 4EY L . -17.09 -29.14 13.78
C4 4EY L . -19.43 -29.69 14.29
C5 4EY L . -18.19 -29.44 14.78
C6 4EY L . -17.96 -29.46 16.14
O2 4EY L . -15.96 -28.98 14.17
O2P 4EY L . -23.83 -29.84 17.47
P 4EY L . -23.00 -29.34 18.64
O3P 4EY L . -23.91 -28.97 19.81
O1P 4EY L . -22.21 -28.12 18.21
O5R 4EY L . -21.96 -30.53 19.12
C5R 4EY L . -21.48 -30.50 20.46
C4R 4EY L . -19.96 -30.42 20.46
O4R 4EY L . -19.39 -30.98 19.08
C3R 4EY L . -19.58 -29.14 20.53
O3R 4EY L . -18.35 -29.01 21.29
C2R 4EY L . -19.31 -28.68 19.00
O2R 4EY L . -18.41 -27.57 18.98
C1R 4EY L . -18.72 -29.77 18.41
N1 4EY L . -18.98 -29.75 16.98
C7 4EY L . -21.81 -30.25 14.48
S7 4EY L . -21.75 -30.65 12.93
S2 4EY L . -17.52 -29.02 12.02
NI NI M . 10.32 -13.64 33.72
C2 4EY N . 14.57 -13.22 34.54
C3 4EY N . 13.19 -13.13 34.59
C1 4EY N . 12.13 -14.44 31.29
C4 4EY N . 12.44 -13.54 33.55
C5 4EY N . 13.03 -14.01 32.44
C6 4EY N . 14.41 -14.10 32.36
O2 4EY N . 12.61 -14.96 30.32
O2P 4EY N . 15.14 -11.06 37.50
P 4EY N . 16.41 -11.05 36.65
O3P 4EY N . 17.49 -10.20 37.34
O1P 4EY N . 16.10 -10.45 35.30
O5R 4EY N . 16.98 -12.59 36.48
C5R 4EY N . 18.36 -12.77 36.18
C4R 4EY N . 18.51 -13.54 34.88
O4R 4EY N . 17.20 -14.40 34.60
C3R 4EY N . 18.62 -12.67 33.85
O3R 4EY N . 19.49 -13.21 32.83
C2R 4EY N . 17.14 -12.51 33.26
O2R 4EY N . 17.20 -12.07 31.90
C1R 4EY N . 16.60 -13.77 33.32
N1 4EY N . 15.16 -13.69 33.41
C7 4EY N . 12.43 -12.62 35.83
S7 4EY N . 10.87 -12.97 35.87
S2 4EY N . 10.34 -14.18 31.45
NI NI O . -23.63 23.97 16.49
C2 4EY P . -27.77 24.03 15.24
C3 4EY P . -26.60 24.15 15.98
C1 4EY P . -23.97 23.92 13.37
C4 4EY P . -25.41 24.11 15.35
C5 4EY P . -25.34 23.95 14.02
C6 4EY P . -26.50 23.83 13.26
O2 4EY P . -23.87 23.92 12.18
O2P 4EY P . -29.82 23.22 18.17
P 4EY P . -30.48 22.63 16.94
O3P 4EY P . -31.78 21.92 17.33
O1P 4EY P . -29.55 21.65 16.29
O5R 4EY P . -30.85 23.85 15.87
C5R 4EY P . -31.87 23.63 14.92
C4R 4EY P . -31.34 23.84 13.53
O4R 4EY P . -30.00 24.71 13.58
C3R 4EY P . -31.00 22.66 12.98
O3R 4EY P . -31.18 22.70 11.55
C2R 4EY P . -29.43 22.48 13.31
O2R 4EY P . -28.83 21.56 12.42
C1R 4EY P . -28.91 23.74 13.11
N1 4EY P . -27.70 23.88 13.89
C7 4EY P . -26.58 24.34 17.51
S7 4EY P . -25.14 24.55 18.16
S2 4EY P . -22.51 23.87 14.46
NI NI Q . 14.48 33.97 7.64
C2 4EY R . 12.76 35.91 11.12
C3 4EY R . 13.63 35.43 10.15
C1 4EY R . 11.34 33.83 7.70
C4 4EY R . 13.15 34.78 9.08
C5 4EY R . 11.82 34.58 8.94
C6 4EY R . 10.93 35.06 9.89
O2 4EY R . 10.17 33.77 7.47
O2P 4EY R . 15.38 36.60 13.55
P 4EY R . 14.07 36.53 14.32
O3P 4EY R . 14.32 36.87 15.80
O1P 4EY R . 13.50 35.12 14.22
O5R 4EY R . 13.00 37.62 13.69
C5R 4EY R . 11.95 38.07 14.53
C4R 4EY R . 10.61 37.75 13.91
O4R 4EY R . 10.76 37.67 12.31
C3R 4EY R . 10.19 36.53 14.30
O3R 4EY R . 8.76 36.49 14.38
C2R 4EY R . 10.69 35.51 13.15
O2R 4EY R . 9.88 34.33 13.15
C1R 4EY R . 10.50 36.20 11.97
N1 4EY R . 11.42 35.72 10.97
C7 4EY R . 15.14 35.62 10.24
S7 4EY R . 15.97 35.24 8.91
S2 4EY R . 12.59 33.08 6.62
NI NI S . 9.00 20.84 -30.24
C2 4EY T . 12.29 23.63 -29.69
C3 4EY T . 11.41 22.68 -30.20
C1 4EY T . 8.99 22.23 -27.42
C4 4EY T . 10.38 22.26 -29.46
C5 4EY T . 10.17 22.75 -28.21
C6 4EY T . 11.05 23.69 -27.70
O2 4EY T . 8.73 22.73 -26.37
O2P 4EY T . 14.94 22.69 -31.95
P 4EY T . 15.60 23.35 -30.75
O3P 4EY T . 17.11 23.43 -30.96
O1P 4EY T . 15.32 22.53 -29.51
O5R 4EY T . 15.02 24.88 -30.55
C5R 4EY T . 15.80 25.81 -29.82
C4R 4EY T . 14.99 26.34 -28.65
O4R 4EY T . 13.44 26.12 -28.93
C3R 4EY T . 15.27 25.63 -27.54
O3R 4EY T . 15.17 26.46 -26.37
C2R 4EY T . 14.14 24.48 -27.47
O2R 4EY T . 13.99 24.03 -26.12
C1R 4EY T . 12.98 25.11 -27.88
N1 4EY T . 12.08 24.12 -28.44
C7 4EY T . 11.55 22.07 -31.60
S7 4EY T . 10.26 21.30 -32.15
S2 4EY T . 8.00 20.88 -28.14
NI NI U . 4.29 -31.45 -20.10
C2 4EY V . 0.83 -34.11 -20.30
C3 4EY V . 1.93 -33.32 -20.61
C1 4EY V . 2.96 -31.97 -17.31
C4 4EY V . 2.58 -32.65 -19.64
C5 4EY V . 2.18 -32.75 -18.36
C6 4EY V . 1.09 -33.53 -18.02
O2 4EY V . 2.71 -32.12 -16.14
O2P 4EY V . -0.35 -34.71 -23.76
P 4EY V . -1.52 -34.93 -22.81
O3P 4EY V . -2.78 -35.32 -23.60
O1P 4EY V . -1.80 -33.65 -22.06
O5R 4EY V . -1.15 -36.15 -21.76
C5R 4EY V . -2.22 -36.88 -21.17
C4R 4EY V . -2.14 -36.74 -19.67
O4R 4EY V . -0.63 -36.41 -19.24
C3R 4EY V . -2.88 -35.69 -19.27
O3R 4EY V . -3.47 -35.93 -17.98
C2R 4EY V . -1.85 -34.45 -19.16
O2R 4EY V . -2.37 -33.47 -18.26
C1R 4EY V . -0.71 -35.01 -18.63
N1 4EY V . 0.43 -34.20 -18.99
C7 4EY V . 2.46 -33.17 -22.04
S7 4EY V . 3.88 -32.44 -22.17
S2 4EY V . 4.28 -30.83 -17.86
NI NI W . -29.13 11.10 -21.21
C2 4EY X . -28.16 11.57 -25.41
C3 4EY X . -28.79 11.27 -24.21
C1 4EY X . -26.43 12.66 -21.70
C4 4EY X . -28.21 11.62 -23.05
C5 4EY X . -27.03 12.28 -23.04
C6 4EY X . -26.39 12.59 -24.24
O2 4EY X . -25.45 13.34 -21.65
O2P 4EY X . -30.35 9.39 -27.39
P 4EY X . -29.08 9.64 -28.20
O3P 4EY X . -29.19 8.98 -29.58
O1P 4EY X . -27.89 9.07 -27.45
O5R 4EY X . -28.88 11.27 -28.40
C5R 4EY X . -28.12 11.70 -29.52
C4R 4EY X . -26.94 12.53 -29.04
O4R 4EY X . -27.28 13.21 -27.64
C3R 4EY X . -25.87 11.74 -28.84
O3R 4EY X . -24.66 12.44 -29.14
C2R 4EY X . -25.90 11.39 -27.26
O2R 4EY X . -24.59 11.04 -26.82
C1R 4EY X . -26.31 12.54 -26.64
N1 4EY X . -26.97 12.22 -25.40
C7 4EY X . -30.14 10.53 -24.12
S7 4EY X . -30.83 10.53 -22.68
S2 4EY X . -27.26 12.05 -20.19
#